data_6ZXS
#
_entry.id   6ZXS
#
_cell.length_a   190.197
_cell.length_b   201.786
_cell.length_c   213.614
_cell.angle_alpha   90.000
_cell.angle_beta   90.000
_cell.angle_gamma   90.000
#
_symmetry.space_group_name_H-M   'P 21 21 21'
#
loop_
_entity.id
_entity.type
_entity.pdbx_description
1 polymer 'Photosystem I P700 chlorophyll a apoprotein A1'
2 polymer 'Photosystem I P700 chlorophyll a apoprotein A2'
3 polymer 'Photosystem I iron-sulfur center'
4 polymer PsaD
5 polymer PsaE
6 polymer 'Photosystem I reaction center subunit III'
7 polymer PsaG
8 polymer 'Photosystem I reaction center subunit VI'
9 polymer 'Photosystem I reaction center subunit VIII'
10 polymer 'Photosystem I reaction center subunit IX'
11 polymer 'Photosystem I reaction center subunit X psaK'
12 polymer 'PsaL domain-containing protein'
13 polymer Lhca1
14 polymer 'Chlorophyll a-b binding protein, chloroplastic'
15 polymer 'Chlorophyll a-b binding protein 3, chloroplastic'
16 polymer 'Chlorophyll a-b binding protein P4, chloroplastic'
17 non-polymer 'CHLOROPHYLL A ISOMER'
18 non-polymer 'CHLOROPHYLL A'
19 non-polymer PHYLLOQUINONE
20 non-polymer 'IRON/SULFUR CLUSTER'
21 non-polymer BETA-CAROTENE
22 non-polymer 1,2-DIPALMITOYL-PHOSPHATIDYL-GLYCEROLE
23 non-polymer DODECYL-BETA-D-MALTOSIDE
24 non-polymer 1,2-DISTEAROYL-MONOGALACTOSYL-DIGLYCERIDE
25 non-polymer GLYCEROL
26 non-polymer 'DIGALACTOSYL DIACYL GLYCEROL (DGDG)'
27 non-polymer 'CALCIUM ION'
28 non-polymer (1R,2S)-4-{(1E,3E,5E,7E,9E,11E,13E,15E,17E)-18-[(4S)-4-hydroxy-2,6,6-trimethylcyclohex-1-en-1-yl]-3,7,12,16-tetramethyloctadeca-1,3,5,7,9,11,13,15,17-nonaen-1-yl}-2,5,5-trimethylcyclohex-3-en-1-ol
29 non-polymer "(3R,3'R,6S)-4,5-DIDEHYDRO-5,6-DIHYDRO-BETA,BETA-CAROTENE-3,3'-DIOL"
30 non-polymer 'CHLOROPHYLL B'
31 non-polymer "(3S,5R,6S,3'S,5'R,6'S)-5,6,5',6'-DIEPOXY-5,6,5',6'- TETRAHYDRO-BETA,BETA-CAROTENE-3,3'-DIOL"
#
loop_
_entity_poly.entity_id
_entity_poly.type
_entity_poly.pdbx_seq_one_letter_code
_entity_poly.pdbx_strand_id
1 'polypeptide(L)'
;PEVKILVDRDPIKTSFEQWAKPGHFSRTIAKGPDTTTWIWNLHADAHDFDSHTSDLEEISRKVFSAHFGQLSIIFLWLSG
MYFHGARFSNYEAWLNDPTHIRPSAQVVWPIVGQEILNGDVGGGFRGIQITSGFFQIWRASGITSELQLYCTAIGALVFA
ALMLFAGWFHYHKAAPKLVWFQDVESMLNHHLAGLLGLGSLSWAGHQVHVSLPINQFLNAGVDPKEIPLPHEFILNRDLL
AQLYPSFAEGATPFFTLNWSKYADFLTFRGGLDPLTGGLWLTDIAHHHLAIAILFLIAGHMYRTNWGIGHGIKDILEAHK
GPFTGQGHKGLYEILTTSWHAQLSINLAMLGSLTIIVAHHMYAMPPYPYLATDYGTQLSLFTHHMWIGGFLIVGAAAHAA
IFMVRDYDPTTRYNDLLDRVLRHRDAIISHLNWVCIFLGFHSFGLYIHNDTMSALGRPQDMFSDTAIQLQPVFAQWIQNT
HALAPGTTAPGATTSTSLTWGGGDLVSVGGKVALLPIPLGTADFLVHHIHAFTIHVTVLILLKGVLFARSSRLIPDKANL
GFRFPCDGPGRGGTCQVSAWDHVFLGLFWMYNAISVVIFHFSWKMQSDVWGSINDQGVVTHITGGNFAQSSITINGWLRD
FLWAQASQVIQSYGSSLSAYGLFFLGAHFVWAFSLMFLFSGRGYWQELIESIVWAHNKLKVAPATQPRALSIVQGRAVGV
THYLLGGIATTWAFFLARIIAVG
;
A
2 'polypeptide(L)'
;ALRFPRFSQGLAQDPTTRRIWFGIATAHDFESHDDITEGRLYQNIFASHFGQLAIIFLWTSGNLFHVAWQGNFEAWVQDP
LHVRPIAHAIWDPHFGQPAVEAFTRGGALGPVNIAYSGVYQWWYTIGLRTNEDLYTGAIFLLFLSFISLLAGWLHLQPKW
KPSVSWFKNAESRLNHHLSGLFGVSSLAWAGHLVHVAIPGSRGEYVRWNNFLSVLPHPQGLGPLFTGQWNLYAQNPDSSN
HLFSTSQGAGTAILTLLGGFHPQTQSLWLTDMAHHHLAIAILFLIGGHMYRTNFGIGHSIKYILEAHIPPGGRLGRGHKG
LYDTINNSIHFQLGLALASLGVITSLVAQHMYSLPAYAFIAQDFTTQAALYTHHQYIAGFIMTGAFAHGAIFFIRDYNPE
QNADNVLARMLEHKEAIISHLSWASLFLGFHTLGLYVHNDVMLAFGTPEKQILIEPIFAQWIQSAHGKTSYGFDVLLSST
NSPALNAGRSIWLPGWLNAINENSNSLFLTIGPGDFLVHHAIALGLHTTTLILVKGALDARGSKLMPDKKDFGYSFPCDG
PGRGGTCDISAWDAFYLAVFWMLNTIGWVTFYWHWKHITLWQGNVSQFNESSTYLMGWLRDYLWLNSSQLINGYNPFGMN
SLSVWAWMFLFGHLVWATGFMFLISWRGYWQELIETLAWAHERTPLANLIRWRDKPVALSIVQARLVGLVHFSVGYIFTY
AAFLIASTSGKFG
;
B
3 'polypeptide(L)' SHSVKIYDTCIGCTQCVRACPTDVLEMIPWGGCKAKQIASAPRTEDCVGCKRCESACPTDFLSVRVYLWHETTRSMGLAY C
4 'polypeptide(L)'
;GFTPPELDPNTPSPIFGGSTGGLLRKAQVEEFYVITWESPKEQIFEMPTGGAAIMREGPNLLKLARKEQCLALGTRLRSK
YKIKYQFYRVFPSGEVQYLHPKDGVYPEKVNPGRQGVGVNFRSIGKNVSPIEVKFTGKQPYDL
;
D
5 'polypeptide(L)' PPIGPKRGAKVKILRQESYWYKGTGSVVAVDQDPNTRYPVVVRFNKVNYANVSTNNYALDEVEEVK E
6 'polypeptide(L)'
;DIAGLTPCKDSKQFAKREKQSIKKLESSLKLYAPDSAPALAINATIEKTKRRFDNYGKQGLLCGADGLPHLIVSGDQRHW
GEFITPGILFLYIAGWIGWVGRSYLIAIRDDKKPTQKEIIIDVPLATGLVFRGFSWPIAAYRELLNGELVAKDV
;
F
7 'polypeptide(L)'
;LNPSLVISLSTGLSLFLGRFVFFNFQRENVAKQGLPEQNGVTHFEAGDTRAKEYVSLLKSNDPVGFNIVDVLAWGSIGHI
VAYYILATSSNGYDPKF
;
G
8 'polypeptide(L)'
;VYFDLEDLGNTTGQWDLYGSDAPSPYNSLQSKFFETFAAPFTKRGLLLKFLILGGGSTLAYFSATASGDILPIKKGPQLP
PQLGPRLG
;
H
9 'polypeptide(L)' NLPSLFVPLVGLLFPAVAMASLFLHVEKRL I
10 'polypeptide(L)' MRDLKTYLSVAPVASTLWFAALAGLLIEINRFFPDALTFPFF J
11 'polypeptide(L)' IGSPTNLIMVTSTSLMLFAGRFGLAPSANRKATAGLKLEARDSGLQTGDPAGFTLADTLACGVVGHIIGVGVVLGLKNIG K
12 'polypeptide(L)'
;YQVVQPINGDPFIGSLETPVTSSPLVAWYLSNLPGYRTAVNPLLRGIEVGLAHGFLLVGPFVKAGPLRNTEIAGQAGSLA
AGGLVVILSICLTIYGISSFNEGDPSTAPSLTLTGRKKQPDQLQTADGWAKFTGGFFFGGISGVIWAFFLLYVLDLP
;
L
13 'polypeptide(L)'
;DWMPGQPRPSYLDGSAPGDFGFDPLRLGEVPENLERFKESELIHCRWAMLAVPGILVPEALGLGNWVKAQEWAALPGGQA
TYLGNPVPWGTLPTILVIEFLSIAFVEHQRSMEKDPEKKKYPGGAFDPLGYSKDPKKFHEYKIKEVKNGRLALLAFVGIC
VQQSAYPGTGPLENLATHLADPWHNTIGNVLIP
;
1
14 'polypeptide(L)'
;TVAEPDRPLWFPGSTPPPWLDGSLPGDFGFDPLGLGSDPESLRWNVQAELVHSRWAMLGAAGIFIPEFLTKLGILNTPSW
YTAGEQEYFTDTTTLFIVELVFIGWAEGRRWADILNPGCVNTDPIFPNNKLTGTDVGYPGGLWFDPLGWGSASPQKLKEL
RTKEIKNGRLAMLAVMGAWFQHIYTGTGPIDNLFAHLADPGHATIFAA
;
2
15 'polypeptide(L)'
;RPLWFASKQSLSYLDGSLPGDYGFDPLGLSDPEGTGGFIEPRWLAYGEVINGRFAMLGAVGAIAPEYLGKVGLIPQETAL
AWFQTGVIPPAGTYNYWADNYTLFVLEMALMGFAEHRRFQDWAKPGSMGKQYFLGLEKGFGGSGNPAYPGGPFFNPLGFG
KDEKSLKELKLKEVKNGRLAMLAILGYFIQGLVTGVGPYQNLLDHVADPVNNNVLTSLKFH
;
3
16 'polypeptide(L)'
;KKGEWLPGLASPGYLTGSLPGDNGFDPLGLAEDPENLKWFVQAELVNGRWAMLGVAGMLLPEVFTSIGIINVPKWYDAGK
EEYFASSSTLFVIEFILFHYVEIRRWQDIKNPGSVNQDPIFKQYSLPAGEVGYPGGIFNPLNFAPTLEAKEKEIANGRLA
MLAFLGFIIQHNVTGKGPFDNLLQHISDPWHNTIVQTL
;
4
#
# COMPACT_ATOMS: atom_id res chain seq x y z
N PRO A 1 -38.67 -26.41 -27.31
CA PRO A 1 -39.83 -25.52 -27.42
C PRO A 1 -40.79 -25.65 -26.25
N GLU A 2 -40.69 -26.76 -25.53
CA GLU A 2 -41.54 -27.04 -24.36
C GLU A 2 -40.69 -26.89 -23.10
N VAL A 3 -40.99 -25.86 -22.31
CA VAL A 3 -40.24 -25.60 -21.09
C VAL A 3 -40.41 -26.76 -20.12
N LYS A 4 -39.29 -27.29 -19.62
CA LYS A 4 -39.32 -28.45 -18.75
C LYS A 4 -38.03 -28.51 -17.94
N ILE A 5 -38.04 -29.37 -16.93
CA ILE A 5 -36.90 -29.54 -16.04
C ILE A 5 -35.86 -30.43 -16.72
N LEU A 6 -34.61 -29.98 -16.73
CA LEU A 6 -33.53 -30.68 -17.42
C LEU A 6 -32.26 -30.61 -16.59
N VAL A 7 -31.75 -31.77 -16.17
CA VAL A 7 -30.51 -31.86 -15.41
C VAL A 7 -29.72 -33.08 -15.88
N ASP A 8 -28.43 -33.08 -15.55
CA ASP A 8 -27.55 -34.21 -15.73
C ASP A 8 -27.17 -34.80 -14.37
N ARG A 9 -26.84 -36.09 -14.36
CA ARG A 9 -26.53 -36.80 -13.13
C ARG A 9 -25.02 -36.99 -12.99
N ASP A 10 -24.49 -36.67 -11.81
CA ASP A 10 -23.09 -36.88 -11.45
C ASP A 10 -22.12 -36.43 -12.56
N PRO A 11 -22.09 -35.14 -12.90
CA PRO A 11 -21.15 -34.69 -13.94
C PRO A 11 -19.74 -34.52 -13.40
N ILE A 12 -19.62 -34.16 -12.13
CA ILE A 12 -18.33 -33.94 -11.47
C ILE A 12 -18.32 -34.74 -10.17
N LYS A 13 -17.29 -35.56 -9.99
CA LYS A 13 -17.19 -36.39 -8.80
C LYS A 13 -16.76 -35.56 -7.60
N THR A 14 -17.30 -35.90 -6.43
CA THR A 14 -16.94 -35.24 -5.17
C THR A 14 -15.70 -35.90 -4.59
N SER A 15 -14.58 -35.18 -4.60
CA SER A 15 -13.33 -35.72 -4.11
C SER A 15 -12.43 -34.58 -3.66
N PHE A 16 -11.53 -34.88 -2.73
CA PHE A 16 -10.56 -33.91 -2.25
C PHE A 16 -9.28 -33.89 -3.08
N GLU A 17 -9.21 -34.69 -4.15
CA GLU A 17 -7.98 -34.75 -4.94
C GLU A 17 -7.68 -33.41 -5.59
N GLN A 18 -8.71 -32.73 -6.11
CA GLN A 18 -8.51 -31.42 -6.72
C GLN A 18 -8.41 -30.30 -5.69
N TRP A 19 -8.81 -30.56 -4.44
CA TRP A 19 -8.52 -29.62 -3.37
C TRP A 19 -7.02 -29.46 -3.18
N ALA A 20 -6.28 -30.58 -3.20
CA ALA A 20 -4.85 -30.59 -2.94
C ALA A 20 -4.02 -30.11 -4.12
N LYS A 21 -4.64 -29.81 -5.26
CA LYS A 21 -3.91 -29.34 -6.43
C LYS A 21 -4.25 -27.87 -6.68
N PRO A 22 -3.43 -26.93 -6.22
CA PRO A 22 -3.73 -25.51 -6.45
C PRO A 22 -3.66 -25.15 -7.92
N GLY A 23 -4.61 -24.33 -8.36
CA GLY A 23 -4.67 -23.93 -9.75
C GLY A 23 -5.13 -25.02 -10.69
N HIS A 24 -5.94 -25.96 -10.20
CA HIS A 24 -6.41 -27.05 -11.04
C HIS A 24 -7.27 -26.55 -12.19
N PHE A 25 -8.01 -25.46 -11.97
CA PHE A 25 -8.95 -24.98 -12.98
C PHE A 25 -8.25 -24.47 -14.22
N SER A 26 -7.07 -23.87 -14.06
CA SER A 26 -6.29 -23.34 -15.17
C SER A 26 -5.24 -24.34 -15.62
N ARG A 27 -4.95 -24.33 -16.91
CA ARG A 27 -3.99 -25.28 -17.47
C ARG A 27 -2.55 -24.81 -17.32
N THR A 28 -2.33 -23.49 -17.30
CA THR A 28 -0.99 -22.95 -17.09
C THR A 28 -0.66 -22.86 -15.60
N ILE A 29 -1.66 -22.58 -14.76
CA ILE A 29 -1.44 -22.43 -13.32
C ILE A 29 -1.28 -23.77 -12.62
N ALA A 30 -1.83 -24.85 -13.19
CA ALA A 30 -1.80 -26.15 -12.51
C ALA A 30 -0.40 -26.74 -12.40
N LYS A 31 0.55 -26.29 -13.22
CA LYS A 31 1.90 -26.84 -13.16
C LYS A 31 2.65 -26.42 -11.90
N GLY A 32 2.06 -25.59 -11.05
CA GLY A 32 2.76 -25.10 -9.88
C GLY A 32 3.51 -23.83 -10.19
N PRO A 33 4.06 -23.19 -9.15
CA PRO A 33 4.74 -21.90 -9.36
C PRO A 33 6.21 -22.04 -9.74
N ASP A 34 6.62 -21.30 -10.78
CA ASP A 34 8.03 -21.08 -11.03
C ASP A 34 8.53 -19.79 -10.39
N THR A 35 7.67 -18.77 -10.33
CA THR A 35 7.93 -17.52 -9.64
C THR A 35 6.72 -17.19 -8.78
N THR A 36 6.84 -16.15 -7.96
CA THR A 36 5.78 -15.81 -7.02
C THR A 36 4.53 -15.27 -7.71
N THR A 37 4.65 -14.79 -8.96
CA THR A 37 3.50 -14.23 -9.66
C THR A 37 2.37 -15.24 -9.74
N TRP A 38 2.71 -16.52 -9.89
CA TRP A 38 1.74 -17.61 -9.85
C TRP A 38 0.75 -17.44 -8.70
N ILE A 39 1.28 -17.22 -7.48
CA ILE A 39 0.43 -17.12 -6.30
C ILE A 39 -0.65 -16.07 -6.47
N TRP A 40 -0.34 -14.97 -7.14
CA TRP A 40 -1.35 -13.94 -7.34
C TRP A 40 -2.35 -14.35 -8.42
N ASN A 41 -1.86 -14.93 -9.52
CA ASN A 41 -2.75 -15.31 -10.61
C ASN A 41 -3.82 -16.28 -10.13
N LEU A 42 -3.43 -17.22 -9.26
CA LEU A 42 -4.37 -18.19 -8.71
C LEU A 42 -5.57 -17.52 -8.06
N HIS A 43 -5.38 -16.34 -7.47
CA HIS A 43 -6.51 -15.62 -6.88
C HIS A 43 -7.18 -14.69 -7.86
N ALA A 44 -6.44 -14.19 -8.87
CA ALA A 44 -7.04 -13.26 -9.81
C ALA A 44 -7.98 -13.97 -10.78
N ASP A 45 -7.63 -15.20 -11.17
CA ASP A 45 -8.44 -16.00 -12.08
C ASP A 45 -9.26 -17.05 -11.35
N ALA A 46 -9.50 -16.87 -10.05
CA ALA A 46 -10.24 -17.88 -9.29
C ALA A 46 -11.69 -17.95 -9.70
N HIS A 47 -12.29 -16.81 -10.05
CA HIS A 47 -13.70 -16.73 -10.42
C HIS A 47 -13.93 -16.41 -11.89
N ASP A 48 -12.88 -16.40 -12.70
CA ASP A 48 -13.00 -16.17 -14.14
C ASP A 48 -13.35 -17.50 -14.80
N PHE A 49 -14.64 -17.86 -14.71
CA PHE A 49 -15.08 -19.17 -15.19
C PHE A 49 -14.97 -19.28 -16.70
N ASP A 50 -15.40 -18.25 -17.43
CA ASP A 50 -15.39 -18.32 -18.89
C ASP A 50 -13.98 -18.30 -19.47
N SER A 51 -12.94 -18.13 -18.65
CA SER A 51 -11.56 -18.32 -19.09
C SER A 51 -10.99 -19.68 -18.70
N HIS A 52 -11.68 -20.41 -17.82
CA HIS A 52 -11.27 -21.77 -17.49
C HIS A 52 -11.73 -22.76 -18.56
N THR A 53 -12.87 -22.49 -19.18
CA THR A 53 -13.41 -23.35 -20.22
C THR A 53 -14.20 -22.49 -21.20
N SER A 54 -14.60 -23.10 -22.31
CA SER A 54 -15.41 -22.44 -23.32
C SER A 54 -16.81 -23.04 -23.42
N ASP A 55 -17.11 -24.08 -22.65
CA ASP A 55 -18.43 -24.70 -22.68
C ASP A 55 -19.39 -23.88 -21.82
N LEU A 56 -20.47 -23.38 -22.43
CA LEU A 56 -21.39 -22.53 -21.71
C LEU A 56 -22.12 -23.28 -20.60
N GLU A 57 -22.28 -24.60 -20.75
CA GLU A 57 -23.01 -25.38 -19.76
C GLU A 57 -22.22 -25.49 -18.45
N GLU A 58 -20.95 -25.87 -18.54
CA GLU A 58 -20.09 -25.88 -17.36
C GLU A 58 -20.09 -24.54 -16.65
N ILE A 59 -19.97 -23.46 -17.43
CA ILE A 59 -19.96 -22.12 -16.85
C ILE A 59 -21.26 -21.84 -16.10
N SER A 60 -22.39 -22.19 -16.71
CA SER A 60 -23.68 -21.91 -16.09
C SER A 60 -23.85 -22.71 -14.80
N ARG A 61 -23.40 -23.96 -14.79
CA ARG A 61 -23.54 -24.75 -13.57
C ARG A 61 -22.64 -24.22 -12.45
N LYS A 62 -21.41 -23.82 -12.80
CA LYS A 62 -20.54 -23.19 -11.83
C LYS A 62 -21.17 -21.92 -11.26
N VAL A 63 -21.78 -21.11 -12.13
CA VAL A 63 -22.41 -19.86 -11.68
C VAL A 63 -23.60 -20.15 -10.76
N PHE A 64 -24.38 -21.17 -11.09
CA PHE A 64 -25.51 -21.57 -10.25
C PHE A 64 -25.05 -21.94 -8.85
N SER A 65 -24.03 -22.81 -8.76
CA SER A 65 -23.55 -23.21 -7.45
C SER A 65 -22.88 -22.06 -6.70
N ALA A 66 -22.25 -21.13 -7.42
CA ALA A 66 -21.69 -19.96 -6.76
C ALA A 66 -22.79 -19.09 -6.16
N HIS A 67 -23.91 -18.95 -6.87
CA HIS A 67 -25.05 -18.24 -6.30
C HIS A 67 -25.56 -18.91 -5.04
N PHE A 68 -25.65 -20.25 -5.06
CA PHE A 68 -26.08 -20.95 -3.87
C PHE A 68 -25.12 -20.73 -2.70
N GLY A 69 -23.82 -20.73 -2.97
CA GLY A 69 -22.85 -20.45 -1.92
C GLY A 69 -22.99 -19.05 -1.36
N GLN A 70 -23.21 -18.07 -2.24
CA GLN A 70 -23.44 -16.71 -1.77
C GLN A 70 -24.67 -16.61 -0.89
N LEU A 71 -25.75 -17.29 -1.29
CA LEU A 71 -26.96 -17.28 -0.46
C LEU A 71 -26.72 -17.96 0.89
N SER A 72 -25.92 -19.03 0.90
CA SER A 72 -25.55 -19.67 2.15
C SER A 72 -24.80 -18.69 3.06
N ILE A 73 -23.87 -17.94 2.48
CA ILE A 73 -23.09 -17.01 3.30
C ILE A 73 -23.96 -15.87 3.81
N ILE A 74 -24.90 -15.39 2.98
CA ILE A 74 -25.79 -14.32 3.42
C ILE A 74 -26.71 -14.82 4.53
N PHE A 75 -27.20 -16.06 4.42
CA PHE A 75 -28.03 -16.60 5.48
C PHE A 75 -27.23 -16.81 6.76
N LEU A 76 -25.97 -17.22 6.65
CA LEU A 76 -25.11 -17.33 7.84
C LEU A 76 -24.91 -15.97 8.48
N TRP A 77 -24.72 -14.93 7.66
CA TRP A 77 -24.58 -13.58 8.16
C TRP A 77 -25.83 -13.12 8.91
N LEU A 78 -27.00 -13.39 8.33
CA LEU A 78 -28.26 -13.03 9.00
C LEU A 78 -28.46 -13.83 10.28
N SER A 79 -28.07 -15.10 10.27
CA SER A 79 -28.11 -15.91 11.49
C SER A 79 -27.27 -15.27 12.58
N GLY A 80 -26.06 -14.85 12.23
CA GLY A 80 -25.22 -14.15 13.20
C GLY A 80 -25.86 -12.88 13.72
N MET A 81 -26.51 -12.13 12.83
CA MET A 81 -27.14 -10.87 13.25
C MET A 81 -28.26 -11.12 14.24
N TYR A 82 -29.19 -12.03 13.91
CA TYR A 82 -30.30 -12.30 14.81
C TYR A 82 -29.81 -12.93 16.11
N PHE A 83 -28.77 -13.78 16.03
CA PHE A 83 -28.24 -14.41 17.24
C PHE A 83 -27.57 -13.40 18.15
N HIS A 84 -26.86 -12.42 17.58
CA HIS A 84 -26.28 -11.38 18.42
C HIS A 84 -27.36 -10.47 19.00
N GLY A 85 -28.44 -10.23 18.26
CA GLY A 85 -29.57 -9.52 18.83
C GLY A 85 -30.20 -10.26 19.98
N ALA A 86 -30.14 -11.60 19.95
CA ALA A 86 -30.75 -12.39 21.03
C ALA A 86 -29.82 -12.57 22.24
N ARG A 87 -28.53 -12.80 22.01
CA ARG A 87 -27.61 -13.23 23.05
C ARG A 87 -26.77 -12.11 23.65
N PHE A 88 -26.22 -11.22 22.83
CA PHE A 88 -25.37 -10.13 23.32
C PHE A 88 -25.94 -8.79 22.89
N SER A 89 -27.12 -8.45 23.40
CA SER A 89 -27.73 -7.17 23.04
C SER A 89 -28.65 -6.71 24.16
N ASN A 90 -29.09 -5.46 24.04
CA ASN A 90 -30.03 -4.82 24.96
C ASN A 90 -31.32 -4.47 24.24
N TYR A 91 -31.77 -5.35 23.35
CA TYR A 91 -32.95 -5.05 22.53
C TYR A 91 -34.20 -4.92 23.39
N GLU A 92 -34.31 -5.73 24.45
CA GLU A 92 -35.47 -5.64 25.32
C GLU A 92 -35.51 -4.32 26.07
N ALA A 93 -34.34 -3.72 26.35
CA ALA A 93 -34.30 -2.42 27.01
C ALA A 93 -34.58 -1.30 26.02
N TRP A 94 -34.05 -1.41 24.80
CA TRP A 94 -34.38 -0.45 23.75
C TRP A 94 -35.86 -0.51 23.39
N LEU A 95 -36.52 -1.64 23.63
CA LEU A 95 -37.93 -1.76 23.28
C LEU A 95 -38.82 -0.98 24.24
N ASN A 96 -38.37 -0.74 25.47
CA ASN A 96 -39.15 0.00 26.44
C ASN A 96 -38.91 1.50 26.39
N ASP A 97 -37.70 1.93 26.00
CA ASP A 97 -37.36 3.35 25.89
C ASP A 97 -36.54 3.56 24.62
N PRO A 98 -37.19 3.51 23.46
CA PRO A 98 -36.43 3.62 22.19
C PRO A 98 -35.80 4.98 21.96
N THR A 99 -36.25 6.02 22.66
CA THR A 99 -35.74 7.37 22.43
C THR A 99 -34.50 7.69 23.25
N HIS A 100 -34.26 6.98 24.35
CA HIS A 100 -33.08 7.21 25.17
C HIS A 100 -32.04 6.12 25.06
N ILE A 101 -32.44 4.87 24.83
CA ILE A 101 -31.48 3.77 24.77
C ILE A 101 -30.74 3.82 23.44
N ARG A 102 -29.43 3.56 23.50
CA ARG A 102 -28.64 3.41 22.28
C ARG A 102 -28.63 1.95 21.87
N PRO A 103 -28.97 1.64 20.62
CA PRO A 103 -28.98 0.22 20.18
C PRO A 103 -27.56 -0.34 20.13
N SER A 104 -27.38 -1.51 20.75
CA SER A 104 -26.07 -2.16 20.81
C SER A 104 -26.25 -3.66 20.71
N ALA A 105 -25.38 -4.31 19.93
CA ALA A 105 -25.47 -5.76 19.73
C ALA A 105 -24.10 -6.44 19.73
N GLN A 106 -23.04 -5.75 20.10
CA GLN A 106 -21.70 -6.35 20.19
C GLN A 106 -21.06 -5.95 21.50
N VAL A 107 -20.58 -6.95 22.24
CA VAL A 107 -19.87 -6.76 23.49
C VAL A 107 -18.50 -7.40 23.36
N VAL A 108 -17.46 -6.66 23.69
CA VAL A 108 -16.09 -7.12 23.51
C VAL A 108 -15.62 -7.80 24.79
N TRP A 109 -14.64 -8.70 24.64
CA TRP A 109 -14.02 -9.38 25.76
C TRP A 109 -13.00 -8.47 26.44
N PRO A 110 -12.80 -8.61 27.75
CA PRO A 110 -11.80 -7.79 28.43
C PRO A 110 -10.44 -8.45 28.44
N ILE A 111 -9.54 -8.06 27.52
CA ILE A 111 -8.24 -8.70 27.42
C ILE A 111 -7.12 -7.67 27.53
N VAL A 112 -7.09 -6.70 26.62
CA VAL A 112 -6.00 -5.72 26.59
C VAL A 112 -6.55 -4.31 26.75
N GLY A 113 -7.55 -4.16 27.61
CA GLY A 113 -8.16 -2.87 27.84
C GLY A 113 -9.21 -2.46 26.84
N GLN A 114 -9.51 -3.30 25.86
CA GLN A 114 -10.54 -2.97 24.86
C GLN A 114 -11.93 -2.93 25.45
N GLU A 115 -12.12 -3.33 26.71
CA GLU A 115 -13.43 -3.23 27.34
C GLU A 115 -13.91 -1.79 27.45
N ILE A 116 -13.02 -0.81 27.26
CA ILE A 116 -13.45 0.59 27.21
C ILE A 116 -14.41 0.81 26.05
N LEU A 117 -14.29 0.01 24.99
CA LEU A 117 -15.21 0.10 23.87
C LEU A 117 -16.62 -0.38 24.23
N ASN A 118 -16.76 -1.13 25.32
CA ASN A 118 -18.08 -1.47 25.87
C ASN A 118 -18.59 -0.23 26.62
N GLY A 119 -19.14 0.71 25.86
CA GLY A 119 -19.60 1.95 26.44
C GLY A 119 -21.00 1.84 26.99
N ASP A 120 -21.33 2.78 27.87
CA ASP A 120 -22.67 2.91 28.44
C ASP A 120 -23.67 3.21 27.34
N VAL A 121 -24.48 2.21 26.96
CA VAL A 121 -25.48 2.41 25.92
C VAL A 121 -26.88 2.52 26.48
N GLY A 122 -27.05 2.50 27.79
CA GLY A 122 -28.35 2.54 28.41
C GLY A 122 -28.91 1.15 28.66
N GLY A 123 -29.99 1.12 29.44
CA GLY A 123 -30.61 -0.14 29.79
C GLY A 123 -29.68 -1.07 30.56
N GLY A 124 -28.76 -0.52 31.33
CA GLY A 124 -27.80 -1.33 32.06
C GLY A 124 -26.92 -2.16 31.18
N PHE A 125 -26.47 -1.62 30.05
CA PHE A 125 -25.70 -2.37 29.07
C PHE A 125 -24.45 -1.60 28.65
N ARG A 126 -23.34 -2.34 28.60
CA ARG A 126 -22.05 -1.82 28.13
C ARG A 126 -21.71 -2.55 26.83
N GLY A 127 -21.70 -1.80 25.73
CA GLY A 127 -21.41 -2.41 24.46
C GLY A 127 -21.09 -1.39 23.38
N ILE A 128 -21.12 -1.87 22.15
CA ILE A 128 -20.84 -1.05 20.97
C ILE A 128 -22.17 -0.68 20.32
N GLN A 129 -22.40 0.63 20.16
CA GLN A 129 -23.63 1.09 19.52
C GLN A 129 -23.66 0.68 18.06
N ILE A 130 -24.77 0.09 17.63
CA ILE A 130 -24.92 -0.42 16.27
C ILE A 130 -25.72 0.59 15.46
N THR A 131 -25.36 0.73 14.18
CA THR A 131 -26.05 1.62 13.26
C THR A 131 -26.70 0.88 12.10
N SER A 132 -26.67 -0.46 12.11
CA SER A 132 -27.27 -1.23 11.03
C SER A 132 -28.78 -1.08 11.00
N GLY A 133 -29.40 -0.83 12.14
CA GLY A 133 -30.84 -0.64 12.20
C GLY A 133 -31.64 -1.90 12.41
N PHE A 134 -31.02 -2.98 12.87
CA PHE A 134 -31.75 -4.22 13.08
C PHE A 134 -32.80 -4.08 14.18
N PHE A 135 -32.58 -3.20 15.15
CA PHE A 135 -33.57 -2.97 16.19
C PHE A 135 -34.86 -2.44 15.59
N GLN A 136 -34.76 -1.45 14.70
CA GLN A 136 -35.95 -0.89 14.07
C GLN A 136 -36.69 -1.93 13.24
N ILE A 137 -35.95 -2.78 12.52
CA ILE A 137 -36.58 -3.82 11.72
C ILE A 137 -37.31 -4.82 12.62
N TRP A 138 -36.63 -5.29 13.67
CA TRP A 138 -37.24 -6.27 14.56
C TRP A 138 -38.44 -5.69 15.29
N ARG A 139 -38.44 -4.40 15.57
CA ARG A 139 -39.63 -3.78 16.16
C ARG A 139 -40.76 -3.66 15.15
N ALA A 140 -40.44 -3.27 13.91
CA ALA A 140 -41.48 -3.15 12.89
C ALA A 140 -42.12 -4.50 12.59
N SER A 141 -41.32 -5.58 12.61
CA SER A 141 -41.87 -6.90 12.37
C SER A 141 -42.69 -7.41 13.55
N GLY A 142 -42.50 -6.84 14.73
CA GLY A 142 -43.24 -7.25 15.91
C GLY A 142 -42.48 -8.11 16.90
N ILE A 143 -41.19 -8.34 16.66
CA ILE A 143 -40.40 -9.16 17.58
C ILE A 143 -40.25 -8.44 18.91
N THR A 144 -40.44 -9.18 20.01
CA THR A 144 -40.34 -8.62 21.35
C THR A 144 -39.31 -9.32 22.21
N SER A 145 -39.35 -10.64 22.31
CA SER A 145 -38.48 -11.38 23.20
C SER A 145 -37.22 -11.84 22.47
N GLU A 146 -36.18 -12.14 23.26
CA GLU A 146 -34.95 -12.70 22.71
C GLU A 146 -35.16 -14.08 22.12
N LEU A 147 -36.21 -14.79 22.56
CA LEU A 147 -36.47 -16.13 22.06
C LEU A 147 -36.82 -16.13 20.57
N GLN A 148 -37.57 -15.12 20.13
CA GLN A 148 -37.94 -15.05 18.72
C GLN A 148 -36.71 -14.77 17.85
N LEU A 149 -35.80 -13.92 18.33
CA LEU A 149 -34.55 -13.70 17.61
C LEU A 149 -33.70 -14.95 17.60
N TYR A 150 -33.68 -15.71 18.70
CA TYR A 150 -33.00 -17.01 18.72
C TYR A 150 -33.54 -17.93 17.64
N CYS A 151 -34.87 -18.04 17.57
CA CYS A 151 -35.49 -18.93 16.59
C CYS A 151 -35.22 -18.46 15.17
N THR A 152 -35.20 -17.14 14.95
CA THR A 152 -34.88 -16.63 13.62
C THR A 152 -33.44 -16.93 13.25
N ALA A 153 -32.52 -16.83 14.20
CA ALA A 153 -31.12 -17.17 13.93
C ALA A 153 -30.97 -18.65 13.61
N ILE A 154 -31.70 -19.50 14.33
CA ILE A 154 -31.64 -20.94 14.07
C ILE A 154 -32.20 -21.25 12.68
N GLY A 155 -33.32 -20.60 12.32
CA GLY A 155 -33.86 -20.78 10.99
C GLY A 155 -32.92 -20.32 9.90
N ALA A 156 -32.23 -19.20 10.14
CA ALA A 156 -31.25 -18.71 9.17
C ALA A 156 -30.07 -19.66 9.04
N LEU A 157 -29.65 -20.27 10.15
CA LEU A 157 -28.59 -21.28 10.07
C LEU A 157 -29.03 -22.50 9.27
N VAL A 158 -30.26 -22.95 9.50
CA VAL A 158 -30.81 -24.07 8.73
C VAL A 158 -30.88 -23.72 7.25
N PHE A 159 -31.29 -22.49 6.94
CA PHE A 159 -31.37 -22.08 5.53
C PHE A 159 -30.00 -21.94 4.90
N ALA A 160 -28.99 -21.52 5.66
CA ALA A 160 -27.63 -21.52 5.15
C ALA A 160 -27.17 -22.94 4.81
N ALA A 161 -27.49 -23.90 5.70
CA ALA A 161 -27.21 -25.29 5.40
C ALA A 161 -27.91 -25.74 4.12
N LEU A 162 -29.18 -25.36 3.97
CA LEU A 162 -29.94 -25.73 2.77
C LEU A 162 -29.30 -25.16 1.50
N MET A 163 -28.88 -23.89 1.55
CA MET A 163 -28.28 -23.27 0.38
C MET A 163 -26.95 -23.91 0.02
N LEU A 164 -26.12 -24.20 1.03
CA LEU A 164 -24.86 -24.89 0.77
C LEU A 164 -25.10 -26.27 0.16
N PHE A 165 -26.06 -27.01 0.71
CA PHE A 165 -26.36 -28.33 0.18
C PHE A 165 -26.87 -28.25 -1.25
N ALA A 166 -27.73 -27.28 -1.55
CA ALA A 166 -28.25 -27.13 -2.91
C ALA A 166 -27.13 -26.76 -3.87
N GLY A 167 -26.18 -25.94 -3.42
CA GLY A 167 -25.04 -25.61 -4.26
C GLY A 167 -24.21 -26.83 -4.60
N TRP A 168 -23.99 -27.71 -3.61
CA TRP A 168 -23.30 -28.96 -3.92
C TRP A 168 -24.14 -29.84 -4.84
N PHE A 169 -25.46 -29.83 -4.66
CA PHE A 169 -26.35 -30.75 -5.36
C PHE A 169 -26.42 -30.42 -6.84
N HIS A 170 -26.65 -29.15 -7.18
CA HIS A 170 -26.81 -28.76 -8.57
C HIS A 170 -25.49 -28.54 -9.29
N TYR A 171 -24.40 -29.07 -8.76
CA TYR A 171 -23.16 -29.14 -9.51
C TYR A 171 -22.57 -30.54 -9.52
N HIS A 172 -22.64 -31.27 -8.40
CA HIS A 172 -22.07 -32.61 -8.34
C HIS A 172 -23.09 -33.71 -8.60
N LYS A 173 -24.36 -33.46 -8.31
CA LYS A 173 -25.39 -34.46 -8.55
C LYS A 173 -26.24 -34.08 -9.75
N ALA A 174 -27.48 -33.66 -9.50
CA ALA A 174 -28.42 -33.29 -10.57
C ALA A 174 -28.09 -31.86 -11.00
N ALA A 175 -27.24 -31.75 -12.02
CA ALA A 175 -26.76 -30.47 -12.49
C ALA A 175 -27.55 -30.04 -13.71
N PRO A 176 -28.18 -28.86 -13.70
CA PRO A 176 -29.10 -28.48 -14.78
C PRO A 176 -28.42 -28.38 -16.13
N LYS A 177 -29.25 -28.30 -17.17
CA LYS A 177 -28.81 -28.25 -18.55
C LYS A 177 -28.83 -26.81 -19.07
N LEU A 178 -28.18 -26.62 -20.22
CA LEU A 178 -28.03 -25.28 -20.80
C LEU A 178 -29.39 -24.68 -21.16
N VAL A 179 -30.23 -25.45 -21.84
CA VAL A 179 -31.55 -24.95 -22.22
C VAL A 179 -32.38 -24.60 -20.99
N TRP A 180 -32.18 -25.32 -19.88
CA TRP A 180 -32.86 -24.99 -18.64
C TRP A 180 -32.51 -23.57 -18.19
N PHE A 181 -31.22 -23.25 -18.15
CA PHE A 181 -30.80 -21.88 -17.85
C PHE A 181 -31.35 -20.89 -18.88
N GLN A 182 -31.46 -21.30 -20.14
CA GLN A 182 -31.84 -20.40 -21.21
C GLN A 182 -33.34 -20.21 -21.35
N ASP A 183 -34.16 -20.84 -20.50
CA ASP A 183 -35.60 -20.62 -20.53
C ASP A 183 -35.89 -19.30 -19.82
N VAL A 184 -35.64 -18.21 -20.55
CA VAL A 184 -35.68 -16.87 -19.97
C VAL A 184 -37.13 -16.46 -19.67
N GLU A 185 -38.06 -16.80 -20.57
CA GLU A 185 -39.45 -16.44 -20.34
C GLU A 185 -39.97 -17.05 -19.05
N SER A 186 -39.78 -18.36 -18.88
CA SER A 186 -40.21 -19.04 -17.66
C SER A 186 -39.54 -18.44 -16.42
N MET A 187 -38.25 -18.13 -16.52
CA MET A 187 -37.52 -17.61 -15.38
C MET A 187 -38.03 -16.24 -14.96
N LEU A 188 -38.23 -15.34 -15.93
CA LEU A 188 -38.77 -14.03 -15.62
C LEU A 188 -40.18 -14.12 -15.09
N ASN A 189 -40.98 -15.06 -15.60
CA ASN A 189 -42.32 -15.27 -15.08
C ASN A 189 -42.28 -15.67 -13.61
N HIS A 190 -41.38 -16.60 -13.26
CA HIS A 190 -41.32 -17.06 -11.88
C HIS A 190 -40.69 -16.03 -10.96
N HIS A 191 -39.82 -15.16 -11.48
CA HIS A 191 -39.23 -14.14 -10.63
C HIS A 191 -40.15 -12.95 -10.42
N LEU A 192 -41.01 -12.65 -11.40
CA LEU A 192 -41.96 -11.56 -11.22
C LEU A 192 -43.11 -11.98 -10.31
N ALA A 193 -43.74 -13.12 -10.60
CA ALA A 193 -44.91 -13.56 -9.84
C ALA A 193 -44.55 -14.46 -8.67
N GLY A 194 -43.67 -15.44 -8.89
CA GLY A 194 -43.37 -16.39 -7.84
C GLY A 194 -42.48 -15.82 -6.76
N LEU A 195 -41.41 -15.15 -7.15
CA LEU A 195 -40.45 -14.62 -6.18
C LEU A 195 -40.94 -13.29 -5.60
N LEU A 196 -41.12 -12.28 -6.45
CA LEU A 196 -41.47 -10.95 -5.97
C LEU A 196 -42.95 -10.87 -5.57
N GLY A 197 -43.83 -11.39 -6.40
CA GLY A 197 -45.26 -11.34 -6.11
C GLY A 197 -45.65 -12.08 -4.85
N LEU A 198 -45.33 -13.38 -4.80
CA LEU A 198 -45.67 -14.16 -3.63
C LEU A 198 -44.87 -13.72 -2.40
N GLY A 199 -43.67 -13.20 -2.60
CA GLY A 199 -42.91 -12.67 -1.47
C GLY A 199 -43.58 -11.45 -0.85
N SER A 200 -43.97 -10.50 -1.70
CA SER A 200 -44.69 -9.33 -1.21
C SER A 200 -46.00 -9.73 -0.57
N LEU A 201 -46.67 -10.75 -1.12
CA LEU A 201 -47.94 -11.19 -0.53
C LEU A 201 -47.72 -11.84 0.82
N SER A 202 -46.67 -12.64 0.96
CA SER A 202 -46.37 -13.26 2.25
C SER A 202 -46.02 -12.20 3.30
N TRP A 203 -45.25 -11.19 2.91
CA TRP A 203 -44.90 -10.16 3.86
C TRP A 203 -46.11 -9.30 4.23
N ALA A 204 -47.01 -9.06 3.26
CA ALA A 204 -48.25 -8.36 3.58
C ALA A 204 -49.12 -9.20 4.51
N GLY A 205 -49.09 -10.53 4.37
CA GLY A 205 -49.83 -11.38 5.28
C GLY A 205 -49.27 -11.35 6.68
N HIS A 206 -47.95 -11.31 6.81
CA HIS A 206 -47.35 -11.15 8.13
C HIS A 206 -47.69 -9.79 8.73
N GLN A 207 -47.61 -8.73 7.92
CA GLN A 207 -47.81 -7.38 8.44
C GLN A 207 -49.23 -7.16 8.94
N VAL A 208 -50.22 -7.75 8.27
CA VAL A 208 -51.60 -7.58 8.69
C VAL A 208 -51.97 -8.46 9.87
N HIS A 209 -51.10 -9.39 10.28
CA HIS A 209 -51.41 -10.31 11.36
C HIS A 209 -50.50 -10.14 12.58
N VAL A 210 -49.27 -9.66 12.41
CA VAL A 210 -48.32 -9.54 13.49
C VAL A 210 -47.83 -8.11 13.66
N SER A 211 -47.37 -7.50 12.56
CA SER A 211 -46.77 -6.17 12.65
C SER A 211 -47.79 -5.14 13.13
N LEU A 212 -48.94 -5.05 12.46
CA LEU A 212 -49.94 -4.05 12.83
C LEU A 212 -50.43 -4.20 14.27
N PRO A 213 -50.88 -5.38 14.75
CA PRO A 213 -51.42 -5.44 16.12
C PRO A 213 -50.37 -5.26 17.21
N ILE A 214 -49.24 -5.97 17.07
CA ILE A 214 -48.17 -5.84 18.07
C ILE A 214 -47.65 -4.42 18.09
N ASN A 215 -47.59 -3.75 16.93
CA ASN A 215 -47.11 -2.38 16.91
C ASN A 215 -48.15 -1.41 17.46
N GLN A 216 -49.44 -1.70 17.30
CA GLN A 216 -50.45 -0.92 17.99
C GLN A 216 -50.26 -1.01 19.49
N PHE A 217 -50.04 -2.22 20.00
CA PHE A 217 -49.83 -2.39 21.43
C PHE A 217 -48.55 -1.73 21.90
N LEU A 218 -47.51 -1.72 21.06
CA LEU A 218 -46.27 -1.03 21.42
C LEU A 218 -46.45 0.48 21.44
N ASN A 219 -47.20 1.02 20.47
CA ASN A 219 -47.48 2.45 20.43
C ASN A 219 -48.32 2.87 21.64
N ALA A 220 -49.27 2.04 22.04
CA ALA A 220 -50.13 2.37 23.17
C ALA A 220 -49.38 2.41 24.50
N GLY A 221 -48.15 1.92 24.55
CA GLY A 221 -47.38 1.89 25.78
C GLY A 221 -47.47 0.60 26.56
N VAL A 222 -48.16 -0.42 26.02
CA VAL A 222 -48.25 -1.71 26.69
C VAL A 222 -46.87 -2.31 26.81
N ASP A 223 -46.58 -2.89 27.98
CA ASP A 223 -45.29 -3.53 28.19
C ASP A 223 -45.12 -4.69 27.23
N PRO A 224 -43.96 -4.83 26.59
CA PRO A 224 -43.78 -5.90 25.59
C PRO A 224 -43.99 -7.30 26.15
N LYS A 225 -43.62 -7.53 27.41
CA LYS A 225 -43.86 -8.84 28.01
C LYS A 225 -45.35 -9.07 28.26
N GLU A 226 -46.10 -8.00 28.54
CA GLU A 226 -47.54 -8.09 28.72
C GLU A 226 -48.30 -8.03 27.40
N ILE A 227 -47.61 -7.98 26.27
CA ILE A 227 -48.24 -7.99 24.96
C ILE A 227 -48.54 -9.43 24.56
N PRO A 228 -49.72 -9.71 24.03
CA PRO A 228 -50.02 -11.08 23.59
C PRO A 228 -49.06 -11.55 22.50
N LEU A 229 -48.82 -12.86 22.49
CA LEU A 229 -47.97 -13.44 21.46
C LEU A 229 -48.62 -13.26 20.08
N PRO A 230 -47.82 -13.24 19.01
CA PRO A 230 -48.41 -13.01 17.68
C PRO A 230 -49.42 -14.06 17.27
N HIS A 231 -49.16 -15.34 17.53
CA HIS A 231 -50.08 -16.40 17.13
C HIS A 231 -51.42 -16.31 17.86
N GLU A 232 -51.46 -15.66 19.02
CA GLU A 232 -52.74 -15.43 19.69
C GLU A 232 -53.65 -14.52 18.90
N PHE A 233 -53.10 -13.73 17.97
CA PHE A 233 -53.91 -12.95 17.05
C PHE A 233 -54.41 -13.76 15.87
N ILE A 234 -53.91 -14.98 15.69
CA ILE A 234 -54.39 -15.87 14.63
C ILE A 234 -55.44 -16.85 15.14
N LEU A 235 -55.52 -17.08 16.45
CA LEU A 235 -56.52 -17.99 17.01
C LEU A 235 -57.79 -17.21 17.36
N ASN A 236 -57.73 -16.42 18.42
CA ASN A 236 -58.88 -15.61 18.85
C ASN A 236 -58.88 -14.31 18.05
N ARG A 237 -59.76 -14.24 17.05
CA ARG A 237 -59.88 -13.04 16.25
C ARG A 237 -60.51 -11.88 17.00
N ASP A 238 -61.03 -12.11 18.20
CA ASP A 238 -61.48 -11.00 19.03
C ASP A 238 -60.33 -10.04 19.31
N LEU A 239 -59.12 -10.58 19.50
CA LEU A 239 -57.96 -9.74 19.75
C LEU A 239 -57.64 -8.87 18.54
N LEU A 240 -57.77 -9.42 17.33
CA LEU A 240 -57.52 -8.62 16.14
C LEU A 240 -58.64 -7.62 15.89
N ALA A 241 -59.88 -7.96 16.27
CA ALA A 241 -60.99 -7.05 16.06
C ALA A 241 -60.97 -5.89 17.05
N GLN A 242 -60.46 -6.12 18.26
CA GLN A 242 -60.36 -5.05 19.24
C GLN A 242 -59.36 -3.98 18.84
N LEU A 243 -58.45 -4.29 17.92
CA LEU A 243 -57.50 -3.31 17.38
C LEU A 243 -57.89 -2.86 15.97
N TYR A 244 -58.22 -3.79 15.10
CA TYR A 244 -58.69 -3.48 13.74
C TYR A 244 -60.02 -4.17 13.54
N PRO A 245 -61.13 -3.43 13.46
CA PRO A 245 -62.45 -4.08 13.49
C PRO A 245 -62.75 -4.93 12.27
N SER A 246 -62.21 -4.58 11.10
CA SER A 246 -62.58 -5.27 9.87
C SER A 246 -62.23 -6.76 9.90
N PHE A 247 -61.32 -7.18 10.78
CA PHE A 247 -60.99 -8.60 10.89
C PHE A 247 -62.13 -9.43 11.44
N ALA A 248 -63.21 -8.80 11.93
CA ALA A 248 -64.36 -9.55 12.40
C ALA A 248 -65.19 -10.12 11.26
N GLU A 249 -64.97 -9.67 10.02
CA GLU A 249 -65.74 -10.17 8.89
C GLU A 249 -65.28 -11.55 8.46
N GLY A 250 -64.00 -11.68 8.12
CA GLY A 250 -63.45 -12.95 7.72
C GLY A 250 -63.40 -13.14 6.21
N ALA A 251 -62.57 -12.34 5.55
CA ALA A 251 -62.30 -12.43 4.10
C ALA A 251 -63.56 -12.32 3.25
N THR A 252 -64.68 -11.87 3.83
CA THR A 252 -65.93 -11.75 3.09
C THR A 252 -65.95 -10.50 2.21
N PRO A 253 -65.50 -9.32 2.67
CA PRO A 253 -65.46 -8.18 1.75
C PRO A 253 -64.48 -8.37 0.61
N PHE A 254 -63.41 -9.16 0.82
CA PHE A 254 -62.47 -9.42 -0.25
C PHE A 254 -63.12 -10.19 -1.40
N PHE A 255 -63.95 -11.19 -1.08
CA PHE A 255 -64.60 -11.97 -2.11
C PHE A 255 -65.86 -11.30 -2.66
N THR A 256 -66.54 -10.49 -1.85
CA THR A 256 -67.75 -9.80 -2.29
C THR A 256 -67.45 -8.42 -2.88
N LEU A 257 -66.19 -7.99 -2.85
CA LEU A 257 -65.76 -6.69 -3.39
C LEU A 257 -66.34 -5.53 -2.59
N ASN A 258 -66.34 -5.66 -1.27
CA ASN A 258 -66.63 -4.53 -0.38
C ASN A 258 -65.33 -4.08 0.28
N TRP A 259 -64.29 -3.85 -0.54
CA TRP A 259 -62.96 -3.58 -0.02
C TRP A 259 -62.90 -2.27 0.76
N SER A 260 -63.89 -1.38 0.58
CA SER A 260 -63.93 -0.13 1.33
C SER A 260 -63.95 -0.36 2.84
N LYS A 261 -64.37 -1.55 3.30
CA LYS A 261 -64.35 -1.84 4.73
C LYS A 261 -62.93 -1.97 5.26
N TYR A 262 -61.99 -2.46 4.44
CA TYR A 262 -60.64 -2.73 4.91
C TYR A 262 -59.80 -1.47 5.07
N ALA A 263 -60.38 -0.28 4.88
CA ALA A 263 -59.64 0.97 5.04
C ALA A 263 -59.18 1.22 6.47
N ASP A 264 -59.55 0.37 7.42
CA ASP A 264 -59.11 0.54 8.80
C ASP A 264 -57.63 0.18 8.96
N PHE A 265 -57.21 -0.94 8.39
CA PHE A 265 -55.82 -1.37 8.46
C PHE A 265 -55.12 -1.36 7.10
N LEU A 266 -55.82 -0.96 6.04
CA LEU A 266 -55.22 -0.77 4.72
C LEU A 266 -55.56 0.65 4.29
N THR A 267 -54.70 1.60 4.65
CA THR A 267 -54.99 3.01 4.50
C THR A 267 -54.01 3.64 3.52
N PHE A 268 -54.32 4.87 3.11
CA PHE A 268 -53.50 5.69 2.23
C PHE A 268 -53.31 7.07 2.84
N ARG A 269 -52.90 7.11 4.11
CA ARG A 269 -52.77 8.39 4.80
C ARG A 269 -51.43 9.05 4.56
N GLY A 270 -50.37 8.27 4.35
CA GLY A 270 -49.07 8.84 4.03
C GLY A 270 -48.45 9.61 5.19
N GLY A 271 -47.33 10.27 4.88
CA GLY A 271 -46.61 10.98 5.91
C GLY A 271 -45.97 10.03 6.89
N LEU A 272 -45.82 10.49 8.12
CA LEU A 272 -45.22 9.70 9.19
C LEU A 272 -46.18 9.60 10.36
N ASP A 273 -46.10 8.48 11.07
CA ASP A 273 -46.81 8.34 12.34
C ASP A 273 -46.08 9.17 13.39
N PRO A 274 -46.72 10.18 13.99
CA PRO A 274 -45.98 11.09 14.89
C PRO A 274 -45.47 10.44 16.16
N LEU A 275 -45.93 9.24 16.51
CA LEU A 275 -45.45 8.60 17.73
C LEU A 275 -44.12 7.89 17.50
N THR A 276 -43.96 7.21 16.36
CA THR A 276 -42.75 6.47 16.07
C THR A 276 -41.80 7.19 15.12
N GLY A 277 -42.33 8.03 14.23
CA GLY A 277 -41.52 8.68 13.23
C GLY A 277 -41.37 7.92 11.93
N GLY A 278 -41.94 6.71 11.84
CA GLY A 278 -41.92 5.93 10.62
C GLY A 278 -43.23 6.00 9.87
N LEU A 279 -43.20 5.50 8.63
CA LEU A 279 -44.40 5.45 7.81
C LEU A 279 -45.47 4.61 8.49
N TRP A 280 -46.72 4.98 8.27
CA TRP A 280 -47.84 4.25 8.86
C TRP A 280 -47.81 2.79 8.42
N LEU A 281 -47.79 1.88 9.40
CA LEU A 281 -47.65 0.46 9.10
C LEU A 281 -48.83 -0.06 8.29
N THR A 282 -50.02 0.49 8.51
CA THR A 282 -51.17 0.13 7.67
C THR A 282 -50.88 0.47 6.22
N ASP A 283 -50.27 1.63 5.97
CA ASP A 283 -49.93 2.02 4.60
C ASP A 283 -48.89 1.08 4.02
N ILE A 284 -47.93 0.62 4.83
CA ILE A 284 -46.90 -0.26 4.31
C ILE A 284 -47.47 -1.64 3.98
N ALA A 285 -48.41 -2.13 4.80
CA ALA A 285 -49.06 -3.40 4.50
C ALA A 285 -49.91 -3.30 3.25
N HIS A 286 -50.70 -2.23 3.12
CA HIS A 286 -51.46 -1.99 1.90
C HIS A 286 -50.54 -1.91 0.69
N HIS A 287 -49.38 -1.27 0.86
CA HIS A 287 -48.39 -1.19 -0.20
C HIS A 287 -47.93 -2.57 -0.64
N HIS A 288 -47.56 -3.41 0.34
CA HIS A 288 -47.07 -4.73 -0.01
C HIS A 288 -48.15 -5.57 -0.68
N LEU A 289 -49.41 -5.37 -0.29
CA LEU A 289 -50.50 -6.06 -0.98
C LEU A 289 -50.60 -5.62 -2.44
N ALA A 290 -50.54 -4.31 -2.68
CA ALA A 290 -50.61 -3.80 -4.05
C ALA A 290 -49.42 -4.28 -4.89
N ILE A 291 -48.22 -4.26 -4.29
CA ILE A 291 -47.03 -4.74 -4.98
C ILE A 291 -47.17 -6.22 -5.30
N ALA A 292 -47.73 -6.99 -4.37
CA ALA A 292 -47.94 -8.41 -4.59
C ALA A 292 -48.87 -8.64 -5.77
N ILE A 293 -49.98 -7.90 -5.84
CA ILE A 293 -50.91 -8.08 -6.94
C ILE A 293 -50.25 -7.69 -8.26
N LEU A 294 -49.55 -6.55 -8.27
CA LEU A 294 -48.92 -6.08 -9.50
C LEU A 294 -47.89 -7.09 -10.01
N PHE A 295 -47.07 -7.62 -9.12
CA PHE A 295 -46.04 -8.57 -9.55
C PHE A 295 -46.64 -9.92 -9.92
N LEU A 296 -47.66 -10.36 -9.19
CA LEU A 296 -48.36 -11.59 -9.56
C LEU A 296 -48.99 -11.48 -10.93
N ILE A 297 -49.40 -10.27 -11.33
CA ILE A 297 -49.91 -10.09 -12.69
C ILE A 297 -48.76 -10.04 -13.69
N ALA A 298 -47.72 -9.26 -13.38
CA ALA A 298 -46.61 -9.10 -14.30
C ALA A 298 -45.89 -10.41 -14.58
N GLY A 299 -45.98 -11.38 -13.68
CA GLY A 299 -45.35 -12.67 -13.92
C GLY A 299 -46.08 -13.56 -14.90
N HIS A 300 -46.87 -12.96 -15.79
CA HIS A 300 -47.61 -13.71 -16.80
C HIS A 300 -47.40 -13.15 -18.21
N MET A 301 -46.41 -12.30 -18.41
CA MET A 301 -46.22 -11.68 -19.71
C MET A 301 -45.61 -12.63 -20.73
N TYR A 302 -44.75 -13.54 -20.28
CA TYR A 302 -43.89 -14.30 -21.16
C TYR A 302 -44.42 -15.71 -21.36
N ARG A 303 -44.52 -16.12 -22.63
CA ARG A 303 -45.06 -17.43 -22.97
C ARG A 303 -44.13 -18.54 -22.46
N THR A 304 -44.71 -19.70 -22.22
CA THR A 304 -43.92 -20.85 -21.77
C THR A 304 -44.32 -22.11 -22.53
N ASN A 305 -45.42 -22.75 -22.11
CA ASN A 305 -45.82 -24.01 -22.70
C ASN A 305 -47.29 -24.05 -23.12
N TRP A 306 -48.06 -22.98 -22.90
CA TRP A 306 -49.48 -22.98 -23.15
C TRP A 306 -49.88 -21.88 -24.13
N GLY A 307 -49.04 -21.62 -25.13
CA GLY A 307 -49.38 -20.72 -26.21
C GLY A 307 -49.52 -19.26 -25.81
N ILE A 308 -50.39 -18.98 -24.84
CA ILE A 308 -50.61 -17.61 -24.40
C ILE A 308 -49.32 -17.07 -23.79
N GLY A 309 -49.08 -15.78 -23.99
CA GLY A 309 -47.88 -15.12 -23.51
C GLY A 309 -47.03 -14.60 -24.64
N HIS A 310 -46.00 -13.86 -24.25
CA HIS A 310 -45.09 -13.22 -25.19
C HIS A 310 -43.81 -14.02 -25.36
N GLY A 311 -43.19 -13.85 -26.52
CA GLY A 311 -41.83 -14.28 -26.74
C GLY A 311 -40.95 -13.05 -26.86
N ILE A 312 -39.93 -12.95 -25.99
CA ILE A 312 -39.11 -11.73 -25.94
C ILE A 312 -38.42 -11.48 -27.28
N LYS A 313 -38.14 -12.54 -28.03
CA LYS A 313 -37.50 -12.38 -29.33
C LYS A 313 -38.36 -11.54 -30.27
N ASP A 314 -39.65 -11.83 -30.33
CA ASP A 314 -40.55 -11.06 -31.19
C ASP A 314 -40.64 -9.61 -30.75
N ILE A 315 -40.78 -9.38 -29.44
CA ILE A 315 -40.90 -8.02 -28.92
C ILE A 315 -39.65 -7.22 -29.26
N LEU A 316 -38.47 -7.83 -29.12
CA LEU A 316 -37.24 -7.14 -29.49
C LEU A 316 -37.23 -6.84 -30.99
N GLU A 317 -37.37 -7.88 -31.82
CA GLU A 317 -37.26 -7.69 -33.27
C GLU A 317 -38.26 -6.66 -33.80
N ALA A 318 -39.42 -6.52 -33.15
CA ALA A 318 -40.45 -5.61 -33.65
C ALA A 318 -40.11 -4.14 -33.42
N HIS A 319 -39.08 -3.83 -32.64
CA HIS A 319 -38.76 -2.46 -32.27
C HIS A 319 -37.55 -1.99 -33.06
N LYS A 320 -37.80 -1.49 -34.27
CA LYS A 320 -36.76 -0.95 -35.14
C LYS A 320 -37.32 0.24 -35.89
N GLY A 321 -36.54 1.32 -35.96
CA GLY A 321 -36.99 2.55 -36.57
C GLY A 321 -36.10 3.03 -37.68
N PRO A 322 -36.33 4.27 -38.13
CA PRO A 322 -35.52 4.82 -39.24
C PRO A 322 -34.17 5.35 -38.81
N PHE A 323 -33.95 5.59 -37.51
CA PHE A 323 -32.66 6.06 -37.04
C PHE A 323 -31.72 4.93 -36.65
N THR A 324 -32.26 3.80 -36.18
CA THR A 324 -31.46 2.73 -35.61
C THR A 324 -31.44 1.48 -36.48
N GLY A 325 -31.96 1.56 -37.71
CA GLY A 325 -31.92 0.40 -38.59
C GLY A 325 -32.83 -0.70 -38.10
N GLN A 326 -32.33 -1.93 -38.17
CA GLN A 326 -33.06 -3.12 -37.69
C GLN A 326 -32.78 -3.37 -36.22
N GLY A 327 -32.80 -2.33 -35.39
CA GLY A 327 -32.43 -2.44 -33.99
C GLY A 327 -33.16 -3.50 -33.21
N HIS A 328 -32.52 -3.99 -32.15
CA HIS A 328 -33.06 -4.97 -31.21
C HIS A 328 -33.09 -6.38 -31.76
N LYS A 329 -32.99 -6.54 -33.09
CA LYS A 329 -32.90 -7.87 -33.67
C LYS A 329 -31.49 -8.41 -33.44
N GLY A 330 -31.38 -9.52 -32.73
CA GLY A 330 -30.11 -10.08 -32.34
C GLY A 330 -29.82 -9.95 -30.86
N LEU A 331 -30.50 -9.04 -30.15
CA LEU A 331 -30.23 -8.87 -28.72
C LEU A 331 -30.69 -10.08 -27.92
N TYR A 332 -31.75 -10.77 -28.34
CA TYR A 332 -32.20 -11.95 -27.62
C TYR A 332 -31.17 -13.07 -27.69
N GLU A 333 -30.44 -13.17 -28.81
CA GLU A 333 -29.38 -14.15 -28.94
C GLU A 333 -28.14 -13.75 -28.16
N ILE A 334 -27.89 -12.45 -28.03
CA ILE A 334 -26.75 -11.97 -27.24
C ILE A 334 -26.98 -12.23 -25.75
N LEU A 335 -28.15 -11.81 -25.24
CA LEU A 335 -28.43 -11.90 -23.81
C LEU A 335 -28.75 -13.32 -23.35
N THR A 336 -28.84 -14.29 -24.27
CA THR A 336 -29.00 -15.69 -23.90
C THR A 336 -27.71 -16.48 -24.12
N THR A 337 -26.61 -15.81 -24.46
CA THR A 337 -25.33 -16.44 -24.68
C THR A 337 -24.23 -15.92 -23.75
N SER A 338 -24.23 -14.62 -23.47
CA SER A 338 -23.15 -13.99 -22.71
C SER A 338 -23.61 -13.75 -21.27
N TRP A 339 -22.89 -14.37 -20.32
CA TRP A 339 -23.15 -14.07 -18.91
C TRP A 339 -22.74 -12.65 -18.56
N HIS A 340 -21.65 -12.16 -19.16
CA HIS A 340 -21.15 -10.83 -18.80
C HIS A 340 -22.11 -9.72 -19.20
N ALA A 341 -22.86 -9.92 -20.29
CA ALA A 341 -23.84 -8.91 -20.68
C ALA A 341 -24.96 -8.79 -19.66
N GLN A 342 -25.54 -9.94 -19.28
CA GLN A 342 -26.53 -9.96 -18.21
C GLN A 342 -25.98 -9.36 -16.93
N LEU A 343 -24.72 -9.68 -16.61
CA LEU A 343 -24.13 -9.16 -15.37
C LEU A 343 -23.97 -7.65 -15.43
N SER A 344 -23.56 -7.11 -16.57
CA SER A 344 -23.47 -5.66 -16.73
C SER A 344 -24.83 -5.00 -16.53
N ILE A 345 -25.86 -5.51 -17.22
CA ILE A 345 -27.20 -4.94 -17.09
C ILE A 345 -27.66 -4.98 -15.64
N ASN A 346 -27.54 -6.14 -15.00
CA ASN A 346 -28.09 -6.32 -13.66
C ASN A 346 -27.28 -5.56 -12.61
N LEU A 347 -25.97 -5.45 -12.79
CA LEU A 347 -25.17 -4.63 -11.87
C LEU A 347 -25.57 -3.17 -11.98
N ALA A 348 -25.70 -2.65 -13.21
CA ALA A 348 -26.13 -1.26 -13.37
C ALA A 348 -27.46 -1.03 -12.67
N MET A 349 -28.44 -1.88 -12.96
CA MET A 349 -29.79 -1.66 -12.43
C MET A 349 -29.83 -1.84 -10.92
N LEU A 350 -29.11 -2.84 -10.38
CA LEU A 350 -29.15 -3.07 -8.94
C LEU A 350 -28.41 -1.96 -8.18
N GLY A 351 -27.33 -1.44 -8.75
CA GLY A 351 -26.64 -0.33 -8.11
C GLY A 351 -27.49 0.93 -8.09
N SER A 352 -28.10 1.27 -9.23
CA SER A 352 -28.99 2.41 -9.25
C SER A 352 -30.17 2.20 -8.31
N LEU A 353 -30.66 0.96 -8.19
CA LEU A 353 -31.73 0.66 -7.25
C LEU A 353 -31.27 0.87 -5.81
N THR A 354 -30.03 0.49 -5.50
CA THR A 354 -29.51 0.70 -4.15
C THR A 354 -29.43 2.19 -3.83
N ILE A 355 -29.03 3.00 -4.81
CA ILE A 355 -29.00 4.45 -4.61
C ILE A 355 -30.41 4.98 -4.37
N ILE A 356 -31.38 4.48 -5.14
CA ILE A 356 -32.77 4.90 -4.95
C ILE A 356 -33.27 4.49 -3.57
N VAL A 357 -32.86 3.31 -3.10
CA VAL A 357 -33.19 2.87 -1.74
C VAL A 357 -32.61 3.85 -0.73
N ALA A 358 -31.36 4.26 -0.93
CA ALA A 358 -30.72 5.19 0.00
C ALA A 358 -31.51 6.49 0.11
N HIS A 359 -31.99 7.01 -1.03
CA HIS A 359 -32.79 8.23 -0.97
C HIS A 359 -34.14 7.99 -0.30
N HIS A 360 -34.84 6.92 -0.72
CA HIS A 360 -36.21 6.71 -0.26
C HIS A 360 -36.28 6.37 1.22
N MET A 361 -35.24 5.76 1.77
CA MET A 361 -35.29 5.37 3.17
C MET A 361 -35.02 6.56 4.10
N TYR A 362 -34.25 7.55 3.65
CA TYR A 362 -34.09 8.75 4.46
C TYR A 362 -35.30 9.66 4.34
N ALA A 363 -35.83 9.83 3.13
CA ALA A 363 -36.94 10.76 2.97
C ALA A 363 -38.26 10.20 3.45
N MET A 364 -38.38 8.88 3.54
CA MET A 364 -39.60 8.22 4.03
C MET A 364 -39.17 7.10 4.96
N PRO A 365 -38.92 7.42 6.23
CA PRO A 365 -38.44 6.42 7.19
C PRO A 365 -39.43 5.28 7.33
N PRO A 366 -39.03 4.05 6.95
CA PRO A 366 -39.99 2.95 6.96
C PRO A 366 -40.18 2.29 8.30
N TYR A 367 -39.21 2.38 9.20
CA TYR A 367 -39.25 1.65 10.45
C TYR A 367 -39.46 2.60 11.63
N PRO A 368 -40.12 2.14 12.69
CA PRO A 368 -40.36 3.02 13.84
C PRO A 368 -39.07 3.40 14.55
N TYR A 369 -39.00 4.66 14.96
CA TYR A 369 -37.86 5.23 15.68
C TYR A 369 -36.56 5.15 14.88
N LEU A 370 -36.68 5.02 13.56
CA LEU A 370 -35.50 5.07 12.70
C LEU A 370 -35.09 6.51 12.41
N ALA A 371 -36.07 7.39 12.21
CA ALA A 371 -35.78 8.76 11.80
C ALA A 371 -34.99 9.52 12.85
N THR A 372 -35.11 9.12 14.12
CA THR A 372 -34.41 9.82 15.20
C THR A 372 -33.08 9.18 15.58
N ASP A 373 -32.85 7.92 15.21
CA ASP A 373 -31.53 7.31 15.34
C ASP A 373 -30.66 7.84 14.22
N TYR A 374 -30.06 9.01 14.46
CA TYR A 374 -29.32 9.70 13.40
C TYR A 374 -28.13 8.88 12.93
N GLY A 375 -27.47 8.18 13.85
CA GLY A 375 -26.37 7.31 13.45
C GLY A 375 -26.81 6.23 12.48
N THR A 376 -27.90 5.55 12.81
CA THR A 376 -28.40 4.49 11.93
C THR A 376 -28.77 5.04 10.56
N GLN A 377 -29.45 6.19 10.51
CA GLN A 377 -29.88 6.74 9.23
C GLN A 377 -28.70 7.16 8.38
N LEU A 378 -27.75 7.90 8.96
CA LEU A 378 -26.57 8.31 8.20
C LEU A 378 -25.81 7.10 7.69
N SER A 379 -25.65 6.08 8.54
CA SER A 379 -24.89 4.90 8.13
C SER A 379 -25.60 4.14 7.02
N LEU A 380 -26.92 3.97 7.12
CA LEU A 380 -27.67 3.29 6.07
C LEU A 380 -27.54 4.03 4.75
N PHE A 381 -27.73 5.35 4.77
CA PHE A 381 -27.62 6.14 3.55
C PHE A 381 -26.25 5.97 2.90
N THR A 382 -25.19 6.21 3.68
CA THR A 382 -23.84 6.14 3.11
C THR A 382 -23.52 4.75 2.59
N HIS A 383 -23.89 3.71 3.35
CA HIS A 383 -23.62 2.34 2.96
C HIS A 383 -24.29 1.99 1.64
N HIS A 384 -25.58 2.34 1.51
CA HIS A 384 -26.28 2.03 0.26
C HIS A 384 -25.72 2.82 -0.91
N MET A 385 -25.31 4.07 -0.67
CA MET A 385 -24.69 4.84 -1.74
C MET A 385 -23.43 4.17 -2.25
N TRP A 386 -22.58 3.71 -1.32
CA TRP A 386 -21.34 3.06 -1.73
C TRP A 386 -21.62 1.76 -2.48
N ILE A 387 -22.58 0.96 -1.97
CA ILE A 387 -22.94 -0.28 -2.66
C ILE A 387 -23.36 0.02 -4.10
N GLY A 388 -24.24 1.00 -4.28
CA GLY A 388 -24.71 1.31 -5.62
C GLY A 388 -23.60 1.77 -6.54
N GLY A 389 -22.72 2.66 -6.04
CA GLY A 389 -21.63 3.15 -6.88
C GLY A 389 -20.71 2.03 -7.33
N PHE A 390 -20.31 1.17 -6.38
CA PHE A 390 -19.46 0.04 -6.75
C PHE A 390 -20.15 -0.86 -7.77
N LEU A 391 -21.42 -1.16 -7.57
CA LEU A 391 -22.13 -2.05 -8.50
C LEU A 391 -22.20 -1.45 -9.89
N ILE A 392 -22.34 -0.13 -10.00
CA ILE A 392 -22.40 0.48 -11.33
C ILE A 392 -21.03 0.43 -12.00
N VAL A 393 -19.96 0.65 -11.24
CA VAL A 393 -18.62 0.47 -11.82
C VAL A 393 -18.44 -0.96 -12.31
N GLY A 394 -18.99 -1.92 -11.58
CA GLY A 394 -18.90 -3.31 -12.02
C GLY A 394 -19.70 -3.58 -13.28
N ALA A 395 -20.86 -2.92 -13.41
CA ALA A 395 -21.62 -2.98 -14.66
C ALA A 395 -20.75 -2.54 -15.83
N ALA A 396 -20.05 -1.42 -15.66
CA ALA A 396 -19.14 -0.96 -16.71
C ALA A 396 -18.08 -2.01 -17.03
N ALA A 397 -17.46 -2.57 -15.98
CA ALA A 397 -16.40 -3.57 -16.18
C ALA A 397 -16.91 -4.74 -16.99
N HIS A 398 -18.09 -5.26 -16.65
CA HIS A 398 -18.57 -6.45 -17.34
C HIS A 398 -19.10 -6.15 -18.72
N ALA A 399 -19.60 -4.93 -18.96
CA ALA A 399 -19.90 -4.53 -20.33
C ALA A 399 -18.65 -4.58 -21.19
N ALA A 400 -17.54 -4.03 -20.67
CA ALA A 400 -16.29 -4.10 -21.42
C ALA A 400 -15.82 -5.54 -21.63
N ILE A 401 -16.01 -6.38 -20.62
CA ILE A 401 -15.62 -7.79 -20.74
C ILE A 401 -16.41 -8.46 -21.85
N PHE A 402 -17.73 -8.24 -21.89
CA PHE A 402 -18.54 -8.77 -22.98
C PHE A 402 -18.03 -8.27 -24.33
N MET A 403 -17.74 -6.97 -24.42
CA MET A 403 -17.21 -6.42 -25.67
C MET A 403 -15.97 -7.17 -26.12
N VAL A 404 -15.06 -7.45 -25.20
CA VAL A 404 -13.79 -8.07 -25.58
C VAL A 404 -13.98 -9.54 -25.94
N ARG A 405 -14.83 -10.25 -25.21
CA ARG A 405 -14.84 -11.71 -25.27
C ARG A 405 -16.07 -12.32 -25.95
N ASP A 406 -17.25 -11.73 -25.80
CA ASP A 406 -18.47 -12.36 -26.32
C ASP A 406 -19.06 -11.64 -27.53
N TYR A 407 -18.43 -10.57 -27.99
CA TYR A 407 -18.93 -9.81 -29.13
C TYR A 407 -18.35 -10.36 -30.43
N ASP A 408 -19.22 -10.64 -31.40
CA ASP A 408 -18.79 -11.14 -32.70
C ASP A 408 -19.87 -10.88 -33.73
N PRO A 409 -19.65 -9.93 -34.65
CA PRO A 409 -20.71 -9.57 -35.62
C PRO A 409 -20.97 -10.66 -36.64
N THR A 410 -20.07 -11.63 -36.81
CA THR A 410 -20.26 -12.67 -37.81
C THR A 410 -21.15 -13.80 -37.32
N THR A 411 -21.55 -13.81 -36.05
CA THR A 411 -22.32 -14.91 -35.50
C THR A 411 -23.58 -14.42 -34.79
N ARG A 412 -23.44 -13.44 -33.91
CA ARG A 412 -24.56 -12.87 -33.16
C ARG A 412 -24.50 -11.35 -33.30
N TYR A 413 -25.06 -10.85 -34.40
CA TYR A 413 -25.03 -9.45 -34.75
C TYR A 413 -26.21 -8.70 -34.14
N ASN A 414 -26.00 -7.42 -33.85
CA ASN A 414 -27.06 -6.52 -33.45
C ASN A 414 -26.81 -5.15 -34.07
N ASP A 415 -27.86 -4.55 -34.64
CA ASP A 415 -27.68 -3.31 -35.38
C ASP A 415 -27.43 -2.13 -34.45
N LEU A 416 -28.12 -2.09 -33.30
CA LEU A 416 -27.96 -0.97 -32.37
C LEU A 416 -26.52 -0.87 -31.88
N LEU A 417 -25.94 -1.99 -31.46
CA LEU A 417 -24.57 -1.98 -30.95
C LEU A 417 -23.58 -1.58 -32.04
N ASP A 418 -23.78 -2.08 -33.26
CA ASP A 418 -22.89 -1.73 -34.37
C ASP A 418 -22.98 -0.24 -34.67
N ARG A 419 -24.18 0.32 -34.65
CA ARG A 419 -24.34 1.76 -34.88
C ARG A 419 -23.67 2.57 -33.79
N VAL A 420 -23.77 2.11 -32.54
CA VAL A 420 -23.08 2.80 -31.44
C VAL A 420 -21.57 2.78 -31.67
N LEU A 421 -21.04 1.63 -32.09
CA LEU A 421 -19.61 1.52 -32.35
C LEU A 421 -19.18 2.40 -33.51
N ARG A 422 -20.06 2.61 -34.49
CA ARG A 422 -19.73 3.40 -35.66
C ARG A 422 -19.71 4.91 -35.40
N HIS A 423 -19.99 5.36 -34.16
CA HIS A 423 -19.84 6.77 -33.84
C HIS A 423 -19.45 6.99 -32.38
N ARG A 424 -18.88 5.96 -31.73
CA ARG A 424 -18.18 6.11 -30.46
C ARG A 424 -17.37 7.40 -30.37
N ASP A 425 -16.74 7.82 -31.47
CA ASP A 425 -15.95 9.06 -31.44
C ASP A 425 -16.83 10.26 -31.12
N ALA A 426 -17.94 10.42 -31.83
CA ALA A 426 -18.86 11.51 -31.55
C ALA A 426 -19.41 11.42 -30.14
N ILE A 427 -19.81 10.22 -29.72
CA ILE A 427 -20.36 10.06 -28.37
C ILE A 427 -19.37 10.53 -27.32
N ILE A 428 -18.12 10.05 -27.41
CA ILE A 428 -17.13 10.34 -26.40
C ILE A 428 -16.73 11.81 -26.44
N SER A 429 -16.61 12.39 -27.64
CA SER A 429 -16.25 13.80 -27.73
C SER A 429 -17.33 14.68 -27.10
N HIS A 430 -18.60 14.35 -27.35
CA HIS A 430 -19.68 15.15 -26.77
C HIS A 430 -19.73 14.99 -25.25
N LEU A 431 -19.55 13.77 -24.75
CA LEU A 431 -19.52 13.58 -23.30
C LEU A 431 -18.33 14.33 -22.69
N ASN A 432 -17.20 14.35 -23.38
CA ASN A 432 -16.03 15.09 -22.93
C ASN A 432 -16.35 16.58 -22.81
N TRP A 433 -16.98 17.14 -23.84
CA TRP A 433 -17.34 18.56 -23.78
C TRP A 433 -18.33 18.85 -22.66
N VAL A 434 -19.32 17.97 -22.49
CA VAL A 434 -20.29 18.17 -21.40
C VAL A 434 -19.58 18.16 -20.05
N CYS A 435 -18.62 17.25 -19.88
CA CYS A 435 -17.89 17.18 -18.63
C CYS A 435 -17.08 18.44 -18.39
N ILE A 436 -16.44 18.98 -19.43
CA ILE A 436 -15.67 20.22 -19.26
C ILE A 436 -16.60 21.37 -18.89
N PHE A 437 -17.72 21.49 -19.59
CA PHE A 437 -18.68 22.55 -19.30
C PHE A 437 -19.21 22.46 -17.87
N LEU A 438 -19.51 21.24 -17.41
CA LEU A 438 -20.02 21.08 -16.06
C LEU A 438 -18.94 21.34 -15.01
N GLY A 439 -17.71 20.96 -15.31
CA GLY A 439 -16.61 21.24 -14.39
C GLY A 439 -16.38 22.72 -14.21
N PHE A 440 -16.43 23.48 -15.31
CA PHE A 440 -16.31 24.93 -15.19
C PHE A 440 -17.52 25.53 -14.47
N HIS A 441 -18.73 25.12 -14.85
CA HIS A 441 -19.96 25.73 -14.36
C HIS A 441 -20.51 25.07 -13.11
N SER A 442 -19.64 24.59 -12.23
CA SER A 442 -20.05 24.12 -10.92
C SER A 442 -18.91 24.38 -9.93
N PHE A 443 -17.76 23.75 -10.17
CA PHE A 443 -16.60 23.96 -9.32
C PHE A 443 -15.99 25.34 -9.54
N GLY A 444 -16.03 25.84 -10.78
CA GLY A 444 -15.57 27.19 -11.04
C GLY A 444 -16.35 28.24 -10.27
N LEU A 445 -17.64 27.97 -10.03
CA LEU A 445 -18.43 28.86 -9.18
C LEU A 445 -17.91 28.84 -7.74
N TYR A 446 -17.52 27.66 -7.25
CA TYR A 446 -16.93 27.58 -5.92
C TYR A 446 -15.63 28.38 -5.84
N ILE A 447 -14.80 28.27 -6.88
CA ILE A 447 -13.55 29.03 -6.88
C ILE A 447 -13.84 30.53 -6.94
N HIS A 448 -14.84 30.93 -7.73
CA HIS A 448 -15.28 32.31 -7.77
C HIS A 448 -15.69 32.81 -6.39
N ASN A 449 -16.48 32.00 -5.68
CA ASN A 449 -16.96 32.40 -4.36
C ASN A 449 -15.81 32.49 -3.36
N ASP A 450 -14.87 31.55 -3.41
CA ASP A 450 -13.70 31.62 -2.54
C ASP A 450 -12.90 32.89 -2.79
N THR A 451 -12.66 33.20 -4.07
CA THR A 451 -11.85 34.37 -4.39
C THR A 451 -12.58 35.68 -4.08
N MET A 452 -13.92 35.67 -4.12
CA MET A 452 -14.65 36.87 -3.76
C MET A 452 -14.72 37.05 -2.24
N SER A 453 -14.86 35.96 -1.49
CA SER A 453 -14.90 36.06 -0.03
C SER A 453 -13.53 36.40 0.54
N ALA A 454 -12.46 35.95 -0.10
CA ALA A 454 -11.12 36.28 0.38
C ALA A 454 -10.76 37.73 0.09
N LEU A 455 -11.30 38.30 -0.99
CA LEU A 455 -11.00 39.67 -1.38
C LEU A 455 -11.91 40.70 -0.72
N GLY A 456 -12.71 40.28 0.26
CA GLY A 456 -13.62 41.20 0.92
C GLY A 456 -14.69 41.73 -0.01
N ARG A 457 -15.31 40.82 -0.77
CA ARG A 457 -16.38 41.17 -1.70
C ARG A 457 -17.48 40.12 -1.58
N PRO A 458 -18.19 40.09 -0.45
CA PRO A 458 -19.22 39.07 -0.25
C PRO A 458 -20.46 39.26 -1.11
N GLN A 459 -20.62 40.44 -1.73
CA GLN A 459 -21.75 40.68 -2.61
C GLN A 459 -21.48 40.25 -4.04
N ASP A 460 -20.22 40.03 -4.42
CA ASP A 460 -19.88 39.53 -5.73
C ASP A 460 -19.78 38.00 -5.77
N MET A 461 -20.20 37.33 -4.69
CA MET A 461 -20.24 35.87 -4.68
C MET A 461 -21.56 35.38 -5.30
N PHE A 462 -21.67 34.06 -5.42
CA PHE A 462 -22.94 33.41 -5.78
C PHE A 462 -23.55 32.89 -4.48
N SER A 463 -24.53 33.62 -3.96
CA SER A 463 -25.09 33.33 -2.64
C SER A 463 -26.59 33.60 -2.64
N ASP A 464 -27.27 33.10 -1.61
CA ASP A 464 -28.67 33.42 -1.40
C ASP A 464 -28.87 34.91 -1.11
N THR A 465 -27.80 35.62 -0.76
CA THR A 465 -27.86 37.03 -0.46
C THR A 465 -27.27 37.90 -1.55
N ALA A 466 -26.63 37.32 -2.55
CA ALA A 466 -25.95 38.11 -3.56
C ALA A 466 -26.44 37.62 -4.93
N ILE A 467 -25.57 37.13 -5.81
CA ILE A 467 -25.98 36.61 -7.13
C ILE A 467 -26.63 35.24 -6.90
N GLN A 468 -27.96 35.20 -6.94
CA GLN A 468 -28.70 34.00 -6.57
C GLN A 468 -28.85 33.07 -7.77
N LEU A 469 -28.73 31.77 -7.51
CA LEU A 469 -28.92 30.72 -8.52
C LEU A 469 -29.90 29.71 -7.94
N GLN A 470 -31.15 30.13 -7.77
CA GLN A 470 -32.14 29.31 -7.08
C GLN A 470 -32.52 28.10 -7.94
N PRO A 471 -32.58 26.90 -7.36
CA PRO A 471 -33.09 25.74 -8.11
C PRO A 471 -34.60 25.80 -8.26
N VAL A 472 -35.07 26.67 -9.16
CA VAL A 472 -36.50 26.94 -9.28
C VAL A 472 -37.26 25.68 -9.64
N PHE A 473 -36.67 24.83 -10.48
CA PHE A 473 -37.37 23.63 -10.94
C PHE A 473 -37.64 22.66 -9.80
N ALA A 474 -36.62 22.35 -9.00
CA ALA A 474 -36.80 21.43 -7.88
C ALA A 474 -37.73 22.03 -6.83
N GLN A 475 -37.65 23.34 -6.60
CA GLN A 475 -38.55 23.99 -5.66
C GLN A 475 -40.00 23.85 -6.12
N TRP A 476 -40.26 24.12 -7.40
CA TRP A 476 -41.61 23.99 -7.93
C TRP A 476 -42.09 22.54 -7.87
N ILE A 477 -41.19 21.58 -8.08
CA ILE A 477 -41.57 20.17 -8.02
C ILE A 477 -41.97 19.78 -6.60
N GLN A 478 -41.16 20.17 -5.60
CA GLN A 478 -41.50 19.82 -4.23
C GLN A 478 -42.75 20.55 -3.76
N ASN A 479 -42.99 21.76 -4.28
CA ASN A 479 -44.24 22.46 -3.98
C ASN A 479 -45.43 21.72 -4.59
N THR A 480 -45.31 21.25 -5.84
CA THR A 480 -46.39 20.48 -6.46
C THR A 480 -46.64 19.20 -5.68
N HIS A 481 -45.58 18.59 -5.15
CA HIS A 481 -45.75 17.43 -4.27
C HIS A 481 -46.52 17.80 -3.01
N ALA A 482 -46.21 18.97 -2.45
CA ALA A 482 -46.85 19.37 -1.19
C ALA A 482 -48.36 19.53 -1.35
N LEU A 483 -48.81 20.05 -2.50
CA LEU A 483 -50.22 20.35 -2.72
C LEU A 483 -50.98 19.18 -3.33
N ALA A 484 -50.33 18.05 -3.58
CA ALA A 484 -50.95 16.91 -4.23
C ALA A 484 -52.03 16.23 -3.39
N PRO A 485 -51.81 15.99 -2.08
CA PRO A 485 -52.88 15.37 -1.29
C PRO A 485 -54.13 16.24 -1.25
N GLY A 486 -55.26 15.64 -1.64
CA GLY A 486 -56.52 16.35 -1.73
C GLY A 486 -56.82 16.96 -3.08
N THR A 487 -55.85 16.97 -4.00
CA THR A 487 -56.05 17.53 -5.33
C THR A 487 -55.74 16.48 -6.40
N THR A 488 -54.47 16.39 -6.79
CA THR A 488 -54.01 15.34 -7.69
C THR A 488 -53.73 14.03 -6.94
N ALA A 489 -54.30 13.88 -5.76
CA ALA A 489 -54.21 12.66 -4.95
C ALA A 489 -55.27 12.71 -3.85
N PRO A 490 -56.56 12.61 -4.19
CA PRO A 490 -57.60 12.79 -3.17
C PRO A 490 -57.56 11.76 -2.06
N GLY A 491 -57.16 10.51 -2.36
CA GLY A 491 -57.08 9.50 -1.33
C GLY A 491 -56.00 9.73 -0.30
N ALA A 492 -54.98 10.52 -0.65
CA ALA A 492 -53.87 10.79 0.26
C ALA A 492 -54.30 11.78 1.33
N THR A 493 -54.04 11.44 2.60
CA THR A 493 -54.40 12.31 3.70
C THR A 493 -53.35 13.37 3.95
N THR A 494 -52.06 13.00 3.89
CA THR A 494 -50.98 13.97 4.01
C THR A 494 -50.03 13.86 2.83
N SER A 495 -48.89 14.54 2.91
CA SER A 495 -47.95 14.56 1.81
C SER A 495 -47.24 13.21 1.68
N THR A 496 -46.67 12.97 0.49
CA THR A 496 -45.93 11.74 0.24
C THR A 496 -44.79 11.58 1.23
N SER A 497 -44.01 12.64 1.43
CA SER A 497 -42.98 12.70 2.45
C SER A 497 -43.10 14.04 3.17
N LEU A 498 -42.40 14.16 4.29
CA LEU A 498 -42.43 15.41 5.03
C LEU A 498 -41.55 16.49 4.41
N THR A 499 -40.55 16.10 3.63
CA THR A 499 -39.71 17.09 2.96
C THR A 499 -40.48 17.88 1.92
N TRP A 500 -41.63 17.37 1.46
CA TRP A 500 -42.48 18.13 0.54
C TRP A 500 -43.33 19.13 1.31
N GLY A 501 -44.38 18.64 1.97
CA GLY A 501 -45.42 19.46 2.56
C GLY A 501 -44.94 20.54 3.52
N GLY A 502 -45.33 21.78 3.24
CA GLY A 502 -44.99 22.87 4.14
C GLY A 502 -45.63 22.68 5.50
N GLY A 503 -44.86 22.98 6.55
CA GLY A 503 -45.30 22.68 7.89
C GLY A 503 -45.19 21.18 8.17
N ASP A 504 -46.03 20.72 9.11
CA ASP A 504 -46.10 19.31 9.47
C ASP A 504 -44.73 18.76 9.85
N LEU A 505 -44.15 19.35 10.90
CA LEU A 505 -42.87 18.92 11.41
C LEU A 505 -43.08 17.79 12.41
N VAL A 506 -42.49 16.63 12.13
CA VAL A 506 -42.63 15.48 13.02
C VAL A 506 -41.35 15.34 13.83
N SER A 507 -41.51 15.24 15.15
CA SER A 507 -40.43 15.06 16.12
C SER A 507 -40.78 13.92 17.05
N VAL A 508 -39.75 13.23 17.54
CA VAL A 508 -39.93 12.07 18.40
C VAL A 508 -38.94 12.16 19.55
N GLY A 509 -39.44 12.21 20.78
CA GLY A 509 -38.59 12.16 21.95
C GLY A 509 -37.64 13.32 22.11
N GLY A 510 -38.09 14.54 21.77
CA GLY A 510 -37.28 15.72 21.88
C GLY A 510 -36.39 16.00 20.69
N LYS A 511 -36.17 15.02 19.83
CA LYS A 511 -35.42 15.21 18.59
C LYS A 511 -36.39 15.27 17.42
N VAL A 512 -36.01 16.04 16.40
CA VAL A 512 -36.84 16.12 15.20
C VAL A 512 -36.69 14.85 14.38
N ALA A 513 -37.76 14.47 13.69
CA ALA A 513 -37.72 13.38 12.73
C ALA A 513 -37.63 13.89 11.30
N LEU A 514 -38.55 14.77 10.90
CA LEU A 514 -38.50 15.31 9.56
C LEU A 514 -39.30 16.61 9.47
N LEU A 515 -38.90 17.44 8.50
CA LEU A 515 -39.47 18.77 8.28
C LEU A 515 -39.18 19.16 6.84
N PRO A 516 -39.86 20.19 6.31
CA PRO A 516 -39.60 20.62 4.93
C PRO A 516 -38.15 21.05 4.74
N ILE A 517 -37.51 20.51 3.71
CA ILE A 517 -36.09 20.74 3.45
C ILE A 517 -35.95 21.98 2.57
N PRO A 518 -35.19 22.99 2.99
CA PRO A 518 -34.96 24.15 2.12
C PRO A 518 -34.06 23.81 0.94
N LEU A 519 -34.22 24.58 -0.13
CA LEU A 519 -33.40 24.41 -1.34
C LEU A 519 -32.99 25.80 -1.81
N GLY A 520 -31.68 26.06 -1.79
CA GLY A 520 -31.17 27.36 -2.18
C GLY A 520 -29.97 27.29 -3.10
N THR A 521 -29.20 28.38 -3.16
CA THR A 521 -28.04 28.43 -4.04
C THR A 521 -27.04 27.31 -3.72
N ALA A 522 -26.87 27.00 -2.45
CA ALA A 522 -25.97 25.92 -2.05
C ALA A 522 -26.42 24.59 -2.65
N ASP A 523 -27.72 24.29 -2.54
CA ASP A 523 -28.24 23.05 -3.11
C ASP A 523 -28.03 23.02 -4.63
N PHE A 524 -28.24 24.15 -5.29
CA PHE A 524 -28.02 24.24 -6.73
C PHE A 524 -26.58 23.90 -7.09
N LEU A 525 -25.62 24.56 -6.44
CA LEU A 525 -24.21 24.30 -6.71
C LEU A 525 -23.85 22.85 -6.46
N VAL A 526 -24.35 22.28 -5.36
CA VAL A 526 -23.96 20.90 -5.02
C VAL A 526 -24.58 19.91 -6.00
N HIS A 527 -25.83 20.15 -6.43
CA HIS A 527 -26.45 19.27 -7.41
C HIS A 527 -25.73 19.31 -8.73
N HIS A 528 -25.26 20.49 -9.14
CA HIS A 528 -24.49 20.56 -10.37
C HIS A 528 -23.13 19.88 -10.22
N ILE A 529 -22.52 19.96 -9.03
CA ILE A 529 -21.29 19.21 -8.77
C ILE A 529 -21.56 17.71 -8.90
N HIS A 530 -22.68 17.24 -8.38
CA HIS A 530 -23.03 15.83 -8.47
C HIS A 530 -23.22 15.41 -9.92
N ALA A 531 -23.97 16.20 -10.68
CA ALA A 531 -24.17 15.91 -12.10
C ALA A 531 -22.83 15.84 -12.83
N PHE A 532 -21.93 16.78 -12.54
CA PHE A 532 -20.63 16.81 -13.20
C PHE A 532 -19.80 15.57 -12.87
N THR A 533 -19.75 15.19 -11.59
CA THR A 533 -18.97 14.03 -11.20
C THR A 533 -19.54 12.74 -11.80
N ILE A 534 -20.87 12.61 -11.79
CA ILE A 534 -21.50 11.46 -12.44
C ILE A 534 -21.15 11.43 -13.91
N HIS A 535 -21.17 12.59 -14.58
CA HIS A 535 -20.85 12.63 -15.99
C HIS A 535 -19.42 12.20 -16.27
N VAL A 536 -18.48 12.62 -15.43
CA VAL A 536 -17.09 12.25 -15.68
C VAL A 536 -16.88 10.76 -15.43
N THR A 537 -17.53 10.21 -14.40
CA THR A 537 -17.46 8.77 -14.19
C THR A 537 -18.02 8.00 -15.38
N VAL A 538 -19.18 8.44 -15.87
CA VAL A 538 -19.79 7.82 -17.04
C VAL A 538 -18.87 7.94 -18.24
N LEU A 539 -18.23 9.09 -18.42
CA LEU A 539 -17.31 9.27 -19.54
C LEU A 539 -16.19 8.24 -19.49
N ILE A 540 -15.51 8.15 -18.34
CA ILE A 540 -14.42 7.20 -18.21
C ILE A 540 -14.89 5.79 -18.54
N LEU A 541 -15.96 5.34 -17.88
CA LEU A 541 -16.37 3.94 -18.01
C LEU A 541 -16.87 3.64 -19.42
N LEU A 542 -17.73 4.50 -19.97
CA LEU A 542 -18.29 4.26 -21.30
C LEU A 542 -17.21 4.37 -22.38
N LYS A 543 -16.26 5.29 -22.23
CA LYS A 543 -15.17 5.38 -23.18
C LYS A 543 -14.31 4.13 -23.13
N GLY A 544 -14.12 3.56 -21.95
CA GLY A 544 -13.43 2.28 -21.86
C GLY A 544 -14.19 1.17 -22.55
N VAL A 545 -15.52 1.17 -22.42
CA VAL A 545 -16.32 0.10 -23.01
C VAL A 545 -16.30 0.18 -24.54
N LEU A 546 -16.56 1.37 -25.09
CA LEU A 546 -16.71 1.50 -26.54
C LEU A 546 -15.39 1.30 -27.27
N PHE A 547 -14.28 1.72 -26.68
CA PHE A 547 -12.97 1.56 -27.29
C PHE A 547 -12.24 0.30 -26.82
N ALA A 548 -12.98 -0.70 -26.35
CA ALA A 548 -12.35 -1.91 -25.84
C ALA A 548 -11.74 -2.75 -26.95
N ARG A 549 -12.35 -2.75 -28.14
CA ARG A 549 -11.88 -3.57 -29.25
C ARG A 549 -10.77 -2.87 -30.04
N SER A 550 -11.02 -1.65 -30.49
CA SER A 550 -10.13 -0.99 -31.43
C SER A 550 -10.13 0.51 -31.18
N SER A 551 -9.08 1.16 -31.68
CA SER A 551 -8.96 2.61 -31.65
C SER A 551 -7.97 3.02 -32.72
N ARG A 552 -7.89 4.32 -32.97
CA ARG A 552 -6.91 4.83 -33.93
C ARG A 552 -5.48 4.58 -33.45
N LEU A 553 -5.28 4.48 -32.13
CA LEU A 553 -3.94 4.24 -31.58
C LEU A 553 -3.58 2.77 -31.65
N ILE A 554 -4.49 1.89 -31.23
CA ILE A 554 -4.28 0.45 -31.28
C ILE A 554 -5.47 -0.19 -31.98
N PRO A 555 -5.35 -0.52 -33.27
CA PRO A 555 -6.50 -1.09 -34.00
C PRO A 555 -6.78 -2.55 -33.68
N ASP A 556 -5.92 -3.23 -32.91
CA ASP A 556 -6.11 -4.62 -32.53
C ASP A 556 -6.10 -4.78 -31.01
N LYS A 557 -6.73 -3.84 -30.31
CA LYS A 557 -6.71 -3.88 -28.85
C LYS A 557 -7.44 -5.09 -28.29
N ALA A 558 -8.43 -5.61 -29.03
CA ALA A 558 -9.18 -6.77 -28.54
C ALA A 558 -8.31 -8.01 -28.42
N ASN A 559 -7.30 -8.15 -29.28
CA ASN A 559 -6.41 -9.30 -29.20
C ASN A 559 -5.54 -9.26 -27.94
N LEU A 560 -5.24 -8.05 -27.44
CA LEU A 560 -4.44 -7.92 -26.23
C LEU A 560 -5.19 -8.34 -24.98
N GLY A 561 -6.51 -8.55 -25.07
CA GLY A 561 -7.31 -8.98 -23.95
C GLY A 561 -8.11 -7.85 -23.33
N PHE A 562 -8.86 -8.22 -22.29
CA PHE A 562 -9.59 -7.21 -21.52
C PHE A 562 -8.71 -6.60 -20.44
N ARG A 563 -7.79 -7.38 -19.88
CA ARG A 563 -6.94 -6.96 -18.77
C ARG A 563 -5.48 -7.14 -19.18
N PHE A 564 -4.87 -6.07 -19.68
CA PHE A 564 -3.45 -6.05 -20.01
C PHE A 564 -2.87 -4.70 -19.63
N PRO A 565 -1.58 -4.66 -19.26
CA PRO A 565 -1.00 -3.40 -18.78
C PRO A 565 -1.01 -2.29 -19.83
N CYS A 566 -0.33 -2.53 -20.95
CA CYS A 566 -0.16 -1.50 -21.97
C CYS A 566 0.06 -2.19 -23.31
N ASP A 567 0.67 -1.48 -24.26
CA ASP A 567 1.16 -2.10 -25.47
C ASP A 567 2.52 -1.52 -25.86
N GLY A 568 3.28 -1.05 -24.88
CA GLY A 568 4.61 -0.57 -25.12
C GLY A 568 4.75 0.93 -24.94
N PRO A 569 6.00 1.39 -24.80
CA PRO A 569 6.25 2.83 -24.70
C PRO A 569 6.09 3.56 -26.02
N GLY A 570 5.90 2.85 -27.12
CA GLY A 570 5.80 3.47 -28.42
C GLY A 570 4.49 4.21 -28.61
N ARG A 571 4.32 4.72 -29.83
CA ARG A 571 3.19 5.58 -30.18
C ARG A 571 3.10 6.78 -29.26
N GLY A 572 4.22 7.17 -28.65
CA GLY A 572 4.23 8.14 -27.57
C GLY A 572 4.05 7.55 -26.19
N GLY A 573 3.45 6.38 -26.08
CA GLY A 573 3.14 5.76 -24.80
C GLY A 573 1.73 5.23 -24.78
N THR A 574 1.56 3.95 -24.39
CA THR A 574 0.28 3.27 -24.47
C THR A 574 -0.17 2.73 -23.11
N CYS A 575 0.21 3.40 -22.02
CA CYS A 575 -0.15 2.91 -20.70
C CYS A 575 -1.64 3.07 -20.45
N GLN A 576 -2.23 2.10 -19.74
CA GLN A 576 -3.62 2.16 -19.29
C GLN A 576 -4.59 2.32 -20.47
N VAL A 577 -4.37 1.56 -21.54
CA VAL A 577 -5.30 1.58 -22.66
C VAL A 577 -6.36 0.50 -22.56
N SER A 578 -6.13 -0.54 -21.76
CA SER A 578 -7.10 -1.61 -21.62
C SER A 578 -8.37 -1.09 -20.94
N ALA A 579 -9.48 -1.78 -21.20
CA ALA A 579 -10.73 -1.43 -20.53
C ALA A 579 -10.63 -1.64 -19.02
N TRP A 580 -9.80 -2.59 -18.59
CA TRP A 580 -9.60 -2.81 -17.16
C TRP A 580 -9.08 -1.56 -16.48
N ASP A 581 -8.11 -0.87 -17.11
CA ASP A 581 -7.61 0.36 -16.52
C ASP A 581 -8.64 1.47 -16.56
N HIS A 582 -9.58 1.41 -17.51
CA HIS A 582 -10.68 2.37 -17.50
C HIS A 582 -11.59 2.14 -16.30
N VAL A 583 -11.87 0.87 -15.97
CA VAL A 583 -12.58 0.58 -14.73
C VAL A 583 -11.75 1.02 -13.53
N PHE A 584 -10.43 0.87 -13.62
CA PHE A 584 -9.53 1.25 -12.55
C PHE A 584 -9.63 2.74 -12.24
N LEU A 585 -9.69 3.57 -13.28
CA LEU A 585 -9.84 5.02 -13.08
C LEU A 585 -11.28 5.40 -12.72
N GLY A 586 -12.26 4.70 -13.29
CA GLY A 586 -13.65 4.93 -12.93
C GLY A 586 -13.92 4.64 -11.47
N LEU A 587 -13.13 3.75 -10.86
CA LEU A 587 -13.23 3.52 -9.43
C LEU A 587 -12.91 4.79 -8.65
N PHE A 588 -11.75 5.40 -8.95
CA PHE A 588 -11.38 6.66 -8.31
C PHE A 588 -12.46 7.72 -8.51
N TRP A 589 -13.00 7.82 -9.73
CA TRP A 589 -13.96 8.89 -9.97
C TRP A 589 -15.32 8.60 -9.33
N MET A 590 -15.72 7.34 -9.25
CA MET A 590 -16.92 6.99 -8.50
C MET A 590 -16.74 7.33 -7.02
N TYR A 591 -15.56 7.07 -6.48
CA TYR A 591 -15.25 7.49 -5.12
C TYR A 591 -15.40 9.00 -4.97
N ASN A 592 -14.80 9.74 -5.90
CA ASN A 592 -14.82 11.21 -5.84
C ASN A 592 -16.23 11.75 -5.94
N ALA A 593 -17.12 11.04 -6.65
CA ALA A 593 -18.51 11.47 -6.75
C ALA A 593 -19.29 11.13 -5.48
N ILE A 594 -19.24 9.87 -5.06
CA ILE A 594 -20.02 9.40 -3.92
C ILE A 594 -19.62 10.11 -2.64
N SER A 595 -18.33 10.46 -2.50
CA SER A 595 -17.89 11.15 -1.30
C SER A 595 -18.53 12.53 -1.19
N VAL A 596 -18.54 13.28 -2.29
CA VAL A 596 -19.19 14.58 -2.28
C VAL A 596 -20.69 14.42 -2.03
N VAL A 597 -21.29 13.36 -2.58
CA VAL A 597 -22.71 13.12 -2.35
C VAL A 597 -22.99 12.93 -0.85
N ILE A 598 -22.23 12.06 -0.21
CA ILE A 598 -22.52 11.73 1.19
C ILE A 598 -22.14 12.90 2.10
N PHE A 599 -21.12 13.69 1.75
CA PHE A 599 -20.82 14.88 2.53
C PHE A 599 -21.94 15.90 2.42
N HIS A 600 -22.49 16.08 1.21
CA HIS A 600 -23.68 16.92 1.04
C HIS A 600 -24.81 16.45 1.95
N PHE A 601 -25.08 15.14 1.92
CA PHE A 601 -26.15 14.59 2.77
C PHE A 601 -25.89 14.91 4.24
N SER A 602 -24.67 14.63 4.72
CA SER A 602 -24.35 14.82 6.13
C SER A 602 -24.54 16.27 6.55
N TRP A 603 -23.94 17.21 5.81
CA TRP A 603 -24.03 18.60 6.21
C TRP A 603 -25.46 19.11 6.11
N LYS A 604 -26.19 18.73 5.05
CA LYS A 604 -27.56 19.19 4.91
C LYS A 604 -28.43 18.72 6.07
N MET A 605 -28.30 17.43 6.44
CA MET A 605 -29.13 16.91 7.52
C MET A 605 -28.75 17.51 8.86
N GLN A 606 -27.45 17.72 9.11
CA GLN A 606 -27.04 18.31 10.38
C GLN A 606 -27.29 19.81 10.44
N SER A 607 -27.56 20.47 9.31
CA SER A 607 -27.77 21.91 9.32
C SER A 607 -29.24 22.32 9.24
N ASP A 608 -30.04 21.66 8.40
CA ASP A 608 -31.39 22.13 8.14
C ASP A 608 -32.49 21.20 8.61
N VAL A 609 -32.15 20.00 9.10
CA VAL A 609 -33.18 19.08 9.58
C VAL A 609 -32.89 18.68 11.02
N TRP A 610 -31.92 17.78 11.20
CA TRP A 610 -31.66 17.19 12.51
C TRP A 610 -31.36 18.24 13.56
N GLY A 611 -31.86 18.01 14.77
CA GLY A 611 -31.65 18.93 15.86
C GLY A 611 -32.54 18.58 17.03
N SER A 612 -32.66 19.54 17.95
CA SER A 612 -33.49 19.40 19.14
C SER A 612 -34.65 20.37 19.08
N ILE A 613 -35.84 19.88 19.45
CA ILE A 613 -37.06 20.67 19.43
C ILE A 613 -37.44 21.03 20.86
N ASN A 614 -37.91 22.26 21.06
CA ASN A 614 -38.34 22.72 22.36
C ASN A 614 -39.72 22.19 22.70
N ASP A 615 -40.16 22.48 23.92
CA ASP A 615 -41.54 22.19 24.29
C ASP A 615 -42.51 23.11 23.57
N GLN A 616 -42.09 24.33 23.27
CA GLN A 616 -42.91 25.32 22.60
C GLN A 616 -42.77 25.29 21.09
N GLY A 617 -41.89 24.45 20.56
CA GLY A 617 -41.69 24.33 19.13
C GLY A 617 -40.51 25.08 18.57
N VAL A 618 -39.45 25.29 19.36
CA VAL A 618 -38.24 25.94 18.89
C VAL A 618 -37.23 24.86 18.55
N VAL A 619 -36.84 24.80 17.27
CA VAL A 619 -35.95 23.76 16.77
C VAL A 619 -34.58 24.38 16.52
N THR A 620 -33.57 23.85 17.21
CA THR A 620 -32.18 24.23 16.99
C THR A 620 -31.45 23.04 16.38
N HIS A 621 -30.92 23.23 15.18
CA HIS A 621 -30.30 22.14 14.45
C HIS A 621 -28.88 21.89 14.95
N ILE A 622 -28.35 20.70 14.63
CA ILE A 622 -27.05 20.27 15.13
C ILE A 622 -25.98 21.32 14.79
N THR A 623 -26.02 21.84 13.56
CA THR A 623 -25.29 23.05 13.21
C THR A 623 -26.31 24.15 12.93
N GLY A 624 -25.97 25.37 13.31
CA GLY A 624 -26.93 26.45 13.31
C GLY A 624 -27.34 26.96 11.93
N GLY A 625 -27.92 26.08 11.12
CA GLY A 625 -28.34 26.47 9.79
C GLY A 625 -27.25 27.09 8.95
N ASN A 626 -26.00 26.64 9.14
CA ASN A 626 -24.84 27.20 8.46
C ASN A 626 -24.66 26.70 7.03
N PHE A 627 -25.64 25.97 6.49
CA PHE A 627 -25.45 25.37 5.17
C PHE A 627 -25.55 26.42 4.07
N ALA A 628 -26.41 27.42 4.23
CA ALA A 628 -26.65 28.37 3.16
C ALA A 628 -25.43 29.25 2.91
N GLN A 629 -24.74 29.66 3.98
CA GLN A 629 -23.63 30.61 3.84
C GLN A 629 -22.26 29.94 3.77
N SER A 630 -22.09 28.78 4.39
CA SER A 630 -20.76 28.17 4.50
C SER A 630 -20.46 27.19 3.38
N SER A 631 -21.47 26.49 2.87
CA SER A 631 -21.24 25.43 1.88
C SER A 631 -21.13 25.96 0.45
N ILE A 632 -21.19 27.27 0.24
CA ILE A 632 -21.03 27.85 -1.08
C ILE A 632 -19.57 28.21 -1.30
N THR A 633 -18.70 27.66 -0.46
CA THR A 633 -17.29 28.00 -0.47
C THR A 633 -16.48 26.75 -0.19
N ILE A 634 -15.36 26.58 -0.90
CA ILE A 634 -14.47 25.46 -0.62
C ILE A 634 -13.84 25.62 0.76
N ASN A 635 -13.45 26.84 1.12
CA ASN A 635 -12.93 27.08 2.46
C ASN A 635 -13.99 26.82 3.52
N GLY A 636 -15.26 27.08 3.19
CA GLY A 636 -16.33 26.73 4.11
C GLY A 636 -16.46 25.23 4.32
N TRP A 637 -16.34 24.46 3.23
CA TRP A 637 -16.35 23.01 3.36
C TRP A 637 -15.15 22.51 4.15
N LEU A 638 -14.01 23.19 4.02
CA LEU A 638 -12.82 22.78 4.77
C LEU A 638 -12.96 23.10 6.25
N ARG A 639 -13.50 24.27 6.57
CA ARG A 639 -13.52 24.77 7.94
C ARG A 639 -14.81 24.38 8.67
N ASP A 640 -15.96 24.82 8.16
CA ASP A 640 -17.23 24.65 8.85
C ASP A 640 -17.79 23.23 8.73
N PHE A 641 -17.14 22.35 7.98
CA PHE A 641 -17.58 20.96 7.87
C PHE A 641 -16.50 20.00 8.38
N LEU A 642 -15.35 19.92 7.70
CA LEU A 642 -14.32 18.96 8.10
C LEU A 642 -13.69 19.35 9.44
N TRP A 643 -13.07 20.53 9.49
CA TRP A 643 -12.34 20.95 10.69
C TRP A 643 -13.25 20.99 11.92
N ALA A 644 -14.53 21.30 11.73
CA ALA A 644 -15.43 21.42 12.86
C ALA A 644 -15.97 20.07 13.32
N GLN A 645 -16.37 19.21 12.37
CA GLN A 645 -17.03 17.96 12.72
C GLN A 645 -16.06 16.80 12.92
N ALA A 646 -14.78 16.97 12.60
CA ALA A 646 -13.79 15.95 12.92
C ALA A 646 -13.33 16.01 14.36
N SER A 647 -13.84 16.98 15.13
CA SER A 647 -13.47 17.11 16.54
C SER A 647 -13.79 15.84 17.31
N GLN A 648 -14.98 15.28 17.07
CA GLN A 648 -15.40 14.11 17.83
C GLN A 648 -14.47 12.93 17.59
N VAL A 649 -14.01 12.75 16.36
CA VAL A 649 -13.16 11.60 16.09
C VAL A 649 -11.72 11.86 16.55
N ILE A 650 -11.26 13.12 16.56
CA ILE A 650 -9.93 13.40 17.09
C ILE A 650 -9.94 13.60 18.60
N GLN A 651 -11.09 13.48 19.25
CA GLN A 651 -11.20 13.59 20.70
C GLN A 651 -11.74 12.32 21.34
N SER A 652 -11.93 11.26 20.57
CA SER A 652 -12.59 10.06 21.06
C SER A 652 -11.69 9.17 21.91
N TYR A 653 -10.40 9.49 22.02
CA TYR A 653 -9.51 8.67 22.85
C TYR A 653 -9.96 8.71 24.30
N GLY A 654 -9.85 7.57 24.97
CA GLY A 654 -10.29 7.46 26.35
C GLY A 654 -11.77 7.24 26.54
N SER A 655 -12.52 7.03 25.46
CA SER A 655 -13.96 6.76 25.53
C SER A 655 -14.26 5.51 24.72
N SER A 656 -15.55 5.15 24.66
CA SER A 656 -15.97 3.99 23.89
C SER A 656 -15.87 4.21 22.38
N LEU A 657 -15.67 5.46 21.94
CA LEU A 657 -15.53 5.77 20.53
C LEU A 657 -14.07 5.85 20.08
N SER A 658 -13.13 5.44 20.94
CA SER A 658 -11.72 5.51 20.59
C SER A 658 -11.36 4.59 19.43
N ALA A 659 -12.12 3.50 19.24
CA ALA A 659 -11.88 2.65 18.08
C ALA A 659 -12.06 3.40 16.77
N TYR A 660 -13.02 4.32 16.73
CA TYR A 660 -13.17 5.17 15.55
C TYR A 660 -11.98 6.12 15.41
N GLY A 661 -11.45 6.62 16.53
CA GLY A 661 -10.24 7.42 16.47
C GLY A 661 -9.05 6.64 15.94
N LEU A 662 -8.99 5.35 16.23
CA LEU A 662 -7.91 4.51 15.69
C LEU A 662 -8.12 4.22 14.21
N PHE A 663 -9.36 3.91 13.81
CA PHE A 663 -9.65 3.61 12.42
C PHE A 663 -9.46 4.82 11.52
N PHE A 664 -9.78 6.02 12.03
CA PHE A 664 -9.52 7.26 11.31
C PHE A 664 -8.08 7.31 10.81
N LEU A 665 -7.13 7.17 11.73
CA LEU A 665 -5.72 7.27 11.39
C LEU A 665 -5.25 6.05 10.60
N GLY A 666 -5.76 4.85 10.93
CA GLY A 666 -5.36 3.67 10.17
C GLY A 666 -5.79 3.75 8.71
N ALA A 667 -6.97 4.32 8.46
CA ALA A 667 -7.44 4.48 7.09
C ALA A 667 -6.65 5.58 6.38
N HIS A 668 -6.33 6.67 7.08
CA HIS A 668 -5.36 7.62 6.54
C HIS A 668 -4.08 6.90 6.10
N PHE A 669 -3.59 5.98 6.94
CA PHE A 669 -2.35 5.28 6.66
C PHE A 669 -2.46 4.43 5.40
N VAL A 670 -3.51 3.63 5.29
CA VAL A 670 -3.60 2.76 4.12
C VAL A 670 -3.87 3.57 2.85
N TRP A 671 -4.61 4.68 2.98
CA TRP A 671 -4.82 5.56 1.82
C TRP A 671 -3.50 6.10 1.31
N ALA A 672 -2.66 6.62 2.22
CA ALA A 672 -1.35 7.09 1.79
C ALA A 672 -0.45 5.94 1.33
N PHE A 673 -0.68 4.75 1.88
CA PHE A 673 0.08 3.57 1.49
C PHE A 673 -0.18 3.20 0.04
N SER A 674 -1.41 3.41 -0.43
CA SER A 674 -1.73 3.15 -1.83
C SER A 674 -0.92 4.02 -2.77
N LEU A 675 -0.57 5.23 -2.34
CA LEU A 675 0.14 6.16 -3.21
C LEU A 675 1.52 5.66 -3.61
N MET A 676 2.12 4.77 -2.81
CA MET A 676 3.39 4.16 -3.23
C MET A 676 3.19 3.32 -4.48
N PHE A 677 2.09 2.57 -4.56
CA PHE A 677 1.82 1.75 -5.73
C PHE A 677 1.35 2.61 -6.90
N LEU A 678 0.45 3.56 -6.65
CA LEU A 678 -0.13 4.34 -7.73
C LEU A 678 0.88 5.29 -8.38
N PHE A 679 1.94 5.67 -7.68
CA PHE A 679 2.91 6.62 -8.21
C PHE A 679 4.16 5.95 -8.75
N SER A 680 4.29 4.63 -8.64
CA SER A 680 5.53 3.94 -9.01
C SER A 680 5.24 2.84 -10.01
N GLY A 681 6.32 2.21 -10.50
CA GLY A 681 6.22 1.11 -11.43
C GLY A 681 7.11 -0.04 -11.00
N ARG A 682 6.76 -1.23 -11.50
CA ARG A 682 7.34 -2.47 -10.96
C ARG A 682 8.79 -2.69 -11.33
N GLY A 683 9.34 -1.94 -12.28
CA GLY A 683 10.74 -2.17 -12.66
C GLY A 683 11.70 -1.85 -11.54
N TYR A 684 11.52 -0.69 -10.91
CA TYR A 684 12.34 -0.32 -9.76
C TYR A 684 12.24 -1.36 -8.66
N TRP A 685 11.03 -1.84 -8.37
CA TRP A 685 10.84 -2.80 -7.29
C TRP A 685 11.49 -4.13 -7.62
N GLN A 686 11.44 -4.55 -8.88
CA GLN A 686 12.15 -5.77 -9.26
C GLN A 686 13.66 -5.60 -9.11
N GLU A 687 14.18 -4.42 -9.51
CA GLU A 687 15.62 -4.19 -9.35
C GLU A 687 16.04 -4.15 -7.89
N LEU A 688 15.14 -3.74 -7.00
CA LEU A 688 15.43 -3.78 -5.57
C LEU A 688 15.42 -5.23 -5.06
N ILE A 689 14.39 -5.98 -5.43
CA ILE A 689 14.29 -7.38 -5.05
C ILE A 689 15.49 -8.17 -5.57
N GLU A 690 16.13 -7.71 -6.65
CA GLU A 690 17.35 -8.37 -7.12
C GLU A 690 18.45 -8.34 -6.07
N SER A 691 18.75 -7.15 -5.53
CA SER A 691 19.76 -7.05 -4.49
C SER A 691 19.33 -7.79 -3.23
N ILE A 692 18.04 -7.76 -2.91
CA ILE A 692 17.56 -8.50 -1.75
C ILE A 692 17.76 -9.99 -1.94
N VAL A 693 17.54 -10.48 -3.16
CA VAL A 693 17.76 -11.88 -3.48
C VAL A 693 19.24 -12.23 -3.39
N TRP A 694 20.11 -11.29 -3.79
CA TRP A 694 21.53 -11.50 -3.57
C TRP A 694 21.82 -11.72 -2.09
N ALA A 695 21.26 -10.85 -1.25
CA ALA A 695 21.47 -10.97 0.20
C ALA A 695 20.99 -12.31 0.71
N HIS A 696 19.84 -12.78 0.22
CA HIS A 696 19.31 -14.08 0.66
C HIS A 696 20.20 -15.22 0.19
N ASN A 697 20.58 -15.21 -1.09
CA ASN A 697 21.39 -16.28 -1.65
C ASN A 697 22.78 -16.34 -1.03
N LYS A 698 23.25 -15.22 -0.46
CA LYS A 698 24.53 -15.24 0.24
C LYS A 698 24.49 -16.15 1.46
N LEU A 699 23.33 -16.24 2.12
CA LEU A 699 23.20 -17.02 3.35
C LEU A 699 22.40 -18.31 3.14
N LYS A 700 22.38 -18.83 1.92
CA LYS A 700 21.73 -20.10 1.61
C LYS A 700 20.26 -20.10 2.04
N VAL A 701 19.57 -18.99 1.80
CA VAL A 701 18.20 -18.86 2.28
C VAL A 701 17.35 -18.14 1.23
N ALA A 702 17.63 -18.41 -0.04
CA ALA A 702 16.76 -17.85 -1.08
C ALA A 702 15.69 -18.87 -1.47
N PRO A 703 14.44 -18.43 -1.62
CA PRO A 703 13.37 -19.38 -1.91
C PRO A 703 13.42 -19.86 -3.35
N ALA A 704 12.91 -21.07 -3.56
CA ALA A 704 12.80 -21.60 -4.92
C ALA A 704 11.80 -20.78 -5.73
N THR A 705 10.63 -20.50 -5.16
CA THR A 705 9.67 -19.61 -5.77
C THR A 705 10.28 -18.22 -5.89
N GLN A 706 10.92 -17.95 -7.03
CA GLN A 706 11.67 -16.71 -7.22
C GLN A 706 10.80 -15.50 -6.97
N PRO A 707 11.16 -14.61 -6.05
CA PRO A 707 10.34 -13.42 -5.81
C PRO A 707 10.31 -12.51 -7.03
N ARG A 708 9.11 -12.01 -7.33
CA ARG A 708 8.89 -11.09 -8.43
C ARG A 708 7.98 -9.98 -7.96
N ALA A 709 8.30 -8.75 -8.35
CA ALA A 709 7.45 -7.62 -8.02
C ALA A 709 6.07 -7.80 -8.65
N LEU A 710 5.08 -7.10 -8.10
CA LEU A 710 3.72 -7.22 -8.59
C LEU A 710 3.65 -6.83 -10.06
N SER A 711 2.69 -7.41 -10.76
CA SER A 711 2.46 -7.03 -12.15
C SER A 711 1.93 -5.60 -12.23
N ILE A 712 2.02 -5.02 -13.42
CA ILE A 712 1.53 -3.67 -13.63
C ILE A 712 0.05 -3.58 -13.29
N VAL A 713 -0.74 -4.51 -13.84
CA VAL A 713 -2.16 -4.57 -13.51
C VAL A 713 -2.36 -4.79 -12.02
N GLN A 714 -1.55 -5.66 -11.42
CA GLN A 714 -1.68 -5.89 -9.98
C GLN A 714 -1.24 -4.66 -9.19
N GLY A 715 -0.22 -3.95 -9.67
CA GLY A 715 0.15 -2.71 -9.02
C GLY A 715 -1.01 -1.73 -8.97
N ARG A 716 -1.70 -1.55 -10.12
CA ARG A 716 -2.84 -0.66 -10.15
C ARG A 716 -4.01 -1.18 -9.31
N ALA A 717 -4.21 -2.50 -9.31
CA ALA A 717 -5.31 -3.08 -8.53
C ALA A 717 -5.10 -2.85 -7.04
N VAL A 718 -3.88 -3.16 -6.55
CA VAL A 718 -3.55 -2.91 -5.16
C VAL A 718 -3.67 -1.43 -4.84
N GLY A 719 -3.18 -0.57 -5.74
CA GLY A 719 -3.26 0.86 -5.49
C GLY A 719 -4.68 1.34 -5.32
N VAL A 720 -5.56 0.99 -6.26
CA VAL A 720 -6.94 1.47 -6.18
C VAL A 720 -7.68 0.82 -5.02
N THR A 721 -7.38 -0.45 -4.73
CA THR A 721 -8.03 -1.12 -3.59
C THR A 721 -7.68 -0.43 -2.29
N HIS A 722 -6.40 -0.17 -2.06
CA HIS A 722 -5.99 0.50 -0.83
C HIS A 722 -6.48 1.93 -0.78
N TYR A 723 -6.46 2.64 -1.91
CA TYR A 723 -6.97 4.01 -1.97
C TYR A 723 -8.43 4.05 -1.55
N LEU A 724 -9.25 3.18 -2.14
CA LEU A 724 -10.67 3.13 -1.82
C LEU A 724 -10.89 2.74 -0.36
N LEU A 725 -10.20 1.70 0.10
CA LEU A 725 -10.35 1.26 1.47
C LEU A 725 -10.02 2.39 2.44
N GLY A 726 -8.88 3.05 2.23
CA GLY A 726 -8.47 4.13 3.12
C GLY A 726 -9.47 5.27 3.14
N GLY A 727 -9.85 5.76 1.96
CA GLY A 727 -10.79 6.88 1.91
C GLY A 727 -12.12 6.54 2.56
N ILE A 728 -12.69 5.39 2.17
CA ILE A 728 -14.02 5.04 2.67
C ILE A 728 -13.99 4.76 4.16
N ALA A 729 -12.93 4.12 4.66
CA ALA A 729 -12.86 3.85 6.10
C ALA A 729 -12.60 5.12 6.89
N THR A 730 -11.83 6.07 6.34
CA THR A 730 -11.68 7.36 7.00
C THR A 730 -13.03 8.05 7.15
N THR A 731 -13.77 8.16 6.04
CA THR A 731 -15.09 8.79 6.12
C THR A 731 -16.03 8.00 7.04
N TRP A 732 -15.88 6.68 7.08
CA TRP A 732 -16.71 5.84 7.94
C TRP A 732 -16.47 6.17 9.41
N ALA A 733 -15.20 6.17 9.83
CA ALA A 733 -14.87 6.51 11.21
C ALA A 733 -15.34 7.92 11.56
N PHE A 734 -15.07 8.88 10.66
CA PHE A 734 -15.46 10.27 10.92
C PHE A 734 -16.98 10.39 11.10
N PHE A 735 -17.73 9.85 10.14
CA PHE A 735 -19.19 9.91 10.21
C PHE A 735 -19.71 9.26 11.49
N LEU A 736 -19.25 8.04 11.79
CA LEU A 736 -19.81 7.31 12.91
C LEU A 736 -19.51 8.02 14.22
N ALA A 737 -18.27 8.43 14.43
CA ALA A 737 -17.93 9.16 15.65
C ALA A 737 -18.77 10.42 15.78
N ARG A 738 -18.80 11.24 14.73
CA ARG A 738 -19.54 12.50 14.78
C ARG A 738 -21.00 12.27 15.12
N ILE A 739 -21.66 11.36 14.40
CA ILE A 739 -23.10 11.22 14.53
C ILE A 739 -23.49 10.47 15.80
N ILE A 740 -22.63 9.60 16.33
CA ILE A 740 -22.96 8.95 17.59
C ILE A 740 -22.73 9.90 18.76
N ALA A 741 -21.75 10.80 18.65
CA ALA A 741 -21.52 11.76 19.73
C ALA A 741 -22.59 12.84 19.75
N VAL A 742 -22.79 13.53 18.61
CA VAL A 742 -23.73 14.65 18.58
C VAL A 742 -25.16 14.21 18.30
N GLY A 743 -25.40 12.92 18.13
CA GLY A 743 -26.74 12.43 17.90
C GLY A 743 -27.53 12.22 19.19
N ALA B 1 18.15 21.69 -37.56
CA ALA B 1 17.65 22.93 -36.96
C ALA B 1 16.30 23.30 -37.55
N LEU B 2 16.29 24.39 -38.33
CA LEU B 2 15.17 24.82 -39.14
C LEU B 2 14.03 25.46 -38.34
N ARG B 3 13.85 25.07 -37.08
CA ARG B 3 12.86 25.73 -36.23
C ARG B 3 13.10 25.30 -34.79
N PHE B 4 12.27 25.84 -33.89
CA PHE B 4 12.43 25.59 -32.46
C PHE B 4 12.20 24.11 -32.16
N PRO B 5 13.10 23.45 -31.41
CA PRO B 5 14.34 24.06 -30.89
C PRO B 5 15.51 23.95 -31.86
N ARG B 6 16.24 25.06 -32.04
CA ARG B 6 17.35 25.08 -32.98
C ARG B 6 18.52 24.19 -32.55
N PHE B 7 18.52 23.71 -31.31
CA PHE B 7 19.61 22.85 -30.83
C PHE B 7 19.30 21.36 -31.00
N SER B 8 18.09 21.01 -31.41
CA SER B 8 17.71 19.61 -31.56
C SER B 8 16.92 19.45 -32.85
N GLN B 9 17.47 18.72 -33.81
CA GLN B 9 16.77 18.49 -35.06
C GLN B 9 15.61 17.52 -34.88
N GLY B 10 15.81 16.46 -34.09
CA GLY B 10 14.75 15.48 -33.88
C GLY B 10 13.54 16.07 -33.18
N LEU B 11 13.74 17.04 -32.31
CA LEU B 11 12.60 17.74 -31.71
C LEU B 11 11.97 18.70 -32.71
N ALA B 12 12.79 19.37 -33.53
CA ALA B 12 12.26 20.31 -34.51
C ALA B 12 11.43 19.60 -35.57
N GLN B 13 11.79 18.37 -35.93
CA GLN B 13 11.05 17.59 -36.90
C GLN B 13 9.88 16.84 -36.29
N ASP B 14 9.54 17.12 -35.04
CA ASP B 14 8.35 16.55 -34.43
C ASP B 14 7.11 17.25 -34.94
N PRO B 15 6.14 16.53 -35.50
CA PRO B 15 4.93 17.18 -36.02
C PRO B 15 3.87 17.45 -34.97
N THR B 16 4.10 17.08 -33.72
CA THR B 16 3.11 17.18 -32.65
C THR B 16 3.49 18.29 -31.68
N THR B 17 2.65 18.49 -30.67
CA THR B 17 2.93 19.49 -29.64
C THR B 17 4.13 19.11 -28.79
N ARG B 18 4.51 17.82 -28.78
CA ARG B 18 5.68 17.37 -28.03
C ARG B 18 6.94 18.14 -28.40
N ARG B 19 6.98 18.74 -29.59
CA ARG B 19 8.14 19.53 -29.99
C ARG B 19 8.39 20.70 -29.03
N ILE B 20 7.31 21.36 -28.59
CA ILE B 20 7.47 22.54 -27.74
C ILE B 20 7.95 22.15 -26.35
N TRP B 21 7.27 21.19 -25.72
CA TRP B 21 7.59 20.80 -24.35
C TRP B 21 9.05 20.38 -24.23
N PHE B 22 9.47 19.40 -25.04
CA PHE B 22 10.84 18.91 -24.98
C PHE B 22 11.86 19.96 -25.38
N GLY B 23 11.45 20.96 -26.16
CA GLY B 23 12.34 22.06 -26.46
C GLY B 23 12.62 22.94 -25.24
N ILE B 24 11.63 23.08 -24.36
CA ILE B 24 11.82 23.85 -23.15
C ILE B 24 12.57 23.04 -22.10
N ALA B 25 12.20 21.76 -21.93
CA ALA B 25 12.76 20.93 -20.88
C ALA B 25 14.20 20.53 -21.13
N THR B 26 14.74 20.77 -22.33
CA THR B 26 16.10 20.35 -22.66
C THR B 26 16.97 21.52 -23.08
N ALA B 27 16.59 22.75 -22.72
CA ALA B 27 17.35 23.91 -23.15
C ALA B 27 18.72 23.99 -22.50
N HIS B 28 18.83 23.55 -21.25
CA HIS B 28 20.09 23.66 -20.51
C HIS B 28 20.91 22.39 -20.54
N ASP B 29 20.40 21.30 -21.13
CA ASP B 29 21.16 20.07 -21.27
C ASP B 29 22.07 20.21 -22.49
N PHE B 30 23.20 20.91 -22.27
CA PHE B 30 24.08 21.28 -23.37
C PHE B 30 24.68 20.05 -24.05
N GLU B 31 24.88 18.96 -23.31
CA GLU B 31 25.57 17.80 -23.87
C GLU B 31 24.71 17.03 -24.87
N SER B 32 23.40 17.23 -24.86
CA SER B 32 22.52 16.53 -25.79
C SER B 32 22.21 17.32 -27.05
N HIS B 33 22.64 18.57 -27.13
CA HIS B 33 22.33 19.41 -28.27
C HIS B 33 23.21 19.03 -29.46
N ASP B 34 22.73 19.36 -30.66
CA ASP B 34 23.44 18.99 -31.87
C ASP B 34 24.72 19.80 -32.01
N ASP B 35 25.77 19.13 -32.50
CA ASP B 35 27.07 19.75 -32.74
C ASP B 35 27.61 20.43 -31.48
N ILE B 36 27.66 19.68 -30.39
CA ILE B 36 28.26 20.16 -29.15
C ILE B 36 29.67 19.61 -29.07
N THR B 37 30.59 20.43 -28.55
CA THR B 37 31.96 20.02 -28.31
C THR B 37 32.33 20.34 -26.87
N GLU B 38 33.48 19.83 -26.44
CA GLU B 38 33.94 20.09 -25.08
C GLU B 38 34.17 21.58 -24.86
N GLY B 39 34.66 22.28 -25.88
CA GLY B 39 34.84 23.72 -25.76
C GLY B 39 33.54 24.47 -25.59
N ARG B 40 32.58 24.21 -26.48
CA ARG B 40 31.27 24.86 -26.37
C ARG B 40 30.57 24.48 -25.08
N LEU B 41 30.80 23.27 -24.58
CA LEU B 41 30.18 22.86 -23.33
C LEU B 41 30.64 23.73 -22.16
N TYR B 42 31.96 23.77 -21.93
CA TYR B 42 32.49 24.58 -20.83
C TYR B 42 32.19 26.06 -21.01
N GLN B 43 32.13 26.54 -22.26
CA GLN B 43 31.91 27.96 -22.50
C GLN B 43 30.47 28.35 -22.20
N ASN B 44 29.50 27.52 -22.61
CA ASN B 44 28.10 27.81 -22.29
C ASN B 44 27.86 27.72 -20.79
N ILE B 45 28.53 26.78 -20.12
CA ILE B 45 28.45 26.68 -18.67
C ILE B 45 29.00 27.95 -18.02
N PHE B 46 30.15 28.43 -18.53
CA PHE B 46 30.77 29.63 -17.98
C PHE B 46 29.84 30.83 -18.07
N ALA B 47 29.26 31.04 -19.26
CA ALA B 47 28.35 32.18 -19.45
C ALA B 47 27.07 32.01 -18.64
N SER B 48 26.59 30.78 -18.47
CA SER B 48 25.41 30.56 -17.64
C SER B 48 25.68 30.91 -16.19
N HIS B 49 26.90 30.64 -15.72
CA HIS B 49 27.28 31.03 -14.37
C HIS B 49 27.21 32.54 -14.20
N PHE B 50 27.73 33.29 -15.17
CA PHE B 50 27.66 34.75 -15.11
C PHE B 50 26.22 35.24 -15.13
N GLY B 51 25.39 34.64 -15.96
CA GLY B 51 23.98 35.01 -15.98
C GLY B 51 23.29 34.75 -14.66
N GLN B 52 23.65 33.64 -14.01
CA GLN B 52 23.10 33.34 -12.68
C GLN B 52 23.53 34.39 -11.66
N LEU B 53 24.82 34.74 -11.65
CA LEU B 53 25.31 35.78 -10.75
C LEU B 53 24.57 37.09 -10.99
N ALA B 54 24.33 37.42 -12.27
CA ALA B 54 23.56 38.62 -12.58
C ALA B 54 22.14 38.52 -12.04
N ILE B 55 21.54 37.33 -12.12
CA ILE B 55 20.20 37.13 -11.55
C ILE B 55 20.21 37.38 -10.05
N ILE B 56 21.21 36.83 -9.36
CA ILE B 56 21.26 36.94 -7.91
C ILE B 56 21.45 38.40 -7.49
N PHE B 57 22.35 39.12 -8.15
CA PHE B 57 22.58 40.52 -7.81
C PHE B 57 21.35 41.36 -8.08
N LEU B 58 20.67 41.13 -9.21
CA LEU B 58 19.46 41.88 -9.51
C LEU B 58 18.36 41.59 -8.49
N TRP B 59 18.27 40.33 -8.05
CA TRP B 59 17.24 39.95 -7.10
C TRP B 59 17.45 40.63 -5.75
N THR B 60 18.68 40.60 -5.24
CA THR B 60 18.97 41.29 -3.99
C THR B 60 18.81 42.79 -4.13
N SER B 61 19.19 43.34 -5.29
CA SER B 61 19.02 44.76 -5.55
C SER B 61 17.55 45.16 -5.44
N GLY B 62 16.65 44.36 -6.01
CA GLY B 62 15.24 44.68 -5.93
C GLY B 62 14.71 44.61 -4.50
N ASN B 63 15.22 43.67 -3.71
CA ASN B 63 14.78 43.55 -2.32
C ASN B 63 15.12 44.82 -1.53
N LEU B 64 16.34 45.31 -1.69
CA LEU B 64 16.72 46.56 -1.04
C LEU B 64 15.83 47.71 -1.48
N PHE B 65 15.53 47.77 -2.77
CA PHE B 65 14.78 48.90 -3.31
C PHE B 65 13.40 49.02 -2.68
N HIS B 66 12.69 47.89 -2.54
CA HIS B 66 11.34 47.94 -2.00
C HIS B 66 11.34 48.20 -0.50
N VAL B 67 12.32 47.64 0.22
CA VAL B 67 12.43 47.91 1.65
C VAL B 67 12.70 49.40 1.88
N ALA B 68 13.49 50.01 1.00
CA ALA B 68 13.80 51.43 1.13
C ALA B 68 12.68 52.32 0.63
N TRP B 69 11.82 51.81 -0.25
CA TRP B 69 10.77 52.62 -0.87
C TRP B 69 9.45 52.52 -0.11
N GLN B 70 8.90 51.31 -0.01
CA GLN B 70 7.59 51.08 0.58
C GLN B 70 7.69 50.44 1.96
N GLY B 71 8.90 50.32 2.52
CA GLY B 71 9.14 49.55 3.71
C GLY B 71 9.09 50.35 4.99
N ASN B 72 9.61 49.74 6.06
CA ASN B 72 9.58 50.29 7.41
C ASN B 72 10.95 50.42 8.03
N PHE B 73 12.03 50.31 7.24
CA PHE B 73 13.36 50.12 7.82
C PHE B 73 13.75 51.25 8.75
N GLU B 74 13.50 52.50 8.34
CA GLU B 74 13.84 53.63 9.21
C GLU B 74 13.02 53.62 10.49
N ALA B 75 11.73 53.31 10.38
CA ALA B 75 10.89 53.22 11.58
C ALA B 75 11.17 51.97 12.37
N TRP B 76 11.61 50.89 11.70
CA TRP B 76 11.85 49.63 12.39
C TRP B 76 13.12 49.69 13.24
N VAL B 77 14.11 50.48 12.84
CA VAL B 77 15.33 50.62 13.63
C VAL B 77 15.03 51.20 15.00
N GLN B 78 14.04 52.09 15.09
CA GLN B 78 13.73 52.72 16.37
C GLN B 78 13.04 51.76 17.32
N ASP B 79 12.18 50.87 16.79
CA ASP B 79 11.44 49.90 17.59
C ASP B 79 11.62 48.52 16.95
N PRO B 80 12.74 47.86 17.22
CA PRO B 80 12.97 46.56 16.59
C PRO B 80 11.99 45.48 17.01
N LEU B 81 11.40 45.59 18.19
CA LEU B 81 10.50 44.56 18.72
C LEU B 81 9.05 45.00 18.74
N HIS B 82 8.72 46.13 18.12
CA HIS B 82 7.34 46.61 18.07
C HIS B 82 6.92 47.09 16.70
N VAL B 83 7.75 46.88 15.67
CA VAL B 83 7.45 47.29 14.31
C VAL B 83 7.45 46.05 13.43
N ARG B 84 6.36 45.82 12.72
CA ARG B 84 6.30 44.73 11.77
C ARG B 84 6.96 45.17 10.46
N PRO B 85 8.07 44.54 10.06
CA PRO B 85 8.74 44.97 8.82
C PRO B 85 7.86 44.76 7.61
N ILE B 86 8.06 45.60 6.61
CA ILE B 86 7.25 45.60 5.39
C ILE B 86 8.06 45.00 4.26
N ALA B 87 7.46 44.05 3.53
CA ALA B 87 8.10 43.49 2.34
C ALA B 87 8.03 44.48 1.18
N HIS B 88 6.81 44.78 0.75
CA HIS B 88 6.55 45.76 -0.32
C HIS B 88 5.12 46.25 -0.14
N ALA B 89 4.60 46.92 -1.16
CA ALA B 89 3.23 47.40 -1.15
C ALA B 89 2.37 46.53 -2.05
N ILE B 90 1.08 46.47 -1.73
CA ILE B 90 0.10 45.68 -2.47
C ILE B 90 -0.73 46.61 -3.33
N TRP B 91 -0.84 46.29 -4.62
CA TRP B 91 -1.70 47.04 -5.54
C TRP B 91 -2.43 46.01 -6.41
N ASP B 92 -3.53 45.51 -5.88
CA ASP B 92 -4.36 44.53 -6.59
C ASP B 92 -5.73 45.15 -6.85
N PRO B 93 -6.09 45.42 -8.11
CA PRO B 93 -7.40 46.03 -8.39
C PRO B 93 -8.58 45.11 -8.08
N HIS B 94 -8.34 43.85 -7.71
CA HIS B 94 -9.40 42.96 -7.31
C HIS B 94 -9.74 43.09 -5.83
N PHE B 95 -8.98 43.88 -5.08
CA PHE B 95 -9.24 44.07 -3.66
C PHE B 95 -10.58 44.78 -3.45
N GLY B 96 -11.38 44.25 -2.53
CA GLY B 96 -12.47 45.03 -2.01
C GLY B 96 -11.97 46.07 -1.01
N GLN B 97 -12.87 46.96 -0.61
CA GLN B 97 -12.50 47.94 0.41
C GLN B 97 -12.02 47.29 1.70
N PRO B 98 -12.71 46.27 2.26
CA PRO B 98 -12.17 45.65 3.48
C PRO B 98 -10.81 44.99 3.30
N ALA B 99 -10.53 44.44 2.11
CA ALA B 99 -9.21 43.88 1.86
C ALA B 99 -8.13 44.96 1.97
N VAL B 100 -8.42 46.17 1.50
CA VAL B 100 -7.49 47.28 1.68
C VAL B 100 -7.37 47.62 3.16
N GLU B 101 -8.48 47.54 3.89
CA GLU B 101 -8.47 47.89 5.32
C GLU B 101 -7.65 46.89 6.12
N ALA B 102 -7.90 45.59 5.91
CA ALA B 102 -7.27 44.57 6.74
C ALA B 102 -5.80 44.40 6.41
N PHE B 103 -5.38 44.71 5.18
CA PHE B 103 -4.00 44.54 4.78
C PHE B 103 -3.14 45.77 5.04
N THR B 104 -3.73 46.89 5.45
CA THR B 104 -2.97 48.08 5.82
C THR B 104 -2.48 47.90 7.25
N ARG B 105 -1.20 47.58 7.40
CA ARG B 105 -0.61 47.35 8.71
C ARG B 105 0.85 47.76 8.65
N GLY B 106 1.58 47.50 9.73
CA GLY B 106 2.98 47.89 9.82
C GLY B 106 3.24 49.38 9.81
N GLY B 107 2.18 50.20 9.84
CA GLY B 107 2.36 51.64 9.80
C GLY B 107 2.64 52.16 8.41
N ALA B 108 1.79 51.81 7.45
CA ALA B 108 1.93 52.24 6.07
C ALA B 108 0.64 52.93 5.62
N LEU B 109 0.71 53.54 4.43
CA LEU B 109 -0.44 54.25 3.88
C LEU B 109 -1.39 53.31 3.13
N GLY B 110 -0.85 52.32 2.42
CA GLY B 110 -1.68 51.38 1.70
C GLY B 110 -1.49 49.96 2.20
N PRO B 111 -2.16 49.01 1.56
CA PRO B 111 -1.98 47.60 1.93
C PRO B 111 -0.55 47.15 1.69
N VAL B 112 0.00 46.42 2.66
CA VAL B 112 1.38 45.95 2.60
C VAL B 112 1.45 44.52 3.12
N ASN B 113 2.46 43.80 2.66
CA ASN B 113 2.78 42.47 3.17
C ASN B 113 3.90 42.58 4.20
N ILE B 114 3.76 41.83 5.29
CA ILE B 114 4.74 41.85 6.35
C ILE B 114 5.88 40.91 5.99
N ALA B 115 7.08 41.47 5.82
CA ALA B 115 8.23 40.68 5.39
C ALA B 115 8.59 39.63 6.44
N TYR B 116 8.92 38.42 5.97
CA TYR B 116 9.24 37.31 6.85
C TYR B 116 10.53 36.61 6.40
N SER B 117 11.42 37.35 5.73
CA SER B 117 12.71 36.81 5.33
C SER B 117 13.85 37.19 6.27
N GLY B 118 13.64 38.19 7.13
CA GLY B 118 14.66 38.58 8.08
C GLY B 118 15.71 39.52 7.54
N VAL B 119 15.46 40.16 6.39
CA VAL B 119 16.45 41.09 5.85
C VAL B 119 16.50 42.38 6.65
N TYR B 120 15.44 42.73 7.37
CA TYR B 120 15.48 43.90 8.24
C TYR B 120 16.50 43.72 9.35
N GLN B 121 16.39 42.61 10.10
CA GLN B 121 17.35 42.34 11.17
C GLN B 121 18.75 42.16 10.62
N TRP B 122 18.88 41.51 9.46
CA TRP B 122 20.18 41.32 8.84
C TRP B 122 20.83 42.66 8.51
N TRP B 123 20.07 43.57 7.90
CA TRP B 123 20.64 44.84 7.48
C TRP B 123 20.90 45.78 8.65
N TYR B 124 20.08 45.70 9.70
CA TYR B 124 20.33 46.52 10.87
C TYR B 124 21.57 46.06 11.63
N THR B 125 21.82 44.75 11.64
CA THR B 125 22.95 44.21 12.38
C THR B 125 24.28 44.50 11.69
N ILE B 126 24.27 44.67 10.36
CA ILE B 126 25.51 44.88 9.61
C ILE B 126 25.85 46.35 9.46
N GLY B 127 25.00 47.27 9.91
CA GLY B 127 25.31 48.68 9.90
C GLY B 127 24.37 49.55 9.09
N LEU B 128 23.51 48.98 8.24
CA LEU B 128 22.56 49.78 7.49
C LEU B 128 21.53 50.38 8.44
N ARG B 129 21.30 51.68 8.32
CA ARG B 129 20.46 52.38 9.28
C ARG B 129 19.31 53.16 8.64
N THR B 130 19.54 53.76 7.47
CA THR B 130 18.54 54.58 6.81
C THR B 130 18.15 53.96 5.48
N ASN B 131 17.01 54.42 4.94
CA ASN B 131 16.60 53.99 3.60
C ASN B 131 17.62 54.39 2.55
N GLU B 132 18.35 55.48 2.78
CA GLU B 132 19.38 55.90 1.85
C GLU B 132 20.48 54.85 1.72
N ASP B 133 20.81 54.18 2.82
CA ASP B 133 21.81 53.12 2.76
C ASP B 133 21.32 51.96 1.90
N LEU B 134 20.03 51.65 1.98
CA LEU B 134 19.48 50.55 1.17
C LEU B 134 19.43 50.93 -0.30
N TYR B 135 19.14 52.19 -0.61
CA TYR B 135 19.19 52.64 -1.99
C TYR B 135 20.60 52.53 -2.56
N THR B 136 21.61 52.85 -1.74
CA THR B 136 22.99 52.75 -2.20
C THR B 136 23.37 51.31 -2.50
N GLY B 137 22.99 50.37 -1.63
CA GLY B 137 23.28 48.98 -1.89
C GLY B 137 22.55 48.43 -3.09
N ALA B 138 21.34 48.92 -3.35
CA ALA B 138 20.58 48.45 -4.50
C ALA B 138 21.22 48.90 -5.81
N ILE B 139 21.69 50.15 -5.86
CA ILE B 139 22.36 50.64 -7.05
C ILE B 139 23.65 49.87 -7.30
N PHE B 140 24.39 49.57 -6.22
CA PHE B 140 25.64 48.83 -6.37
C PHE B 140 25.38 47.43 -6.91
N LEU B 141 24.34 46.76 -6.42
CA LEU B 141 24.04 45.42 -6.90
C LEU B 141 23.41 45.45 -8.28
N LEU B 142 22.63 46.48 -8.60
CA LEU B 142 22.17 46.65 -9.97
C LEU B 142 23.33 46.86 -10.92
N PHE B 143 24.34 47.61 -10.48
CA PHE B 143 25.56 47.77 -11.27
C PHE B 143 26.37 46.49 -11.31
N LEU B 144 26.37 45.71 -10.22
CA LEU B 144 27.10 44.44 -10.22
C LEU B 144 26.43 43.43 -11.14
N SER B 145 25.10 43.39 -11.15
CA SER B 145 24.40 42.54 -12.11
C SER B 145 24.73 42.93 -13.54
N PHE B 146 24.96 44.22 -13.77
CA PHE B 146 25.32 44.69 -15.11
C PHE B 146 26.69 44.16 -15.53
N ILE B 147 27.69 44.25 -14.65
CA ILE B 147 29.02 43.77 -15.00
C ILE B 147 29.06 42.25 -15.05
N SER B 148 28.16 41.57 -14.34
CA SER B 148 28.07 40.12 -14.46
C SER B 148 27.64 39.72 -15.87
N LEU B 149 26.59 40.35 -16.38
CA LEU B 149 26.19 40.16 -17.78
C LEU B 149 27.31 40.58 -18.73
N LEU B 150 28.07 41.62 -18.36
CA LEU B 150 29.17 42.08 -19.21
C LEU B 150 30.24 41.01 -19.35
N ALA B 151 30.65 40.41 -18.22
CA ALA B 151 31.67 39.37 -18.26
C ALA B 151 31.15 38.11 -18.95
N GLY B 152 29.88 37.78 -18.74
CA GLY B 152 29.30 36.63 -19.41
C GLY B 152 29.33 36.78 -20.92
N TRP B 153 28.93 37.95 -21.41
CA TRP B 153 29.03 38.21 -22.84
C TRP B 153 30.48 38.25 -23.29
N LEU B 154 31.37 38.77 -22.44
CA LEU B 154 32.76 38.98 -22.84
C LEU B 154 33.44 37.67 -23.20
N HIS B 155 33.27 36.65 -22.35
CA HIS B 155 33.95 35.37 -22.55
C HIS B 155 33.22 34.45 -23.51
N LEU B 156 32.34 34.99 -24.37
CA LEU B 156 31.69 34.20 -25.40
C LEU B 156 32.19 34.53 -26.80
N GLN B 157 33.03 35.57 -26.97
CA GLN B 157 33.66 35.82 -28.25
C GLN B 157 35.05 35.20 -28.30
N PRO B 158 35.54 34.85 -29.49
CA PRO B 158 36.88 34.26 -29.60
C PRO B 158 37.95 35.15 -29.00
N LYS B 159 39.05 34.51 -28.60
CA LYS B 159 40.19 35.08 -27.88
C LYS B 159 39.85 35.49 -26.46
N TRP B 160 38.58 35.37 -26.04
CA TRP B 160 38.20 35.47 -24.65
C TRP B 160 37.62 34.17 -24.09
N LYS B 161 37.06 33.33 -24.94
CA LYS B 161 36.64 32.00 -24.48
C LYS B 161 37.87 31.17 -24.13
N PRO B 162 37.93 30.59 -22.94
CA PRO B 162 39.13 29.83 -22.55
C PRO B 162 39.09 28.41 -23.08
N SER B 163 40.28 27.82 -23.19
CA SER B 163 40.39 26.44 -23.59
C SER B 163 39.87 25.51 -22.49
N VAL B 164 39.50 24.29 -22.89
CA VAL B 164 39.08 23.29 -21.91
C VAL B 164 40.21 22.95 -20.95
N SER B 165 41.46 23.19 -21.37
CA SER B 165 42.59 22.99 -20.47
C SER B 165 42.59 24.00 -19.34
N TRP B 166 42.09 25.21 -19.60
CA TRP B 166 42.00 26.23 -18.55
C TRP B 166 40.94 25.86 -17.52
N PHE B 167 39.81 25.31 -17.96
CA PHE B 167 38.79 24.84 -17.03
C PHE B 167 39.28 23.64 -16.24
N LYS B 168 40.13 22.82 -16.85
CA LYS B 168 40.67 21.62 -16.19
C LYS B 168 41.89 21.92 -15.33
N ASN B 169 42.21 23.20 -15.13
CA ASN B 169 43.28 23.59 -14.21
C ASN B 169 42.68 23.63 -12.81
N ALA B 170 42.72 22.47 -12.14
CA ALA B 170 42.07 22.35 -10.84
C ALA B 170 42.94 22.91 -9.72
N GLU B 171 44.26 22.73 -9.82
CA GLU B 171 45.15 23.20 -8.77
C GLU B 171 45.06 24.72 -8.60
N SER B 172 45.15 25.45 -9.69
CA SER B 172 45.09 26.91 -9.62
C SER B 172 43.73 27.39 -9.12
N ARG B 173 42.66 26.70 -9.54
CA ARG B 173 41.32 27.12 -9.14
C ARG B 173 41.10 26.92 -7.65
N LEU B 174 41.59 25.81 -7.09
CA LEU B 174 41.44 25.57 -5.66
C LEU B 174 42.23 26.58 -4.84
N ASN B 175 43.47 26.89 -5.26
CA ASN B 175 44.29 27.85 -4.54
C ASN B 175 43.61 29.21 -4.47
N HIS B 176 43.03 29.67 -5.58
CA HIS B 176 42.42 30.98 -5.59
C HIS B 176 41.10 31.00 -4.83
N HIS B 177 40.30 29.94 -4.97
CA HIS B 177 39.04 29.88 -4.23
C HIS B 177 39.27 29.86 -2.73
N LEU B 178 40.24 29.06 -2.27
CA LEU B 178 40.55 29.01 -0.85
C LEU B 178 41.17 30.33 -0.38
N SER B 179 42.11 30.87 -1.15
CA SER B 179 42.79 32.10 -0.74
C SER B 179 41.88 33.31 -0.94
N GLY B 180 41.46 33.56 -2.17
CA GLY B 180 40.71 34.76 -2.50
C GLY B 180 39.21 34.65 -2.25
N LEU B 181 38.56 33.71 -2.91
CA LEU B 181 37.10 33.64 -2.85
C LEU B 181 36.61 33.34 -1.44
N PHE B 182 37.29 32.43 -0.74
CA PHE B 182 36.92 32.09 0.63
C PHE B 182 37.58 33.00 1.66
N GLY B 183 38.91 33.09 1.62
CA GLY B 183 39.62 33.78 2.67
C GLY B 183 39.56 35.29 2.59
N VAL B 184 39.92 35.83 1.42
CA VAL B 184 39.97 37.28 1.27
C VAL B 184 38.59 37.89 1.48
N SER B 185 37.54 37.21 1.02
CA SER B 185 36.19 37.70 1.23
C SER B 185 35.84 37.70 2.71
N SER B 186 36.18 36.64 3.43
CA SER B 186 35.94 36.60 4.87
C SER B 186 36.79 37.63 5.59
N LEU B 187 38.03 37.85 5.13
CA LEU B 187 38.89 38.87 5.72
C LEU B 187 38.30 40.25 5.54
N ALA B 188 37.81 40.55 4.32
CA ALA B 188 37.21 41.85 4.08
C ALA B 188 35.89 42.01 4.82
N TRP B 189 35.16 40.91 5.04
CA TRP B 189 33.93 41.00 5.82
C TRP B 189 34.24 41.32 7.28
N ALA B 190 35.28 40.69 7.83
CA ALA B 190 35.75 41.09 9.15
C ALA B 190 36.15 42.55 9.17
N GLY B 191 36.67 43.06 8.05
CA GLY B 191 36.97 44.47 7.96
C GLY B 191 35.73 45.34 8.00
N HIS B 192 34.67 44.92 7.32
CA HIS B 192 33.41 45.68 7.36
C HIS B 192 32.83 45.66 8.77
N LEU B 193 32.93 44.53 9.46
CA LEU B 193 32.36 44.44 10.80
C LEU B 193 33.09 45.36 11.78
N VAL B 194 34.42 45.38 11.73
CA VAL B 194 35.18 46.18 12.68
C VAL B 194 35.22 47.66 12.32
N HIS B 195 34.80 48.04 11.11
CA HIS B 195 34.78 49.44 10.70
C HIS B 195 33.40 50.07 10.75
N VAL B 196 32.37 49.34 10.32
CA VAL B 196 31.04 49.90 10.14
C VAL B 196 30.02 49.23 11.05
N ALA B 197 30.05 47.91 11.16
CA ALA B 197 29.01 47.20 11.90
C ALA B 197 29.19 47.38 13.40
N ILE B 198 30.39 47.12 13.92
CA ILE B 198 30.65 47.25 15.36
C ILE B 198 30.52 48.71 15.78
N PRO B 199 31.18 49.67 15.11
CA PRO B 199 30.91 51.08 15.48
C PRO B 199 29.47 51.49 15.23
N GLY B 200 28.83 50.98 14.19
CA GLY B 200 27.41 51.21 14.03
C GLY B 200 26.58 50.63 15.17
N SER B 201 27.05 49.52 15.75
CA SER B 201 26.41 48.93 16.91
C SER B 201 26.76 49.64 18.20
N ARG B 202 27.52 50.73 18.14
CA ARG B 202 27.85 51.52 19.32
C ARG B 202 27.47 52.99 19.16
N GLY B 203 26.63 53.32 18.17
CA GLY B 203 26.15 54.66 17.96
C GLY B 203 26.90 55.46 16.92
N GLU B 204 28.01 54.95 16.40
CA GLU B 204 28.83 55.67 15.44
C GLU B 204 28.42 55.26 14.03
N TYR B 205 27.86 56.21 13.28
CA TYR B 205 27.43 55.95 11.91
C TYR B 205 28.64 56.15 10.99
N VAL B 206 29.28 55.04 10.62
CA VAL B 206 30.45 55.06 9.74
C VAL B 206 29.98 54.77 8.32
N ARG B 207 30.23 55.70 7.40
CA ARG B 207 29.87 55.54 6.00
C ARG B 207 31.09 55.85 5.14
N TRP B 208 30.89 55.82 3.82
CA TRP B 208 32.01 56.07 2.90
C TRP B 208 32.53 57.50 3.01
N ASN B 209 31.75 58.42 3.56
CA ASN B 209 32.19 59.80 3.69
C ASN B 209 33.19 59.97 4.83
N ASN B 210 33.00 59.25 5.93
CA ASN B 210 33.79 59.48 7.13
C ASN B 210 34.52 58.23 7.63
N PHE B 211 34.58 57.16 6.83
CA PHE B 211 35.28 55.96 7.29
C PHE B 211 36.79 56.14 7.29
N LEU B 212 37.30 57.13 6.56
CA LEU B 212 38.74 57.40 6.55
C LEU B 212 39.19 58.18 7.77
N SER B 213 38.28 58.83 8.48
CA SER B 213 38.62 59.67 9.63
C SER B 213 38.50 58.94 10.96
N VAL B 214 37.53 58.05 11.10
CA VAL B 214 37.31 57.35 12.37
C VAL B 214 38.32 56.23 12.52
N LEU B 215 38.65 55.91 13.78
CA LEU B 215 39.49 54.78 14.13
C LEU B 215 38.62 53.63 14.63
N PRO B 216 38.75 52.43 14.07
CA PRO B 216 38.00 51.29 14.61
C PRO B 216 38.37 50.95 16.03
N HIS B 217 39.57 51.31 16.47
CA HIS B 217 40.06 51.08 17.82
C HIS B 217 40.89 52.29 18.22
N PRO B 218 40.86 52.69 19.50
CA PRO B 218 41.65 53.86 19.92
C PRO B 218 43.13 53.74 19.59
N GLN B 219 43.73 52.59 19.89
CA GLN B 219 45.13 52.33 19.56
C GLN B 219 45.20 51.40 18.35
N GLY B 220 44.78 51.93 17.20
CA GLY B 220 44.53 51.09 16.06
C GLY B 220 45.79 50.60 15.38
N LEU B 221 45.68 49.40 14.78
CA LEU B 221 46.70 48.80 13.91
C LEU B 221 47.99 48.43 14.64
N GLY B 222 48.52 49.35 15.45
CA GLY B 222 49.79 49.17 16.12
C GLY B 222 50.01 47.80 16.73
N PRO B 223 49.15 47.39 17.66
CA PRO B 223 49.33 46.08 18.30
C PRO B 223 49.27 44.90 17.35
N LEU B 224 48.63 45.05 16.19
CA LEU B 224 48.53 43.93 15.25
C LEU B 224 49.89 43.54 14.70
N PHE B 225 50.77 44.52 14.49
CA PHE B 225 52.11 44.27 13.98
C PHE B 225 53.12 43.99 15.09
N THR B 226 52.68 43.97 16.35
CA THR B 226 53.55 43.70 17.48
C THR B 226 53.38 42.29 18.02
N GLY B 227 52.16 41.76 18.00
CA GLY B 227 51.84 40.50 18.65
C GLY B 227 51.02 40.63 19.90
N GLN B 228 50.72 41.86 20.34
CA GLN B 228 49.88 42.10 21.50
C GLN B 228 48.43 42.31 21.06
N TRP B 229 47.92 41.32 20.31
CA TRP B 229 46.59 41.42 19.75
C TRP B 229 45.50 41.51 20.82
N ASN B 230 45.82 41.12 22.06
CA ASN B 230 44.81 41.09 23.11
C ASN B 230 44.27 42.48 23.44
N LEU B 231 44.97 43.54 23.05
CA LEU B 231 44.47 44.89 23.28
C LEU B 231 43.19 45.16 22.49
N TYR B 232 42.96 44.44 21.39
CA TYR B 232 41.73 44.58 20.64
C TYR B 232 40.55 43.90 21.33
N ALA B 233 40.76 43.22 22.45
CA ALA B 233 39.71 42.50 23.17
C ALA B 233 39.54 42.98 24.60
N GLN B 234 40.04 44.19 24.92
CA GLN B 234 40.12 44.59 26.31
C GLN B 234 38.79 45.09 26.86
N ASN B 235 38.09 45.95 26.11
CA ASN B 235 36.88 46.60 26.60
C ASN B 235 35.70 46.19 25.72
N PRO B 236 35.08 45.04 25.99
CA PRO B 236 33.84 44.68 25.27
C PRO B 236 32.67 45.51 25.73
N ASP B 237 31.48 45.26 25.16
CA ASP B 237 30.28 45.95 25.60
C ASP B 237 29.74 45.30 26.87
N SER B 238 29.16 46.13 27.73
CA SER B 238 28.56 45.63 28.96
C SER B 238 27.35 44.76 28.64
N SER B 239 27.05 43.84 29.56
CA SER B 239 25.85 43.02 29.41
C SER B 239 24.58 43.87 29.48
N ASN B 240 24.68 45.11 29.96
CA ASN B 240 23.58 46.06 29.96
C ASN B 240 23.86 47.13 28.92
N HIS B 241 23.76 46.74 27.65
CA HIS B 241 24.08 47.62 26.53
C HIS B 241 22.93 47.63 25.53
N LEU B 242 22.63 48.80 25.00
CA LEU B 242 21.59 48.97 23.99
C LEU B 242 22.24 49.10 22.62
N PHE B 243 21.66 48.43 21.63
CA PHE B 243 22.36 48.21 20.37
C PHE B 243 22.58 49.51 19.60
N SER B 244 21.53 50.29 19.38
CA SER B 244 21.67 51.51 18.59
C SER B 244 22.24 52.67 19.39
N THR B 245 22.55 52.48 20.67
CA THR B 245 23.03 53.56 21.51
C THR B 245 24.46 53.32 21.98
N SER B 246 24.89 54.05 23.01
CA SER B 246 26.25 53.95 23.50
C SER B 246 26.35 53.68 25.00
N GLN B 247 25.22 53.63 25.72
CA GLN B 247 25.26 53.30 27.14
C GLN B 247 25.62 51.83 27.30
N GLY B 248 26.79 51.57 27.89
CA GLY B 248 27.32 50.23 27.97
C GLY B 248 28.25 49.85 26.85
N ALA B 249 28.56 50.78 25.94
CA ALA B 249 29.42 50.47 24.81
C ALA B 249 30.87 50.37 25.25
N GLY B 250 31.65 49.57 24.53
CA GLY B 250 33.06 49.42 24.79
C GLY B 250 33.91 49.89 23.64
N THR B 251 35.11 49.31 23.48
CA THR B 251 35.99 49.64 22.37
C THR B 251 36.68 48.43 21.76
N ALA B 252 36.38 47.22 22.21
CA ALA B 252 37.00 46.04 21.63
C ALA B 252 36.42 45.74 20.25
N ILE B 253 37.24 45.14 19.39
CA ILE B 253 36.82 44.80 18.05
C ILE B 253 36.92 43.31 17.74
N LEU B 254 37.64 42.52 18.55
CA LEU B 254 37.82 41.10 18.31
C LEU B 254 37.78 40.38 19.65
N THR B 255 36.65 39.75 19.96
CA THR B 255 36.47 39.07 21.23
C THR B 255 36.03 37.63 21.01
N LEU B 256 36.01 36.87 22.11
CA LEU B 256 35.54 35.49 22.13
C LEU B 256 34.69 35.30 23.38
N LEU B 257 33.57 36.01 23.43
CA LEU B 257 32.71 35.97 24.61
C LEU B 257 31.96 34.63 24.70
N GLY B 258 31.34 34.22 23.60
CA GLY B 258 30.74 32.91 23.48
C GLY B 258 29.23 32.88 23.59
N GLY B 259 28.64 33.86 24.28
CA GLY B 259 27.21 33.91 24.49
C GLY B 259 26.49 34.79 23.49
N PHE B 260 25.37 35.34 23.91
CA PHE B 260 24.59 36.27 23.11
C PHE B 260 24.63 37.67 23.73
N HIS B 261 24.36 38.65 22.90
CA HIS B 261 24.09 40.00 23.39
C HIS B 261 22.76 39.96 24.14
N PRO B 262 22.74 40.29 25.44
CA PRO B 262 21.50 40.09 26.22
C PRO B 262 20.28 40.80 25.67
N GLN B 263 20.46 42.00 25.09
CA GLN B 263 19.31 42.74 24.59
C GLN B 263 18.81 42.19 23.27
N THR B 264 19.69 42.05 22.27
CA THR B 264 19.28 41.61 20.95
C THR B 264 19.12 40.10 20.86
N GLN B 265 19.66 39.34 21.82
CA GLN B 265 19.64 37.89 21.82
C GLN B 265 20.35 37.30 20.60
N SER B 266 21.26 38.05 20.00
CA SER B 266 22.05 37.59 18.87
C SER B 266 23.52 37.50 19.26
N LEU B 267 24.29 36.80 18.43
CA LEU B 267 25.70 36.59 18.70
C LEU B 267 26.44 37.92 18.82
N TRP B 268 27.52 37.92 19.58
CA TRP B 268 28.32 39.12 19.78
C TRP B 268 28.96 39.55 18.47
N LEU B 269 28.70 40.81 18.08
CA LEU B 269 29.22 41.32 16.82
C LEU B 269 30.74 41.28 16.79
N THR B 270 31.40 41.41 17.94
CA THR B 270 32.84 41.26 18.00
C THR B 270 33.24 39.80 17.79
N ASP B 271 32.45 38.87 18.32
CA ASP B 271 32.73 37.45 18.11
C ASP B 271 32.64 37.10 16.63
N MET B 272 31.67 37.67 15.92
CA MET B 272 31.50 37.36 14.50
C MET B 272 32.64 37.95 13.68
N ALA B 273 33.08 39.17 14.01
CA ALA B 273 34.20 39.77 13.31
C ALA B 273 35.47 38.98 13.53
N HIS B 274 35.73 38.57 14.77
CA HIS B 274 36.90 37.74 15.05
C HIS B 274 36.78 36.38 14.38
N HIS B 275 35.56 35.83 14.34
CA HIS B 275 35.34 34.54 13.68
C HIS B 275 35.74 34.60 12.22
N HIS B 276 35.19 35.55 11.47
CA HIS B 276 35.50 35.65 10.05
C HIS B 276 36.98 35.90 9.83
N LEU B 277 37.61 36.70 10.70
CA LEU B 277 39.04 36.95 10.56
C LEU B 277 39.85 35.69 10.79
N ALA B 278 39.46 34.87 11.78
CA ALA B 278 40.22 33.67 12.08
C ALA B 278 40.08 32.63 10.97
N ILE B 279 38.86 32.39 10.51
CA ILE B 279 38.66 31.41 9.45
C ILE B 279 39.23 31.92 8.14
N ALA B 280 39.25 33.25 7.94
CA ALA B 280 39.81 33.80 6.72
C ALA B 280 41.30 33.49 6.62
N ILE B 281 42.08 33.90 7.63
CA ILE B 281 43.51 33.66 7.60
C ILE B 281 43.81 32.16 7.62
N LEU B 282 42.89 31.35 8.14
CA LEU B 282 43.03 29.90 8.02
C LEU B 282 42.81 29.45 6.58
N PHE B 283 41.87 30.09 5.87
CA PHE B 283 41.70 29.81 4.45
C PHE B 283 42.87 30.35 3.63
N LEU B 284 43.45 31.48 4.05
CA LEU B 284 44.55 32.07 3.29
C LEU B 284 45.77 31.15 3.29
N ILE B 285 46.16 30.66 4.46
CA ILE B 285 47.29 29.74 4.53
C ILE B 285 46.96 28.44 3.81
N GLY B 286 45.72 27.95 3.96
CA GLY B 286 45.32 26.72 3.32
C GLY B 286 45.25 26.78 1.81
N GLY B 287 45.14 27.98 1.25
CA GLY B 287 45.08 28.18 -0.18
C GLY B 287 46.39 28.12 -0.91
N HIS B 288 47.46 27.68 -0.26
CA HIS B 288 48.78 27.55 -0.87
C HIS B 288 49.22 26.09 -0.97
N MET B 289 48.26 25.18 -1.11
CA MET B 289 48.57 23.76 -1.01
C MET B 289 49.03 23.17 -2.35
N TYR B 290 48.38 23.53 -3.44
CA TYR B 290 48.57 22.87 -4.71
C TYR B 290 49.52 23.67 -5.60
N ARG B 291 50.10 22.98 -6.59
CA ARG B 291 51.18 23.52 -7.39
C ARG B 291 50.66 24.32 -8.59
N THR B 292 51.32 25.45 -8.85
CA THR B 292 51.03 26.25 -10.03
C THR B 292 52.31 26.53 -10.83
N ASN B 293 52.63 27.80 -11.03
CA ASN B 293 53.73 28.20 -11.90
C ASN B 293 54.98 28.58 -11.13
N PHE B 294 55.18 28.04 -9.92
CA PHE B 294 56.28 28.48 -9.07
C PHE B 294 57.12 27.34 -8.51
N GLY B 295 56.93 26.11 -8.98
CA GLY B 295 57.78 25.01 -8.59
C GLY B 295 57.56 24.47 -7.19
N ILE B 296 56.50 24.90 -6.51
CA ILE B 296 56.13 24.35 -5.21
C ILE B 296 54.65 24.02 -5.23
N GLY B 297 54.26 23.05 -4.42
CA GLY B 297 52.88 22.64 -4.29
C GLY B 297 52.69 21.18 -4.63
N HIS B 298 51.44 20.75 -4.54
CA HIS B 298 51.06 19.35 -4.72
C HIS B 298 50.39 19.13 -6.07
N SER B 299 50.53 17.91 -6.58
CA SER B 299 49.75 17.43 -7.71
C SER B 299 48.64 16.56 -7.16
N ILE B 300 47.39 17.03 -7.29
CA ILE B 300 46.25 16.29 -6.78
C ILE B 300 46.19 14.90 -7.40
N LYS B 301 46.67 14.77 -8.64
CA LYS B 301 46.78 13.44 -9.24
C LYS B 301 47.68 12.54 -8.43
N TYR B 302 48.89 13.02 -8.09
CA TYR B 302 49.86 12.19 -7.39
C TYR B 302 49.39 11.86 -5.98
N ILE B 303 48.68 12.78 -5.31
CA ILE B 303 48.15 12.49 -3.99
C ILE B 303 47.13 11.36 -4.06
N LEU B 304 46.25 11.39 -5.06
CA LEU B 304 45.27 10.33 -5.23
C LEU B 304 45.93 9.01 -5.60
N GLU B 305 47.01 9.07 -6.39
CA GLU B 305 47.70 7.84 -6.78
C GLU B 305 48.43 7.19 -5.60
N ALA B 306 48.88 8.00 -4.64
CA ALA B 306 49.67 7.47 -3.53
C ALA B 306 48.83 6.85 -2.43
N HIS B 307 47.53 7.18 -2.36
CA HIS B 307 46.66 6.68 -1.30
C HIS B 307 46.08 5.34 -1.74
N ILE B 308 46.90 4.29 -1.63
CA ILE B 308 46.48 2.93 -1.88
C ILE B 308 46.93 2.03 -0.72
N PRO B 309 46.03 1.46 0.06
CA PRO B 309 46.44 0.61 1.18
C PRO B 309 47.06 -0.68 0.68
N PRO B 310 48.26 -1.03 1.14
CA PRO B 310 48.79 -2.36 0.85
C PRO B 310 47.90 -3.43 1.45
N GLY B 311 47.94 -4.61 0.85
CA GLY B 311 46.97 -5.65 1.14
C GLY B 311 45.75 -5.61 0.24
N GLY B 312 45.51 -4.50 -0.44
CA GLY B 312 44.50 -4.45 -1.48
C GLY B 312 43.07 -4.52 -1.02
N ARG B 313 42.79 -4.09 0.21
CA ARG B 313 41.40 -4.05 0.67
C ARG B 313 40.59 -2.99 -0.06
N LEU B 314 41.24 -1.98 -0.63
CA LEU B 314 40.61 -1.02 -1.51
C LEU B 314 41.07 -1.17 -2.95
N GLY B 315 41.71 -2.29 -3.28
CA GLY B 315 42.17 -2.55 -4.63
C GLY B 315 43.28 -1.63 -5.06
N ARG B 316 43.00 -0.80 -6.08
CA ARG B 316 43.95 0.18 -6.56
C ARG B 316 43.66 1.58 -6.01
N GLY B 317 42.92 1.65 -4.90
CA GLY B 317 42.71 2.90 -4.18
C GLY B 317 42.00 3.97 -4.99
N HIS B 318 42.70 5.10 -5.20
CA HIS B 318 42.12 6.26 -5.86
C HIS B 318 42.80 6.55 -7.19
N LYS B 319 43.52 5.58 -7.75
CA LYS B 319 44.20 5.78 -9.02
C LYS B 319 43.20 6.06 -10.13
N GLY B 320 43.46 7.11 -10.91
CA GLY B 320 42.59 7.51 -11.98
C GLY B 320 41.41 8.38 -11.57
N LEU B 321 41.21 8.60 -10.27
CA LEU B 321 40.10 9.44 -9.83
C LEU B 321 40.29 10.89 -10.23
N TYR B 322 41.53 11.34 -10.41
CA TYR B 322 41.78 12.72 -10.77
C TYR B 322 41.15 13.04 -12.12
N ASP B 323 41.55 12.31 -13.17
CA ASP B 323 40.96 12.53 -14.49
C ASP B 323 39.49 12.13 -14.52
N THR B 324 39.08 11.20 -13.67
CA THR B 324 37.68 10.79 -13.64
C THR B 324 36.76 11.94 -13.25
N ILE B 325 37.20 12.76 -12.30
CA ILE B 325 36.41 13.90 -11.84
C ILE B 325 36.70 15.14 -12.68
N ASN B 326 37.96 15.33 -13.09
CA ASN B 326 38.33 16.54 -13.82
C ASN B 326 37.77 16.54 -15.25
N ASN B 327 37.36 15.38 -15.77
CA ASN B 327 36.76 15.29 -17.09
C ASN B 327 35.23 15.21 -17.05
N SER B 328 34.65 14.93 -15.89
CA SER B 328 33.21 14.77 -15.75
C SER B 328 32.66 15.95 -14.96
N ILE B 329 31.90 16.81 -15.64
CA ILE B 329 31.28 17.94 -14.95
C ILE B 329 30.11 17.47 -14.09
N HIS B 330 29.57 16.28 -14.37
CA HIS B 330 28.49 15.76 -13.52
C HIS B 330 29.03 15.26 -12.19
N PHE B 331 30.23 14.69 -12.18
CA PHE B 331 30.88 14.32 -10.93
C PHE B 331 31.11 15.56 -10.07
N GLN B 332 31.65 16.62 -10.66
CA GLN B 332 31.94 17.84 -9.92
C GLN B 332 30.66 18.47 -9.37
N LEU B 333 29.59 18.46 -10.17
CA LEU B 333 28.33 19.02 -9.69
C LEU B 333 27.70 18.15 -8.62
N GLY B 334 27.92 16.83 -8.68
CA GLY B 334 27.43 15.97 -7.62
C GLY B 334 28.10 16.26 -6.29
N LEU B 335 29.43 16.39 -6.30
CA LEU B 335 30.15 16.75 -5.09
C LEU B 335 29.75 18.15 -4.61
N ALA B 336 29.58 19.09 -5.53
CA ALA B 336 29.18 20.44 -5.16
C ALA B 336 27.81 20.45 -4.50
N LEU B 337 26.85 19.75 -5.10
CA LEU B 337 25.50 19.72 -4.54
C LEU B 337 25.46 18.96 -3.22
N ALA B 338 26.26 17.90 -3.10
CA ALA B 338 26.30 17.15 -1.84
C ALA B 338 26.82 18.02 -0.70
N SER B 339 27.96 18.68 -0.93
CA SER B 339 28.53 19.54 0.10
C SER B 339 27.64 20.75 0.38
N LEU B 340 27.02 21.30 -0.66
CA LEU B 340 26.16 22.47 -0.47
C LEU B 340 24.91 22.10 0.30
N GLY B 341 24.31 20.94 0.01
CA GLY B 341 23.14 20.52 0.75
C GLY B 341 23.42 20.25 2.21
N VAL B 342 24.62 19.75 2.51
CA VAL B 342 25.00 19.52 3.90
C VAL B 342 25.16 20.83 4.66
N ILE B 343 25.90 21.78 4.09
CA ILE B 343 26.09 23.05 4.76
C ILE B 343 24.83 23.91 4.72
N THR B 344 23.91 23.65 3.78
CA THR B 344 22.64 24.34 3.80
C THR B 344 21.81 23.89 5.00
N SER B 345 21.77 22.59 5.26
CA SER B 345 21.13 22.10 6.48
C SER B 345 21.89 22.54 7.72
N LEU B 346 23.22 22.67 7.61
CA LEU B 346 24.01 23.21 8.72
C LEU B 346 23.60 24.64 9.04
N VAL B 347 23.40 25.46 8.01
CA VAL B 347 22.93 26.82 8.22
C VAL B 347 21.56 26.81 8.90
N ALA B 348 20.67 25.92 8.47
CA ALA B 348 19.34 25.86 9.07
C ALA B 348 19.42 25.53 10.56
N GLN B 349 20.21 24.52 10.91
CA GLN B 349 20.30 24.10 12.31
C GLN B 349 20.99 25.12 13.20
N HIS B 350 21.82 26.00 12.63
CA HIS B 350 22.58 26.96 13.42
C HIS B 350 21.92 28.33 13.52
N MET B 351 21.13 28.72 12.52
CA MET B 351 20.52 30.05 12.56
C MET B 351 19.39 30.13 13.58
N TYR B 352 18.73 29.01 13.86
CA TYR B 352 17.68 29.02 14.87
C TYR B 352 18.25 28.87 16.27
N SER B 353 19.34 28.13 16.42
CA SER B 353 19.94 27.91 17.72
C SER B 353 20.95 28.99 18.09
N LEU B 354 21.65 29.55 17.10
CA LEU B 354 22.64 30.61 17.32
C LEU B 354 22.30 31.79 16.42
N PRO B 355 21.23 32.53 16.74
CA PRO B 355 20.88 33.70 15.93
C PRO B 355 22.01 34.71 15.93
N ALA B 356 22.37 35.18 14.74
CA ALA B 356 23.46 36.13 14.58
C ALA B 356 23.00 37.53 14.20
N TYR B 357 21.72 37.72 13.91
CA TYR B 357 21.19 39.01 13.51
C TYR B 357 20.34 39.57 14.64
N ALA B 358 20.53 40.85 14.93
CA ALA B 358 19.91 41.47 16.10
C ALA B 358 18.39 41.48 15.98
N PHE B 359 17.72 41.12 17.08
CA PHE B 359 16.26 41.16 17.19
C PHE B 359 15.58 40.26 16.16
N ILE B 360 16.23 39.15 15.81
CA ILE B 360 15.62 38.18 14.90
C ILE B 360 15.08 36.97 15.66
N ALA B 361 15.55 36.72 16.89
CA ALA B 361 15.08 35.58 17.65
C ALA B 361 13.67 35.78 18.16
N GLN B 362 13.25 37.05 18.35
CA GLN B 362 11.90 37.33 18.81
C GLN B 362 10.89 37.35 17.67
N ASP B 363 11.35 37.54 16.43
CA ASP B 363 10.49 37.46 15.25
C ASP B 363 10.31 35.98 14.93
N PHE B 364 9.33 35.37 15.62
CA PHE B 364 9.17 33.92 15.54
C PHE B 364 8.74 33.47 14.16
N THR B 365 7.87 34.25 13.51
CA THR B 365 7.47 33.92 12.14
C THR B 365 8.68 33.86 11.22
N THR B 366 9.62 34.80 11.41
CA THR B 366 10.81 34.83 10.56
C THR B 366 11.69 33.60 10.80
N GLN B 367 11.88 33.23 12.07
CA GLN B 367 12.72 32.06 12.37
C GLN B 367 12.12 30.79 11.79
N ALA B 368 10.81 30.62 11.91
CA ALA B 368 10.16 29.43 11.36
C ALA B 368 10.23 29.42 9.84
N ALA B 369 10.00 30.57 9.21
CA ALA B 369 10.05 30.64 7.75
C ALA B 369 11.45 30.37 7.23
N LEU B 370 12.47 30.92 7.89
CA LEU B 370 13.85 30.73 7.42
C LEU B 370 14.28 29.28 7.55
N TYR B 371 14.00 28.64 8.69
CA TYR B 371 14.40 27.25 8.86
C TYR B 371 13.71 26.33 7.87
N THR B 372 12.39 26.52 7.69
CA THR B 372 11.67 25.71 6.71
C THR B 372 12.20 25.92 5.31
N HIS B 373 12.47 27.18 4.94
CA HIS B 373 12.98 27.49 3.61
C HIS B 373 14.26 26.73 3.32
N HIS B 374 15.25 26.85 4.20
CA HIS B 374 16.56 26.24 3.94
C HIS B 374 16.52 24.72 3.99
N GLN B 375 15.64 24.14 4.81
CA GLN B 375 15.60 22.70 4.90
C GLN B 375 15.01 22.07 3.65
N TYR B 376 13.96 22.68 3.08
CA TYR B 376 13.45 22.21 1.81
C TYR B 376 14.44 22.47 0.68
N ILE B 377 15.10 23.64 0.70
CA ILE B 377 16.16 23.91 -0.27
C ILE B 377 17.23 22.83 -0.20
N ALA B 378 17.67 22.50 1.01
CA ALA B 378 18.71 21.48 1.18
C ALA B 378 18.22 20.11 0.75
N GLY B 379 16.93 19.81 1.00
CA GLY B 379 16.39 18.53 0.58
C GLY B 379 16.41 18.37 -0.93
N PHE B 380 16.03 19.43 -1.66
CA PHE B 380 16.11 19.37 -3.12
C PHE B 380 17.55 19.26 -3.59
N ILE B 381 18.46 20.00 -2.96
CA ILE B 381 19.87 19.96 -3.37
C ILE B 381 20.45 18.57 -3.17
N MET B 382 20.04 17.88 -2.10
CA MET B 382 20.55 16.53 -1.87
C MET B 382 20.02 15.55 -2.91
N THR B 383 18.75 15.68 -3.29
CA THR B 383 18.22 14.83 -4.36
C THR B 383 18.95 15.10 -5.67
N GLY B 384 19.31 16.35 -5.93
CA GLY B 384 20.04 16.67 -7.14
C GLY B 384 21.47 16.17 -7.12
N ALA B 385 22.09 16.14 -5.93
CA ALA B 385 23.45 15.61 -5.82
C ALA B 385 23.49 14.15 -6.26
N PHE B 386 22.54 13.35 -5.77
CA PHE B 386 22.51 11.94 -6.16
C PHE B 386 22.01 11.75 -7.58
N ALA B 387 21.14 12.65 -8.07
CA ALA B 387 20.71 12.58 -9.45
C ALA B 387 21.90 12.71 -10.40
N HIS B 388 22.72 13.75 -10.19
CA HIS B 388 23.89 13.95 -11.03
C HIS B 388 24.98 12.92 -10.79
N GLY B 389 24.96 12.24 -9.63
CA GLY B 389 25.85 11.10 -9.45
C GLY B 389 25.48 9.96 -10.38
N ALA B 390 24.18 9.71 -10.56
CA ALA B 390 23.74 8.70 -11.50
C ALA B 390 24.01 9.14 -12.94
N ILE B 391 23.81 10.42 -13.24
CA ILE B 391 24.08 10.94 -14.58
C ILE B 391 25.55 10.80 -14.92
N PHE B 392 26.44 10.95 -13.93
CA PHE B 392 27.86 10.72 -14.17
C PHE B 392 28.14 9.28 -14.54
N PHE B 393 27.53 8.33 -13.82
CA PHE B 393 27.77 6.91 -14.08
C PHE B 393 27.36 6.52 -15.49
N ILE B 394 26.31 7.16 -16.03
CA ILE B 394 25.83 6.82 -17.36
C ILE B 394 26.63 7.55 -18.44
N ARG B 395 26.81 8.86 -18.29
CA ARG B 395 27.36 9.67 -19.37
C ARG B 395 28.89 9.76 -19.38
N ASP B 396 29.54 9.66 -18.22
CA ASP B 396 30.96 9.95 -18.13
C ASP B 396 31.83 8.84 -17.57
N TYR B 397 31.25 7.84 -16.91
CA TYR B 397 32.06 6.83 -16.23
C TYR B 397 32.71 5.88 -17.24
N ASN B 398 34.04 5.83 -17.23
CA ASN B 398 34.79 4.89 -18.06
C ASN B 398 35.27 3.75 -17.19
N PRO B 399 34.75 2.52 -17.37
CA PRO B 399 35.10 1.44 -16.44
C PRO B 399 36.56 1.02 -16.50
N GLU B 400 37.21 1.15 -17.66
CA GLU B 400 38.58 0.68 -17.79
C GLU B 400 39.57 1.65 -17.13
N GLN B 401 39.31 2.95 -17.24
CA GLN B 401 40.16 3.96 -16.60
C GLN B 401 39.94 4.04 -15.10
N ASN B 402 38.90 3.39 -14.58
CA ASN B 402 38.65 3.29 -13.14
C ASN B 402 38.75 1.84 -12.67
N ALA B 403 39.63 1.07 -13.29
CA ALA B 403 39.70 -0.37 -13.05
C ALA B 403 40.16 -0.66 -11.63
N ASP B 404 39.29 -1.31 -10.85
CA ASP B 404 39.63 -1.84 -9.53
C ASP B 404 40.05 -0.74 -8.55
N ASN B 405 39.53 0.48 -8.73
CA ASN B 405 39.69 1.50 -7.72
C ASN B 405 38.44 1.51 -6.84
N VAL B 406 38.34 2.50 -5.95
CA VAL B 406 37.21 2.53 -5.03
C VAL B 406 35.91 2.79 -5.78
N LEU B 407 35.96 3.55 -6.89
CA LEU B 407 34.74 3.90 -7.60
C LEU B 407 34.12 2.67 -8.27
N ALA B 408 34.94 1.88 -8.96
CA ALA B 408 34.43 0.66 -9.60
C ALA B 408 34.02 -0.37 -8.57
N ARG B 409 34.66 -0.38 -7.40
CA ARG B 409 34.31 -1.34 -6.37
C ARG B 409 32.94 -1.05 -5.78
N MET B 410 32.50 0.21 -5.81
CA MET B 410 31.13 0.52 -5.41
C MET B 410 30.13 -0.24 -6.29
N LEU B 411 30.39 -0.26 -7.60
CA LEU B 411 29.54 -1.04 -8.50
C LEU B 411 29.72 -2.54 -8.27
N GLU B 412 30.93 -2.96 -7.88
CA GLU B 412 31.23 -4.39 -7.77
C GLU B 412 30.39 -5.07 -6.70
N HIS B 413 30.07 -4.36 -5.61
CA HIS B 413 29.21 -4.93 -4.58
C HIS B 413 27.98 -4.03 -4.38
N LYS B 414 27.33 -3.68 -5.48
CA LYS B 414 26.13 -2.83 -5.40
C LYS B 414 25.02 -3.51 -4.60
N GLU B 415 24.95 -4.85 -4.65
CA GLU B 415 23.88 -5.55 -3.94
C GLU B 415 24.05 -5.44 -2.43
N ALA B 416 25.30 -5.44 -1.95
CA ALA B 416 25.54 -5.31 -0.52
C ALA B 416 25.10 -3.94 -0.02
N ILE B 417 25.46 -2.88 -0.75
CA ILE B 417 25.11 -1.53 -0.34
C ILE B 417 23.60 -1.33 -0.33
N ILE B 418 22.93 -1.82 -1.38
CA ILE B 418 21.49 -1.59 -1.51
C ILE B 418 20.71 -2.43 -0.51
N SER B 419 21.15 -3.66 -0.27
CA SER B 419 20.42 -4.53 0.65
C SER B 419 20.49 -4.03 2.09
N HIS B 420 21.66 -3.53 2.51
CA HIS B 420 21.80 -3.06 3.88
C HIS B 420 21.08 -1.73 4.09
N LEU B 421 21.12 -0.84 3.09
CA LEU B 421 20.27 0.35 3.13
C LEU B 421 18.81 -0.04 3.25
N SER B 422 18.41 -1.14 2.60
CA SER B 422 17.05 -1.62 2.72
C SER B 422 16.77 -2.17 4.11
N TRP B 423 17.73 -2.89 4.69
CA TRP B 423 17.53 -3.42 6.04
C TRP B 423 17.38 -2.32 7.06
N ALA B 424 18.23 -1.29 6.97
CA ALA B 424 18.16 -0.19 7.93
C ALA B 424 16.84 0.57 7.79
N SER B 425 16.37 0.77 6.55
CA SER B 425 15.09 1.42 6.37
C SER B 425 13.94 0.56 6.88
N LEU B 426 14.03 -0.75 6.68
CA LEU B 426 13.01 -1.66 7.21
C LEU B 426 13.02 -1.66 8.74
N PHE B 427 14.22 -1.77 9.33
CA PHE B 427 14.33 -1.76 10.78
C PHE B 427 13.73 -0.48 11.37
N LEU B 428 14.21 0.67 10.90
CA LEU B 428 13.69 1.94 11.40
C LEU B 428 12.20 2.08 11.16
N GLY B 429 11.73 1.71 9.97
CA GLY B 429 10.32 1.86 9.66
C GLY B 429 9.43 0.97 10.50
N PHE B 430 9.79 -0.31 10.60
CA PHE B 430 9.00 -1.26 11.38
C PHE B 430 8.84 -0.78 12.81
N HIS B 431 9.95 -0.45 13.47
CA HIS B 431 9.92 -0.18 14.90
C HIS B 431 9.37 1.20 15.21
N THR B 432 9.81 2.22 14.47
CA THR B 432 9.32 3.58 14.73
C THR B 432 7.80 3.65 14.55
N LEU B 433 7.29 3.07 13.46
CA LEU B 433 5.84 3.00 13.29
C LEU B 433 5.20 2.19 14.41
N GLY B 434 5.76 1.02 14.71
CA GLY B 434 5.18 0.16 15.73
C GLY B 434 5.04 0.86 17.07
N LEU B 435 6.09 1.56 17.51
CA LEU B 435 6.03 2.27 18.79
C LEU B 435 4.96 3.36 18.75
N TYR B 436 4.88 4.08 17.64
CA TYR B 436 3.85 5.12 17.52
C TYR B 436 2.45 4.52 17.59
N VAL B 437 2.23 3.38 16.92
CA VAL B 437 0.92 2.75 16.96
C VAL B 437 0.61 2.21 18.35
N HIS B 438 1.61 1.63 19.01
CA HIS B 438 1.42 1.13 20.37
C HIS B 438 0.95 2.25 21.29
N ASN B 439 1.63 3.40 21.25
CA ASN B 439 1.24 4.53 22.09
C ASN B 439 -0.13 5.07 21.68
N ASP B 440 -0.46 5.01 20.38
CA ASP B 440 -1.78 5.44 19.95
C ASP B 440 -2.87 4.55 20.52
N VAL B 441 -2.65 3.24 20.52
CA VAL B 441 -3.65 2.31 21.07
C VAL B 441 -3.76 2.48 22.58
N MET B 442 -2.65 2.70 23.26
CA MET B 442 -2.68 2.92 24.71
C MET B 442 -3.54 4.12 25.06
N LEU B 443 -3.31 5.24 24.39
CA LEU B 443 -4.09 6.45 24.67
C LEU B 443 -5.52 6.35 24.16
N ALA B 444 -5.78 5.49 23.17
CA ALA B 444 -7.16 5.22 22.79
C ALA B 444 -7.91 4.52 23.93
N PHE B 445 -7.30 3.49 24.49
CA PHE B 445 -7.89 2.75 25.62
C PHE B 445 -7.74 3.49 26.95
N GLY B 446 -7.27 4.73 26.92
CA GLY B 446 -7.21 5.54 28.13
C GLY B 446 -6.18 5.08 29.15
N THR B 447 -5.10 4.44 28.70
CA THR B 447 -4.05 3.95 29.59
C THR B 447 -2.72 4.55 29.15
N PRO B 448 -2.49 5.83 29.42
CA PRO B 448 -1.21 6.45 29.01
C PRO B 448 0.00 5.80 29.65
N GLU B 449 -0.16 5.20 30.83
CA GLU B 449 0.97 4.63 31.54
C GLU B 449 1.57 3.41 30.84
N LYS B 450 0.92 2.88 29.82
CA LYS B 450 1.42 1.71 29.11
C LYS B 450 2.16 2.07 27.82
N GLN B 451 2.40 3.35 27.57
CA GLN B 451 3.19 3.76 26.41
C GLN B 451 4.63 3.25 26.54
N ILE B 452 5.32 3.22 25.41
CA ILE B 452 6.74 2.93 25.38
C ILE B 452 7.47 4.23 25.09
N LEU B 453 7.89 4.91 26.14
CA LEU B 453 8.57 6.21 26.05
C LEU B 453 10.04 5.98 26.38
N ILE B 454 10.87 5.87 25.36
CA ILE B 454 12.30 5.68 25.53
C ILE B 454 12.97 7.04 25.67
N GLU B 455 13.87 7.14 26.64
CA GLU B 455 14.54 8.41 26.89
C GLU B 455 15.69 8.60 25.91
N PRO B 456 15.74 9.71 25.16
CA PRO B 456 16.86 9.96 24.25
C PRO B 456 18.14 10.24 25.02
N ILE B 457 18.61 9.26 25.78
CA ILE B 457 19.63 9.49 26.79
C ILE B 457 21.01 9.74 26.17
N PHE B 458 21.24 9.32 24.93
CA PHE B 458 22.54 9.55 24.31
C PHE B 458 22.71 11.02 23.91
N ALA B 459 21.66 11.62 23.35
CA ALA B 459 21.72 13.05 23.02
C ALA B 459 21.60 13.90 24.27
N GLN B 460 20.84 13.45 25.27
CA GLN B 460 20.85 14.13 26.57
C GLN B 460 22.24 14.11 27.18
N TRP B 461 22.95 13.00 27.05
CA TRP B 461 24.32 12.91 27.55
C TRP B 461 25.23 13.87 26.79
N ILE B 462 24.97 14.09 25.50
CA ILE B 462 25.75 15.05 24.73
C ILE B 462 25.44 16.48 25.17
N GLN B 463 24.16 16.78 25.41
CA GLN B 463 23.79 18.11 25.88
C GLN B 463 24.41 18.40 27.24
N SER B 464 24.42 17.40 28.13
CA SER B 464 25.14 17.56 29.39
C SER B 464 26.63 17.73 29.15
N ALA B 465 27.17 17.05 28.13
CA ALA B 465 28.58 17.20 27.78
C ALA B 465 28.89 18.63 27.33
N HIS B 466 27.90 19.35 26.83
CA HIS B 466 28.06 20.76 26.46
C HIS B 466 27.81 21.71 27.62
N GLY B 467 27.52 21.18 28.80
CA GLY B 467 27.31 22.01 29.98
C GLY B 467 25.86 22.25 30.36
N LYS B 468 24.91 21.50 29.81
CA LYS B 468 23.52 21.65 30.19
C LYS B 468 23.24 20.85 31.45
N THR B 469 22.47 21.45 32.36
CA THR B 469 22.23 20.88 33.69
C THR B 469 20.93 20.11 33.80
N SER B 470 20.02 20.24 32.83
CA SER B 470 18.67 19.72 32.98
C SER B 470 18.64 18.20 33.20
N TYR B 471 19.68 17.48 32.77
CA TYR B 471 19.72 16.04 32.94
C TYR B 471 20.70 15.58 34.00
N GLY B 472 21.68 16.43 34.37
CA GLY B 472 22.59 16.14 35.46
C GLY B 472 23.36 14.85 35.32
N PHE B 473 24.05 14.68 34.19
CA PHE B 473 24.87 13.49 34.00
C PHE B 473 26.31 13.69 34.45
N ASP B 474 26.69 14.91 34.80
CA ASP B 474 27.97 15.20 35.46
C ASP B 474 29.15 14.75 34.61
N VAL B 475 29.17 15.18 33.35
CA VAL B 475 30.31 14.96 32.46
C VAL B 475 30.99 16.29 32.21
N LEU B 476 31.93 16.32 31.28
CA LEU B 476 32.71 17.53 31.03
C LEU B 476 31.79 18.71 30.70
N LEU B 477 32.25 19.91 31.09
CA LEU B 477 31.48 21.16 31.04
C LEU B 477 30.33 21.15 32.04
N SER B 478 29.81 19.97 32.35
CA SER B 478 28.80 19.81 33.41
C SER B 478 29.39 19.27 34.69
N SER B 479 30.69 18.94 34.71
CA SER B 479 31.39 18.48 35.90
C SER B 479 32.56 19.40 36.18
N THR B 480 32.73 19.75 37.46
CA THR B 480 33.70 20.77 37.85
C THR B 480 35.14 20.32 37.71
N ASN B 481 35.42 19.03 37.54
CA ASN B 481 36.78 18.53 37.56
C ASN B 481 37.36 18.24 36.18
N SER B 482 36.53 18.18 35.14
CA SER B 482 37.04 17.79 33.83
C SER B 482 37.91 18.90 33.25
N PRO B 483 39.06 18.55 32.66
CA PRO B 483 39.94 19.59 32.08
C PRO B 483 39.31 20.34 30.93
N ALA B 484 38.31 19.76 30.26
CA ALA B 484 37.60 20.51 29.23
C ALA B 484 36.90 21.74 29.80
N LEU B 485 36.50 21.68 31.07
CA LEU B 485 35.87 22.82 31.71
C LEU B 485 36.91 23.83 32.19
N ASN B 486 38.01 23.36 32.78
CA ASN B 486 39.00 24.27 33.33
C ASN B 486 39.72 25.06 32.24
N ALA B 487 39.96 24.44 31.09
CA ALA B 487 40.72 25.10 30.03
C ALA B 487 39.94 26.22 29.38
N GLY B 488 38.62 26.26 29.52
CA GLY B 488 37.82 27.24 28.82
C GLY B 488 37.12 28.25 29.70
N ARG B 489 37.26 28.14 31.02
CA ARG B 489 36.59 29.09 31.91
C ARG B 489 37.05 30.52 31.67
N SER B 490 38.27 30.70 31.18
CA SER B 490 38.80 32.04 30.96
C SER B 490 38.15 32.72 29.75
N ILE B 491 37.69 31.93 28.77
CA ILE B 491 37.31 32.48 27.48
C ILE B 491 35.82 32.31 27.22
N TRP B 492 35.46 31.35 26.37
CA TRP B 492 34.10 31.27 25.86
C TRP B 492 33.12 30.63 26.84
N LEU B 493 33.60 29.83 27.79
CA LEU B 493 32.69 29.08 28.65
C LEU B 493 31.74 29.94 29.48
N PRO B 494 32.15 31.10 30.04
CA PRO B 494 31.16 31.95 30.75
C PRO B 494 29.94 32.29 29.91
N GLY B 495 30.16 32.90 28.75
CA GLY B 495 29.04 33.24 27.88
C GLY B 495 28.33 32.03 27.30
N TRP B 496 29.10 30.98 27.00
CA TRP B 496 28.50 29.76 26.44
C TRP B 496 27.61 29.07 27.45
N LEU B 497 28.13 28.83 28.66
CA LEU B 497 27.32 28.20 29.69
C LEU B 497 26.16 29.07 30.13
N ASN B 498 26.32 30.40 30.04
CA ASN B 498 25.22 31.30 30.36
C ASN B 498 24.08 31.18 29.35
N ALA B 499 24.41 30.92 28.08
CA ALA B 499 23.40 30.86 27.03
C ALA B 499 22.75 29.47 26.94
N ILE B 500 23.53 28.41 27.12
CA ILE B 500 22.99 27.06 26.94
C ILE B 500 21.94 26.75 28.00
N ASN B 501 22.09 27.30 29.20
CA ASN B 501 21.16 27.02 30.30
C ASN B 501 20.09 28.10 30.45
N GLU B 502 20.01 29.04 29.51
CA GLU B 502 18.90 29.98 29.48
C GLU B 502 17.69 29.30 28.87
N ASN B 503 16.56 29.33 29.57
CA ASN B 503 15.38 28.58 29.19
C ASN B 503 14.51 29.31 28.16
N SER B 504 14.97 30.43 27.61
CA SER B 504 14.24 31.17 26.60
C SER B 504 14.69 30.84 25.19
N ASN B 505 16.00 30.82 24.95
CA ASN B 505 16.51 30.58 23.61
C ASN B 505 16.36 29.10 23.24
N SER B 506 16.82 28.77 22.03
CA SER B 506 16.75 27.42 21.51
C SER B 506 18.13 26.82 21.30
N LEU B 507 19.11 27.24 22.10
CA LEU B 507 20.45 26.65 22.07
C LEU B 507 20.40 25.34 22.83
N PHE B 508 20.36 24.22 22.09
CA PHE B 508 20.21 22.90 22.67
C PHE B 508 18.96 22.81 23.54
N LEU B 509 17.81 22.72 22.88
CA LEU B 509 16.53 22.62 23.58
C LEU B 509 16.44 21.32 24.36
N THR B 510 15.61 21.33 25.40
CA THR B 510 15.40 20.14 26.20
C THR B 510 14.63 19.10 25.39
N ILE B 511 15.11 17.86 25.40
CA ILE B 511 14.55 16.80 24.59
C ILE B 511 13.99 15.70 25.49
N GLY B 512 12.92 15.07 25.01
CA GLY B 512 12.28 13.99 25.73
C GLY B 512 11.96 12.83 24.81
N PRO B 513 11.16 11.88 25.30
CA PRO B 513 10.85 10.69 24.48
C PRO B 513 10.17 11.01 23.17
N GLY B 514 9.37 12.08 23.12
CA GLY B 514 8.80 12.50 21.85
C GLY B 514 9.87 12.84 20.83
N ASP B 515 10.93 13.52 21.27
CA ASP B 515 12.03 13.84 20.37
C ASP B 515 12.78 12.59 19.93
N PHE B 516 12.79 11.55 20.76
CA PHE B 516 13.42 10.29 20.39
C PHE B 516 12.68 9.62 19.23
N LEU B 517 11.35 9.65 19.27
CA LEU B 517 10.57 9.01 18.21
C LEU B 517 10.67 9.78 16.90
N VAL B 518 10.65 11.12 16.97
CA VAL B 518 10.70 11.92 15.75
C VAL B 518 12.06 11.79 15.08
N HIS B 519 13.13 11.73 15.87
CA HIS B 519 14.46 11.61 15.29
C HIS B 519 14.64 10.26 14.60
N HIS B 520 13.94 9.23 15.03
CA HIS B 520 14.01 7.94 14.35
C HIS B 520 13.16 7.94 13.09
N ALA B 521 12.06 8.70 13.07
CA ALA B 521 11.37 8.95 11.81
C ALA B 521 12.27 9.71 10.85
N ILE B 522 13.07 10.64 11.38
CA ILE B 522 14.04 11.34 10.54
C ILE B 522 15.06 10.35 9.97
N ALA B 523 15.55 9.44 10.82
CA ALA B 523 16.47 8.42 10.34
C ALA B 523 15.83 7.54 9.28
N LEU B 524 14.55 7.22 9.46
CA LEU B 524 13.83 6.46 8.43
C LEU B 524 13.76 7.25 7.13
N GLY B 525 13.46 8.55 7.22
CA GLY B 525 13.36 9.36 6.01
C GLY B 525 14.70 9.51 5.31
N LEU B 526 15.77 9.75 6.07
CA LEU B 526 17.09 9.86 5.46
C LEU B 526 17.53 8.53 4.85
N HIS B 527 17.32 7.43 5.56
CA HIS B 527 17.77 6.14 5.07
C HIS B 527 17.02 5.71 3.83
N THR B 528 15.70 5.89 3.81
CA THR B 528 14.93 5.46 2.65
C THR B 528 15.18 6.35 1.44
N THR B 529 15.26 7.67 1.65
CA THR B 529 15.58 8.56 0.54
C THR B 529 16.98 8.28 0.01
N THR B 530 17.93 7.98 0.90
CA THR B 530 19.25 7.54 0.45
C THR B 530 19.17 6.22 -0.30
N LEU B 531 18.35 5.30 0.20
CA LEU B 531 18.20 4.00 -0.45
C LEU B 531 17.71 4.14 -1.89
N ILE B 532 16.70 4.98 -2.09
CA ILE B 532 16.14 5.16 -3.43
C ILE B 532 17.18 5.74 -4.37
N LEU B 533 17.87 6.80 -3.94
CA LEU B 533 18.83 7.48 -4.80
C LEU B 533 20.05 6.61 -5.08
N VAL B 534 20.49 5.83 -4.08
CA VAL B 534 21.69 5.02 -4.27
C VAL B 534 21.38 3.81 -5.16
N LYS B 535 20.24 3.16 -4.94
CA LYS B 535 19.85 2.04 -5.80
C LYS B 535 19.70 2.49 -7.24
N GLY B 536 19.18 3.70 -7.45
CA GLY B 536 19.05 4.21 -8.81
C GLY B 536 20.39 4.58 -9.41
N ALA B 537 21.30 5.12 -8.60
CA ALA B 537 22.60 5.55 -9.12
C ALA B 537 23.49 4.35 -9.42
N LEU B 538 23.39 3.28 -8.63
CA LEU B 538 24.21 2.11 -8.86
C LEU B 538 23.64 1.20 -9.95
N ASP B 539 22.31 1.10 -10.04
CA ASP B 539 21.67 0.33 -11.09
C ASP B 539 21.39 1.17 -12.34
N ALA B 540 22.05 2.32 -12.48
CA ALA B 540 21.79 3.19 -13.62
C ALA B 540 22.43 2.66 -14.90
N ARG B 541 23.59 2.02 -14.80
CA ARG B 541 24.25 1.48 -15.98
C ARG B 541 23.72 0.10 -16.36
N GLY B 542 23.04 -0.59 -15.45
CA GLY B 542 22.52 -1.90 -15.76
C GLY B 542 21.98 -2.66 -14.56
N SER B 543 21.13 -3.64 -14.83
CA SER B 543 20.56 -4.50 -13.81
C SER B 543 20.35 -5.87 -14.40
N LYS B 544 20.00 -6.83 -13.53
CA LYS B 544 19.64 -8.15 -14.03
C LYS B 544 18.42 -8.09 -14.95
N LEU B 545 17.53 -7.13 -14.70
CA LEU B 545 16.33 -6.97 -15.52
C LEU B 545 16.66 -6.28 -16.85
N MET B 546 17.53 -5.28 -16.84
CA MET B 546 17.93 -4.58 -18.05
C MET B 546 19.44 -4.38 -18.02
N PRO B 547 20.20 -5.37 -18.51
CA PRO B 547 21.67 -5.30 -18.41
C PRO B 547 22.32 -4.27 -19.30
N ASP B 548 21.57 -3.58 -20.16
CA ASP B 548 22.13 -2.58 -21.06
C ASP B 548 21.42 -1.24 -20.89
N LYS B 549 21.12 -0.89 -19.63
CA LYS B 549 20.40 0.35 -19.36
C LYS B 549 21.23 1.57 -19.75
N LYS B 550 22.57 1.47 -19.68
CA LYS B 550 23.41 2.61 -20.02
C LYS B 550 23.24 3.04 -21.47
N ASP B 551 22.84 2.12 -22.35
CA ASP B 551 22.62 2.46 -23.74
C ASP B 551 21.35 3.28 -23.95
N PHE B 552 20.39 3.19 -23.04
CA PHE B 552 19.13 3.90 -23.17
C PHE B 552 19.15 5.29 -22.53
N GLY B 553 20.26 5.69 -21.92
CA GLY B 553 20.37 7.01 -21.34
C GLY B 553 19.91 7.07 -19.90
N TYR B 554 19.76 8.30 -19.42
CA TYR B 554 19.34 8.56 -18.05
C TYR B 554 17.82 8.58 -17.91
N SER B 555 17.13 9.28 -18.80
CA SER B 555 15.69 9.45 -18.71
C SER B 555 15.03 8.85 -19.95
N PHE B 556 14.32 7.74 -19.74
CA PHE B 556 13.50 7.12 -20.78
C PHE B 556 12.23 6.60 -20.11
N PRO B 557 11.15 6.44 -20.88
CA PRO B 557 9.88 5.99 -20.27
C PRO B 557 9.99 4.65 -19.58
N CYS B 558 10.34 3.61 -20.34
CA CYS B 558 10.48 2.26 -19.79
C CYS B 558 11.20 1.36 -20.78
N ASP B 559 11.03 0.05 -20.64
CA ASP B 559 11.55 -0.91 -21.60
C ASP B 559 10.46 -1.81 -22.17
N GLY B 560 9.19 -1.46 -21.98
CA GLY B 560 8.10 -2.23 -22.51
C GLY B 560 7.46 -3.11 -21.46
N PRO B 561 6.32 -3.73 -21.82
CA PRO B 561 5.68 -4.68 -20.90
C PRO B 561 6.33 -6.05 -20.87
N GLY B 562 7.34 -6.29 -21.69
CA GLY B 562 7.99 -7.59 -21.72
C GLY B 562 8.83 -7.84 -20.48
N ARG B 563 9.23 -9.11 -20.33
CA ARG B 563 10.04 -9.58 -19.21
C ARG B 563 9.37 -9.28 -17.87
N GLY B 564 8.03 -9.21 -17.85
CA GLY B 564 7.26 -9.00 -16.65
C GLY B 564 6.75 -7.59 -16.47
N GLY B 565 7.39 -6.60 -17.09
CA GLY B 565 7.02 -5.19 -16.91
C GLY B 565 8.20 -4.43 -16.33
N THR B 566 8.49 -3.29 -16.93
CA THR B 566 9.67 -2.50 -16.58
C THR B 566 9.33 -1.04 -16.37
N CYS B 567 8.22 -0.77 -15.68
CA CYS B 567 7.82 0.60 -15.43
C CYS B 567 8.72 1.24 -14.37
N ASP B 568 9.07 2.51 -14.59
CA ASP B 568 9.87 3.28 -13.64
C ASP B 568 11.19 2.59 -13.33
N ILE B 569 11.90 2.20 -14.39
CA ILE B 569 13.13 1.42 -14.26
C ILE B 569 14.38 2.25 -14.50
N SER B 570 14.24 3.48 -15.00
CA SER B 570 15.40 4.32 -15.24
C SER B 570 15.85 4.99 -13.94
N ALA B 571 17.06 5.56 -13.99
CA ALA B 571 17.57 6.28 -12.83
C ALA B 571 16.85 7.61 -12.63
N TRP B 572 16.35 8.21 -13.72
CA TRP B 572 15.51 9.39 -13.58
C TRP B 572 14.27 9.08 -12.77
N ASP B 573 13.67 7.90 -12.98
CA ASP B 573 12.52 7.50 -12.19
C ASP B 573 12.91 7.27 -10.73
N ALA B 574 14.14 6.82 -10.48
CA ALA B 574 14.61 6.69 -9.11
C ALA B 574 14.66 8.05 -8.42
N PHE B 575 15.20 9.06 -9.11
CA PHE B 575 15.12 10.42 -8.60
C PHE B 575 13.68 10.84 -8.36
N TYR B 576 12.81 10.55 -9.34
CA TYR B 576 11.42 10.97 -9.24
C TYR B 576 10.72 10.33 -8.05
N LEU B 577 11.08 9.08 -7.74
CA LEU B 577 10.51 8.44 -6.55
C LEU B 577 11.11 9.00 -5.27
N ALA B 578 12.39 9.39 -5.30
CA ALA B 578 13.06 9.87 -4.10
C ALA B 578 12.60 11.26 -3.69
N VAL B 579 12.08 12.06 -4.62
CA VAL B 579 11.62 13.40 -4.26
C VAL B 579 10.40 13.34 -3.38
N PHE B 580 9.52 12.35 -3.59
CA PHE B 580 8.41 12.15 -2.66
C PHE B 580 8.92 11.86 -1.25
N TRP B 581 9.95 11.01 -1.15
CA TRP B 581 10.52 10.71 0.16
C TRP B 581 11.29 11.90 0.73
N MET B 582 11.90 12.70 -0.13
CA MET B 582 12.55 13.93 0.35
C MET B 582 11.52 14.87 0.95
N LEU B 583 10.42 15.12 0.22
CA LEU B 583 9.37 15.98 0.75
C LEU B 583 8.79 15.42 2.03
N ASN B 584 8.61 14.09 2.09
CA ASN B 584 8.11 13.48 3.32
C ASN B 584 9.11 13.64 4.46
N THR B 585 10.40 13.46 4.18
CA THR B 585 11.42 13.61 5.22
C THR B 585 11.48 15.04 5.74
N ILE B 586 11.59 16.00 4.82
CA ILE B 586 11.62 17.41 5.24
C ILE B 586 10.31 17.80 5.89
N GLY B 587 9.20 17.19 5.48
CA GLY B 587 7.94 17.42 6.16
C GLY B 587 8.01 17.00 7.62
N TRP B 588 8.55 15.81 7.88
CA TRP B 588 8.73 15.37 9.26
C TRP B 588 9.68 16.30 10.02
N VAL B 589 10.77 16.70 9.37
CA VAL B 589 11.73 17.58 10.03
C VAL B 589 11.06 18.89 10.42
N THR B 590 10.26 19.47 9.52
CA THR B 590 9.74 20.80 9.77
C THR B 590 8.50 20.77 10.66
N PHE B 591 7.65 19.75 10.52
CA PHE B 591 6.59 19.54 11.49
C PHE B 591 7.16 19.48 12.91
N TYR B 592 8.26 18.75 13.06
CA TYR B 592 8.96 18.65 14.33
C TYR B 592 9.41 20.03 14.82
N TRP B 593 10.18 20.75 13.98
CA TRP B 593 10.74 22.03 14.40
C TRP B 593 9.65 23.03 14.73
N HIS B 594 8.61 23.12 13.90
CA HIS B 594 7.60 24.16 14.10
C HIS B 594 6.77 23.90 15.35
N TRP B 595 6.43 22.64 15.61
CA TRP B 595 5.60 22.35 16.78
C TRP B 595 6.35 22.60 18.08
N LYS B 596 7.62 22.18 18.14
CA LYS B 596 8.41 22.40 19.35
C LYS B 596 8.57 23.88 19.65
N HIS B 597 8.78 24.68 18.60
CA HIS B 597 8.97 26.12 18.80
C HIS B 597 7.64 26.82 19.06
N ILE B 598 6.57 26.43 18.36
CA ILE B 598 5.29 27.10 18.56
C ILE B 598 4.70 26.78 19.93
N THR B 599 5.10 25.66 20.54
CA THR B 599 4.75 25.42 21.93
C THR B 599 5.70 26.11 22.89
N LEU B 600 6.97 26.21 22.50
CA LEU B 600 7.94 26.95 23.31
C LEU B 600 7.59 28.43 23.36
N TRP B 601 7.30 29.03 22.21
CA TRP B 601 6.95 30.44 22.16
C TRP B 601 5.65 30.73 22.92
N GLN B 602 4.76 29.75 23.02
CA GLN B 602 3.55 29.89 23.81
C GLN B 602 3.77 29.55 25.28
N GLY B 603 4.98 29.14 25.66
CA GLY B 603 5.25 28.78 27.04
C GLY B 603 4.55 27.51 27.49
N ASN B 604 4.26 26.60 26.57
CA ASN B 604 3.52 25.37 26.87
C ASN B 604 4.27 24.17 26.27
N VAL B 605 5.49 23.94 26.76
CA VAL B 605 6.29 22.83 26.26
C VAL B 605 5.77 21.49 26.74
N SER B 606 4.90 21.48 27.76
CA SER B 606 4.36 20.23 28.25
C SER B 606 3.41 19.59 27.24
N GLN B 607 2.67 20.41 26.48
CA GLN B 607 1.77 19.87 25.47
C GLN B 607 2.54 19.11 24.39
N PHE B 608 3.70 19.63 24.01
CA PHE B 608 4.53 18.92 23.04
C PHE B 608 5.15 17.66 23.65
N ASN B 609 5.67 17.77 24.87
CA ASN B 609 6.31 16.63 25.51
C ASN B 609 5.33 15.50 25.80
N GLU B 610 4.04 15.79 25.92
CA GLU B 610 3.04 14.77 26.21
C GLU B 610 2.25 14.33 24.98
N SER B 611 2.20 15.14 23.92
CA SER B 611 1.42 14.79 22.74
C SER B 611 2.25 14.36 21.54
N SER B 612 3.54 14.66 21.52
CA SER B 612 4.38 14.22 20.41
C SER B 612 4.74 12.74 20.48
N THR B 613 4.31 12.03 21.52
CA THR B 613 4.59 10.61 21.66
C THR B 613 3.53 9.73 21.00
N TYR B 614 2.53 10.32 20.36
CA TYR B 614 1.52 9.54 19.65
C TYR B 614 0.95 10.39 18.52
N LEU B 615 0.68 9.73 17.39
CA LEU B 615 0.42 10.45 16.16
C LEU B 615 -0.92 11.17 16.16
N MET B 616 -1.90 10.67 16.93
CA MET B 616 -3.15 11.41 17.07
C MET B 616 -2.90 12.78 17.70
N GLY B 617 -1.87 12.90 18.54
CA GLY B 617 -1.49 14.20 19.06
C GLY B 617 -0.95 15.13 17.99
N TRP B 618 -0.23 14.59 17.02
CA TRP B 618 0.27 15.41 15.92
C TRP B 618 -0.87 15.91 15.05
N LEU B 619 -1.87 15.06 14.79
CA LEU B 619 -2.99 15.47 13.95
C LEU B 619 -3.87 16.49 14.67
N ARG B 620 -4.12 16.28 15.97
CA ARG B 620 -5.07 17.09 16.72
C ARG B 620 -4.43 18.35 17.30
N ASP B 621 -3.34 18.20 18.05
CA ASP B 621 -2.76 19.30 18.80
C ASP B 621 -1.74 20.10 18.01
N TYR B 622 -1.54 19.80 16.73
CA TYR B 622 -0.60 20.57 15.92
C TYR B 622 -1.27 21.11 14.65
N LEU B 623 -1.69 20.23 13.74
CA LEU B 623 -2.30 20.69 12.49
C LEU B 623 -3.69 21.27 12.73
N TRP B 624 -4.57 20.49 13.37
CA TRP B 624 -5.95 20.91 13.55
C TRP B 624 -6.05 22.17 14.42
N LEU B 625 -5.29 22.22 15.51
CA LEU B 625 -5.42 23.32 16.46
C LEU B 625 -4.89 24.62 15.90
N ASN B 626 -3.72 24.58 15.26
CA ASN B 626 -3.09 25.80 14.74
C ASN B 626 -3.71 26.28 13.44
N SER B 627 -4.56 25.49 12.80
CA SER B 627 -5.22 25.92 11.57
C SER B 627 -6.42 26.84 11.81
N SER B 628 -6.71 27.17 13.07
CA SER B 628 -7.94 27.90 13.39
C SER B 628 -7.95 29.28 12.74
N GLN B 629 -7.01 30.14 13.15
CA GLN B 629 -6.96 31.49 12.59
C GLN B 629 -6.71 31.48 11.09
N LEU B 630 -5.98 30.48 10.60
CA LEU B 630 -5.71 30.37 9.17
C LEU B 630 -7.01 30.17 8.39
N ILE B 631 -7.74 29.09 8.68
CA ILE B 631 -8.95 28.78 7.92
C ILE B 631 -10.03 29.83 8.15
N ASN B 632 -9.94 30.60 9.23
CA ASN B 632 -10.81 31.75 9.43
C ASN B 632 -10.22 33.03 8.86
N GLY B 633 -9.25 32.91 7.95
CA GLY B 633 -8.76 34.08 7.24
C GLY B 633 -9.87 34.80 6.48
N TYR B 634 -10.82 34.03 5.94
CA TYR B 634 -12.05 34.60 5.39
C TYR B 634 -13.17 33.60 5.64
N ASN B 635 -14.23 34.09 6.27
CA ASN B 635 -15.41 33.30 6.64
C ASN B 635 -16.64 34.02 6.12
N PRO B 636 -17.82 33.39 6.23
CA PRO B 636 -19.05 34.08 5.81
C PRO B 636 -19.30 35.42 6.49
N PHE B 637 -18.52 35.78 7.51
CA PHE B 637 -18.73 37.02 8.24
C PHE B 637 -17.70 38.09 7.95
N GLY B 638 -16.74 37.85 7.04
CA GLY B 638 -15.75 38.84 6.71
C GLY B 638 -14.39 38.19 6.50
N MET B 639 -13.33 38.97 6.69
CA MET B 639 -11.97 38.46 6.53
C MET B 639 -11.00 39.39 7.26
N ASN B 640 -9.75 38.93 7.40
CA ASN B 640 -8.67 39.73 7.95
C ASN B 640 -7.45 39.53 7.07
N SER B 641 -6.29 39.97 7.56
CA SER B 641 -5.06 39.89 6.79
C SER B 641 -4.56 38.46 6.60
N LEU B 642 -5.15 37.49 7.30
CA LEU B 642 -4.78 36.09 7.13
C LEU B 642 -5.49 35.42 5.97
N SER B 643 -6.36 36.14 5.25
CA SER B 643 -7.11 35.53 4.15
C SER B 643 -6.20 35.14 3.00
N VAL B 644 -5.13 35.91 2.75
CA VAL B 644 -4.20 35.59 1.68
C VAL B 644 -3.53 34.23 1.92
N TRP B 645 -3.45 33.80 3.17
CA TRP B 645 -2.90 32.48 3.46
C TRP B 645 -3.98 31.41 3.40
N ALA B 646 -5.19 31.71 3.88
CA ALA B 646 -6.30 30.77 3.73
C ALA B 646 -6.55 30.45 2.26
N TRP B 647 -6.35 31.42 1.38
CA TRP B 647 -6.49 31.18 -0.05
C TRP B 647 -5.32 30.35 -0.56
N MET B 648 -4.09 30.78 -0.29
CA MET B 648 -2.91 30.01 -0.70
C MET B 648 -2.91 28.62 -0.08
N PHE B 649 -3.45 28.50 1.14
CA PHE B 649 -3.58 27.18 1.78
C PHE B 649 -4.38 26.24 0.89
N LEU B 650 -5.57 26.67 0.46
CA LEU B 650 -6.37 25.85 -0.45
C LEU B 650 -5.72 25.75 -1.82
N PHE B 651 -5.08 26.83 -2.28
CA PHE B 651 -4.35 26.78 -3.55
C PHE B 651 -3.32 25.67 -3.55
N GLY B 652 -2.58 25.52 -2.45
CA GLY B 652 -1.63 24.43 -2.36
C GLY B 652 -2.27 23.07 -2.33
N HIS B 653 -3.46 22.97 -1.73
CA HIS B 653 -4.18 21.70 -1.75
C HIS B 653 -4.64 21.34 -3.16
N LEU B 654 -4.91 22.33 -4.00
CA LEU B 654 -5.38 22.06 -5.36
C LEU B 654 -4.24 21.58 -6.25
N VAL B 655 -3.15 22.36 -6.31
CA VAL B 655 -2.01 21.99 -7.13
C VAL B 655 -1.52 20.59 -6.78
N TRP B 656 -1.42 20.30 -5.48
CA TRP B 656 -0.96 19.00 -5.02
C TRP B 656 -1.87 17.88 -5.50
N ALA B 657 -3.18 18.06 -5.36
CA ALA B 657 -4.12 17.03 -5.80
C ALA B 657 -4.18 16.95 -7.32
N THR B 658 -3.93 18.07 -8.01
CA THR B 658 -3.87 18.02 -9.48
C THR B 658 -2.72 17.14 -9.94
N GLY B 659 -1.61 17.14 -9.20
CA GLY B 659 -0.48 16.29 -9.56
C GLY B 659 -0.81 14.81 -9.47
N PHE B 660 -1.76 14.44 -8.60
CA PHE B 660 -2.18 13.05 -8.52
C PHE B 660 -2.72 12.55 -9.86
N MET B 661 -3.40 13.43 -10.60
CA MET B 661 -3.93 13.05 -11.90
C MET B 661 -2.81 12.64 -12.85
N PHE B 662 -1.72 13.41 -12.88
CA PHE B 662 -0.59 13.08 -13.73
C PHE B 662 0.18 11.86 -13.22
N LEU B 663 0.07 11.55 -11.93
CA LEU B 663 0.83 10.46 -11.33
C LEU B 663 0.05 9.16 -11.25
N ILE B 664 -1.27 9.22 -11.18
CA ILE B 664 -2.11 8.02 -11.09
C ILE B 664 -2.55 7.61 -12.49
N SER B 665 -3.26 8.50 -13.17
CA SER B 665 -3.66 8.26 -14.55
C SER B 665 -2.45 8.36 -15.46
N TRP B 666 -2.35 7.46 -16.43
CA TRP B 666 -1.21 7.41 -17.34
C TRP B 666 -1.67 7.70 -18.78
N ARG B 667 -0.73 7.58 -19.73
CA ARG B 667 -0.84 8.32 -20.99
C ARG B 667 -1.92 7.77 -21.90
N GLY B 668 -1.90 6.46 -22.19
CA GLY B 668 -2.72 5.92 -23.26
C GLY B 668 -4.18 6.31 -23.19
N TYR B 669 -4.72 6.46 -21.99
CA TYR B 669 -6.09 6.94 -21.82
C TYR B 669 -6.26 8.31 -22.46
N TRP B 670 -5.31 9.22 -22.21
CA TRP B 670 -5.44 10.59 -22.69
C TRP B 670 -5.12 10.71 -24.18
N GLN B 671 -4.33 9.80 -24.73
CA GLN B 671 -4.06 9.83 -26.16
C GLN B 671 -5.31 9.49 -26.96
N GLU B 672 -6.00 8.40 -26.58
CA GLU B 672 -7.25 8.05 -27.25
C GLU B 672 -8.30 9.14 -27.05
N LEU B 673 -8.29 9.81 -25.91
CA LEU B 673 -9.24 10.90 -25.67
C LEU B 673 -8.93 12.07 -26.60
N ILE B 674 -7.66 12.39 -26.80
CA ILE B 674 -7.29 13.49 -27.69
C ILE B 674 -7.63 13.14 -29.14
N GLU B 675 -7.54 11.86 -29.51
CA GLU B 675 -7.96 11.46 -30.84
C GLU B 675 -9.44 11.73 -31.06
N THR B 676 -10.28 11.40 -30.08
CA THR B 676 -11.70 11.70 -30.18
C THR B 676 -11.98 13.20 -30.18
N LEU B 677 -11.06 14.01 -29.66
CA LEU B 677 -11.22 15.45 -29.71
C LEU B 677 -10.75 16.03 -31.04
N ALA B 678 -9.73 15.43 -31.66
CA ALA B 678 -9.29 15.88 -32.97
C ALA B 678 -10.37 15.63 -34.02
N TRP B 679 -11.04 14.48 -33.96
CA TRP B 679 -12.17 14.24 -34.85
C TRP B 679 -13.27 15.28 -34.62
N ALA B 680 -13.53 15.63 -33.36
CA ALA B 680 -14.60 16.58 -33.06
C ALA B 680 -14.32 17.92 -33.70
N HIS B 681 -13.06 18.37 -33.68
CA HIS B 681 -12.73 19.69 -34.22
C HIS B 681 -12.81 19.70 -35.74
N GLU B 682 -12.34 18.63 -36.39
CA GLU B 682 -12.37 18.59 -37.85
C GLU B 682 -13.78 18.51 -38.41
N ARG B 683 -14.74 18.02 -37.63
CA ARG B 683 -16.11 17.84 -38.09
C ARG B 683 -17.06 18.91 -37.57
N THR B 684 -16.54 19.92 -36.86
CA THR B 684 -17.38 21.00 -36.36
C THR B 684 -17.32 22.16 -37.32
N PRO B 685 -18.46 22.65 -37.83
CA PRO B 685 -18.43 23.80 -38.74
C PRO B 685 -17.90 25.05 -38.04
N LEU B 686 -17.56 26.03 -38.87
CA LEU B 686 -17.02 27.32 -38.42
C LEU B 686 -15.65 27.16 -37.77
N ALA B 687 -15.55 26.29 -36.75
CA ALA B 687 -14.27 26.11 -36.07
C ALA B 687 -13.25 25.39 -36.94
N ASN B 688 -13.70 24.53 -37.85
CA ASN B 688 -12.77 23.81 -38.72
C ASN B 688 -12.05 24.74 -39.69
N LEU B 689 -12.43 26.02 -39.76
CA LEU B 689 -11.66 27.01 -40.48
C LEU B 689 -10.35 27.33 -39.77
N ILE B 690 -10.20 26.92 -38.52
CA ILE B 690 -9.00 27.12 -37.72
C ILE B 690 -8.27 25.78 -37.65
N ARG B 691 -7.03 25.75 -38.14
CA ARG B 691 -6.25 24.52 -38.18
C ARG B 691 -5.07 24.63 -37.23
N TRP B 692 -4.87 23.59 -36.43
CA TRP B 692 -3.70 23.54 -35.56
C TRP B 692 -2.45 23.23 -36.38
N ARG B 693 -1.36 23.91 -36.06
CA ARG B 693 -0.09 23.71 -36.73
C ARG B 693 0.83 22.75 -36.00
N ASP B 694 0.39 22.23 -34.85
CA ASP B 694 1.09 21.17 -34.14
C ASP B 694 0.08 20.13 -33.72
N LYS B 695 0.36 18.87 -34.01
CA LYS B 695 -0.62 17.81 -33.79
C LYS B 695 -0.82 17.57 -32.30
N PRO B 696 -2.06 17.59 -31.81
CA PRO B 696 -2.31 17.37 -30.38
C PRO B 696 -2.04 15.92 -30.00
N VAL B 697 -1.18 15.73 -28.99
CA VAL B 697 -0.87 14.42 -28.46
C VAL B 697 -0.85 14.50 -26.93
N ALA B 698 -0.97 13.33 -26.31
CA ALA B 698 -0.91 13.25 -24.85
C ALA B 698 0.53 13.45 -24.38
N LEU B 699 0.66 13.96 -23.16
CA LEU B 699 1.98 14.20 -22.59
C LEU B 699 2.77 12.90 -22.50
N SER B 700 4.08 13.01 -22.70
CA SER B 700 4.95 11.85 -22.63
C SER B 700 4.90 11.23 -21.24
N ILE B 701 5.27 9.95 -21.18
CA ILE B 701 5.24 9.24 -19.90
C ILE B 701 6.19 9.90 -18.90
N VAL B 702 7.41 10.20 -19.35
CA VAL B 702 8.37 10.88 -18.47
C VAL B 702 7.90 12.30 -18.18
N GLN B 703 7.32 12.97 -19.18
CA GLN B 703 6.78 14.31 -18.96
C GLN B 703 5.66 14.27 -17.93
N ALA B 704 4.84 13.23 -17.95
CA ALA B 704 3.76 13.11 -16.98
C ALA B 704 4.29 12.95 -15.57
N ARG B 705 5.32 12.12 -15.40
CA ARG B 705 5.94 11.97 -14.08
C ARG B 705 6.52 13.30 -13.60
N LEU B 706 7.13 14.06 -14.50
CA LEU B 706 7.70 15.35 -14.11
C LEU B 706 6.60 16.36 -13.76
N VAL B 707 5.56 16.44 -14.59
CA VAL B 707 4.48 17.39 -14.34
C VAL B 707 3.75 17.04 -13.05
N GLY B 708 3.51 15.74 -12.82
CA GLY B 708 2.87 15.33 -11.58
C GLY B 708 3.74 15.63 -10.37
N LEU B 709 5.04 15.41 -10.48
CA LEU B 709 5.95 15.71 -9.38
C LEU B 709 6.01 17.21 -9.10
N VAL B 710 5.96 18.03 -10.15
CA VAL B 710 6.05 19.48 -9.96
C VAL B 710 4.77 20.00 -9.28
N HIS B 711 3.61 19.52 -9.72
CA HIS B 711 2.37 19.89 -9.02
C HIS B 711 2.39 19.42 -7.58
N PHE B 712 2.85 18.19 -7.35
CA PHE B 712 2.95 17.65 -6.00
C PHE B 712 3.86 18.52 -5.13
N SER B 713 5.04 18.87 -5.66
CA SER B 713 6.00 19.64 -4.87
C SER B 713 5.51 21.07 -4.65
N VAL B 714 4.95 21.69 -5.69
CA VAL B 714 4.45 23.07 -5.54
C VAL B 714 3.32 23.12 -4.51
N GLY B 715 2.38 22.18 -4.60
CA GLY B 715 1.33 22.11 -3.60
C GLY B 715 1.87 21.83 -2.21
N TYR B 716 2.85 20.93 -2.12
CA TYR B 716 3.52 20.63 -0.85
C TYR B 716 4.07 21.90 -0.22
N ILE B 717 4.92 22.61 -0.97
CA ILE B 717 5.61 23.78 -0.43
C ILE B 717 4.62 24.90 -0.10
N PHE B 718 3.66 25.15 -0.99
CA PHE B 718 2.75 26.27 -0.81
C PHE B 718 1.75 26.02 0.30
N THR B 719 1.28 24.78 0.43
CA THR B 719 0.34 24.46 1.51
C THR B 719 0.99 24.66 2.87
N TYR B 720 2.23 24.17 3.01
CA TYR B 720 2.88 24.25 4.32
C TYR B 720 3.35 25.68 4.60
N ALA B 721 3.83 26.39 3.58
CA ALA B 721 4.22 27.78 3.79
C ALA B 721 3.04 28.63 4.24
N ALA B 722 1.86 28.37 3.67
CA ALA B 722 0.67 29.12 4.08
C ALA B 722 0.29 28.81 5.52
N PHE B 723 0.27 27.53 5.89
CA PHE B 723 -0.07 27.16 7.25
C PHE B 723 0.98 27.63 8.24
N LEU B 724 2.26 27.43 7.90
CA LEU B 724 3.35 27.83 8.78
C LEU B 724 3.25 29.30 9.16
N ILE B 725 3.17 30.18 8.16
CA ILE B 725 3.23 31.61 8.42
C ILE B 725 1.93 32.10 9.06
N ALA B 726 0.78 31.57 8.62
CA ALA B 726 -0.49 32.04 9.16
C ALA B 726 -0.67 31.60 10.62
N SER B 727 -0.25 30.38 10.95
CA SER B 727 -0.40 29.91 12.32
C SER B 727 0.60 30.57 13.25
N THR B 728 1.77 30.96 12.73
CA THR B 728 2.78 31.60 13.56
C THR B 728 2.58 33.11 13.64
N SER B 729 2.44 33.78 12.49
CA SER B 729 2.24 35.22 12.49
C SER B 729 0.85 35.62 12.99
N GLY B 730 -0.13 34.74 12.90
CA GLY B 730 -1.44 35.03 13.47
C GLY B 730 -1.37 35.26 14.96
N LYS B 731 -0.56 34.46 15.66
CA LYS B 731 -0.27 34.71 17.06
C LYS B 731 0.93 35.61 17.27
N PHE B 732 1.89 35.58 16.34
CA PHE B 732 3.22 36.12 16.54
C PHE B 732 3.79 35.62 17.87
N GLY B 733 3.92 34.30 17.95
CA GLY B 733 4.33 33.64 19.16
C GLY B 733 3.52 32.39 19.42
N SER C 1 12.92 8.52 -36.97
CA SER C 1 12.18 7.33 -36.56
C SER C 1 12.97 6.53 -35.53
N HIS C 2 12.28 5.64 -34.83
CA HIS C 2 12.93 4.80 -33.83
C HIS C 2 13.97 3.90 -34.50
N SER C 3 15.05 3.65 -33.77
CA SER C 3 16.10 2.74 -34.24
C SER C 3 15.83 1.33 -33.74
N VAL C 4 16.02 0.35 -34.62
CA VAL C 4 15.90 -1.05 -34.28
C VAL C 4 17.16 -1.76 -34.77
N LYS C 5 17.71 -2.63 -33.92
CA LYS C 5 18.93 -3.34 -34.23
C LYS C 5 18.78 -4.82 -33.91
N ILE C 6 19.47 -5.65 -34.68
CA ILE C 6 19.47 -7.09 -34.50
C ILE C 6 20.90 -7.53 -34.21
N TYR C 7 21.09 -8.26 -33.11
CA TYR C 7 22.40 -8.74 -32.72
C TYR C 7 22.54 -10.21 -33.08
N ASP C 8 23.80 -10.64 -33.27
CA ASP C 8 24.05 -11.98 -33.80
C ASP C 8 23.72 -13.09 -32.81
N THR C 9 23.31 -12.77 -31.58
CA THR C 9 22.80 -13.79 -30.67
C THR C 9 21.49 -14.37 -31.13
N CYS C 10 20.90 -13.83 -32.19
CA CYS C 10 19.62 -14.29 -32.70
C CYS C 10 19.70 -15.76 -33.12
N ILE C 11 18.68 -16.52 -32.74
CA ILE C 11 18.61 -17.95 -33.09
C ILE C 11 17.76 -18.20 -34.32
N GLY C 12 17.02 -17.21 -34.81
CA GLY C 12 16.23 -17.38 -36.02
C GLY C 12 14.89 -18.05 -35.82
N CYS C 13 14.17 -17.71 -34.76
CA CYS C 13 12.86 -18.27 -34.49
C CYS C 13 11.74 -17.48 -35.14
N THR C 14 12.04 -16.35 -35.78
CA THR C 14 11.08 -15.53 -36.52
C THR C 14 9.93 -15.05 -35.65
N GLN C 15 10.17 -14.85 -34.35
CA GLN C 15 9.10 -14.41 -33.47
C GLN C 15 8.95 -12.90 -33.43
N CYS C 16 10.04 -12.16 -33.56
CA CYS C 16 9.95 -10.70 -33.62
C CYS C 16 9.18 -10.24 -34.84
N VAL C 17 9.30 -10.97 -35.96
CA VAL C 17 8.61 -10.57 -37.18
C VAL C 17 7.12 -10.88 -37.08
N ARG C 18 6.74 -11.93 -36.35
CA ARG C 18 5.32 -12.26 -36.23
C ARG C 18 4.61 -11.29 -35.29
N ALA C 19 5.29 -10.82 -34.25
CA ALA C 19 4.66 -9.92 -33.29
C ALA C 19 4.62 -8.48 -33.78
N CYS C 20 5.44 -8.12 -34.77
CA CYS C 20 5.51 -6.74 -35.21
C CYS C 20 4.19 -6.31 -35.84
N PRO C 21 3.58 -5.22 -35.37
CA PRO C 21 2.29 -4.79 -35.91
C PRO C 21 2.36 -3.80 -37.07
N THR C 22 3.56 -3.43 -37.53
CA THR C 22 3.69 -2.48 -38.63
C THR C 22 4.67 -2.98 -39.70
N ASP C 23 5.00 -4.27 -39.70
CA ASP C 23 5.88 -4.87 -40.70
C ASP C 23 7.18 -4.08 -40.83
N VAL C 24 7.97 -4.15 -39.76
CA VAL C 24 9.30 -3.56 -39.75
C VAL C 24 10.40 -4.62 -39.84
N LEU C 25 10.18 -5.80 -39.26
CA LEU C 25 11.19 -6.84 -39.23
C LEU C 25 11.12 -7.73 -40.47
N GLU C 26 12.25 -8.32 -40.81
CA GLU C 26 12.35 -9.28 -41.91
C GLU C 26 13.23 -10.43 -41.47
N MET C 27 13.12 -11.54 -42.19
CA MET C 27 13.97 -12.71 -41.97
C MET C 27 14.83 -12.90 -43.22
N ILE C 28 16.13 -12.70 -43.08
CA ILE C 28 17.07 -12.83 -44.19
C ILE C 28 17.90 -14.09 -43.97
N PRO C 29 18.46 -14.69 -45.02
CA PRO C 29 19.34 -15.85 -44.81
C PRO C 29 20.66 -15.45 -44.16
N TRP C 30 21.18 -16.36 -43.33
CA TRP C 30 22.40 -16.14 -42.59
C TRP C 30 23.06 -17.49 -42.35
N GLY C 31 24.31 -17.46 -41.91
CA GLY C 31 25.04 -18.70 -41.69
C GLY C 31 25.47 -18.91 -40.25
N GLY C 32 25.07 -18.01 -39.36
CA GLY C 32 25.53 -18.04 -37.99
C GLY C 32 24.83 -19.04 -37.09
N CYS C 33 23.52 -19.18 -37.23
CA CYS C 33 22.72 -20.03 -36.36
C CYS C 33 22.18 -21.24 -37.13
N LYS C 34 21.39 -22.05 -36.42
CA LYS C 34 20.95 -23.34 -36.94
C LYS C 34 19.84 -23.18 -37.97
N ALA C 35 18.92 -22.25 -37.74
CA ALA C 35 17.80 -22.05 -38.67
C ALA C 35 18.21 -21.35 -39.95
N LYS C 36 19.49 -20.99 -40.11
CA LYS C 36 20.02 -20.39 -41.33
C LYS C 36 19.38 -19.03 -41.62
N GLN C 37 18.90 -18.34 -40.59
CA GLN C 37 18.19 -17.08 -40.81
C GLN C 37 18.39 -16.16 -39.61
N ILE C 38 18.49 -14.86 -39.90
CA ILE C 38 18.61 -13.82 -38.88
C ILE C 38 17.62 -12.72 -39.20
N ALA C 39 17.37 -11.87 -38.22
CA ALA C 39 16.41 -10.78 -38.39
C ALA C 39 17.10 -9.50 -38.87
N SER C 40 16.32 -8.64 -39.50
CA SER C 40 16.80 -7.32 -39.92
C SER C 40 15.63 -6.35 -39.85
N ALA C 41 15.96 -5.07 -39.71
CA ALA C 41 14.97 -3.99 -39.56
C ALA C 41 15.13 -3.00 -40.71
N PRO C 42 14.62 -3.34 -41.89
CA PRO C 42 14.78 -2.43 -43.04
C PRO C 42 13.72 -1.34 -43.13
N ARG C 43 12.67 -1.39 -42.31
CA ARG C 43 11.56 -0.45 -42.42
C ARG C 43 11.25 0.16 -41.06
N THR C 44 12.27 0.71 -40.41
CA THR C 44 12.06 1.38 -39.13
C THR C 44 11.30 2.70 -39.27
N GLU C 45 11.07 3.18 -40.50
CA GLU C 45 10.25 4.36 -40.68
C GLU C 45 8.81 4.12 -40.29
N ASP C 46 8.37 2.87 -40.32
CA ASP C 46 7.04 2.49 -39.88
C ASP C 46 7.02 2.00 -38.44
N CYS C 47 8.17 1.93 -37.77
CA CYS C 47 8.23 1.39 -36.42
C CYS C 47 7.55 2.34 -35.44
N VAL C 48 6.68 1.78 -34.60
CA VAL C 48 5.95 2.59 -33.63
C VAL C 48 6.59 2.55 -32.24
N GLY C 49 7.43 1.56 -31.95
CA GLY C 49 8.08 1.48 -30.65
C GLY C 49 7.34 0.67 -29.61
N CYS C 50 6.41 -0.19 -30.02
CA CYS C 50 5.60 -0.97 -29.08
C CYS C 50 6.43 -1.99 -28.31
N LYS C 51 7.63 -2.32 -28.80
CA LYS C 51 8.49 -3.33 -28.19
C LYS C 51 7.78 -4.67 -28.02
N ARG C 52 6.78 -4.92 -28.88
CA ARG C 52 6.14 -6.23 -28.92
C ARG C 52 7.09 -7.30 -29.43
N CYS C 53 8.11 -6.90 -30.19
CA CYS C 53 9.12 -7.85 -30.66
C CYS C 53 10.04 -8.29 -29.53
N GLU C 54 10.45 -7.34 -28.68
CA GLU C 54 11.31 -7.68 -27.55
C GLU C 54 10.59 -8.60 -26.56
N SER C 55 9.28 -8.44 -26.41
CA SER C 55 8.51 -9.30 -25.52
C SER C 55 8.50 -10.75 -25.99
N ALA C 56 8.83 -11.00 -27.25
CA ALA C 56 8.76 -12.34 -27.83
C ALA C 56 10.13 -12.95 -28.10
N CYS C 57 11.22 -12.27 -27.76
CA CYS C 57 12.55 -12.82 -28.03
C CYS C 57 12.94 -13.79 -26.94
N PRO C 58 13.29 -15.03 -27.26
CA PRO C 58 13.73 -15.99 -26.25
C PRO C 58 15.22 -15.92 -25.90
N THR C 59 15.98 -15.05 -26.58
CA THR C 59 17.40 -14.95 -26.32
C THR C 59 17.64 -14.19 -25.01
N ASP C 60 18.68 -14.60 -24.29
CA ASP C 60 19.13 -13.93 -23.08
C ASP C 60 20.60 -13.55 -23.27
N PHE C 61 20.86 -12.25 -23.45
CA PHE C 61 19.82 -11.22 -23.42
C PHE C 61 19.23 -11.02 -24.81
N LEU C 62 18.32 -10.04 -24.94
CA LEU C 62 17.55 -9.85 -26.17
C LEU C 62 18.44 -9.78 -27.39
N SER C 63 17.89 -10.19 -28.53
CA SER C 63 18.53 -10.03 -29.82
C SER C 63 17.89 -8.94 -30.67
N VAL C 64 16.63 -8.61 -30.42
CA VAL C 64 16.03 -7.39 -30.95
C VAL C 64 16.16 -6.29 -29.90
N ARG C 65 16.57 -5.11 -30.34
CA ARG C 65 16.61 -3.95 -29.46
C ARG C 65 15.97 -2.76 -30.15
N VAL C 66 15.01 -2.15 -29.47
CA VAL C 66 14.29 -0.99 -29.98
C VAL C 66 14.73 0.21 -29.15
N TYR C 67 15.51 1.10 -29.76
CA TYR C 67 15.99 2.32 -29.12
C TYR C 67 15.10 3.47 -29.59
N LEU C 68 14.19 3.90 -28.73
CA LEU C 68 13.25 4.96 -29.08
C LEU C 68 14.00 6.25 -29.39
N TRP C 69 13.78 6.79 -30.59
CA TRP C 69 14.53 7.94 -31.06
C TRP C 69 13.60 9.11 -31.40
N HIS C 70 13.83 9.74 -32.56
CA HIS C 70 13.11 10.95 -32.92
C HIS C 70 11.69 10.60 -33.35
N GLU C 71 10.71 11.19 -32.69
CA GLU C 71 9.31 10.91 -32.98
C GLU C 71 8.89 11.53 -34.30
N THR C 72 8.08 10.79 -35.06
CA THR C 72 7.49 11.25 -36.31
C THR C 72 6.00 10.95 -36.27
N THR C 73 5.29 11.35 -37.33
CA THR C 73 3.86 11.02 -37.42
C THR C 73 3.65 9.52 -37.43
N ARG C 74 4.53 8.78 -38.11
CA ARG C 74 4.38 7.33 -38.18
C ARG C 74 4.72 6.68 -36.84
N SER C 75 5.74 7.18 -36.16
CA SER C 75 6.16 6.57 -34.90
C SER C 75 5.22 6.90 -33.75
N MET C 76 4.47 8.00 -33.84
CA MET C 76 3.53 8.36 -32.79
C MET C 76 2.18 7.67 -32.93
N GLY C 77 1.96 6.95 -34.01
CA GLY C 77 0.70 6.24 -34.20
C GLY C 77 -0.48 7.15 -34.45
N LEU C 78 -0.28 8.25 -35.16
CA LEU C 78 -1.34 9.22 -35.40
C LEU C 78 -2.10 8.85 -36.67
N ALA C 79 -3.43 8.82 -36.57
CA ALA C 79 -4.31 8.72 -37.72
C ALA C 79 -4.86 10.07 -38.14
N TYR C 80 -4.28 11.15 -37.64
CA TYR C 80 -4.79 12.50 -37.90
C TYR C 80 -3.64 13.49 -38.06
N GLY D 1 13.46 -12.71 -58.69
CA GLY D 1 12.83 -11.47 -59.11
C GLY D 1 11.32 -11.46 -58.89
N PHE D 2 10.83 -10.38 -58.29
CA PHE D 2 9.42 -10.22 -58.00
C PHE D 2 8.95 -8.86 -58.51
N THR D 3 7.70 -8.81 -58.98
CA THR D 3 7.10 -7.59 -59.49
C THR D 3 5.86 -7.25 -58.67
N PRO D 4 5.84 -6.13 -57.96
CA PRO D 4 4.69 -5.79 -57.12
C PRO D 4 3.49 -5.41 -57.98
N PRO D 5 2.28 -5.84 -57.58
CA PRO D 5 1.08 -5.47 -58.35
C PRO D 5 0.78 -3.99 -58.21
N GLU D 6 0.48 -3.34 -59.33
CA GLU D 6 0.09 -1.94 -59.29
C GLU D 6 -1.31 -1.78 -58.73
N LEU D 7 -1.55 -0.66 -58.07
CA LEU D 7 -2.83 -0.40 -57.45
C LEU D 7 -3.87 -0.06 -58.52
N ASP D 8 -4.92 -0.87 -58.60
CA ASP D 8 -5.97 -0.66 -59.59
C ASP D 8 -7.12 0.09 -58.95
N PRO D 9 -7.36 1.36 -59.30
CA PRO D 9 -8.55 2.04 -58.80
C PRO D 9 -9.82 1.43 -59.37
N ASN D 10 -10.98 1.97 -58.98
CA ASN D 10 -12.29 1.44 -59.37
C ASN D 10 -12.50 0.00 -58.91
N THR D 11 -11.65 -0.50 -58.01
CA THR D 11 -11.84 -1.82 -57.41
C THR D 11 -12.91 -1.75 -56.33
N PRO D 12 -13.82 -2.72 -56.28
CA PRO D 12 -14.92 -2.65 -55.31
C PRO D 12 -14.42 -2.54 -53.87
N SER D 13 -15.20 -1.86 -53.05
CA SER D 13 -14.94 -1.71 -51.63
C SER D 13 -16.03 -2.42 -50.82
N PRO D 14 -15.71 -2.91 -49.63
CA PRO D 14 -16.71 -3.63 -48.83
C PRO D 14 -17.91 -2.75 -48.51
N ILE D 15 -19.04 -3.40 -48.26
CA ILE D 15 -20.28 -2.71 -47.93
C ILE D 15 -20.18 -2.22 -46.49
N PHE D 16 -20.35 -0.91 -46.31
CA PHE D 16 -20.23 -0.30 -45.00
C PHE D 16 -21.05 0.98 -44.97
N GLY D 17 -21.73 1.22 -43.85
CA GLY D 17 -22.56 2.41 -43.73
C GLY D 17 -21.80 3.68 -43.41
N GLY D 18 -20.58 3.55 -42.93
CA GLY D 18 -19.79 4.71 -42.54
C GLY D 18 -19.58 4.77 -41.04
N SER D 19 -18.41 5.24 -40.64
CA SER D 19 -18.08 5.40 -39.23
C SER D 19 -17.23 6.65 -39.06
N THR D 20 -17.07 7.06 -37.80
CA THR D 20 -16.29 8.24 -37.47
C THR D 20 -14.80 7.96 -37.38
N GLY D 21 -14.39 6.70 -37.45
CA GLY D 21 -12.99 6.33 -37.39
C GLY D 21 -12.27 6.34 -38.73
N GLY D 22 -12.87 6.91 -39.76
CA GLY D 22 -12.29 6.91 -41.08
C GLY D 22 -11.20 7.94 -41.27
N LEU D 23 -11.03 8.36 -42.52
CA LEU D 23 -9.95 9.28 -42.89
C LEU D 23 -10.21 10.67 -42.33
N LEU D 24 -9.14 11.44 -42.21
CA LEU D 24 -9.20 12.82 -41.73
C LEU D 24 -8.38 13.68 -42.69
N ARG D 25 -8.01 14.88 -42.24
CA ARG D 25 -7.21 15.76 -43.09
C ARG D 25 -5.82 15.19 -43.33
N LYS D 26 -5.33 14.29 -42.47
CA LYS D 26 -4.06 13.62 -42.71
C LYS D 26 -4.05 12.93 -44.07
N ALA D 27 -5.17 12.28 -44.43
CA ALA D 27 -5.25 11.65 -45.74
C ALA D 27 -5.22 12.66 -46.87
N GLN D 28 -5.68 13.89 -46.62
CA GLN D 28 -5.75 14.90 -47.67
C GLN D 28 -4.40 15.56 -47.92
N VAL D 29 -3.63 15.83 -46.87
CA VAL D 29 -2.42 16.61 -47.01
C VAL D 29 -1.15 15.85 -46.63
N GLU D 30 -1.25 14.74 -45.90
CA GLU D 30 -0.07 14.01 -45.44
C GLU D 30 0.08 12.69 -46.19
N GLU D 31 -0.74 11.68 -45.87
CA GLU D 31 -0.67 10.38 -46.51
C GLU D 31 -1.85 9.53 -46.03
N PHE D 32 -2.13 8.47 -46.78
CA PHE D 32 -3.06 7.44 -46.33
C PHE D 32 -2.68 6.13 -46.99
N TYR D 33 -3.34 5.06 -46.57
CA TYR D 33 -2.99 3.70 -46.97
C TYR D 33 -4.21 3.00 -47.57
N VAL D 34 -3.94 1.95 -48.35
CA VAL D 34 -4.96 1.20 -49.06
C VAL D 34 -4.58 -0.28 -49.03
N ILE D 35 -5.47 -1.13 -48.51
CA ILE D 35 -5.26 -2.57 -48.46
C ILE D 35 -6.21 -3.24 -49.46
N THR D 36 -5.70 -4.26 -50.14
CA THR D 36 -6.47 -4.99 -51.14
C THR D 36 -6.40 -6.48 -50.86
N TRP D 37 -7.52 -7.18 -51.10
CA TRP D 37 -7.58 -8.63 -50.93
C TRP D 37 -8.64 -9.18 -51.85
N GLU D 38 -8.66 -10.51 -52.00
CA GLU D 38 -9.49 -11.18 -53.00
C GLU D 38 -10.80 -11.68 -52.42
N SER D 39 -10.76 -12.59 -51.44
CA SER D 39 -11.93 -13.14 -50.76
C SER D 39 -12.77 -14.05 -51.65
N PRO D 40 -13.34 -15.12 -51.10
CA PRO D 40 -14.13 -16.05 -51.93
C PRO D 40 -15.59 -15.66 -52.06
N LYS D 41 -16.16 -15.06 -51.02
CA LYS D 41 -17.60 -14.85 -50.94
C LYS D 41 -17.90 -13.53 -50.24
N GLU D 42 -19.19 -13.22 -50.12
CA GLU D 42 -19.63 -12.11 -49.30
C GLU D 42 -19.68 -12.55 -47.85
N GLN D 43 -18.90 -11.88 -47.00
CA GLN D 43 -18.82 -12.19 -45.59
C GLN D 43 -18.93 -10.91 -44.77
N ILE D 44 -19.02 -11.08 -43.46
CA ILE D 44 -18.94 -9.97 -42.51
C ILE D 44 -17.59 -10.04 -41.83
N PHE D 45 -16.97 -8.87 -41.64
CA PHE D 45 -15.69 -8.79 -40.96
C PHE D 45 -15.67 -7.53 -40.11
N GLU D 46 -15.03 -7.63 -38.94
CA GLU D 46 -14.93 -6.47 -38.06
C GLU D 46 -13.95 -5.46 -38.62
N MET D 47 -14.35 -4.20 -38.62
CA MET D 47 -13.48 -3.15 -39.15
C MET D 47 -12.48 -2.71 -38.08
N PRO D 48 -11.21 -2.52 -38.44
CA PRO D 48 -10.24 -2.01 -37.47
C PRO D 48 -10.52 -0.58 -37.01
N THR D 49 -11.48 0.11 -37.62
CA THR D 49 -11.82 1.47 -37.27
C THR D 49 -13.16 1.61 -36.54
N GLY D 50 -14.14 0.79 -36.89
CA GLY D 50 -15.46 0.92 -36.29
C GLY D 50 -16.15 -0.40 -36.01
N GLY D 51 -17.25 -0.65 -36.72
CA GLY D 51 -18.06 -1.83 -36.46
C GLY D 51 -17.81 -2.97 -37.41
N ALA D 52 -18.84 -3.34 -38.19
CA ALA D 52 -18.76 -4.46 -39.11
C ALA D 52 -19.06 -4.01 -40.54
N ALA D 53 -18.46 -4.70 -41.50
CA ALA D 53 -18.67 -4.41 -42.91
C ALA D 53 -18.86 -5.72 -43.66
N ILE D 54 -19.44 -5.62 -44.85
CA ILE D 54 -19.72 -6.78 -45.70
C ILE D 54 -18.63 -6.84 -46.77
N MET D 55 -17.74 -7.81 -46.62
CA MET D 55 -16.67 -8.05 -47.58
C MET D 55 -17.27 -8.53 -48.91
N ARG D 56 -17.09 -7.76 -49.97
CA ARG D 56 -17.66 -8.12 -51.25
C ARG D 56 -16.96 -9.35 -51.83
N GLU D 57 -17.70 -10.11 -52.64
CA GLU D 57 -17.12 -11.24 -53.34
C GLU D 57 -16.24 -10.74 -54.47
N GLY D 58 -15.04 -11.31 -54.59
CA GLY D 58 -14.09 -10.85 -55.57
C GLY D 58 -13.26 -9.69 -55.04
N PRO D 59 -12.49 -9.06 -55.93
CA PRO D 59 -11.51 -8.07 -55.49
C PRO D 59 -12.10 -7.00 -54.58
N ASN D 60 -11.37 -6.67 -53.52
CA ASN D 60 -11.79 -5.70 -52.51
C ASN D 60 -10.69 -4.67 -52.29
N LEU D 61 -11.09 -3.42 -52.17
CA LEU D 61 -10.19 -2.31 -51.89
C LEU D 61 -10.71 -1.54 -50.68
N LEU D 62 -9.83 -1.26 -49.72
CA LEU D 62 -10.22 -0.57 -48.50
C LEU D 62 -9.15 0.44 -48.13
N LYS D 63 -9.54 1.71 -48.00
CA LYS D 63 -8.62 2.78 -47.68
C LYS D 63 -8.68 3.10 -46.20
N LEU D 64 -7.51 3.10 -45.55
CA LEU D 64 -7.38 3.37 -44.13
C LEU D 64 -6.42 4.54 -43.91
N ALA D 65 -6.33 4.99 -42.65
CA ALA D 65 -5.52 6.16 -42.32
C ALA D 65 -4.12 5.81 -41.85
N ARG D 66 -3.92 4.63 -41.25
CA ARG D 66 -2.62 4.23 -40.73
C ARG D 66 -2.19 2.90 -41.33
N LYS D 67 -0.88 2.67 -41.32
CA LYS D 67 -0.36 1.40 -41.81
C LYS D 67 -0.69 0.26 -40.85
N GLU D 68 -0.65 0.52 -39.54
CA GLU D 68 -0.93 -0.53 -38.57
C GLU D 68 -2.36 -1.04 -38.70
N GLN D 69 -3.30 -0.17 -39.09
CA GLN D 69 -4.66 -0.62 -39.34
C GLN D 69 -4.72 -1.62 -40.48
N CYS D 70 -3.89 -1.42 -41.51
CA CYS D 70 -3.89 -2.33 -42.66
C CYS D 70 -3.35 -3.70 -42.28
N LEU D 71 -2.19 -3.74 -41.63
CA LEU D 71 -1.59 -5.02 -41.26
C LEU D 71 -2.45 -5.77 -40.25
N ALA D 72 -3.12 -5.05 -39.35
CA ALA D 72 -4.00 -5.71 -38.39
C ALA D 72 -5.20 -6.35 -39.08
N LEU D 73 -5.82 -5.62 -40.01
CA LEU D 73 -6.92 -6.19 -40.79
C LEU D 73 -6.43 -7.34 -41.66
N GLY D 74 -5.25 -7.18 -42.28
CA GLY D 74 -4.72 -8.26 -43.09
C GLY D 74 -4.44 -9.51 -42.30
N THR D 75 -3.89 -9.35 -41.08
CA THR D 75 -3.62 -10.52 -40.25
C THR D 75 -4.91 -11.26 -39.90
N ARG D 76 -5.99 -10.52 -39.63
CA ARG D 76 -7.28 -11.18 -39.39
C ARG D 76 -7.85 -11.77 -40.66
N LEU D 77 -7.62 -11.13 -41.81
CA LEU D 77 -8.04 -11.71 -43.08
C LEU D 77 -7.29 -13.02 -43.36
N ARG D 78 -6.08 -13.15 -42.84
CA ARG D 78 -5.28 -14.35 -43.03
C ARG D 78 -5.56 -15.42 -41.97
N SER D 79 -6.16 -15.04 -40.84
CA SER D 79 -6.41 -15.98 -39.75
C SER D 79 -7.84 -16.50 -39.76
N LYS D 80 -8.82 -15.62 -39.50
CA LYS D 80 -10.21 -16.04 -39.50
C LYS D 80 -10.62 -16.59 -40.86
N TYR D 81 -10.53 -15.77 -41.89
CA TYR D 81 -10.66 -16.22 -43.26
C TYR D 81 -9.28 -16.64 -43.78
N LYS D 82 -9.26 -17.18 -44.98
CA LYS D 82 -8.01 -17.61 -45.62
C LYS D 82 -7.84 -16.77 -46.87
N ILE D 83 -7.36 -15.54 -46.70
CA ILE D 83 -7.32 -14.54 -47.76
C ILE D 83 -5.92 -13.92 -47.80
N LYS D 84 -5.33 -13.89 -48.99
CA LYS D 84 -4.10 -13.15 -49.20
C LYS D 84 -4.41 -11.66 -49.38
N TYR D 85 -3.44 -10.83 -49.01
CA TYR D 85 -3.68 -9.39 -48.97
C TYR D 85 -2.38 -8.65 -49.24
N GLN D 86 -2.51 -7.47 -49.85
CA GLN D 86 -1.43 -6.52 -50.01
C GLN D 86 -1.93 -5.15 -49.57
N PHE D 87 -1.00 -4.26 -49.25
CA PHE D 87 -1.40 -2.88 -48.98
C PHE D 87 -0.27 -1.93 -49.38
N TYR D 88 -0.67 -0.71 -49.72
CA TYR D 88 0.24 0.30 -50.25
C TYR D 88 0.08 1.60 -49.47
N ARG D 89 0.95 2.56 -49.78
CA ARG D 89 0.87 3.91 -49.24
C ARG D 89 0.58 4.87 -50.39
N VAL D 90 -0.23 5.89 -50.13
CA VAL D 90 -0.67 6.84 -51.15
C VAL D 90 -0.38 8.25 -50.66
N PHE D 91 0.51 8.95 -51.37
CA PHE D 91 0.80 10.34 -51.09
C PHE D 91 -0.21 11.25 -51.77
N PRO D 92 -0.37 12.49 -51.30
CA PRO D 92 -1.36 13.39 -51.92
C PRO D 92 -1.08 13.70 -53.38
N SER D 93 0.12 13.42 -53.89
CA SER D 93 0.41 13.65 -55.29
C SER D 93 -0.27 12.63 -56.20
N GLY D 94 -0.68 11.49 -55.66
CA GLY D 94 -1.18 10.38 -56.45
C GLY D 94 -0.21 9.23 -56.57
N GLU D 95 1.02 9.40 -56.10
CA GLU D 95 2.01 8.33 -56.14
C GLU D 95 1.63 7.20 -55.18
N VAL D 96 1.94 5.98 -55.57
CA VAL D 96 1.65 4.79 -54.78
C VAL D 96 2.96 4.08 -54.48
N GLN D 97 3.08 3.58 -53.25
CA GLN D 97 4.28 2.87 -52.79
C GLN D 97 3.88 1.52 -52.24
N TYR D 98 4.39 0.46 -52.86
CA TYR D 98 4.12 -0.90 -52.38
C TYR D 98 4.85 -1.15 -51.07
N LEU D 99 4.16 -1.81 -50.13
CA LEU D 99 4.70 -2.01 -48.78
C LEU D 99 4.81 -3.49 -48.44
N HIS D 100 3.70 -4.18 -48.16
CA HIS D 100 3.69 -5.53 -47.64
C HIS D 100 2.65 -6.37 -48.37
N PRO D 101 2.99 -7.62 -48.73
CA PRO D 101 4.27 -8.30 -48.53
C PRO D 101 5.35 -7.82 -49.51
N LYS D 102 6.48 -7.34 -48.98
CA LYS D 102 7.50 -6.68 -49.80
C LYS D 102 8.01 -7.60 -50.90
N ASP D 103 8.57 -8.74 -50.53
CA ASP D 103 9.11 -9.69 -51.51
C ASP D 103 8.04 -10.49 -52.23
N GLY D 104 6.76 -10.24 -51.96
CA GLY D 104 5.73 -11.18 -52.31
C GLY D 104 5.66 -12.38 -51.38
N VAL D 105 6.70 -12.60 -50.58
CA VAL D 105 6.71 -13.60 -49.53
C VAL D 105 6.44 -12.88 -48.21
N TYR D 106 5.73 -13.55 -47.31
CA TYR D 106 5.45 -12.97 -46.02
C TYR D 106 6.74 -12.78 -45.23
N PRO D 107 6.84 -11.71 -44.43
CA PRO D 107 8.12 -11.38 -43.79
C PRO D 107 8.59 -12.41 -42.76
N GLU D 108 7.69 -13.25 -42.24
CA GLU D 108 8.10 -14.27 -41.29
C GLU D 108 8.72 -15.49 -41.96
N LYS D 109 8.74 -15.54 -43.29
CA LYS D 109 9.30 -16.65 -44.05
C LYS D 109 10.57 -16.17 -44.74
N VAL D 110 11.68 -16.88 -44.49
CA VAL D 110 12.97 -16.46 -45.02
C VAL D 110 12.94 -16.47 -46.55
N ASN D 111 13.49 -15.43 -47.15
CA ASN D 111 13.55 -15.30 -48.59
C ASN D 111 14.96 -14.89 -49.01
N PRO D 112 15.50 -15.51 -50.06
CA PRO D 112 16.93 -15.29 -50.39
C PRO D 112 17.25 -13.92 -50.95
N GLY D 113 16.26 -13.13 -51.37
CA GLY D 113 16.55 -11.85 -51.99
C GLY D 113 16.63 -10.67 -51.03
N ARG D 114 16.80 -10.95 -49.75
CA ARG D 114 16.72 -9.93 -48.71
C ARG D 114 18.10 -9.59 -48.17
N GLN D 115 18.32 -8.31 -47.91
CA GLN D 115 19.60 -7.78 -47.44
C GLN D 115 19.50 -7.35 -45.98
N GLY D 116 20.62 -7.44 -45.27
CA GLY D 116 20.64 -7.08 -43.86
C GLY D 116 20.62 -5.58 -43.64
N VAL D 117 19.81 -5.14 -42.68
CA VAL D 117 19.70 -3.74 -42.31
C VAL D 117 19.72 -3.66 -40.78
N GLY D 118 20.69 -2.92 -40.24
CA GLY D 118 20.78 -2.74 -38.80
C GLY D 118 21.08 -4.01 -38.04
N VAL D 119 21.98 -4.84 -38.56
CA VAL D 119 22.34 -6.10 -37.95
C VAL D 119 23.74 -5.98 -37.36
N ASN D 120 23.82 -5.92 -36.03
CA ASN D 120 25.09 -5.86 -35.34
C ASN D 120 25.62 -7.27 -35.11
N PHE D 121 26.91 -7.47 -35.37
CA PHE D 121 27.51 -8.81 -35.34
C PHE D 121 28.29 -9.02 -34.04
N ARG D 122 27.58 -8.87 -32.92
CA ARG D 122 28.17 -9.11 -31.61
C ARG D 122 27.05 -9.29 -30.59
N SER D 123 27.43 -9.78 -29.41
CA SER D 123 26.49 -9.89 -28.31
C SER D 123 25.96 -8.50 -27.95
N ILE D 124 24.72 -8.47 -27.46
CA ILE D 124 24.11 -7.18 -27.13
C ILE D 124 24.88 -6.50 -26.01
N GLY D 125 25.43 -7.28 -25.08
CA GLY D 125 26.23 -6.73 -24.01
C GLY D 125 27.62 -6.29 -24.40
N LYS D 126 28.00 -6.42 -25.66
CA LYS D 126 29.31 -6.00 -26.13
C LYS D 126 29.30 -4.58 -26.68
N ASN D 127 28.19 -3.85 -26.54
CA ASN D 127 28.18 -2.43 -26.88
C ASN D 127 29.13 -1.67 -25.98
N VAL D 128 29.52 -0.49 -26.42
CA VAL D 128 30.50 0.32 -25.71
C VAL D 128 29.78 1.22 -24.71
N SER D 129 30.56 1.77 -23.77
CA SER D 129 30.01 2.71 -22.81
C SER D 129 29.76 4.05 -23.48
N PRO D 130 28.75 4.79 -23.02
CA PRO D 130 28.37 6.04 -23.72
C PRO D 130 29.48 7.09 -23.77
N ILE D 131 30.46 7.03 -22.87
CA ILE D 131 31.53 8.03 -22.87
C ILE D 131 32.38 7.90 -24.14
N GLU D 132 32.49 6.69 -24.69
CA GLU D 132 33.34 6.48 -25.85
C GLU D 132 32.72 7.01 -27.14
N VAL D 133 31.44 7.44 -27.11
CA VAL D 133 30.79 8.06 -28.24
C VAL D 133 30.40 9.51 -27.95
N LYS D 134 30.92 10.08 -26.87
CA LYS D 134 30.55 11.43 -26.47
C LYS D 134 31.14 12.46 -27.44
N PHE D 135 30.38 13.54 -27.63
CA PHE D 135 30.70 14.63 -28.55
C PHE D 135 30.70 14.18 -30.02
N THR D 136 30.23 12.97 -30.29
CA THR D 136 30.04 12.47 -31.64
C THR D 136 28.55 12.22 -31.87
N GLY D 137 28.16 12.17 -33.13
CA GLY D 137 26.77 11.92 -33.45
C GLY D 137 26.42 10.44 -33.44
N LYS D 138 27.27 9.64 -32.81
CA LYS D 138 27.11 8.20 -32.80
C LYS D 138 26.35 7.73 -31.56
N GLN D 139 25.88 6.50 -31.63
CA GLN D 139 25.29 5.75 -30.53
C GLN D 139 26.01 4.42 -30.40
N PRO D 140 26.05 3.83 -29.19
CA PRO D 140 26.77 2.56 -29.03
C PRO D 140 26.14 1.38 -29.77
N TYR D 141 24.97 1.55 -30.38
CA TYR D 141 24.32 0.48 -31.12
C TYR D 141 24.29 0.71 -32.62
N ASP D 142 24.51 1.94 -33.09
CA ASP D 142 24.53 2.21 -34.52
C ASP D 142 25.67 1.47 -35.21
N LEU D 143 26.76 1.21 -34.49
CA LEU D 143 27.92 0.55 -35.07
C LEU D 143 27.66 -0.93 -35.28
N PRO E 1 38.11 -34.31 -32.30
CA PRO E 1 38.12 -33.89 -30.89
C PRO E 1 36.89 -33.07 -30.52
N PRO E 2 36.31 -33.33 -29.35
CA PRO E 2 35.13 -32.59 -28.91
C PRO E 2 35.51 -31.20 -28.40
N ILE E 3 35.14 -30.17 -29.17
CA ILE E 3 35.41 -28.80 -28.74
C ILE E 3 34.43 -28.44 -27.62
N GLY E 4 34.92 -27.62 -26.69
CA GLY E 4 34.11 -27.23 -25.56
C GLY E 4 34.06 -28.30 -24.48
N PRO E 5 33.28 -28.05 -23.43
CA PRO E 5 33.19 -29.01 -22.33
C PRO E 5 32.28 -30.18 -22.68
N LYS E 6 32.38 -31.22 -21.85
CA LYS E 6 31.51 -32.38 -22.02
C LYS E 6 30.09 -32.03 -21.59
N ARG E 7 29.14 -32.80 -22.09
CA ARG E 7 27.73 -32.55 -21.78
C ARG E 7 27.40 -33.01 -20.37
N GLY E 8 26.64 -32.17 -19.66
CA GLY E 8 26.24 -32.43 -18.30
C GLY E 8 27.06 -31.72 -17.24
N ALA E 9 28.28 -31.30 -17.58
CA ALA E 9 29.13 -30.64 -16.60
C ALA E 9 28.55 -29.29 -16.21
N LYS E 10 28.85 -28.88 -14.98
CA LYS E 10 28.43 -27.57 -14.50
C LYS E 10 29.28 -26.48 -15.13
N VAL E 11 28.65 -25.38 -15.52
CA VAL E 11 29.33 -24.27 -16.17
C VAL E 11 29.00 -22.98 -15.44
N LYS E 12 30.02 -22.17 -15.20
CA LYS E 12 29.87 -20.84 -14.62
C LYS E 12 29.67 -19.84 -15.76
N ILE E 13 28.48 -19.22 -15.80
CA ILE E 13 28.16 -18.32 -16.89
C ILE E 13 28.94 -17.02 -16.74
N LEU E 14 29.66 -16.64 -17.80
CA LEU E 14 30.50 -15.44 -17.78
C LEU E 14 29.97 -14.33 -18.67
N ARG E 15 28.83 -14.52 -19.33
CA ARG E 15 28.22 -13.44 -20.10
C ARG E 15 27.60 -12.43 -19.14
N GLN E 16 28.09 -11.19 -19.19
CA GLN E 16 27.73 -10.22 -18.17
C GLN E 16 26.26 -9.81 -18.24
N GLU E 17 25.66 -9.86 -19.43
CA GLU E 17 24.27 -9.45 -19.59
C GLU E 17 23.28 -10.60 -19.41
N SER E 18 23.73 -11.74 -18.91
CA SER E 18 22.88 -12.90 -18.75
C SER E 18 22.16 -12.87 -17.41
N TYR E 19 20.95 -13.42 -17.38
CA TYR E 19 20.21 -13.56 -16.14
C TYR E 19 20.94 -14.46 -15.15
N TRP E 20 21.78 -15.36 -15.63
CA TRP E 20 22.52 -16.29 -14.79
C TRP E 20 24.01 -15.93 -14.72
N TYR E 21 24.31 -14.64 -14.84
CA TYR E 21 25.70 -14.19 -14.78
C TYR E 21 26.31 -14.48 -13.42
N LYS E 22 27.56 -14.96 -13.43
CA LYS E 22 28.29 -15.45 -12.27
C LYS E 22 27.65 -16.65 -11.60
N GLY E 23 26.50 -17.12 -12.08
CA GLY E 23 25.88 -18.33 -11.56
C GLY E 23 26.38 -19.57 -12.27
N THR E 24 25.62 -20.66 -12.08
CA THR E 24 26.01 -21.95 -12.63
C THR E 24 24.81 -22.63 -13.29
N GLY E 25 25.08 -23.35 -14.38
CA GLY E 25 24.08 -24.14 -15.08
C GLY E 25 24.66 -25.46 -15.54
N SER E 26 23.89 -26.22 -16.32
CA SER E 26 24.33 -27.51 -16.82
C SER E 26 24.28 -27.55 -18.34
N VAL E 27 25.27 -28.20 -18.95
CA VAL E 27 25.39 -28.26 -20.40
C VAL E 27 24.43 -29.30 -20.95
N VAL E 28 23.89 -29.02 -22.14
CA VAL E 28 23.02 -29.94 -22.86
C VAL E 28 23.69 -30.48 -24.11
N ALA E 29 24.05 -29.60 -25.04
CA ALA E 29 24.68 -29.99 -26.29
C ALA E 29 25.69 -28.94 -26.71
N VAL E 30 26.81 -29.40 -27.23
CA VAL E 30 27.87 -28.52 -27.75
C VAL E 30 27.91 -28.71 -29.26
N ASP E 31 27.46 -27.69 -29.99
CA ASP E 31 27.40 -27.76 -31.44
C ASP E 31 28.82 -27.73 -32.02
N GLN E 32 29.26 -28.85 -32.57
CA GLN E 32 30.61 -28.97 -33.11
C GLN E 32 30.76 -28.26 -34.45
N ASP E 33 29.69 -27.76 -35.03
CA ASP E 33 29.77 -27.02 -36.28
C ASP E 33 30.46 -25.68 -36.05
N PRO E 34 31.61 -25.41 -36.69
CA PRO E 34 32.21 -24.08 -36.57
C PRO E 34 31.34 -23.02 -37.23
N ASN E 35 31.82 -21.77 -37.26
CA ASN E 35 31.05 -20.60 -37.68
C ASN E 35 29.83 -20.35 -36.80
N THR E 36 29.61 -21.19 -35.79
CA THR E 36 28.54 -21.01 -34.81
C THR E 36 29.16 -20.30 -33.60
N ARG E 37 28.86 -19.01 -33.46
CA ARG E 37 29.50 -18.19 -32.44
C ARG E 37 29.03 -18.53 -31.03
N TYR E 38 27.95 -19.30 -30.88
CA TYR E 38 27.39 -19.62 -29.56
C TYR E 38 26.94 -21.08 -29.56
N PRO E 39 27.89 -22.01 -29.41
CA PRO E 39 27.54 -23.44 -29.53
C PRO E 39 27.06 -24.07 -28.23
N VAL E 40 27.55 -23.56 -27.10
CA VAL E 40 27.27 -24.20 -25.81
C VAL E 40 25.81 -23.96 -25.44
N VAL E 41 25.05 -25.05 -25.28
CA VAL E 41 23.66 -24.99 -24.84
C VAL E 41 23.64 -25.32 -23.35
N VAL E 42 23.08 -24.40 -22.55
CA VAL E 42 23.04 -24.55 -21.11
C VAL E 42 21.58 -24.51 -20.65
N ARG E 43 21.23 -25.40 -19.73
CA ARG E 43 19.92 -25.43 -19.09
C ARG E 43 20.08 -25.02 -17.63
N PHE E 44 19.11 -24.27 -17.12
CA PHE E 44 19.24 -23.65 -15.81
C PHE E 44 18.16 -24.14 -14.85
N ASN E 45 18.48 -24.03 -13.57
CA ASN E 45 17.55 -24.46 -12.53
C ASN E 45 16.36 -23.51 -12.41
N LYS E 46 16.62 -22.20 -12.44
CA LYS E 46 15.59 -21.19 -12.26
C LYS E 46 15.36 -20.44 -13.56
N VAL E 47 14.09 -20.10 -13.81
CA VAL E 47 13.73 -19.39 -15.04
C VAL E 47 14.18 -17.94 -14.96
N ASN E 48 14.42 -17.32 -16.11
CA ASN E 48 14.81 -15.93 -16.17
C ASN E 48 13.57 -15.04 -16.10
N TYR E 49 13.73 -13.76 -16.45
CA TYR E 49 12.62 -12.83 -16.46
C TYR E 49 11.69 -13.03 -17.65
N ALA E 50 12.05 -13.90 -18.60
CA ALA E 50 11.19 -14.27 -19.71
C ALA E 50 10.69 -15.71 -19.59
N ASN E 51 10.79 -16.30 -18.38
CA ASN E 51 10.37 -17.68 -18.13
C ASN E 51 11.07 -18.66 -19.07
N VAL E 52 12.33 -18.37 -19.37
CA VAL E 52 13.17 -19.20 -20.23
C VAL E 52 14.22 -19.87 -19.36
N SER E 53 14.44 -21.16 -19.60
CA SER E 53 15.36 -21.95 -18.79
C SER E 53 16.56 -22.47 -19.57
N THR E 54 16.73 -22.10 -20.84
CA THR E 54 17.86 -22.55 -21.65
C THR E 54 18.36 -21.40 -22.51
N ASN E 55 19.66 -21.39 -22.78
CA ASN E 55 20.25 -20.34 -23.58
C ASN E 55 21.54 -20.85 -24.21
N ASN E 56 21.97 -20.17 -25.26
CA ASN E 56 23.19 -20.51 -25.99
C ASN E 56 24.29 -19.50 -25.64
N TYR E 57 25.50 -20.01 -25.44
CA TYR E 57 26.64 -19.19 -25.06
C TYR E 57 27.85 -19.58 -25.89
N ALA E 58 28.83 -18.67 -25.91
CA ALA E 58 30.08 -18.91 -26.61
C ALA E 58 31.01 -19.77 -25.76
N LEU E 59 32.15 -20.15 -26.34
CA LEU E 59 33.12 -20.96 -25.61
C LEU E 59 33.88 -20.12 -24.60
N ASP E 60 34.26 -18.89 -24.97
CA ASP E 60 34.89 -17.98 -24.02
C ASP E 60 33.88 -17.35 -23.06
N GLU E 61 32.61 -17.76 -23.13
CA GLU E 61 31.58 -17.25 -22.25
C GLU E 61 31.21 -18.22 -21.12
N VAL E 62 31.69 -19.45 -21.16
CA VAL E 62 31.40 -20.45 -20.14
C VAL E 62 32.70 -20.96 -19.55
N GLU E 63 32.68 -21.22 -18.24
CA GLU E 63 33.82 -21.77 -17.51
C GLU E 63 33.35 -23.04 -16.81
N GLU E 64 34.14 -24.10 -16.90
CA GLU E 64 33.78 -25.37 -16.30
C GLU E 64 34.14 -25.37 -14.82
N VAL E 65 33.15 -25.54 -13.96
CA VAL E 65 33.32 -25.57 -12.52
C VAL E 65 32.71 -26.85 -11.98
N LYS E 66 33.40 -27.49 -11.03
CA LYS E 66 32.89 -28.69 -10.39
C LYS E 66 32.39 -28.37 -8.98
N ASP F 1 16.67 11.12 39.51
CA ASP F 1 17.53 9.98 39.21
C ASP F 1 18.33 10.23 37.93
N ILE F 2 18.11 9.39 36.93
CA ILE F 2 18.84 9.47 35.67
C ILE F 2 18.08 10.40 34.73
N ALA F 3 18.84 11.26 34.03
CA ALA F 3 18.29 12.20 33.06
C ALA F 3 17.26 13.14 33.70
N GLY F 4 17.41 13.41 34.99
CA GLY F 4 16.49 14.25 35.71
C GLY F 4 15.18 13.59 36.09
N LEU F 5 14.99 12.32 35.76
CA LEU F 5 13.75 11.64 36.05
C LEU F 5 13.66 11.29 37.54
N THR F 6 12.42 11.12 38.01
CA THR F 6 12.16 10.66 39.36
C THR F 6 11.46 9.31 39.33
N PRO F 7 11.82 8.39 40.22
CA PRO F 7 11.15 7.08 40.23
C PRO F 7 9.66 7.22 40.43
N CYS F 8 8.90 6.34 39.78
CA CYS F 8 7.44 6.47 39.77
C CYS F 8 6.85 6.29 41.16
N LYS F 9 7.54 5.57 42.05
CA LYS F 9 7.09 5.49 43.43
C LYS F 9 7.18 6.82 44.16
N ASP F 10 8.03 7.73 43.68
CA ASP F 10 8.18 9.06 44.27
C ASP F 10 7.40 10.14 43.56
N SER F 11 7.00 9.91 42.31
CA SER F 11 6.36 10.95 41.52
C SER F 11 4.92 11.17 41.99
N LYS F 12 4.54 12.44 42.12
CA LYS F 12 3.15 12.76 42.46
C LYS F 12 2.24 12.65 41.26
N GLN F 13 2.73 13.03 40.07
CA GLN F 13 1.91 12.91 38.87
C GLN F 13 1.56 11.47 38.57
N PHE F 14 2.48 10.54 38.88
CA PHE F 14 2.19 9.12 38.69
C PHE F 14 1.03 8.67 39.57
N ALA F 15 1.05 9.09 40.84
CA ALA F 15 -0.03 8.73 41.75
C ALA F 15 -1.31 9.48 41.41
N LYS F 16 -1.21 10.68 40.86
CA LYS F 16 -2.41 11.41 40.47
C LYS F 16 -3.07 10.79 39.25
N ARG F 17 -2.28 10.22 38.34
CA ARG F 17 -2.86 9.48 37.22
C ARG F 17 -3.61 8.25 37.71
N GLU F 18 -3.04 7.52 38.66
CA GLU F 18 -3.73 6.36 39.22
C GLU F 18 -5.01 6.76 39.92
N LYS F 19 -4.98 7.86 40.67
CA LYS F 19 -6.19 8.36 41.32
C LYS F 19 -7.25 8.71 40.29
N GLN F 20 -6.92 9.61 39.36
CA GLN F 20 -7.90 10.10 38.39
C GLN F 20 -8.45 8.98 37.52
N SER F 21 -7.62 7.99 37.18
CA SER F 21 -8.10 6.86 36.40
C SER F 21 -9.10 6.03 37.19
N ILE F 22 -8.78 5.73 38.45
CA ILE F 22 -9.69 4.94 39.28
C ILE F 22 -10.96 5.71 39.56
N LYS F 23 -10.85 7.01 39.85
CA LYS F 23 -12.04 7.82 40.10
C LYS F 23 -12.91 7.96 38.85
N LYS F 24 -12.29 7.96 37.67
CA LYS F 24 -13.08 7.99 36.43
C LYS F 24 -13.84 6.69 36.25
N LEU F 25 -13.21 5.55 36.56
CA LEU F 25 -13.92 4.28 36.49
C LEU F 25 -15.01 4.19 37.55
N GLU F 26 -14.75 4.74 38.74
CA GLU F 26 -15.78 4.76 39.77
C GLU F 26 -16.96 5.63 39.36
N SER F 27 -16.69 6.74 38.66
CA SER F 27 -17.78 7.57 38.14
C SER F 27 -18.65 6.80 37.15
N SER F 28 -18.05 5.89 36.38
CA SER F 28 -18.84 4.99 35.54
C SER F 28 -19.54 3.91 36.36
N LEU F 29 -19.03 3.60 37.56
CA LEU F 29 -19.59 2.52 38.36
C LEU F 29 -20.87 2.91 39.07
N LYS F 30 -20.99 4.18 39.49
CA LYS F 30 -22.17 4.61 40.23
C LYS F 30 -23.45 4.46 39.42
N LEU F 31 -23.35 4.41 38.09
CA LEU F 31 -24.54 4.30 37.25
C LEU F 31 -25.18 2.93 37.33
N TYR F 32 -24.45 1.91 37.78
CA TYR F 32 -24.93 0.53 37.75
C TYR F 32 -25.08 -0.01 39.17
N ALA F 33 -25.85 -1.10 39.28
CA ALA F 33 -26.18 -1.68 40.56
C ALA F 33 -24.98 -2.46 41.13
N PRO F 34 -24.90 -2.59 42.47
CA PRO F 34 -23.74 -3.27 43.06
C PRO F 34 -23.64 -4.74 42.69
N ASP F 35 -24.76 -5.40 42.41
CA ASP F 35 -24.77 -6.81 42.00
C ASP F 35 -24.72 -6.99 40.50
N SER F 36 -24.61 -5.91 39.73
CA SER F 36 -24.70 -5.99 38.28
C SER F 36 -23.40 -6.57 37.70
N ALA F 37 -23.52 -7.05 36.46
CA ALA F 37 -22.36 -7.59 35.74
C ALA F 37 -21.46 -6.48 35.23
N PRO F 38 -22.00 -5.35 34.72
CA PRO F 38 -21.12 -4.19 34.48
C PRO F 38 -20.39 -3.72 35.72
N ALA F 39 -20.99 -3.88 36.90
CA ALA F 39 -20.32 -3.47 38.14
C ALA F 39 -19.11 -4.34 38.43
N LEU F 40 -19.27 -5.66 38.32
CA LEU F 40 -18.13 -6.56 38.53
C LEU F 40 -17.08 -6.36 37.46
N ALA F 41 -17.48 -6.00 36.24
CA ALA F 41 -16.52 -5.72 35.18
C ALA F 41 -15.72 -4.46 35.47
N ILE F 42 -16.40 -3.40 35.90
CA ILE F 42 -15.70 -2.16 36.23
C ILE F 42 -14.83 -2.33 37.47
N ASN F 43 -15.32 -3.10 38.45
CA ASN F 43 -14.52 -3.37 39.64
C ASN F 43 -13.26 -4.16 39.28
N ALA F 44 -13.38 -5.11 38.35
CA ALA F 44 -12.20 -5.87 37.92
C ALA F 44 -11.21 -4.99 37.17
N THR F 45 -11.72 -4.04 36.38
CA THR F 45 -10.84 -3.10 35.69
C THR F 45 -10.13 -2.18 36.68
N ILE F 46 -10.82 -1.79 37.75
CA ILE F 46 -10.19 -0.96 38.78
C ILE F 46 -9.08 -1.73 39.47
N GLU F 47 -9.36 -2.99 39.85
CA GLU F 47 -8.33 -3.82 40.47
C GLU F 47 -7.17 -4.06 39.51
N LYS F 48 -7.46 -4.24 38.22
CA LYS F 48 -6.41 -4.39 37.22
C LYS F 48 -5.59 -3.11 37.08
N THR F 49 -6.23 -1.95 37.23
CA THR F 49 -5.50 -0.68 37.16
C THR F 49 -4.57 -0.52 38.36
N LYS F 50 -5.06 -0.84 39.56
CA LYS F 50 -4.21 -0.78 40.75
C LYS F 50 -3.02 -1.71 40.62
N ARG F 51 -3.25 -2.92 40.11
CA ARG F 51 -2.15 -3.88 39.93
C ARG F 51 -1.11 -3.36 38.95
N ARG F 52 -1.56 -2.74 37.86
CA ARG F 52 -0.63 -2.22 36.85
C ARG F 52 0.24 -1.11 37.43
N PHE F 53 -0.39 -0.12 38.05
CA PHE F 53 0.36 1.01 38.61
C PHE F 53 1.32 0.54 39.70
N ASP F 54 0.87 -0.37 40.56
CA ASP F 54 1.72 -0.86 41.64
C ASP F 54 2.91 -1.62 41.08
N ASN F 55 2.70 -2.44 40.05
CA ASN F 55 3.80 -3.20 39.47
C ASN F 55 4.83 -2.27 38.81
N TYR F 56 4.36 -1.23 38.12
CA TYR F 56 5.29 -0.29 37.50
C TYR F 56 6.11 0.43 38.56
N GLY F 57 5.49 0.86 39.65
CA GLY F 57 6.24 1.53 40.70
C GLY F 57 7.14 0.63 41.49
N LYS F 58 6.83 -0.67 41.53
CA LYS F 58 7.62 -1.59 42.34
C LYS F 58 8.92 -2.01 41.67
N GLN F 59 8.93 -2.13 40.34
CA GLN F 59 10.09 -2.62 39.62
C GLN F 59 11.05 -1.52 39.21
N GLY F 60 11.00 -0.36 39.88
CA GLY F 60 11.98 0.68 39.66
C GLY F 60 11.85 1.45 38.38
N LEU F 61 10.66 1.54 37.81
CA LEU F 61 10.46 2.33 36.60
C LEU F 61 10.61 3.81 36.91
N LEU F 62 11.33 4.52 36.04
CA LEU F 62 11.51 5.95 36.18
C LEU F 62 10.38 6.70 35.48
N CYS F 63 9.94 7.80 36.10
CA CYS F 63 8.85 8.61 35.60
C CYS F 63 9.35 10.01 35.29
N GLY F 64 8.80 10.61 34.23
CA GLY F 64 9.08 11.98 33.90
C GLY F 64 8.17 12.95 34.65
N ALA F 65 8.17 14.19 34.19
CA ALA F 65 7.27 15.19 34.76
C ALA F 65 5.82 14.88 34.42
N ASP F 66 5.57 14.02 33.42
CA ASP F 66 4.23 13.67 33.00
C ASP F 66 3.64 12.50 33.78
N GLY F 67 4.41 11.90 34.69
CA GLY F 67 3.91 10.77 35.44
C GLY F 67 3.75 9.50 34.63
N LEU F 68 4.55 9.34 33.57
CA LEU F 68 4.48 8.17 32.72
C LEU F 68 5.83 7.47 32.69
N PRO F 69 5.85 6.13 32.75
CA PRO F 69 7.12 5.40 32.82
C PRO F 69 7.98 5.63 31.58
N HIS F 70 9.16 6.20 31.78
CA HIS F 70 10.15 6.35 30.73
C HIS F 70 11.17 5.23 30.83
N LEU F 71 11.59 4.71 29.68
CA LEU F 71 12.53 3.60 29.62
C LEU F 71 13.93 4.09 29.30
N ILE F 72 14.92 3.47 29.93
CA ILE F 72 16.32 3.84 29.77
C ILE F 72 17.04 2.66 29.12
N VAL F 73 17.46 2.85 27.87
CA VAL F 73 18.05 1.77 27.07
C VAL F 73 19.55 1.95 26.90
N SER F 74 20.17 2.85 27.67
CA SER F 74 21.61 3.03 27.58
C SER F 74 22.39 1.82 28.05
N GLY F 75 21.74 0.89 28.75
CA GLY F 75 22.43 -0.25 29.31
C GLY F 75 22.64 -0.20 30.80
N ASP F 76 22.17 0.86 31.46
CA ASP F 76 22.30 0.98 32.91
C ASP F 76 21.71 -0.24 33.60
N GLN F 77 22.52 -0.88 34.45
CA GLN F 77 22.15 -2.17 35.02
C GLN F 77 20.92 -2.09 35.92
N ARG F 78 20.50 -0.89 36.34
CA ARG F 78 19.27 -0.76 37.11
C ARG F 78 18.01 -0.96 36.28
N HIS F 79 18.13 -1.00 34.95
CA HIS F 79 16.94 -1.05 34.10
C HIS F 79 17.15 -2.00 32.92
N TRP F 80 17.86 -3.10 33.13
CA TRP F 80 18.03 -4.08 32.07
C TRP F 80 16.73 -4.77 31.69
N GLY F 81 15.76 -4.81 32.62
CA GLY F 81 14.47 -5.37 32.30
C GLY F 81 13.65 -4.53 31.35
N GLU F 82 14.11 -3.33 31.00
CA GLU F 82 13.37 -2.44 30.13
C GLU F 82 13.73 -2.60 28.65
N PHE F 83 14.88 -3.20 28.34
CA PHE F 83 15.26 -3.39 26.94
C PHE F 83 16.20 -4.56 26.74
N ILE F 84 17.36 -4.54 27.40
CA ILE F 84 18.42 -5.51 27.10
C ILE F 84 17.94 -6.92 27.38
N THR F 85 17.31 -7.14 28.54
CA THR F 85 16.84 -8.49 28.85
C THR F 85 15.72 -8.93 27.92
N PRO F 86 14.65 -8.15 27.68
CA PRO F 86 13.67 -8.58 26.68
C PRO F 86 14.23 -8.60 25.27
N GLY F 87 15.25 -7.80 24.99
CA GLY F 87 15.85 -7.83 23.67
C GLY F 87 16.63 -9.10 23.41
N ILE F 88 17.36 -9.58 24.41
CA ILE F 88 18.04 -10.88 24.29
C ILE F 88 17.01 -11.98 24.12
N LEU F 89 15.89 -11.89 24.83
CA LEU F 89 14.82 -12.87 24.64
C LEU F 89 14.28 -12.81 23.22
N PHE F 90 14.11 -11.62 22.67
CA PHE F 90 13.65 -11.51 21.28
C PHE F 90 14.66 -12.12 20.32
N LEU F 91 15.92 -11.70 20.42
CA LEU F 91 16.95 -12.22 19.53
C LEU F 91 17.04 -13.74 19.58
N TYR F 92 16.76 -14.33 20.74
CA TYR F 92 16.67 -15.79 20.82
C TYR F 92 15.51 -16.32 20.00
N ILE F 93 14.35 -15.65 20.10
CA ILE F 93 13.18 -16.11 19.36
C ILE F 93 13.34 -15.84 17.86
N ALA F 94 13.86 -14.66 17.51
CA ALA F 94 14.03 -14.32 16.10
C ALA F 94 15.02 -15.24 15.42
N GLY F 95 16.16 -15.49 16.07
CA GLY F 95 17.11 -16.45 15.53
C GLY F 95 16.52 -17.85 15.40
N TRP F 96 15.67 -18.23 16.36
CA TRP F 96 14.97 -19.51 16.26
C TRP F 96 14.12 -19.57 14.99
N ILE F 97 13.31 -18.54 14.75
CA ILE F 97 12.45 -18.53 13.57
C ILE F 97 13.29 -18.60 12.30
N GLY F 98 14.29 -17.73 12.18
CA GLY F 98 15.10 -17.70 10.98
C GLY F 98 15.89 -18.97 10.76
N TRP F 99 16.40 -19.57 11.84
CA TRP F 99 17.21 -20.77 11.70
C TRP F 99 16.36 -21.97 11.29
N VAL F 100 15.15 -22.08 11.85
CA VAL F 100 14.28 -23.19 11.50
C VAL F 100 13.82 -23.07 10.04
N GLY F 101 13.39 -21.87 9.65
CA GLY F 101 13.01 -21.65 8.26
C GLY F 101 14.17 -21.91 7.31
N ARG F 102 15.38 -21.54 7.72
CA ARG F 102 16.56 -21.81 6.90
C ARG F 102 16.82 -23.31 6.79
N SER F 103 16.70 -24.03 7.90
CA SER F 103 16.86 -25.48 7.86
C SER F 103 15.84 -26.13 6.94
N TYR F 104 14.62 -25.58 6.91
CA TYR F 104 13.58 -26.13 6.05
C TYR F 104 13.91 -25.89 4.58
N LEU F 105 14.36 -24.67 4.24
CA LEU F 105 14.69 -24.37 2.85
C LEU F 105 15.87 -25.20 2.36
N ILE F 106 16.84 -25.49 3.25
CA ILE F 106 17.97 -26.32 2.86
C ILE F 106 17.52 -27.76 2.62
N ALA F 107 16.59 -28.24 3.44
CA ALA F 107 16.17 -29.64 3.33
C ALA F 107 15.36 -29.89 2.07
N ILE F 108 14.62 -28.89 1.57
CA ILE F 108 13.77 -29.07 0.40
C ILE F 108 14.40 -28.54 -0.87
N ARG F 109 15.61 -27.98 -0.80
CA ARG F 109 16.24 -27.40 -1.98
C ARG F 109 16.65 -28.47 -2.99
N ASP F 110 16.76 -29.73 -2.57
CA ASP F 110 17.16 -30.82 -3.45
C ASP F 110 15.97 -31.66 -3.91
N ASP F 111 14.74 -31.21 -3.63
CA ASP F 111 13.55 -31.90 -4.10
C ASP F 111 13.42 -31.76 -5.62
N LYS F 112 12.57 -32.62 -6.21
CA LYS F 112 12.31 -32.54 -7.63
C LYS F 112 11.68 -31.20 -7.99
N LYS F 113 10.65 -30.80 -7.24
CA LYS F 113 10.03 -29.48 -7.36
C LYS F 113 10.14 -28.79 -6.00
N PRO F 114 11.21 -28.03 -5.75
CA PRO F 114 11.33 -27.34 -4.45
C PRO F 114 10.21 -26.37 -4.19
N THR F 115 9.62 -25.79 -5.25
CA THR F 115 8.48 -24.90 -5.08
C THR F 115 7.25 -25.63 -4.55
N GLN F 116 7.17 -26.95 -4.74
CA GLN F 116 6.01 -27.70 -4.26
C GLN F 116 5.92 -27.67 -2.74
N LYS F 117 7.06 -27.86 -2.06
CA LYS F 117 7.08 -27.85 -0.60
C LYS F 117 7.15 -26.46 -0.02
N GLU F 118 7.13 -25.42 -0.85
CA GLU F 118 7.06 -24.04 -0.35
C GLU F 118 5.65 -23.48 -0.32
N ILE F 119 4.77 -23.95 -1.22
CA ILE F 119 3.37 -23.55 -1.18
C ILE F 119 2.49 -24.61 -0.51
N ILE F 120 2.98 -25.84 -0.36
CA ILE F 120 2.32 -26.88 0.43
C ILE F 120 3.34 -27.35 1.46
N ILE F 121 3.14 -26.97 2.72
CA ILE F 121 4.13 -27.20 3.75
C ILE F 121 4.25 -28.69 4.05
N ASP F 122 5.50 -29.16 4.17
CA ASP F 122 5.77 -30.52 4.63
C ASP F 122 5.77 -30.48 6.16
N VAL F 123 4.59 -30.64 6.74
CA VAL F 123 4.46 -30.52 8.20
C VAL F 123 5.33 -31.54 8.93
N PRO F 124 5.39 -32.82 8.54
CA PRO F 124 6.34 -33.73 9.22
C PRO F 124 7.77 -33.22 9.24
N LEU F 125 8.27 -32.73 8.10
CA LEU F 125 9.61 -32.16 8.08
C LEU F 125 9.70 -30.92 8.95
N ALA F 126 8.65 -30.09 8.95
CA ALA F 126 8.65 -28.90 9.79
C ALA F 126 8.69 -29.27 11.26
N THR F 127 7.82 -30.19 11.68
CA THR F 127 7.77 -30.58 13.09
C THR F 127 9.09 -31.18 13.56
N GLY F 128 9.85 -31.81 12.66
CA GLY F 128 11.16 -32.31 13.03
C GLY F 128 12.23 -31.25 13.11
N LEU F 129 11.99 -30.08 12.49
CA LEU F 129 12.98 -29.02 12.46
C LEU F 129 12.68 -27.87 13.42
N VAL F 130 11.46 -27.78 13.94
CA VAL F 130 11.09 -26.63 14.77
C VAL F 130 11.91 -26.57 16.05
N PHE F 131 12.38 -27.72 16.53
CA PHE F 131 13.11 -27.77 17.79
C PHE F 131 14.61 -27.65 17.61
N ARG F 132 15.10 -27.50 16.39
CA ARG F 132 16.52 -27.20 16.18
C ARG F 132 16.84 -25.75 16.50
N GLY F 133 15.85 -24.86 16.48
CA GLY F 133 16.08 -23.48 16.87
C GLY F 133 16.34 -23.31 18.36
N PHE F 134 16.02 -24.33 19.16
CA PHE F 134 16.34 -24.28 20.58
C PHE F 134 17.83 -24.10 20.80
N SER F 135 18.65 -24.76 19.99
CA SER F 135 20.10 -24.63 20.04
C SER F 135 20.62 -23.85 18.83
N TRP F 136 19.86 -22.86 18.36
CA TRP F 136 20.27 -22.12 17.17
C TRP F 136 21.55 -21.32 17.37
N PRO F 137 21.78 -20.65 18.51
CA PRO F 137 23.06 -19.93 18.66
C PRO F 137 24.27 -20.83 18.60
N ILE F 138 24.12 -22.12 18.91
CA ILE F 138 25.23 -23.06 18.84
C ILE F 138 25.40 -23.57 17.41
N ALA F 139 24.32 -24.12 16.84
CA ALA F 139 24.39 -24.66 15.48
C ALA F 139 24.79 -23.58 14.48
N ALA F 140 24.34 -22.34 14.70
CA ALA F 140 24.75 -21.26 13.82
C ALA F 140 26.21 -20.91 14.02
N TYR F 141 26.66 -20.83 15.28
CA TYR F 141 28.05 -20.48 15.54
C TYR F 141 29.00 -21.51 14.96
N ARG F 142 28.68 -22.79 15.08
CA ARG F 142 29.53 -23.82 14.49
C ARG F 142 29.54 -23.71 12.97
N GLU F 143 28.36 -23.48 12.36
CA GLU F 143 28.32 -23.28 10.92
C GLU F 143 29.07 -22.03 10.49
N LEU F 144 29.27 -21.07 11.41
CA LEU F 144 30.08 -19.90 11.09
C LEU F 144 31.57 -20.27 11.03
N LEU F 145 32.02 -21.10 11.98
CA LEU F 145 33.42 -21.47 12.03
C LEU F 145 33.80 -22.49 10.96
N ASN F 146 32.83 -23.29 10.51
CA ASN F 146 33.10 -24.34 9.53
C ASN F 146 32.80 -23.91 8.09
N GLY F 147 32.40 -22.65 7.89
CA GLY F 147 32.12 -22.19 6.54
C GLY F 147 30.85 -22.72 5.93
N GLU F 148 29.87 -23.09 6.75
CA GLU F 148 28.62 -23.64 6.27
C GLU F 148 27.47 -22.64 6.28
N LEU F 149 27.65 -21.48 6.91
CA LEU F 149 26.56 -20.52 7.03
C LEU F 149 26.44 -19.63 5.80
N VAL F 150 27.56 -19.33 5.14
CA VAL F 150 27.59 -18.38 4.03
C VAL F 150 27.98 -19.12 2.76
N ALA F 151 27.27 -18.85 1.67
CA ALA F 151 27.59 -19.44 0.38
C ALA F 151 28.86 -18.81 -0.18
N LYS F 152 29.78 -19.65 -0.64
CA LYS F 152 31.08 -19.17 -1.11
C LYS F 152 30.94 -18.47 -2.46
N ASP F 153 31.50 -17.26 -2.54
CA ASP F 153 31.53 -16.47 -3.77
C ASP F 153 30.14 -16.22 -4.33
N VAL F 154 29.40 -15.29 -3.73
CA VAL F 154 28.10 -14.90 -4.23
C VAL F 154 27.99 -13.37 -4.29
N LEU G 1 58.67 39.34 23.88
CA LEU G 1 58.16 40.64 24.29
C LEU G 1 58.52 41.70 23.25
N ASN G 2 59.56 41.43 22.46
CA ASN G 2 59.99 42.33 21.41
C ASN G 2 59.59 41.76 20.06
N PRO G 3 58.82 42.50 19.26
CA PRO G 3 58.37 41.93 17.97
C PRO G 3 59.49 41.68 16.99
N SER G 4 60.47 42.59 16.89
CA SER G 4 61.57 42.38 15.96
C SER G 4 62.42 41.18 16.36
N LEU G 5 62.59 40.97 17.67
CA LEU G 5 63.39 39.83 18.14
C LEU G 5 62.73 38.51 17.77
N VAL G 6 61.42 38.38 18.04
CA VAL G 6 60.73 37.13 17.76
C VAL G 6 60.63 36.90 16.25
N ILE G 7 60.35 37.95 15.49
CA ILE G 7 60.19 37.80 14.05
C ILE G 7 61.51 37.46 13.38
N SER G 8 62.60 38.11 13.80
CA SER G 8 63.90 37.83 13.20
C SER G 8 64.39 36.44 13.57
N LEU G 9 64.22 36.03 14.83
CA LEU G 9 64.64 34.70 15.23
C LEU G 9 63.81 33.62 14.55
N SER G 10 62.49 33.82 14.47
CA SER G 10 61.62 32.81 13.87
C SER G 10 61.86 32.71 12.36
N THR G 11 61.93 33.84 11.68
CA THR G 11 62.18 33.81 10.23
C THR G 11 63.60 33.35 9.93
N GLY G 12 64.56 33.75 10.75
CA GLY G 12 65.94 33.31 10.54
C GLY G 12 66.09 31.81 10.69
N LEU G 13 65.48 31.24 11.74
CA LEU G 13 65.53 29.80 11.93
C LEU G 13 64.73 29.06 10.85
N SER G 14 63.63 29.64 10.40
CA SER G 14 62.84 29.01 9.34
C SER G 14 63.62 28.96 8.04
N LEU G 15 64.21 30.08 7.64
CA LEU G 15 65.05 30.10 6.44
C LEU G 15 66.26 29.18 6.60
N PHE G 16 66.82 29.13 7.81
CA PHE G 16 67.97 28.27 8.06
C PHE G 16 67.61 26.81 7.88
N LEU G 17 66.48 26.38 8.44
CA LEU G 17 66.05 25.00 8.29
C LEU G 17 65.74 24.68 6.83
N GLY G 18 65.03 25.58 6.14
CA GLY G 18 64.64 25.29 4.77
C GLY G 18 65.77 25.28 3.79
N ARG G 19 66.87 25.95 4.12
CA ARG G 19 68.02 25.99 3.23
C ARG G 19 69.01 24.87 3.52
N PHE G 20 69.32 24.62 4.80
CA PHE G 20 70.37 23.67 5.16
C PHE G 20 69.85 22.34 5.66
N VAL G 21 68.62 22.28 6.19
CA VAL G 21 68.12 21.05 6.79
C VAL G 21 67.03 20.45 5.90
N PHE G 22 65.87 21.11 5.85
CA PHE G 22 64.71 20.61 5.11
C PHE G 22 64.74 21.02 3.64
N PHE G 23 65.89 20.91 2.98
CA PHE G 23 66.01 21.29 1.58
C PHE G 23 66.06 20.08 0.64
N ASN G 24 66.91 19.11 0.94
CA ASN G 24 67.03 17.94 0.07
C ASN G 24 65.77 17.08 0.12
N PHE G 25 65.17 16.95 1.31
CA PHE G 25 63.91 16.21 1.42
C PHE G 25 62.80 16.91 0.66
N GLN G 26 62.76 18.25 0.72
CA GLN G 26 61.72 18.99 0.03
C GLN G 26 61.89 18.88 -1.48
N ARG G 27 63.14 18.91 -1.96
CA ARG G 27 63.37 18.86 -3.40
C ARG G 27 63.16 17.47 -3.98
N GLU G 28 63.57 16.43 -3.25
CA GLU G 28 63.34 15.08 -3.75
C GLU G 28 61.87 14.71 -3.70
N ASN G 29 61.12 15.26 -2.74
CA ASN G 29 59.69 14.99 -2.67
C ASN G 29 58.92 15.77 -3.74
N VAL G 30 59.36 17.00 -4.04
CA VAL G 30 58.72 17.76 -5.11
C VAL G 30 59.15 17.25 -6.49
N ALA G 31 60.24 16.48 -6.57
CA ALA G 31 60.63 15.87 -7.83
C ALA G 31 59.84 14.61 -8.11
N LYS G 32 59.68 13.75 -7.11
CA LYS G 32 58.84 12.56 -7.28
C LYS G 32 57.36 12.92 -7.34
N GLN G 33 56.98 14.07 -6.80
CA GLN G 33 55.59 14.53 -6.94
C GLN G 33 55.31 14.99 -8.35
N GLY G 34 56.14 15.89 -8.88
CA GLY G 34 56.02 16.33 -10.26
C GLY G 34 55.03 17.46 -10.44
N LEU G 35 54.89 17.88 -11.70
CA LEU G 35 53.97 18.93 -12.09
C LEU G 35 52.56 18.37 -12.25
N PRO G 36 51.54 19.09 -11.79
CA PRO G 36 50.16 18.61 -11.98
C PRO G 36 49.83 18.47 -13.46
N GLU G 37 49.09 17.42 -13.79
CA GLU G 37 48.85 17.06 -15.17
C GLU G 37 47.40 16.64 -15.38
N GLN G 38 46.85 17.01 -16.53
CA GLN G 38 45.49 16.65 -16.92
C GLN G 38 45.56 15.72 -18.13
N ASN G 39 44.82 14.61 -18.07
CA ASN G 39 44.80 13.61 -19.14
C ASN G 39 46.21 13.08 -19.44
N GLY G 40 46.96 12.79 -18.38
CA GLY G 40 48.30 12.24 -18.54
C GLY G 40 49.32 13.20 -19.11
N VAL G 41 49.04 14.50 -19.11
CA VAL G 41 49.96 15.49 -19.64
C VAL G 41 49.76 16.80 -18.88
N THR G 42 50.80 17.63 -18.86
CA THR G 42 50.81 18.83 -18.06
C THR G 42 49.68 19.79 -18.47
N HIS G 43 49.34 20.70 -17.56
CA HIS G 43 48.27 21.66 -17.83
C HIS G 43 48.63 22.56 -19.01
N PHE G 44 49.92 22.90 -19.15
CA PHE G 44 50.33 23.80 -20.23
C PHE G 44 50.29 23.09 -21.58
N GLU G 45 50.79 21.86 -21.65
CA GLU G 45 50.79 21.13 -22.92
C GLU G 45 49.38 20.88 -23.41
N ALA G 46 48.45 20.63 -22.48
CA ALA G 46 47.06 20.40 -22.87
C ALA G 46 46.45 21.62 -23.56
N GLY G 47 46.98 22.81 -23.26
CA GLY G 47 46.52 24.01 -23.96
C GLY G 47 46.15 25.17 -23.06
N ASP G 48 46.60 25.14 -21.81
CA ASP G 48 46.37 26.25 -20.90
C ASP G 48 47.53 27.24 -21.06
N THR G 49 47.26 28.37 -21.71
CA THR G 49 48.30 29.33 -22.04
C THR G 49 48.97 29.93 -20.81
N ARG G 50 48.26 29.95 -19.67
CA ARG G 50 48.76 30.59 -18.46
C ARG G 50 49.29 29.59 -17.44
N ALA G 51 49.50 28.33 -17.84
CA ALA G 51 50.00 27.29 -16.95
C ALA G 51 51.47 26.98 -17.19
N LYS G 52 52.22 27.89 -17.79
CA LYS G 52 53.65 27.70 -18.01
C LYS G 52 54.41 28.25 -16.80
N GLU G 53 55.16 27.38 -16.14
CA GLU G 53 55.88 27.81 -14.94
C GLU G 53 57.00 28.77 -15.30
N TYR G 54 57.21 29.75 -14.43
CA TYR G 54 58.15 30.85 -14.68
C TYR G 54 59.53 30.42 -14.23
N VAL G 55 60.29 29.80 -15.14
CA VAL G 55 61.63 29.35 -14.82
C VAL G 55 62.59 30.53 -14.67
N SER G 56 62.24 31.70 -15.22
CA SER G 56 63.09 32.87 -15.08
C SER G 56 63.12 33.37 -13.64
N LEU G 57 61.97 33.38 -12.97
CA LEU G 57 61.93 33.76 -11.56
C LEU G 57 62.55 32.69 -10.67
N LEU G 58 62.51 31.43 -11.10
CA LEU G 58 63.15 30.34 -10.39
C LEU G 58 64.66 30.30 -10.60
N LYS G 59 65.19 31.17 -11.45
CA LYS G 59 66.64 31.25 -11.64
C LYS G 59 67.29 31.92 -10.44
N SER G 60 68.30 31.26 -9.88
CA SER G 60 68.99 31.77 -8.71
C SER G 60 70.47 31.40 -8.80
N ASN G 61 71.34 32.39 -8.63
CA ASN G 61 72.78 32.14 -8.60
C ASN G 61 73.24 31.48 -7.29
N ASP G 62 72.29 31.11 -6.44
CA ASP G 62 72.63 30.38 -5.22
C ASP G 62 73.22 29.02 -5.57
N PRO G 63 74.22 28.56 -4.83
CA PRO G 63 74.85 27.26 -5.17
C PRO G 63 73.92 26.07 -5.08
N VAL G 64 72.93 26.10 -4.18
CA VAL G 64 72.01 24.97 -4.03
C VAL G 64 70.67 25.20 -4.72
N GLY G 65 70.39 26.42 -5.19
CA GLY G 65 69.17 26.69 -5.90
C GLY G 65 68.11 27.45 -5.13
N PHE G 66 68.44 27.96 -3.95
CA PHE G 66 67.50 28.76 -3.17
C PHE G 66 67.13 30.03 -3.93
N ASN G 67 65.89 30.13 -4.38
CA ASN G 67 65.43 31.26 -5.18
C ASN G 67 64.47 32.13 -4.37
N ILE G 68 63.71 32.97 -5.07
CA ILE G 68 62.81 33.90 -4.40
C ILE G 68 61.63 33.16 -3.77
N VAL G 69 61.12 32.13 -4.45
CA VAL G 69 59.95 31.43 -3.95
C VAL G 69 60.27 30.68 -2.66
N ASP G 70 61.46 30.10 -2.57
CA ASP G 70 61.87 29.43 -1.34
C ASP G 70 61.95 30.41 -0.18
N VAL G 71 62.47 31.62 -0.45
CA VAL G 71 62.49 32.66 0.58
C VAL G 71 61.06 33.00 1.01
N LEU G 72 60.14 33.11 0.04
CA LEU G 72 58.77 33.49 0.37
C LEU G 72 58.08 32.42 1.19
N ALA G 73 58.30 31.15 0.86
CA ALA G 73 57.65 30.06 1.58
C ALA G 73 58.14 29.98 3.02
N TRP G 74 59.46 29.79 3.18
CA TRP G 74 60.01 29.63 4.53
C TRP G 74 59.93 30.92 5.33
N GLY G 75 59.89 32.08 4.66
CA GLY G 75 59.69 33.32 5.37
C GLY G 75 58.26 33.48 5.88
N SER G 76 57.29 33.01 5.10
CA SER G 76 55.91 33.00 5.57
C SER G 76 55.74 32.06 6.76
N ILE G 77 56.49 30.95 6.76
CA ILE G 77 56.49 30.07 7.93
C ILE G 77 57.04 30.80 9.14
N GLY G 78 58.15 31.52 8.96
CA GLY G 78 58.77 32.21 10.08
C GLY G 78 57.89 33.29 10.66
N HIS G 79 57.22 34.06 9.81
CA HIS G 79 56.38 35.16 10.30
C HIS G 79 55.11 34.64 10.97
N ILE G 80 54.53 33.56 10.43
CA ILE G 80 53.34 32.99 11.05
C ILE G 80 53.69 32.38 12.40
N VAL G 81 54.81 31.68 12.49
CA VAL G 81 55.26 31.15 13.78
C VAL G 81 55.61 32.30 14.73
N ALA G 82 56.23 33.36 14.20
CA ALA G 82 56.60 34.49 15.04
C ALA G 82 55.37 35.15 15.65
N TYR G 83 54.38 35.47 14.81
CA TYR G 83 53.17 36.12 15.32
C TYR G 83 52.34 35.17 16.17
N TYR G 84 52.44 33.86 15.93
CA TYR G 84 51.81 32.91 16.84
C TYR G 84 52.47 32.96 18.21
N ILE G 85 53.80 32.99 18.24
CA ILE G 85 54.52 33.07 19.51
C ILE G 85 54.20 34.38 20.22
N LEU G 86 54.19 35.48 19.47
CA LEU G 86 53.91 36.78 20.06
C LEU G 86 52.48 36.85 20.60
N ALA G 87 51.52 36.38 19.80
CA ALA G 87 50.12 36.44 20.22
C ALA G 87 49.84 35.50 21.39
N THR G 88 50.56 34.39 21.48
CA THR G 88 50.38 33.48 22.61
C THR G 88 51.05 33.99 23.88
N SER G 89 52.01 34.90 23.77
CA SER G 89 52.68 35.45 24.93
C SER G 89 51.95 36.64 25.53
N SER G 90 51.15 37.36 24.73
CA SER G 90 50.50 38.59 25.18
C SER G 90 49.09 38.37 25.69
N ASN G 91 48.46 37.24 25.36
CA ASN G 91 47.08 37.01 25.78
C ASN G 91 46.96 36.81 27.28
N GLY G 92 47.99 36.26 27.92
CA GLY G 92 47.90 35.95 29.33
C GLY G 92 46.95 34.83 29.67
N TYR G 93 46.69 33.93 28.71
CA TYR G 93 45.81 32.81 28.97
C TYR G 93 46.50 31.77 29.84
N ASP G 94 45.76 31.20 30.77
CA ASP G 94 46.30 30.19 31.67
C ASP G 94 45.24 29.15 32.00
N PRO G 95 45.48 27.87 31.68
CA PRO G 95 44.55 26.82 32.13
C PRO G 95 44.61 26.62 33.63
N LYS G 96 43.85 25.64 34.13
CA LYS G 96 43.83 25.33 35.56
C LYS G 96 44.17 23.87 35.75
N PHE G 97 45.28 23.61 36.44
CA PHE G 97 45.75 22.25 36.67
C PHE G 97 44.78 21.49 37.58
N VAL H 1 -15.96 8.08 -59.50
CA VAL H 1 -15.76 7.04 -58.50
C VAL H 1 -15.26 7.66 -57.19
N TYR H 2 -15.14 6.83 -56.15
CA TYR H 2 -14.68 7.31 -54.86
C TYR H 2 -13.19 7.10 -54.63
N PHE H 3 -12.55 6.20 -55.37
CA PHE H 3 -11.11 6.01 -55.31
C PHE H 3 -10.53 6.26 -56.69
N ASP H 4 -9.88 7.40 -56.87
CA ASP H 4 -9.34 7.82 -58.15
C ASP H 4 -7.97 8.44 -57.91
N LEU H 5 -6.91 7.72 -58.31
CA LEU H 5 -5.55 8.19 -58.08
C LEU H 5 -5.25 9.52 -58.77
N GLU H 6 -6.13 9.98 -59.66
CA GLU H 6 -5.95 11.26 -60.32
C GLU H 6 -6.24 12.41 -59.36
N ASP H 7 -7.50 12.56 -58.97
CA ASP H 7 -7.94 13.62 -58.06
C ASP H 7 -8.08 13.02 -56.66
N LEU H 8 -7.11 13.31 -55.79
CA LEU H 8 -7.16 12.84 -54.42
C LEU H 8 -7.91 13.78 -53.49
N GLY H 9 -8.26 14.97 -53.96
CA GLY H 9 -9.15 15.82 -53.17
C GLY H 9 -10.54 15.23 -53.06
N ASN H 10 -11.02 14.61 -54.13
CA ASN H 10 -12.31 13.92 -54.09
C ASN H 10 -12.18 12.55 -53.43
N THR H 11 -10.99 11.94 -53.50
CA THR H 11 -10.79 10.63 -52.90
C THR H 11 -10.74 10.71 -51.38
N THR H 12 -10.09 11.76 -50.85
CA THR H 12 -9.91 11.92 -49.41
C THR H 12 -10.89 12.93 -48.81
N GLY H 13 -11.90 13.34 -49.55
CA GLY H 13 -12.94 14.20 -49.01
C GLY H 13 -12.55 15.64 -48.78
N GLN H 14 -11.61 16.16 -49.56
CA GLN H 14 -11.21 17.57 -49.43
C GLN H 14 -12.22 18.45 -50.15
N TRP H 15 -13.43 18.48 -49.60
CA TRP H 15 -14.55 19.21 -50.17
C TRP H 15 -14.87 20.43 -49.32
N ASP H 16 -15.74 21.28 -49.86
CA ASP H 16 -16.29 22.44 -49.16
C ASP H 16 -17.75 22.11 -48.88
N LEU H 17 -18.03 21.69 -47.64
CA LEU H 17 -19.37 21.18 -47.33
C LEU H 17 -20.39 22.31 -47.31
N TYR H 18 -20.07 23.45 -46.69
CA TYR H 18 -21.03 24.52 -46.50
C TYR H 18 -20.61 25.81 -47.19
N GLY H 19 -19.72 25.73 -48.18
CA GLY H 19 -19.36 26.90 -48.94
C GLY H 19 -20.41 27.22 -49.98
N SER H 20 -20.82 28.49 -50.05
CA SER H 20 -21.90 28.89 -50.94
C SER H 20 -21.40 29.17 -52.35
N ASP H 21 -20.26 29.85 -52.48
CA ASP H 21 -19.66 30.26 -53.75
C ASP H 21 -20.56 31.21 -54.54
N ALA H 22 -21.65 31.66 -53.94
CA ALA H 22 -22.55 32.60 -54.60
C ALA H 22 -21.95 34.00 -54.60
N PRO H 23 -22.45 34.89 -55.47
CA PRO H 23 -21.97 36.28 -55.45
C PRO H 23 -22.29 37.00 -54.14
N SER H 24 -21.79 38.22 -54.00
CA SER H 24 -21.90 38.93 -52.73
C SER H 24 -23.33 39.36 -52.47
N PRO H 25 -23.88 39.10 -51.28
CA PRO H 25 -25.15 39.72 -50.89
C PRO H 25 -24.99 41.13 -50.36
N TYR H 26 -23.79 41.49 -49.91
CA TYR H 26 -23.51 42.85 -49.47
C TYR H 26 -23.56 43.78 -50.68
N ASN H 27 -24.51 44.72 -50.66
CA ASN H 27 -24.62 45.67 -51.75
C ASN H 27 -23.40 46.60 -51.76
N SER H 28 -23.26 47.34 -52.86
CA SER H 28 -22.17 48.29 -53.00
C SER H 28 -22.39 49.47 -52.05
N LEU H 29 -21.55 50.50 -52.18
CA LEU H 29 -21.58 51.67 -51.31
C LEU H 29 -21.31 51.28 -49.86
N GLN H 30 -22.14 50.39 -49.31
CA GLN H 30 -21.90 49.85 -47.97
C GLN H 30 -20.54 49.17 -47.89
N SER H 31 -20.25 48.29 -48.85
CA SER H 31 -18.97 47.59 -48.84
C SER H 31 -17.81 48.56 -49.04
N LYS H 32 -17.97 49.53 -49.95
CA LYS H 32 -16.93 50.53 -50.15
C LYS H 32 -16.72 51.36 -48.91
N PHE H 33 -17.80 51.64 -48.17
CA PHE H 33 -17.68 52.30 -46.86
C PHE H 33 -16.74 51.53 -45.95
N PHE H 34 -16.95 50.23 -45.81
CA PHE H 34 -16.10 49.43 -44.93
C PHE H 34 -14.73 49.16 -45.55
N GLU H 35 -14.64 49.12 -46.88
CA GLU H 35 -13.37 48.86 -47.53
C GLU H 35 -12.43 50.06 -47.53
N THR H 36 -12.95 51.25 -47.27
CA THR H 36 -12.12 52.44 -47.16
C THR H 36 -11.84 52.86 -45.72
N PHE H 37 -12.75 52.57 -44.80
CA PHE H 37 -12.57 52.93 -43.40
C PHE H 37 -11.92 51.82 -42.59
N ALA H 38 -12.10 50.57 -42.99
CA ALA H 38 -11.35 49.45 -42.40
C ALA H 38 -10.15 49.06 -43.27
N ALA H 39 -9.68 50.00 -44.11
CA ALA H 39 -8.54 49.70 -44.99
C ALA H 39 -7.22 49.65 -44.23
N PRO H 40 -6.86 50.65 -43.41
CA PRO H 40 -5.55 50.59 -42.75
C PRO H 40 -5.43 49.47 -41.74
N PHE H 41 -6.54 48.86 -41.31
CA PHE H 41 -6.50 47.79 -40.33
C PHE H 41 -6.20 46.42 -40.95
N THR H 42 -6.08 46.34 -42.27
CA THR H 42 -5.92 45.08 -42.97
C THR H 42 -4.46 44.74 -43.28
N LYS H 43 -3.52 45.50 -42.71
CA LYS H 43 -2.11 45.13 -42.73
C LYS H 43 -1.81 44.43 -41.40
N ARG H 44 -1.66 43.10 -41.45
CA ARG H 44 -1.62 42.31 -40.23
C ARG H 44 -0.45 42.73 -39.33
N GLY H 45 0.70 43.08 -39.93
CA GLY H 45 1.81 43.56 -39.12
C GLY H 45 1.51 44.90 -38.48
N LEU H 46 0.98 45.83 -39.27
CA LEU H 46 0.62 47.15 -38.75
C LEU H 46 -0.51 47.04 -37.73
N LEU H 47 -1.50 46.19 -38.00
CA LEU H 47 -2.57 45.98 -37.03
C LEU H 47 -2.03 45.40 -35.73
N LEU H 48 -1.04 44.51 -35.83
CA LEU H 48 -0.46 43.91 -34.63
C LEU H 48 0.24 44.97 -33.78
N LYS H 49 1.04 45.83 -34.40
CA LYS H 49 1.67 46.92 -33.67
C LYS H 49 0.61 47.89 -33.12
N PHE H 50 -0.39 48.21 -33.93
CA PHE H 50 -1.42 49.15 -33.50
C PHE H 50 -2.22 48.60 -32.33
N LEU H 51 -2.54 47.30 -32.36
CA LEU H 51 -3.30 46.71 -31.28
C LEU H 51 -2.49 46.66 -29.99
N ILE H 52 -1.25 46.19 -30.06
CA ILE H 52 -0.42 46.06 -28.87
C ILE H 52 -0.16 47.42 -28.24
N LEU H 53 0.35 48.36 -29.04
CA LEU H 53 0.69 49.69 -28.50
C LEU H 53 -0.56 50.47 -28.13
N GLY H 54 -1.56 50.49 -29.02
CA GLY H 54 -2.78 51.21 -28.72
C GLY H 54 -3.52 50.64 -27.52
N GLY H 55 -3.64 49.31 -27.46
CA GLY H 55 -4.28 48.68 -26.32
C GLY H 55 -3.50 48.86 -25.04
N GLY H 56 -2.17 48.79 -25.13
CA GLY H 56 -1.35 48.99 -23.95
C GLY H 56 -1.42 50.41 -23.42
N SER H 57 -1.44 51.40 -24.33
CA SER H 57 -1.56 52.78 -23.91
C SER H 57 -2.95 53.08 -23.37
N THR H 58 -3.98 52.47 -23.97
CA THR H 58 -5.33 52.61 -23.44
C THR H 58 -5.42 52.03 -22.04
N LEU H 59 -4.83 50.85 -21.83
CA LEU H 59 -4.81 50.25 -20.50
C LEU H 59 -4.01 51.11 -19.53
N ALA H 60 -2.88 51.67 -19.98
CA ALA H 60 -2.07 52.52 -19.11
C ALA H 60 -2.80 53.81 -18.75
N TYR H 61 -3.63 54.33 -19.66
CA TYR H 61 -4.36 55.56 -19.36
C TYR H 61 -5.43 55.31 -18.30
N PHE H 62 -6.27 54.29 -18.50
CA PHE H 62 -7.35 54.03 -17.57
C PHE H 62 -6.86 53.46 -16.24
N SER H 63 -5.62 52.98 -16.19
CA SER H 63 -5.05 52.51 -14.93
C SER H 63 -4.34 53.63 -14.18
N ALA H 64 -3.62 54.50 -14.89
CA ALA H 64 -2.95 55.62 -14.23
C ALA H 64 -3.94 56.68 -13.77
N THR H 65 -5.04 56.86 -14.48
CA THR H 65 -6.06 57.84 -14.12
C THR H 65 -7.27 57.19 -13.46
N ALA H 66 -7.06 56.14 -12.67
CA ALA H 66 -8.14 55.48 -11.98
C ALA H 66 -8.71 56.39 -10.89
N SER H 67 -9.86 55.99 -10.35
CA SER H 67 -10.58 56.77 -9.35
C SER H 67 -10.83 55.93 -8.11
N GLY H 68 -10.79 56.61 -6.95
CA GLY H 68 -11.11 55.94 -5.70
C GLY H 68 -12.57 55.54 -5.59
N ASP H 69 -13.46 56.23 -6.30
CA ASP H 69 -14.88 55.84 -6.32
C ASP H 69 -15.13 54.57 -7.11
N ILE H 70 -14.16 54.14 -7.93
CA ILE H 70 -14.30 52.97 -8.78
C ILE H 70 -13.47 51.80 -8.26
N LEU H 71 -12.24 52.07 -7.80
CA LEU H 71 -11.35 51.04 -7.30
C LEU H 71 -11.07 51.26 -5.82
N PRO H 72 -11.29 50.25 -4.97
CA PRO H 72 -10.94 50.41 -3.55
C PRO H 72 -9.45 50.50 -3.31
N ILE H 73 -8.62 50.06 -4.26
CA ILE H 73 -7.18 50.11 -4.06
C ILE H 73 -6.67 51.54 -4.12
N LYS H 74 -7.31 52.39 -4.91
CA LYS H 74 -6.90 53.79 -4.98
C LYS H 74 -7.52 54.62 -3.87
N LYS H 75 -8.75 54.27 -3.44
CA LYS H 75 -9.36 54.96 -2.32
C LYS H 75 -8.55 54.81 -1.06
N GLY H 76 -7.83 53.70 -0.92
CA GLY H 76 -7.02 53.45 0.25
C GLY H 76 -7.87 53.14 1.46
N PRO H 77 -7.23 52.87 2.60
CA PRO H 77 -7.98 52.59 3.82
C PRO H 77 -8.61 53.86 4.37
N GLN H 78 -9.89 53.77 4.71
CA GLN H 78 -10.61 54.89 5.32
C GLN H 78 -10.71 54.78 6.83
N LEU H 79 -10.39 53.61 7.39
CA LEU H 79 -10.46 53.35 8.82
C LEU H 79 -9.11 53.54 9.46
N PRO H 80 -9.06 53.81 10.77
CA PRO H 80 -7.78 53.86 11.46
C PRO H 80 -7.12 52.50 11.46
N PRO H 81 -5.79 52.44 11.36
CA PRO H 81 -5.11 51.14 11.27
C PRO H 81 -5.30 50.30 12.52
N GLN H 82 -5.29 48.98 12.32
CA GLN H 82 -5.46 48.03 13.41
C GLN H 82 -4.17 47.90 14.20
N LEU H 83 -4.15 46.99 15.17
CA LEU H 83 -2.98 46.73 16.00
C LEU H 83 -2.63 45.25 15.90
N GLY H 84 -1.37 44.96 15.58
CA GLY H 84 -0.93 43.59 15.40
C GLY H 84 -1.01 42.78 16.68
N PRO H 85 -0.73 41.48 16.58
CA PRO H 85 -0.78 40.63 17.77
C PRO H 85 0.11 41.11 18.89
N ARG H 86 1.30 41.63 18.57
CA ARG H 86 2.18 42.21 19.58
C ARG H 86 2.71 43.56 19.09
N LEU H 87 2.94 43.67 17.79
CA LEU H 87 3.63 44.80 17.19
C LEU H 87 2.63 45.75 16.52
N GLY H 88 3.16 46.75 15.84
CA GLY H 88 2.34 47.74 15.16
C GLY H 88 1.72 47.22 13.88
N ASN I 1 1.11 55.85 -7.44
CA ASN I 1 0.83 56.23 -8.83
C ASN I 1 1.62 55.36 -9.80
N LEU I 2 2.86 55.04 -9.42
CA LEU I 2 3.72 54.19 -10.25
C LEU I 2 3.19 52.75 -10.31
N PRO I 3 2.69 52.17 -9.21
CA PRO I 3 2.04 50.85 -9.34
C PRO I 3 0.86 50.87 -10.31
N SER I 4 0.10 51.96 -10.35
CA SER I 4 -1.01 52.06 -11.29
C SER I 4 -0.57 52.07 -12.74
N LEU I 5 0.73 52.16 -13.00
CA LEU I 5 1.27 52.10 -14.36
C LEU I 5 2.06 50.82 -14.63
N PHE I 6 2.83 50.34 -13.65
CA PHE I 6 3.71 49.20 -13.87
C PHE I 6 3.06 47.86 -13.57
N VAL I 7 2.09 47.81 -12.66
CA VAL I 7 1.41 46.55 -12.38
C VAL I 7 0.65 46.03 -13.60
N PRO I 8 -0.13 46.84 -14.32
CA PRO I 8 -0.71 46.34 -15.58
C PRO I 8 0.35 46.14 -16.66
N LEU I 9 1.44 46.90 -16.62
CA LEU I 9 2.47 46.80 -17.65
C LEU I 9 3.24 45.49 -17.57
N VAL I 10 3.21 44.80 -16.42
CA VAL I 10 3.89 43.54 -16.26
C VAL I 10 2.93 42.36 -16.11
N GLY I 11 1.66 42.61 -15.77
CA GLY I 11 0.71 41.54 -15.58
C GLY I 11 -0.26 41.39 -16.74
N LEU I 12 -0.28 42.40 -17.62
CA LEU I 12 -1.20 42.38 -18.76
C LEU I 12 -0.45 42.61 -20.07
N LEU I 13 0.26 43.73 -20.18
CA LEU I 13 0.94 44.05 -21.43
C LEU I 13 2.16 43.14 -21.64
N PHE I 14 2.97 42.95 -20.60
CA PHE I 14 4.16 42.11 -20.74
C PHE I 14 3.83 40.67 -21.07
N PRO I 15 2.92 39.98 -20.36
CA PRO I 15 2.59 38.61 -20.78
C PRO I 15 1.92 38.56 -22.14
N ALA I 16 1.15 39.59 -22.51
CA ALA I 16 0.55 39.63 -23.84
C ALA I 16 1.61 39.66 -24.92
N VAL I 17 2.57 40.59 -24.81
CA VAL I 17 3.63 40.68 -25.80
C VAL I 17 4.53 39.45 -25.75
N ALA I 18 4.81 38.94 -24.55
CA ALA I 18 5.70 37.80 -24.41
C ALA I 18 5.08 36.54 -25.00
N MET I 19 3.81 36.28 -24.68
CA MET I 19 3.16 35.07 -25.19
C MET I 19 2.95 35.14 -26.70
N ALA I 20 2.62 36.32 -27.22
CA ALA I 20 2.42 36.46 -28.66
C ALA I 20 3.73 36.31 -29.41
N SER I 21 4.81 36.91 -28.91
CA SER I 21 6.10 36.83 -29.60
C SER I 21 6.66 35.41 -29.52
N LEU I 22 6.54 34.75 -28.37
CA LEU I 22 6.99 33.37 -28.27
C LEU I 22 6.17 32.45 -29.16
N PHE I 23 4.87 32.74 -29.30
CA PHE I 23 4.03 31.95 -30.20
C PHE I 23 4.52 32.07 -31.64
N LEU I 24 4.87 33.28 -32.08
CA LEU I 24 5.34 33.48 -33.44
C LEU I 24 6.68 32.78 -33.68
N HIS I 25 7.58 32.83 -32.69
CA HIS I 25 8.87 32.19 -32.86
C HIS I 25 8.76 30.67 -32.83
N VAL I 26 7.92 30.13 -31.94
CA VAL I 26 7.79 28.68 -31.84
C VAL I 26 7.14 28.10 -33.09
N GLU I 27 6.14 28.80 -33.63
CA GLU I 27 5.43 28.34 -34.83
C GLU I 27 6.12 28.72 -36.13
N LYS I 28 7.24 29.44 -36.07
CA LYS I 28 7.91 29.87 -37.28
C LYS I 28 8.60 28.70 -37.97
N ARG I 29 8.75 28.82 -39.29
CA ARG I 29 9.37 27.79 -40.11
C ARG I 29 10.50 28.40 -40.93
N LEU I 30 11.42 27.54 -41.36
CA LEU I 30 12.52 27.97 -42.23
C LEU I 30 12.59 27.08 -43.47
N MET J 1 -8.63 -38.63 1.95
CA MET J 1 -8.03 -38.46 3.27
C MET J 1 -6.64 -37.86 3.16
N ARG J 2 -5.77 -38.53 2.40
CA ARG J 2 -4.44 -37.98 2.15
C ARG J 2 -4.53 -36.66 1.39
N ASP J 3 -5.50 -36.55 0.48
CA ASP J 3 -5.71 -35.29 -0.23
C ASP J 3 -6.23 -34.22 0.71
N LEU J 4 -7.06 -34.61 1.68
CA LEU J 4 -7.56 -33.64 2.67
C LEU J 4 -6.42 -33.12 3.55
N LYS J 5 -5.54 -34.02 3.98
CA LYS J 5 -4.38 -33.59 4.77
C LYS J 5 -3.44 -32.74 3.95
N THR J 6 -3.31 -33.02 2.64
CA THR J 6 -2.48 -32.18 1.79
C THR J 6 -3.08 -30.79 1.63
N TYR J 7 -4.42 -30.68 1.64
CA TYR J 7 -5.04 -29.36 1.58
C TYR J 7 -4.80 -28.58 2.87
N LEU J 8 -4.86 -29.26 4.02
CA LEU J 8 -4.63 -28.58 5.30
C LEU J 8 -3.21 -28.07 5.42
N SER J 9 -2.27 -28.58 4.63
CA SER J 9 -0.88 -28.15 4.65
C SER J 9 -0.61 -26.99 3.71
N VAL J 10 -1.63 -26.51 2.98
CA VAL J 10 -1.42 -25.38 2.09
C VAL J 10 -1.12 -24.12 2.89
N ALA J 11 -0.52 -23.13 2.20
CA ALA J 11 0.01 -21.96 2.88
C ALA J 11 -1.03 -21.17 3.67
N PRO J 12 -2.22 -20.85 3.15
CA PRO J 12 -3.16 -20.07 3.96
C PRO J 12 -3.71 -20.84 5.16
N VAL J 13 -4.04 -22.11 4.99
CA VAL J 13 -4.60 -22.88 6.10
C VAL J 13 -3.56 -23.11 7.18
N ALA J 14 -2.34 -23.46 6.79
CA ALA J 14 -1.26 -23.58 7.77
C ALA J 14 -0.99 -22.26 8.45
N SER J 15 -1.11 -21.15 7.71
CA SER J 15 -0.90 -19.84 8.31
C SER J 15 -1.99 -19.51 9.32
N THR J 16 -3.25 -19.79 8.99
CA THR J 16 -4.34 -19.51 9.92
C THR J 16 -4.21 -20.32 11.19
N LEU J 17 -4.03 -21.64 11.06
CA LEU J 17 -3.87 -22.48 12.24
C LEU J 17 -2.68 -22.05 13.08
N TRP J 18 -1.56 -21.75 12.42
CA TRP J 18 -0.36 -21.33 13.14
C TRP J 18 -0.56 -19.98 13.81
N PHE J 19 -1.18 -19.02 13.09
CA PHE J 19 -1.38 -17.70 13.67
C PHE J 19 -2.52 -17.69 14.68
N ALA J 20 -3.50 -18.58 14.53
CA ALA J 20 -4.55 -18.70 15.54
C ALA J 20 -3.99 -19.24 16.84
N ALA J 21 -3.19 -20.31 16.76
CA ALA J 21 -2.52 -20.82 17.95
C ALA J 21 -1.59 -19.77 18.56
N LEU J 22 -0.91 -19.00 17.71
CA LEU J 22 -0.04 -17.95 18.21
C LEU J 22 -0.83 -16.83 18.86
N ALA J 23 -1.95 -16.43 18.23
CA ALA J 23 -2.76 -15.37 18.80
C ALA J 23 -3.36 -15.78 20.15
N GLY J 24 -3.85 -17.01 20.24
CA GLY J 24 -4.40 -17.48 21.50
C GLY J 24 -3.36 -17.54 22.61
N LEU J 25 -2.14 -17.95 22.27
CA LEU J 25 -1.08 -18.04 23.28
C LEU J 25 -0.72 -16.66 23.82
N LEU J 26 -0.51 -15.68 22.92
CA LEU J 26 -0.17 -14.33 23.36
C LEU J 26 -1.32 -13.71 24.15
N ILE J 27 -2.57 -14.07 23.81
CA ILE J 27 -3.71 -13.53 24.55
C ILE J 27 -3.72 -14.07 25.97
N GLU J 28 -3.45 -15.36 26.15
CA GLU J 28 -3.41 -15.93 27.49
C GLU J 28 -2.21 -15.42 28.28
N ILE J 29 -1.09 -15.16 27.61
CA ILE J 29 0.07 -14.60 28.30
C ILE J 29 -0.23 -13.21 28.82
N ASN J 30 -0.85 -12.37 27.98
CA ASN J 30 -1.27 -11.05 28.43
C ASN J 30 -2.51 -11.11 29.31
N ARG J 31 -3.13 -12.28 29.46
CA ARG J 31 -4.24 -12.46 30.39
C ARG J 31 -3.76 -12.81 31.80
N PHE J 32 -2.73 -13.64 31.90
CA PHE J 32 -2.12 -13.96 33.18
C PHE J 32 -1.03 -12.98 33.58
N PHE J 33 -0.53 -12.19 32.63
CA PHE J 33 0.51 -11.20 32.89
C PHE J 33 0.20 -9.94 32.09
N PRO J 34 -0.86 -9.22 32.46
CA PRO J 34 -1.26 -8.05 31.67
C PRO J 34 -0.30 -6.89 31.88
N ASP J 35 -0.35 -5.95 30.92
CA ASP J 35 0.46 -4.74 30.95
C ASP J 35 1.94 -5.10 30.81
N ALA J 36 2.74 -4.86 31.85
CA ALA J 36 4.15 -5.23 31.86
C ALA J 36 4.96 -4.50 30.79
N LEU J 37 5.52 -3.35 31.13
CA LEU J 37 6.44 -2.65 30.25
C LEU J 37 7.86 -3.18 30.33
N THR J 38 8.16 -4.06 31.28
CA THR J 38 9.52 -4.49 31.54
C THR J 38 9.55 -6.01 31.73
N PHE J 39 10.77 -6.53 31.91
CA PHE J 39 10.99 -7.92 32.29
C PHE J 39 11.22 -7.96 33.79
N PRO J 40 10.19 -8.22 34.60
CA PRO J 40 10.30 -7.98 36.05
C PRO J 40 11.05 -9.04 36.83
N PHE J 41 11.32 -10.19 36.23
CA PHE J 41 11.90 -11.30 36.99
C PHE J 41 13.41 -11.16 37.21
N PHE J 42 14.07 -10.28 36.47
CA PHE J 42 15.48 -9.96 36.66
C PHE J 42 16.37 -11.19 36.79
N ILE K 1 -75.55 -14.43 -4.85
CA ILE K 1 -76.29 -13.22 -5.18
C ILE K 1 -76.30 -12.31 -3.95
N GLY K 2 -76.66 -11.05 -4.16
CA GLY K 2 -76.81 -10.12 -3.05
C GLY K 2 -76.10 -8.79 -3.24
N SER K 3 -75.76 -8.46 -4.48
CA SER K 3 -75.09 -7.19 -4.78
C SER K 3 -75.08 -7.01 -6.29
N PRO K 4 -74.97 -5.76 -6.76
CA PRO K 4 -74.70 -5.54 -8.19
C PRO K 4 -73.33 -6.05 -8.62
N THR K 5 -72.45 -6.35 -7.66
CA THR K 5 -71.15 -6.93 -8.00
C THR K 5 -71.31 -8.25 -8.73
N ASN K 6 -72.36 -9.01 -8.42
CA ASN K 6 -72.60 -10.27 -9.12
C ASN K 6 -72.88 -10.03 -10.60
N LEU K 7 -73.70 -9.02 -10.91
CA LEU K 7 -74.02 -8.73 -12.30
C LEU K 7 -72.79 -8.26 -13.08
N ILE K 8 -72.00 -7.37 -12.47
CA ILE K 8 -70.81 -6.85 -13.15
C ILE K 8 -69.75 -7.92 -13.30
N MET K 9 -69.60 -8.78 -12.27
CA MET K 9 -68.58 -9.83 -12.33
C MET K 9 -68.96 -10.91 -13.32
N VAL K 10 -70.22 -11.37 -13.30
CA VAL K 10 -70.64 -12.38 -14.26
C VAL K 10 -70.66 -11.83 -15.67
N THR K 11 -70.80 -10.50 -15.83
CA THR K 11 -70.73 -9.92 -17.17
C THR K 11 -69.29 -9.90 -17.67
N SER K 12 -68.37 -9.34 -16.89
CA SER K 12 -66.97 -9.30 -17.29
C SER K 12 -66.42 -10.71 -17.48
N THR K 13 -66.79 -11.64 -16.59
CA THR K 13 -66.33 -13.02 -16.72
C THR K 13 -66.88 -13.66 -17.99
N SER K 14 -68.20 -13.81 -18.07
CA SER K 14 -68.82 -14.52 -19.19
C SER K 14 -68.49 -13.85 -20.53
N LEU K 15 -68.36 -12.52 -20.55
CA LEU K 15 -67.97 -11.84 -21.79
C LEU K 15 -66.52 -12.15 -22.16
N MET K 16 -65.63 -12.18 -21.16
CA MET K 16 -64.24 -12.52 -21.44
C MET K 16 -64.09 -14.00 -21.77
N LEU K 17 -64.83 -14.86 -21.07
CA LEU K 17 -64.92 -16.26 -21.48
C LEU K 17 -65.46 -16.36 -22.90
N PHE K 18 -66.40 -15.47 -23.25
CA PHE K 18 -66.98 -15.48 -24.59
C PHE K 18 -65.97 -15.08 -25.65
N ALA K 19 -65.22 -14.00 -25.39
CA ALA K 19 -64.22 -13.53 -26.36
C ALA K 19 -63.06 -14.51 -26.52
N GLY K 20 -62.81 -15.38 -25.53
CA GLY K 20 -61.74 -16.34 -25.66
C GLY K 20 -62.22 -17.70 -26.15
N ARG K 21 -63.48 -18.02 -25.86
CA ARG K 21 -64.05 -19.30 -26.27
C ARG K 21 -64.06 -19.43 -27.79
N PHE K 22 -64.70 -18.50 -28.48
CA PHE K 22 -64.72 -18.50 -29.93
C PHE K 22 -63.48 -17.78 -30.46
N GLY K 23 -63.63 -17.03 -31.54
CA GLY K 23 -62.57 -16.13 -31.98
C GLY K 23 -62.58 -14.87 -31.12
N LEU K 24 -61.98 -13.81 -31.65
CA LEU K 24 -62.05 -12.44 -31.15
C LEU K 24 -61.11 -12.14 -29.98
N ALA K 25 -60.15 -13.01 -29.67
CA ALA K 25 -59.19 -12.74 -28.61
C ALA K 25 -58.04 -13.75 -28.75
N PRO K 26 -56.86 -13.40 -28.25
CA PRO K 26 -55.72 -14.35 -28.29
C PRO K 26 -55.99 -15.55 -27.39
N SER K 27 -56.06 -16.72 -27.99
CA SER K 27 -56.28 -17.98 -27.30
C SER K 27 -54.98 -18.79 -27.29
N ALA K 28 -55.08 -20.03 -26.81
CA ALA K 28 -53.94 -20.94 -26.88
C ALA K 28 -53.61 -21.33 -28.32
N ASN K 29 -54.58 -21.24 -29.23
CA ASN K 29 -54.38 -21.53 -30.64
C ASN K 29 -54.57 -20.30 -31.53
N ARG K 30 -54.72 -19.12 -30.93
CA ARG K 30 -54.85 -17.86 -31.68
C ARG K 30 -53.79 -16.90 -31.16
N LYS K 31 -52.66 -16.81 -31.87
CA LYS K 31 -51.57 -15.93 -31.47
C LYS K 31 -51.73 -14.57 -32.16
N ALA K 32 -51.45 -13.51 -31.42
CA ALA K 32 -51.60 -12.15 -31.92
C ALA K 32 -50.26 -11.59 -32.39
N THR K 33 -50.34 -10.61 -33.28
CA THR K 33 -49.15 -9.99 -33.85
C THR K 33 -49.14 -8.49 -33.59
N ALA K 34 -49.65 -7.71 -34.54
CA ALA K 34 -49.64 -6.25 -34.47
C ALA K 34 -50.86 -5.70 -33.73
N GLY K 35 -51.42 -6.45 -32.77
CA GLY K 35 -52.56 -6.00 -32.02
C GLY K 35 -53.91 -6.25 -32.68
N LEU K 36 -53.93 -6.80 -33.88
CA LEU K 36 -55.19 -7.08 -34.58
C LEU K 36 -55.20 -8.38 -35.35
N LYS K 37 -54.06 -8.89 -35.83
CA LYS K 37 -54.03 -10.15 -36.54
C LYS K 37 -53.96 -11.31 -35.55
N LEU K 38 -54.70 -12.38 -35.85
CA LEU K 38 -54.75 -13.58 -35.02
C LEU K 38 -54.37 -14.78 -35.88
N GLU K 39 -53.08 -15.04 -35.99
CA GLU K 39 -52.60 -16.21 -36.71
C GLU K 39 -52.91 -17.48 -35.90
N ALA K 40 -53.00 -18.59 -36.61
CA ALA K 40 -53.44 -19.86 -36.02
C ALA K 40 -52.22 -20.66 -35.59
N ARG K 41 -52.02 -20.80 -34.28
CA ARG K 41 -50.99 -21.65 -33.70
C ARG K 41 -51.62 -22.98 -33.28
N ASP K 42 -50.76 -24.00 -33.17
CA ASP K 42 -51.15 -25.28 -32.59
C ASP K 42 -50.68 -25.29 -31.14
N SER K 43 -51.64 -25.32 -30.21
CA SER K 43 -51.32 -25.17 -28.80
C SER K 43 -50.55 -26.37 -28.25
N GLY K 44 -50.93 -27.57 -28.66
CA GLY K 44 -50.34 -28.78 -28.11
C GLY K 44 -51.10 -29.34 -26.92
N LEU K 45 -51.47 -28.47 -25.98
CA LEU K 45 -52.29 -28.90 -24.85
C LEU K 45 -53.68 -29.28 -25.35
N GLN K 46 -54.06 -30.54 -25.13
CA GLN K 46 -55.32 -31.04 -25.64
C GLN K 46 -56.49 -30.55 -24.81
N THR K 47 -57.59 -30.24 -25.48
CA THR K 47 -58.86 -29.94 -24.84
C THR K 47 -59.98 -30.60 -25.63
N GLY K 48 -60.97 -31.13 -24.92
CA GLY K 48 -62.07 -31.80 -25.60
C GLY K 48 -62.88 -30.89 -26.50
N ASP K 49 -62.85 -29.59 -26.25
CA ASP K 49 -63.65 -28.65 -27.02
C ASP K 49 -63.19 -28.65 -28.48
N PRO K 50 -64.12 -28.76 -29.44
CA PRO K 50 -63.70 -28.87 -30.84
C PRO K 50 -63.35 -27.56 -31.51
N ALA K 51 -63.78 -26.42 -30.96
CA ALA K 51 -63.56 -25.14 -31.63
C ALA K 51 -62.21 -24.51 -31.31
N GLY K 52 -61.65 -24.77 -30.13
CA GLY K 52 -60.31 -24.28 -29.84
C GLY K 52 -60.07 -23.80 -28.42
N PHE K 53 -61.13 -23.64 -27.64
CA PHE K 53 -60.98 -23.17 -26.28
C PHE K 53 -60.25 -24.22 -25.43
N THR K 54 -59.25 -23.78 -24.69
CA THR K 54 -58.42 -24.66 -23.87
C THR K 54 -58.58 -24.31 -22.39
N LEU K 55 -58.13 -25.21 -21.53
CA LEU K 55 -58.20 -24.95 -20.10
C LEU K 55 -57.22 -23.87 -19.67
N ALA K 56 -56.08 -23.78 -20.34
CA ALA K 56 -55.15 -22.67 -20.07
C ALA K 56 -55.78 -21.34 -20.46
N ASP K 57 -56.37 -21.28 -21.66
CA ASP K 57 -57.10 -20.09 -22.06
C ASP K 57 -58.38 -19.91 -21.26
N THR K 58 -58.91 -20.98 -20.67
CA THR K 58 -60.03 -20.87 -19.76
C THR K 58 -59.65 -20.09 -18.51
N LEU K 59 -58.57 -20.51 -17.85
CA LEU K 59 -58.11 -19.80 -16.66
C LEU K 59 -57.67 -18.38 -17.00
N ALA K 60 -57.09 -18.19 -18.19
CA ALA K 60 -56.68 -16.84 -18.60
C ALA K 60 -57.90 -15.93 -18.75
N CYS K 61 -58.95 -16.41 -19.41
CA CYS K 61 -60.14 -15.59 -19.58
C CYS K 61 -60.87 -15.37 -18.27
N GLY K 62 -60.87 -16.37 -17.39
CA GLY K 62 -61.50 -16.19 -16.09
C GLY K 62 -60.79 -15.15 -15.23
N VAL K 63 -59.46 -15.13 -15.30
CA VAL K 63 -58.69 -14.18 -14.52
C VAL K 63 -58.88 -12.77 -15.05
N VAL K 64 -58.77 -12.59 -16.36
CA VAL K 64 -58.96 -11.27 -16.95
C VAL K 64 -60.39 -10.80 -16.77
N GLY K 65 -61.36 -11.73 -16.81
CA GLY K 65 -62.73 -11.37 -16.48
C GLY K 65 -62.85 -10.85 -15.06
N HIS K 66 -62.08 -11.41 -14.13
CA HIS K 66 -62.06 -10.92 -12.76
C HIS K 66 -61.25 -9.64 -12.63
N ILE K 67 -60.22 -9.46 -13.45
CA ILE K 67 -59.46 -8.21 -13.42
C ILE K 67 -60.34 -7.05 -13.86
N ILE K 68 -61.01 -7.20 -15.01
CA ILE K 68 -61.93 -6.17 -15.47
C ILE K 68 -63.13 -6.07 -14.53
N GLY K 69 -63.56 -7.19 -13.96
CA GLY K 69 -64.70 -7.15 -13.05
C GLY K 69 -64.41 -6.35 -11.80
N VAL K 70 -63.30 -6.65 -11.13
CA VAL K 70 -62.93 -5.90 -9.93
C VAL K 70 -62.67 -4.44 -10.27
N GLY K 71 -62.07 -4.18 -11.43
CA GLY K 71 -61.81 -2.80 -11.83
C GLY K 71 -63.08 -2.00 -12.05
N VAL K 72 -64.06 -2.60 -12.73
CA VAL K 72 -65.30 -1.89 -13.01
C VAL K 72 -66.13 -1.75 -11.73
N VAL K 73 -66.17 -2.80 -10.91
CA VAL K 73 -66.97 -2.76 -9.67
C VAL K 73 -66.46 -1.66 -8.75
N LEU K 74 -65.16 -1.68 -8.44
CA LEU K 74 -64.58 -0.67 -7.57
C LEU K 74 -64.50 0.70 -8.23
N GLY K 75 -64.67 0.78 -9.55
CA GLY K 75 -64.75 2.06 -10.23
C GLY K 75 -66.13 2.67 -10.14
N LEU K 76 -67.16 1.84 -10.28
CA LEU K 76 -68.53 2.32 -10.15
C LEU K 76 -68.96 2.46 -8.69
N LYS K 77 -68.32 1.74 -7.77
CA LYS K 77 -68.64 1.89 -6.35
C LYS K 77 -67.98 3.13 -5.76
N ASN K 78 -66.84 3.54 -6.31
CA ASN K 78 -66.14 4.74 -5.84
C ASN K 78 -66.57 6.00 -6.57
N ILE K 79 -67.48 5.88 -7.54
CA ILE K 79 -68.07 7.06 -8.19
C ILE K 79 -69.56 7.08 -7.86
N GLY K 80 -70.32 6.16 -8.46
CA GLY K 80 -71.74 6.07 -8.24
C GLY K 80 -72.40 4.96 -9.03
N TYR L 1 -35.93 2.15 -45.25
CA TYR L 1 -35.57 3.56 -45.22
C TYR L 1 -34.77 3.90 -43.96
N GLN L 2 -33.69 4.65 -44.15
CA GLN L 2 -32.83 5.06 -43.05
C GLN L 2 -32.48 6.53 -43.21
N VAL L 3 -32.09 7.15 -42.09
CA VAL L 3 -31.84 8.59 -42.05
C VAL L 3 -30.34 8.89 -42.09
N VAL L 4 -29.52 8.07 -41.45
CA VAL L 4 -28.09 8.33 -41.37
C VAL L 4 -27.39 7.64 -42.54
N GLN L 5 -26.62 8.41 -43.29
CA GLN L 5 -25.90 7.94 -44.47
C GLN L 5 -24.44 8.38 -44.35
N PRO L 6 -23.54 7.71 -45.07
CA PRO L 6 -22.13 8.10 -45.04
C PRO L 6 -21.94 9.50 -45.60
N ILE L 7 -20.79 10.09 -45.24
CA ILE L 7 -20.49 11.48 -45.61
C ILE L 7 -20.24 11.55 -47.11
N ASN L 8 -21.18 12.17 -47.84
CA ASN L 8 -21.11 12.33 -49.29
C ASN L 8 -20.97 10.97 -49.99
N GLY L 9 -21.61 9.94 -49.43
CA GLY L 9 -21.62 8.62 -50.04
C GLY L 9 -20.37 7.79 -49.82
N ASP L 10 -19.36 8.32 -49.13
CA ASP L 10 -18.13 7.59 -48.90
C ASP L 10 -18.09 7.11 -47.45
N PRO L 11 -18.15 5.81 -47.20
CA PRO L 11 -18.20 5.32 -45.81
C PRO L 11 -16.86 5.35 -45.09
N PHE L 12 -15.75 5.50 -45.81
CA PHE L 12 -14.43 5.41 -45.22
C PHE L 12 -13.81 6.78 -44.94
N ILE L 13 -14.61 7.84 -45.04
CA ILE L 13 -14.23 9.16 -44.56
C ILE L 13 -14.84 9.36 -43.18
N GLY L 14 -14.02 9.75 -42.21
CA GLY L 14 -14.44 9.82 -40.83
C GLY L 14 -15.51 10.85 -40.52
N SER L 15 -16.75 10.57 -40.90
CA SER L 15 -17.90 11.43 -40.59
C SER L 15 -19.16 10.68 -41.03
N LEU L 16 -20.31 11.28 -40.73
CA LEU L 16 -21.60 10.76 -41.16
C LEU L 16 -22.50 11.92 -41.57
N GLU L 17 -23.59 11.59 -42.25
CA GLU L 17 -24.59 12.57 -42.66
C GLU L 17 -25.84 12.36 -41.81
N THR L 18 -26.21 13.37 -41.04
CA THR L 18 -27.37 13.35 -40.15
C THR L 18 -28.15 14.63 -40.32
N PRO L 19 -29.38 14.70 -39.81
CA PRO L 19 -30.13 15.96 -39.85
C PRO L 19 -29.38 17.15 -39.28
N VAL L 20 -28.46 16.92 -38.34
CA VAL L 20 -27.65 18.02 -37.83
C VAL L 20 -26.59 18.41 -38.84
N THR L 21 -26.01 17.44 -39.54
CA THR L 21 -24.96 17.71 -40.53
C THR L 21 -25.53 18.07 -41.89
N SER L 22 -26.24 17.14 -42.53
CA SER L 22 -26.73 17.30 -43.89
C SER L 22 -28.25 17.44 -43.87
N SER L 23 -28.73 18.68 -43.87
CA SER L 23 -30.14 18.99 -43.93
C SER L 23 -30.29 20.31 -44.66
N PRO L 24 -31.36 20.50 -45.44
CA PRO L 24 -31.50 21.74 -46.21
C PRO L 24 -31.46 23.00 -45.36
N LEU L 25 -32.09 22.97 -44.19
CA LEU L 25 -32.09 24.15 -43.32
C LEU L 25 -30.68 24.43 -42.79
N VAL L 26 -29.99 23.40 -42.31
CA VAL L 26 -28.64 23.57 -41.78
C VAL L 26 -27.68 23.95 -42.90
N ALA L 27 -27.78 23.28 -44.05
CA ALA L 27 -26.86 23.55 -45.15
C ALA L 27 -27.02 24.98 -45.66
N TRP L 28 -28.26 25.45 -45.80
CA TRP L 28 -28.50 26.80 -46.28
C TRP L 28 -28.03 27.84 -45.26
N TYR L 29 -28.38 27.63 -44.00
CA TYR L 29 -28.03 28.60 -42.96
C TYR L 29 -26.52 28.75 -42.82
N LEU L 30 -25.79 27.62 -42.82
CA LEU L 30 -24.34 27.70 -42.73
C LEU L 30 -23.73 28.28 -44.01
N SER L 31 -24.31 27.95 -45.17
CA SER L 31 -23.85 28.52 -46.43
C SER L 31 -24.11 30.02 -46.53
N ASN L 32 -24.93 30.58 -45.64
CA ASN L 32 -25.25 32.00 -45.66
C ASN L 32 -24.63 32.75 -44.49
N LEU L 33 -23.82 32.08 -43.66
CA LEU L 33 -23.03 32.79 -42.66
C LEU L 33 -21.77 33.35 -43.30
N PRO L 34 -21.32 34.54 -42.84
CA PRO L 34 -20.24 35.22 -43.56
C PRO L 34 -18.94 34.45 -43.60
N GLY L 35 -18.70 33.55 -42.64
CA GLY L 35 -17.51 32.73 -42.66
C GLY L 35 -17.50 31.68 -43.75
N TYR L 36 -18.67 31.36 -44.29
CA TYR L 36 -18.80 30.35 -45.34
C TYR L 36 -19.21 30.95 -46.68
N ARG L 37 -19.04 32.26 -46.86
CA ARG L 37 -19.27 32.91 -48.15
C ARG L 37 -17.92 32.99 -48.87
N THR L 38 -17.52 31.85 -49.43
CA THR L 38 -16.22 31.60 -50.05
C THR L 38 -15.95 32.42 -51.31
N ALA L 39 -16.78 33.41 -51.67
CA ALA L 39 -16.54 34.22 -52.85
C ALA L 39 -16.64 35.71 -52.54
N VAL L 40 -16.56 36.08 -51.26
CA VAL L 40 -16.74 37.47 -50.82
C VAL L 40 -15.43 37.94 -50.22
N ASN L 41 -15.12 39.23 -50.42
CA ASN L 41 -13.93 39.85 -49.86
C ASN L 41 -13.89 39.64 -48.35
N PRO L 42 -12.85 39.00 -47.82
CA PRO L 42 -12.83 38.68 -46.38
C PRO L 42 -12.92 39.90 -45.47
N LEU L 43 -12.63 41.09 -45.98
CA LEU L 43 -12.80 42.30 -45.17
C LEU L 43 -14.25 42.47 -44.76
N LEU L 44 -15.17 42.26 -45.70
CA LEU L 44 -16.60 42.44 -45.40
C LEU L 44 -17.11 41.34 -44.47
N ARG L 45 -16.69 40.10 -44.71
CA ARG L 45 -17.07 39.00 -43.82
C ARG L 45 -16.56 39.25 -42.42
N GLY L 46 -15.34 39.80 -42.30
CA GLY L 46 -14.85 40.19 -40.99
C GLY L 46 -15.69 41.28 -40.35
N ILE L 47 -16.16 42.24 -41.16
CA ILE L 47 -17.01 43.30 -40.65
C ILE L 47 -18.26 42.72 -40.01
N GLU L 48 -18.90 41.75 -40.68
CA GLU L 48 -20.13 41.17 -40.16
C GLU L 48 -19.86 40.36 -38.90
N VAL L 49 -18.84 39.49 -38.93
CA VAL L 49 -18.51 38.70 -37.75
C VAL L 49 -18.11 39.61 -36.60
N GLY L 50 -17.35 40.66 -36.89
CA GLY L 50 -16.96 41.60 -35.86
C GLY L 50 -18.15 42.36 -35.28
N LEU L 51 -19.06 42.81 -36.15
CA LEU L 51 -20.23 43.53 -35.69
C LEU L 51 -21.11 42.66 -34.80
N ALA L 52 -21.28 41.38 -35.17
CA ALA L 52 -22.14 40.50 -34.39
C ALA L 52 -21.52 40.19 -33.04
N HIS L 53 -20.23 39.89 -33.01
CA HIS L 53 -19.59 39.48 -31.76
C HIS L 53 -19.33 40.67 -30.84
N GLY L 54 -18.90 41.79 -31.40
CA GLY L 54 -18.72 42.99 -30.57
C GLY L 54 -20.02 43.45 -29.96
N PHE L 55 -21.13 43.30 -30.69
CA PHE L 55 -22.44 43.64 -30.16
C PHE L 55 -22.86 42.68 -29.05
N LEU L 56 -22.55 41.39 -29.21
CA LEU L 56 -22.96 40.40 -28.22
C LEU L 56 -22.16 40.50 -26.94
N LEU L 57 -20.86 40.81 -27.05
CA LEU L 57 -19.97 40.77 -25.89
C LEU L 57 -20.30 41.83 -24.85
N VAL L 58 -21.01 42.89 -25.23
CA VAL L 58 -21.24 44.00 -24.30
C VAL L 58 -22.17 43.56 -23.17
N GLY L 59 -23.17 42.74 -23.47
CA GLY L 59 -24.15 42.31 -22.51
C GLY L 59 -23.58 41.67 -21.26
N PRO L 60 -22.84 40.57 -21.42
CA PRO L 60 -22.28 39.89 -20.23
C PRO L 60 -21.34 40.76 -19.41
N PHE L 61 -20.48 41.55 -20.06
CA PHE L 61 -19.52 42.35 -19.30
C PHE L 61 -20.23 43.42 -18.47
N VAL L 62 -21.28 44.02 -19.02
CA VAL L 62 -21.97 45.10 -18.30
C VAL L 62 -22.83 44.55 -17.18
N LYS L 63 -23.55 43.45 -17.44
CA LYS L 63 -24.49 42.92 -16.46
C LYS L 63 -23.84 42.03 -15.41
N ALA L 64 -22.60 41.57 -15.63
CA ALA L 64 -21.93 40.69 -14.68
C ALA L 64 -20.64 41.25 -14.12
N GLY L 65 -20.12 42.36 -14.66
CA GLY L 65 -18.86 42.89 -14.22
C GLY L 65 -18.90 43.40 -12.79
N PRO L 66 -17.77 43.93 -12.32
CA PRO L 66 -17.71 44.41 -10.94
C PRO L 66 -18.50 45.70 -10.72
N LEU L 67 -18.48 46.60 -11.68
CA LEU L 67 -19.22 47.87 -11.58
C LEU L 67 -20.68 47.72 -12.00
N ARG L 68 -21.22 46.50 -11.98
CA ARG L 68 -22.56 46.27 -12.52
C ARG L 68 -23.62 47.02 -11.71
N ASN L 69 -23.49 47.06 -10.39
CA ASN L 69 -24.48 47.72 -9.55
C ASN L 69 -24.17 49.19 -9.31
N THR L 70 -22.94 49.62 -9.59
CA THR L 70 -22.59 51.04 -9.56
C THR L 70 -22.96 51.63 -10.93
N GLU L 71 -24.24 51.96 -11.07
CA GLU L 71 -24.77 52.44 -12.34
C GLU L 71 -24.12 53.73 -12.83
N ILE L 72 -23.25 54.34 -12.02
CA ILE L 72 -22.55 55.55 -12.46
C ILE L 72 -21.56 55.21 -13.58
N ALA L 73 -20.93 54.04 -13.50
CA ALA L 73 -19.92 53.64 -14.47
C ALA L 73 -20.14 52.26 -15.06
N GLY L 74 -21.18 51.53 -14.63
CA GLY L 74 -21.38 50.18 -15.13
C GLY L 74 -21.70 50.11 -16.61
N GLN L 75 -22.40 51.13 -17.13
CA GLN L 75 -22.70 51.16 -18.56
C GLN L 75 -21.43 51.27 -19.40
N ALA L 76 -20.37 51.85 -18.84
CA ALA L 76 -19.08 51.94 -19.53
C ALA L 76 -18.31 50.63 -19.51
N GLY L 77 -18.87 49.56 -18.91
CA GLY L 77 -18.24 48.26 -18.96
C GLY L 77 -18.07 47.70 -20.35
N SER L 78 -18.65 48.35 -21.37
CA SER L 78 -18.40 47.98 -22.75
C SER L 78 -16.92 48.10 -23.11
N LEU L 79 -16.19 48.93 -22.37
CA LEU L 79 -14.74 49.01 -22.55
C LEU L 79 -14.10 47.65 -22.39
N ALA L 80 -14.57 46.86 -21.42
CA ALA L 80 -14.06 45.49 -21.26
C ALA L 80 -14.34 44.66 -22.51
N ALA L 81 -15.57 44.76 -23.03
CA ALA L 81 -15.87 44.09 -24.29
C ALA L 81 -14.97 44.60 -25.41
N GLY L 82 -14.77 45.93 -25.49
CA GLY L 82 -13.88 46.48 -26.48
C GLY L 82 -12.45 46.01 -26.30
N GLY L 83 -12.02 45.88 -25.04
CA GLY L 83 -10.68 45.37 -24.78
C GLY L 83 -10.52 43.93 -25.21
N LEU L 84 -11.55 43.11 -25.03
CA LEU L 84 -11.51 41.73 -25.49
C LEU L 84 -11.46 41.66 -27.00
N VAL L 85 -12.21 42.54 -27.68
CA VAL L 85 -12.11 42.62 -29.14
C VAL L 85 -10.69 42.95 -29.56
N VAL L 86 -10.06 43.90 -28.85
CA VAL L 86 -8.65 44.20 -29.11
C VAL L 86 -7.79 42.95 -28.92
N ILE L 87 -7.99 42.26 -27.79
CA ILE L 87 -7.22 41.04 -27.52
C ILE L 87 -7.51 39.99 -28.59
N LEU L 88 -8.80 39.80 -28.92
CA LEU L 88 -9.15 38.82 -29.94
C LEU L 88 -8.62 39.21 -31.30
N SER L 89 -8.63 40.51 -31.62
CA SER L 89 -8.03 40.96 -32.88
C SER L 89 -6.53 40.68 -32.90
N ILE L 90 -5.89 40.64 -31.73
CA ILE L 90 -4.50 40.20 -31.66
C ILE L 90 -4.41 38.70 -31.89
N CYS L 91 -5.26 37.93 -31.22
CA CYS L 91 -5.30 36.49 -31.42
C CYS L 91 -5.55 36.15 -32.89
N LEU L 92 -6.49 36.85 -33.52
CA LEU L 92 -6.74 36.67 -34.94
C LEU L 92 -5.50 37.03 -35.75
N THR L 93 -4.88 38.16 -35.43
CA THR L 93 -3.72 38.63 -36.18
C THR L 93 -2.57 37.63 -36.08
N ILE L 94 -2.13 37.33 -34.85
CA ILE L 94 -1.01 36.43 -34.65
C ILE L 94 -1.28 35.04 -35.21
N TYR L 95 -2.57 34.67 -35.36
CA TYR L 95 -2.89 33.38 -35.96
C TYR L 95 -2.48 33.35 -37.43
N GLY L 96 -2.91 34.35 -38.21
CA GLY L 96 -2.59 34.36 -39.62
C GLY L 96 -1.11 34.51 -39.89
N ILE L 97 -0.40 35.24 -39.02
CA ILE L 97 1.05 35.38 -39.18
C ILE L 97 1.73 34.02 -39.22
N SER L 98 1.29 33.11 -38.35
CA SER L 98 1.90 31.80 -38.26
C SER L 98 1.32 30.81 -39.25
N SER L 99 0.05 30.96 -39.63
CA SER L 99 -0.61 29.97 -40.46
C SER L 99 -0.25 30.12 -41.93
N PHE L 100 -0.44 31.31 -42.48
CA PHE L 100 -0.26 31.56 -43.91
C PHE L 100 0.93 32.49 -44.14
N ASN L 101 1.71 32.19 -45.16
CA ASN L 101 2.82 33.04 -45.58
C ASN L 101 2.38 33.96 -46.71
N GLU L 102 3.25 34.93 -47.01
CA GLU L 102 2.91 35.98 -47.99
C GLU L 102 2.62 35.38 -49.36
N GLY L 103 3.54 34.56 -49.87
CA GLY L 103 3.38 33.96 -51.18
C GLY L 103 2.60 32.67 -51.22
N ASP L 104 2.18 32.15 -50.07
CA ASP L 104 1.48 30.88 -50.05
C ASP L 104 0.08 31.03 -50.66
N PRO L 105 -0.40 30.04 -51.42
CA PRO L 105 -1.78 30.09 -51.91
C PRO L 105 -2.78 29.76 -50.83
N SER L 106 -4.02 29.48 -51.21
CA SER L 106 -5.06 29.15 -50.25
C SER L 106 -4.98 27.68 -49.86
N THR L 107 -5.19 27.42 -48.58
CA THR L 107 -5.23 26.05 -48.06
C THR L 107 -6.65 25.49 -48.01
N ALA L 108 -7.65 26.31 -48.37
CA ALA L 108 -9.03 25.86 -48.38
C ALA L 108 -9.23 24.82 -49.48
N PRO L 109 -10.28 23.99 -49.36
CA PRO L 109 -10.55 23.01 -50.43
C PRO L 109 -10.88 23.70 -51.74
N SER L 110 -10.35 23.15 -52.83
CA SER L 110 -10.62 23.63 -54.18
C SER L 110 -11.61 22.73 -54.91
N LEU L 111 -12.49 22.05 -54.17
CA LEU L 111 -13.47 21.15 -54.74
C LEU L 111 -14.85 21.52 -54.21
N THR L 112 -15.86 20.77 -54.67
CA THR L 112 -17.23 20.92 -54.22
C THR L 112 -17.74 19.57 -53.74
N LEU L 113 -18.79 19.60 -52.92
CA LEU L 113 -19.38 18.36 -52.42
C LEU L 113 -19.86 17.45 -53.55
N THR L 114 -19.99 17.98 -54.76
CA THR L 114 -20.43 17.19 -55.91
C THR L 114 -19.28 16.82 -56.84
N GLY L 115 -18.04 17.20 -56.50
CA GLY L 115 -16.87 16.80 -57.25
C GLY L 115 -16.31 17.87 -58.19
N ARG L 116 -17.13 18.85 -58.58
CA ARG L 116 -16.67 19.85 -59.53
C ARG L 116 -15.61 20.75 -58.92
N LYS L 117 -14.68 21.21 -59.77
CA LYS L 117 -13.61 22.08 -59.32
C LYS L 117 -14.17 23.43 -58.89
N LYS L 118 -13.46 24.08 -57.96
CA LYS L 118 -13.95 25.29 -57.33
C LYS L 118 -12.77 26.20 -57.01
N GLN L 119 -13.05 27.49 -56.91
CA GLN L 119 -12.03 28.46 -56.54
C GLN L 119 -11.89 28.51 -55.02
N PRO L 120 -10.71 28.28 -54.47
CA PRO L 120 -10.59 28.19 -53.00
C PRO L 120 -10.89 29.51 -52.32
N ASP L 121 -11.47 29.40 -51.12
CA ASP L 121 -11.77 30.58 -50.32
C ASP L 121 -10.47 31.33 -50.00
N GLN L 122 -10.47 32.64 -50.27
CA GLN L 122 -9.30 33.45 -50.00
C GLN L 122 -9.11 33.75 -48.53
N LEU L 123 -9.96 33.21 -47.65
CA LEU L 123 -9.78 33.42 -46.22
C LEU L 123 -8.55 32.69 -45.69
N GLN L 124 -8.23 31.53 -46.25
CA GLN L 124 -7.05 30.76 -45.87
C GLN L 124 -5.79 31.27 -46.57
N THR L 125 -5.78 32.54 -46.96
CA THR L 125 -4.61 33.21 -47.53
C THR L 125 -4.15 34.30 -46.57
N ALA L 126 -2.86 34.62 -46.64
CA ALA L 126 -2.29 35.62 -45.73
C ALA L 126 -3.03 36.95 -45.83
N ASP L 127 -3.17 37.47 -47.05
CA ASP L 127 -3.84 38.75 -47.22
C ASP L 127 -5.33 38.65 -46.95
N GLY L 128 -5.94 37.50 -47.26
CA GLY L 128 -7.35 37.33 -46.95
C GLY L 128 -7.62 37.33 -45.46
N TRP L 129 -6.80 36.61 -44.69
CA TRP L 129 -6.97 36.61 -43.24
C TRP L 129 -6.66 37.97 -42.64
N ALA L 130 -5.69 38.70 -43.22
CA ALA L 130 -5.40 40.05 -42.74
C ALA L 130 -6.60 40.96 -42.91
N LYS L 131 -7.31 40.85 -44.05
CA LYS L 131 -8.53 41.62 -44.24
C LYS L 131 -9.62 41.19 -43.27
N PHE L 132 -9.67 39.90 -42.93
CA PHE L 132 -10.69 39.43 -41.99
C PHE L 132 -10.42 39.94 -40.59
N THR L 133 -9.15 39.94 -40.15
CA THR L 133 -8.82 40.50 -38.85
C THR L 133 -9.11 42.00 -38.82
N GLY L 134 -8.74 42.72 -39.88
CA GLY L 134 -9.05 44.13 -39.95
C GLY L 134 -10.54 44.39 -39.98
N GLY L 135 -11.28 43.54 -40.70
CA GLY L 135 -12.74 43.68 -40.71
C GLY L 135 -13.36 43.31 -39.37
N PHE L 136 -12.86 42.24 -38.74
CA PHE L 136 -13.39 41.85 -37.44
C PHE L 136 -13.11 42.92 -36.39
N PHE L 137 -11.93 43.54 -36.46
CA PHE L 137 -11.62 44.61 -35.51
C PHE L 137 -12.51 45.82 -35.73
N PHE L 138 -12.66 46.25 -36.99
CA PHE L 138 -13.47 47.43 -37.29
C PHE L 138 -14.93 47.18 -36.93
N GLY L 139 -15.47 46.03 -37.34
CA GLY L 139 -16.82 45.69 -36.93
C GLY L 139 -16.94 45.40 -35.44
N GLY L 140 -15.88 44.87 -34.84
CA GLY L 140 -15.87 44.58 -33.43
C GLY L 140 -16.02 45.82 -32.57
N ILE L 141 -15.13 46.80 -32.76
CA ILE L 141 -15.23 48.04 -32.02
C ILE L 141 -16.50 48.78 -32.39
N SER L 142 -16.96 48.64 -33.64
CA SER L 142 -18.22 49.25 -34.03
C SER L 142 -19.41 48.55 -33.37
N GLY L 143 -19.32 47.23 -33.20
CA GLY L 143 -20.38 46.51 -32.51
C GLY L 143 -20.47 46.89 -31.04
N VAL L 144 -19.31 47.09 -30.41
CA VAL L 144 -19.30 47.49 -29.00
C VAL L 144 -19.83 48.91 -28.84
N ILE L 145 -19.45 49.81 -29.74
CA ILE L 145 -19.94 51.18 -29.69
C ILE L 145 -21.44 51.23 -29.92
N TRP L 146 -21.93 50.48 -30.91
CA TRP L 146 -23.34 50.50 -31.24
C TRP L 146 -24.18 49.85 -30.16
N ALA L 147 -23.66 48.81 -29.50
CA ALA L 147 -24.39 48.18 -28.41
C ALA L 147 -24.50 49.11 -27.22
N PHE L 148 -23.39 49.75 -26.84
CA PHE L 148 -23.43 50.73 -25.75
C PHE L 148 -24.25 51.95 -26.13
N PHE L 149 -24.37 52.25 -27.43
CA PHE L 149 -25.18 53.37 -27.88
C PHE L 149 -26.64 53.20 -27.44
N LEU L 150 -27.13 51.97 -27.42
CA LEU L 150 -28.47 51.69 -26.90
C LEU L 150 -28.39 51.34 -25.43
N LEU L 151 -29.38 51.78 -24.66
CA LEU L 151 -29.32 51.63 -23.21
C LEU L 151 -30.69 51.61 -22.56
N TYR L 152 -31.69 52.20 -23.20
CA TYR L 152 -32.96 52.46 -22.52
C TYR L 152 -34.12 51.78 -23.22
N VAL L 153 -35.22 51.66 -22.47
CA VAL L 153 -36.45 50.99 -22.87
C VAL L 153 -36.14 49.53 -23.21
N LEU L 154 -35.41 48.85 -22.32
CA LEU L 154 -35.17 47.42 -22.43
C LEU L 154 -35.29 46.81 -21.03
N ASP L 155 -35.86 45.61 -20.96
CA ASP L 155 -36.14 45.00 -19.67
C ASP L 155 -34.88 44.63 -18.90
N LEU L 156 -33.75 44.46 -19.58
CA LEU L 156 -32.47 44.16 -18.93
C LEU L 156 -31.41 45.09 -19.51
N PRO L 157 -31.36 46.35 -19.05
CA PRO L 157 -30.39 47.33 -19.56
C PRO L 157 -29.08 47.32 -18.78
N ASP M 1 59.57 -20.32 19.27
CA ASP M 1 58.15 -20.18 18.93
C ASP M 1 57.40 -19.46 20.05
N TRP M 2 56.67 -18.41 19.69
CA TRP M 2 55.90 -17.65 20.68
C TRP M 2 54.62 -18.35 21.11
N MET M 3 54.20 -19.40 20.41
CA MET M 3 52.97 -20.10 20.73
C MET M 3 53.06 -21.52 20.18
N PRO M 4 53.60 -22.45 20.97
CA PRO M 4 53.77 -23.83 20.49
C PRO M 4 52.42 -24.44 20.10
N GLY M 5 52.40 -25.07 18.92
CA GLY M 5 51.21 -25.63 18.33
C GLY M 5 50.69 -24.85 17.14
N GLN M 6 50.95 -23.54 17.10
CA GLN M 6 50.52 -22.69 15.99
C GLN M 6 51.56 -22.70 14.88
N PRO M 7 51.15 -22.85 13.62
CA PRO M 7 52.12 -22.80 12.53
C PRO M 7 52.63 -21.38 12.32
N ARG M 8 53.92 -21.28 12.01
CA ARG M 8 54.55 -19.98 11.81
C ARG M 8 54.03 -19.31 10.55
N PRO M 9 54.05 -17.98 10.49
CA PRO M 9 53.75 -17.29 9.24
C PRO M 9 54.77 -17.63 8.16
N SER M 10 54.40 -17.32 6.92
CA SER M 10 55.23 -17.72 5.79
C SER M 10 56.49 -16.85 5.68
N TYR M 11 56.36 -15.55 5.94
CA TYR M 11 57.46 -14.62 5.75
C TYR M 11 58.39 -14.52 6.96
N LEU M 12 57.95 -14.99 8.13
CA LEU M 12 58.79 -14.98 9.33
C LEU M 12 59.56 -16.30 9.37
N ASP M 13 60.79 -16.28 8.89
CA ASP M 13 61.60 -17.49 8.83
C ASP M 13 62.14 -17.87 10.21
N GLY M 14 62.71 -16.91 10.92
CA GLY M 14 63.36 -17.18 12.18
C GLY M 14 64.80 -16.68 12.18
N SER M 15 65.17 -15.97 11.11
CA SER M 15 66.52 -15.44 10.97
C SER M 15 66.66 -14.05 11.55
N ALA M 16 65.61 -13.22 11.42
CA ALA M 16 65.67 -11.85 11.90
C ALA M 16 65.83 -11.83 13.42
N PRO M 17 66.48 -10.79 13.97
CA PRO M 17 66.61 -10.68 15.43
C PRO M 17 65.25 -10.45 16.07
N GLY M 18 64.88 -11.35 16.98
CA GLY M 18 63.58 -11.30 17.61
C GLY M 18 62.48 -12.02 16.86
N ASP M 19 62.82 -12.85 15.88
CA ASP M 19 61.84 -13.56 15.07
C ASP M 19 61.32 -14.76 15.86
N PHE M 20 60.29 -14.53 16.65
CA PHE M 20 59.59 -15.60 17.35
C PHE M 20 58.31 -16.03 16.65
N GLY M 21 57.99 -15.43 15.51
CA GLY M 21 56.82 -15.82 14.74
C GLY M 21 55.54 -15.12 15.12
N PHE M 22 55.60 -13.87 15.55
CA PHE M 22 54.44 -13.14 16.05
C PHE M 22 53.98 -12.13 15.01
N ASP M 23 52.89 -12.46 14.30
CA ASP M 23 52.21 -11.54 13.41
C ASP M 23 50.80 -12.07 13.13
N PRO M 24 49.90 -12.06 14.12
CA PRO M 24 48.55 -12.62 13.87
C PRO M 24 47.77 -11.87 12.82
N LEU M 25 47.88 -10.54 12.79
CA LEU M 25 47.15 -9.73 11.82
C LEU M 25 47.85 -9.66 10.47
N ARG M 26 49.02 -10.28 10.33
CA ARG M 26 49.78 -10.27 9.08
C ARG M 26 50.11 -8.85 8.65
N LEU M 27 50.56 -8.03 9.60
CA LEU M 27 50.92 -6.65 9.29
C LEU M 27 52.22 -6.58 8.50
N GLY M 28 53.11 -7.56 8.68
CA GLY M 28 54.34 -7.61 7.93
C GLY M 28 54.22 -8.47 6.68
N GLU M 29 53.01 -8.50 6.11
CA GLU M 29 52.77 -9.26 4.89
C GLU M 29 53.65 -8.77 3.74
N VAL M 30 53.85 -7.46 3.66
CA VAL M 30 54.67 -6.85 2.62
C VAL M 30 56.09 -6.69 3.13
N PRO M 31 57.11 -7.13 2.37
CA PRO M 31 58.50 -6.96 2.83
C PRO M 31 58.89 -5.51 3.02
N GLU M 32 58.33 -4.60 2.21
CA GLU M 32 58.57 -3.17 2.43
C GLU M 32 58.06 -2.74 3.80
N ASN M 33 56.84 -3.15 4.14
CA ASN M 33 56.29 -2.84 5.46
C ASN M 33 57.07 -3.55 6.55
N LEU M 34 57.42 -4.82 6.33
CA LEU M 34 58.14 -5.59 7.34
C LEU M 34 59.50 -4.97 7.65
N GLU M 35 60.23 -4.55 6.60
CA GLU M 35 61.52 -3.92 6.83
C GLU M 35 61.37 -2.56 7.50
N ARG M 36 60.35 -1.80 7.10
CA ARG M 36 60.09 -0.52 7.76
C ARG M 36 59.70 -0.73 9.22
N PHE M 37 58.92 -1.78 9.50
CA PHE M 37 58.56 -2.07 10.88
C PHE M 37 59.77 -2.49 11.70
N LYS M 38 60.70 -3.25 11.09
CA LYS M 38 61.90 -3.66 11.79
C LYS M 38 62.72 -2.45 12.25
N GLU M 39 62.73 -1.39 11.45
CA GLU M 39 63.38 -0.16 11.88
C GLU M 39 62.57 0.53 12.97
N SER M 40 61.27 0.70 12.74
CA SER M 40 60.43 1.44 13.69
C SER M 40 60.38 0.75 15.05
N GLU M 41 60.45 -0.58 15.07
CA GLU M 41 60.41 -1.30 16.35
C GLU M 41 61.64 -0.98 17.20
N LEU M 42 62.82 -1.00 16.58
CA LEU M 42 64.04 -0.66 17.32
C LEU M 42 64.02 0.77 17.80
N ILE M 43 63.38 1.67 17.06
CA ILE M 43 63.29 3.06 17.49
C ILE M 43 62.42 3.18 18.73
N HIS M 44 61.25 2.52 18.73
CA HIS M 44 60.42 2.49 19.92
C HIS M 44 61.12 1.77 21.06
N CYS M 45 61.82 0.67 20.74
CA CYS M 45 62.54 -0.08 21.77
C CYS M 45 63.60 0.77 22.44
N ARG M 46 64.34 1.55 21.65
CA ARG M 46 65.43 2.34 22.20
C ARG M 46 64.92 3.57 22.94
N TRP M 47 63.84 4.18 22.47
CA TRP M 47 63.24 5.28 23.21
C TRP M 47 62.71 4.80 24.56
N ALA M 48 62.19 3.57 24.61
CA ALA M 48 61.68 3.03 25.86
C ALA M 48 62.82 2.63 26.79
N MET M 49 63.91 2.09 26.24
CA MET M 49 65.06 1.73 27.06
C MET M 49 65.77 2.97 27.62
N LEU M 50 65.56 4.14 27.02
CA LEU M 50 66.00 5.39 27.62
C LEU M 50 64.95 6.00 28.53
N ALA M 51 63.67 5.72 28.27
CA ALA M 51 62.59 6.34 29.05
C ALA M 51 62.47 5.71 30.43
N VAL M 52 62.39 4.37 30.49
CA VAL M 52 62.14 3.69 31.75
C VAL M 52 63.17 4.05 32.82
N PRO M 53 64.48 4.03 32.55
CA PRO M 53 65.42 4.53 33.56
C PRO M 53 65.15 5.98 33.94
N GLY M 54 64.95 6.85 32.95
CA GLY M 54 64.66 8.24 33.24
C GLY M 54 63.31 8.47 33.90
N ILE M 55 62.43 7.48 33.86
CA ILE M 55 61.12 7.63 34.48
C ILE M 55 61.15 7.22 35.96
N LEU M 56 61.95 6.22 36.31
CA LEU M 56 61.94 5.68 37.66
C LEU M 56 63.15 6.06 38.51
N VAL M 57 64.21 6.59 37.91
CA VAL M 57 65.41 6.95 38.69
C VAL M 57 65.18 8.23 39.49
N PRO M 58 64.67 9.32 38.89
CA PRO M 58 64.39 10.51 39.71
C PRO M 58 63.37 10.28 40.81
N GLU M 59 62.52 9.26 40.67
CA GLU M 59 61.55 8.94 41.73
C GLU M 59 62.23 8.33 42.94
N ALA M 60 63.30 7.55 42.74
CA ALA M 60 64.05 7.01 43.86
C ALA M 60 64.71 8.11 44.69
N LEU M 61 64.94 9.28 44.09
CA LEU M 61 65.52 10.41 44.80
C LEU M 61 64.39 11.27 45.35
N GLY M 62 64.69 12.53 45.70
CA GLY M 62 63.67 13.42 46.21
C GLY M 62 62.71 13.94 45.15
N LEU M 63 63.10 13.88 43.88
CA LEU M 63 62.25 14.34 42.80
C LEU M 63 61.00 13.47 42.69
N GLY M 64 59.90 14.09 42.27
CA GLY M 64 58.63 13.40 42.17
C GLY M 64 58.60 12.45 40.99
N ASN M 65 57.39 11.98 40.70
CA ASN M 65 57.18 11.06 39.59
C ASN M 65 57.37 11.78 38.26
N TRP M 66 57.44 10.99 37.19
CA TRP M 66 57.65 11.56 35.86
C TRP M 66 56.48 12.41 35.41
N VAL M 67 55.30 12.25 36.01
CA VAL M 67 54.14 13.04 35.62
C VAL M 67 54.18 14.42 36.26
N LYS M 68 54.69 14.52 37.49
CA LYS M 68 54.83 15.83 38.14
C LYS M 68 56.14 16.52 37.81
N ALA M 69 57.14 15.79 37.31
CA ALA M 69 58.38 16.39 36.87
C ALA M 69 58.25 17.09 35.52
N GLN M 70 57.04 17.12 34.94
CA GLN M 70 56.74 17.84 33.71
C GLN M 70 55.53 18.75 33.92
N GLU M 71 55.57 19.52 35.01
CA GLU M 71 54.42 20.28 35.47
C GLU M 71 54.61 21.78 35.51
N TRP M 72 55.85 22.28 35.55
CA TRP M 72 56.06 23.72 35.64
C TRP M 72 55.50 24.45 34.42
N ALA M 73 55.47 23.79 33.27
CA ALA M 73 55.04 24.44 32.04
C ALA M 73 53.53 24.70 32.00
N ALA M 74 52.77 24.06 32.88
CA ALA M 74 51.32 24.28 32.91
C ALA M 74 50.99 25.69 33.37
N LEU M 75 51.65 26.15 34.45
CA LEU M 75 51.45 27.49 34.95
C LEU M 75 52.29 28.48 34.13
N PRO M 76 51.92 29.79 34.16
CA PRO M 76 52.61 30.77 33.31
C PRO M 76 54.12 30.83 33.55
N GLY M 77 54.53 31.30 34.72
CA GLY M 77 55.94 31.47 35.01
C GLY M 77 56.65 30.21 35.44
N GLY M 78 56.66 29.19 34.58
CA GLY M 78 57.29 27.94 34.93
C GLY M 78 58.81 28.05 34.98
N GLN M 79 59.41 27.21 35.82
CA GLN M 79 60.86 27.18 36.00
C GLN M 79 61.27 25.73 36.24
N ALA M 80 62.01 25.16 35.29
CA ALA M 80 62.47 23.79 35.42
C ALA M 80 63.49 23.66 36.55
N THR M 81 63.62 22.44 37.07
CA THR M 81 64.47 22.16 38.21
C THR M 81 65.13 20.78 38.03
N TYR M 82 66.31 20.77 37.43
CA TYR M 82 67.11 19.55 37.34
C TYR M 82 67.94 19.42 38.60
N LEU M 83 67.71 18.34 39.36
CA LEU M 83 68.41 18.10 40.63
C LEU M 83 68.17 19.22 41.63
N GLY M 84 66.92 19.67 41.72
CA GLY M 84 66.53 20.66 42.72
C GLY M 84 67.05 22.07 42.49
N ASN M 85 67.75 22.32 41.39
CA ASN M 85 68.28 23.64 41.09
C ASN M 85 67.51 24.24 39.92
N PRO M 86 66.91 25.42 40.06
CA PRO M 86 66.19 26.01 38.93
C PRO M 86 67.10 26.40 37.78
N VAL M 87 67.09 25.62 36.70
CA VAL M 87 67.90 25.90 35.53
C VAL M 87 67.39 27.17 34.87
N PRO M 88 68.27 27.97 34.24
CA PRO M 88 67.81 29.28 33.74
C PRO M 88 66.88 29.18 32.55
N TRP M 89 67.02 28.18 31.69
CA TRP M 89 66.16 28.02 30.52
C TRP M 89 64.92 27.19 30.82
N GLY M 90 64.34 27.35 32.01
CA GLY M 90 63.20 26.53 32.42
C GLY M 90 61.88 26.91 31.79
N THR M 91 61.81 28.04 31.08
CA THR M 91 60.56 28.46 30.45
C THR M 91 60.19 27.49 29.33
N LEU M 92 58.87 27.26 29.18
CA LEU M 92 58.39 26.33 28.16
C LEU M 92 58.75 26.76 26.74
N PRO M 93 58.54 28.02 26.33
CA PRO M 93 58.95 28.39 24.96
C PRO M 93 60.42 28.14 24.67
N THR M 94 61.30 28.30 25.66
CA THR M 94 62.71 28.03 25.45
C THR M 94 62.95 26.56 25.15
N ILE M 95 62.47 25.68 26.04
CA ILE M 95 62.68 24.24 25.86
C ILE M 95 61.95 23.73 24.62
N LEU M 96 60.79 24.30 24.29
CA LEU M 96 60.03 23.84 23.14
C LEU M 96 60.78 24.11 21.84
N VAL M 97 61.33 25.31 21.69
CA VAL M 97 62.08 25.63 20.48
C VAL M 97 63.40 24.88 20.45
N ILE M 98 64.02 24.69 21.62
CA ILE M 98 65.27 23.95 21.68
C ILE M 98 65.05 22.50 21.27
N GLU M 99 64.02 21.86 21.85
CA GLU M 99 63.76 20.46 21.51
C GLU M 99 63.35 20.30 20.05
N PHE M 100 62.56 21.24 19.53
CA PHE M 100 62.14 21.16 18.13
C PHE M 100 63.34 21.15 17.20
N LEU M 101 64.21 22.16 17.32
CA LEU M 101 65.36 22.27 16.42
C LEU M 101 66.26 21.05 16.50
N SER M 102 66.62 20.65 17.71
CA SER M 102 67.57 19.55 17.87
C SER M 102 66.97 18.21 17.49
N ILE M 103 65.77 17.90 18.01
CA ILE M 103 65.18 16.59 17.76
C ILE M 103 64.80 16.46 16.28
N ALA M 104 64.22 17.51 15.69
CA ALA M 104 63.85 17.43 14.28
C ALA M 104 65.07 17.22 13.40
N PHE M 105 66.16 17.94 13.67
CA PHE M 105 67.37 17.78 12.89
C PHE M 105 67.89 16.35 12.95
N VAL M 106 68.07 15.83 14.16
CA VAL M 106 68.69 14.51 14.32
C VAL M 106 67.77 13.41 13.82
N GLU M 107 66.48 13.49 14.13
CA GLU M 107 65.56 12.44 13.71
C GLU M 107 65.32 12.48 12.20
N HIS M 108 65.44 13.66 11.59
CA HIS M 108 65.29 13.76 10.14
C HIS M 108 66.53 13.22 9.41
N GLN M 109 67.70 13.25 10.07
CA GLN M 109 68.88 12.60 9.49
C GLN M 109 68.63 11.11 9.27
N ARG M 110 67.83 10.49 10.13
CA ARG M 110 67.47 9.09 9.95
C ARG M 110 66.59 8.89 8.73
N SER M 111 65.76 9.88 8.39
CA SER M 111 64.89 9.76 7.22
C SER M 111 65.69 9.89 5.93
N MET M 112 66.66 10.81 5.89
CA MET M 112 67.39 11.10 4.66
C MET M 112 68.36 9.99 4.27
N GLU M 113 68.58 9.00 5.12
CA GLU M 113 69.48 7.88 4.83
C GLU M 113 68.66 6.60 4.80
N LYS M 114 68.56 5.99 3.62
CA LYS M 114 67.89 4.71 3.44
C LYS M 114 68.89 3.71 2.87
N ASP M 115 69.09 2.61 3.59
CA ASP M 115 70.02 1.56 3.17
C ASP M 115 69.31 0.27 2.78
N PRO M 116 68.32 -0.22 3.54
CA PRO M 116 67.68 0.23 4.79
C PRO M 116 68.16 -0.50 6.04
N GLU M 117 69.41 -0.94 6.06
CA GLU M 117 69.99 -1.48 7.29
C GLU M 117 70.72 -0.43 8.10
N LYS M 118 71.17 0.66 7.47
CA LYS M 118 71.63 1.82 8.23
C LYS M 118 70.50 2.42 9.05
N LYS M 119 69.27 2.37 8.53
CA LYS M 119 68.12 2.82 9.30
C LYS M 119 67.89 1.95 10.53
N LYS M 120 68.32 0.70 10.49
CA LYS M 120 68.19 -0.20 11.64
C LYS M 120 69.43 -0.13 12.53
N TYR M 121 70.56 -0.61 12.02
CA TYR M 121 71.80 -0.72 12.79
C TYR M 121 72.90 0.09 12.09
N PRO M 122 73.04 1.38 12.40
CA PRO M 122 74.04 2.21 11.72
C PRO M 122 75.47 1.90 12.14
N GLY M 123 75.80 2.15 13.40
CA GLY M 123 77.15 1.91 13.89
C GLY M 123 78.13 3.00 13.50
N GLY M 124 79.35 2.59 13.12
CA GLY M 124 80.39 3.55 12.77
C GLY M 124 80.77 4.44 13.93
N ALA M 125 80.30 5.69 13.91
CA ALA M 125 80.50 6.58 15.04
C ALA M 125 79.69 6.16 16.26
N PHE M 126 78.60 5.43 16.05
CA PHE M 126 77.75 4.96 17.13
C PHE M 126 78.19 3.62 17.70
N ASP M 127 79.35 3.13 17.27
CA ASP M 127 79.94 1.90 17.83
C ASP M 127 81.44 2.12 18.02
N PRO M 128 81.82 3.03 18.93
CA PRO M 128 83.27 3.26 19.14
C PRO M 128 83.96 2.07 19.79
N LEU M 129 83.35 1.47 20.81
CA LEU M 129 83.93 0.30 21.45
C LEU M 129 83.97 -0.90 20.52
N GLY M 130 83.16 -0.90 19.47
CA GLY M 130 83.22 -1.95 18.46
C GLY M 130 82.66 -3.28 18.90
N TYR M 131 81.43 -3.29 19.41
CA TYR M 131 80.78 -4.55 19.74
C TYR M 131 80.26 -5.28 18.51
N SER M 132 80.22 -4.63 17.35
CA SER M 132 79.88 -5.27 16.09
C SER M 132 81.07 -5.94 15.44
N LYS M 133 82.12 -6.24 16.21
CA LYS M 133 83.33 -6.83 15.65
C LYS M 133 83.07 -8.23 15.14
N ASP M 134 82.41 -9.07 15.95
CA ASP M 134 82.12 -10.45 15.56
C ASP M 134 80.68 -10.55 15.10
N PRO M 135 80.42 -11.01 13.88
CA PRO M 135 79.04 -11.03 13.37
C PRO M 135 78.15 -12.05 14.04
N LYS M 136 78.64 -12.75 15.06
CA LYS M 136 77.85 -13.68 15.85
C LYS M 136 77.44 -13.07 17.18
N LYS M 137 78.39 -12.46 17.90
CA LYS M 137 78.05 -11.73 19.12
C LYS M 137 77.28 -10.45 18.81
N PHE M 138 77.53 -9.85 17.64
CA PHE M 138 76.77 -8.68 17.23
C PHE M 138 75.31 -9.03 16.98
N HIS M 139 75.04 -10.18 16.36
CA HIS M 139 73.67 -10.63 16.20
C HIS M 139 73.08 -11.12 17.51
N GLU M 140 73.92 -11.70 18.38
CA GLU M 140 73.45 -12.06 19.71
C GLU M 140 73.05 -10.82 20.50
N TYR M 141 73.83 -9.74 20.38
CA TYR M 141 73.45 -8.49 21.02
C TYR M 141 72.22 -7.87 20.36
N LYS M 142 72.02 -8.12 19.07
CA LYS M 142 70.76 -7.73 18.43
C LYS M 142 69.58 -8.39 19.12
N ILE M 143 69.70 -9.68 19.43
CA ILE M 143 68.65 -10.38 20.17
C ILE M 143 68.53 -9.80 21.57
N LYS M 144 69.67 -9.48 22.20
CA LYS M 144 69.63 -8.86 23.52
C LYS M 144 68.97 -7.50 23.48
N GLU M 145 69.16 -6.75 22.39
CA GLU M 145 68.60 -5.41 22.31
C GLU M 145 67.09 -5.45 22.10
N VAL M 146 66.63 -6.29 21.17
CA VAL M 146 65.21 -6.32 20.87
C VAL M 146 64.41 -6.86 22.06
N LYS M 147 64.98 -7.79 22.82
CA LYS M 147 64.28 -8.31 23.99
C LYS M 147 64.31 -7.31 25.14
N ASN M 148 65.45 -6.62 25.33
CA ASN M 148 65.49 -5.53 26.30
C ASN M 148 64.54 -4.42 25.91
N GLY M 149 64.43 -4.13 24.61
CA GLY M 149 63.55 -3.05 24.17
C GLY M 149 62.09 -3.40 24.32
N ARG M 150 61.70 -4.62 23.92
CA ARG M 150 60.33 -5.06 24.13
C ARG M 150 59.98 -5.09 25.61
N LEU M 151 60.95 -5.43 26.46
CA LEU M 151 60.73 -5.40 27.89
C LEU M 151 60.47 -3.98 28.38
N ALA M 152 61.24 -3.02 27.87
CA ALA M 152 61.04 -1.62 28.26
C ALA M 152 59.75 -1.06 27.69
N LEU M 153 59.34 -1.50 26.50
CA LEU M 153 58.07 -1.05 25.93
C LEU M 153 56.90 -1.55 26.77
N LEU M 154 56.91 -2.83 27.14
CA LEU M 154 55.87 -3.35 28.01
C LEU M 154 55.87 -2.65 29.37
N ALA M 155 57.04 -2.23 29.84
CA ALA M 155 57.12 -1.49 31.09
C ALA M 155 56.55 -0.09 30.94
N PHE M 156 56.75 0.54 29.78
CA PHE M 156 56.21 1.87 29.56
C PHE M 156 54.68 1.83 29.48
N VAL M 157 54.13 0.76 28.88
CA VAL M 157 52.68 0.58 28.89
C VAL M 157 52.19 0.41 30.31
N GLY M 158 52.93 -0.36 31.12
CA GLY M 158 52.54 -0.54 32.51
C GLY M 158 52.55 0.77 33.28
N ILE M 159 53.58 1.59 33.08
CA ILE M 159 53.67 2.87 33.78
C ILE M 159 52.51 3.77 33.41
N CYS M 160 52.16 3.83 32.12
CA CYS M 160 51.08 4.71 31.69
C CYS M 160 49.72 4.21 32.17
N VAL M 161 49.49 2.90 32.10
CA VAL M 161 48.20 2.36 32.54
C VAL M 161 48.05 2.45 34.05
N GLN M 162 49.14 2.20 34.79
CA GLN M 162 49.10 2.42 36.23
C GLN M 162 48.85 3.89 36.56
N GLN M 163 49.45 4.80 35.77
CA GLN M 163 49.21 6.22 35.97
C GLN M 163 47.74 6.56 35.73
N SER M 164 47.08 5.83 34.85
CA SER M 164 45.64 6.01 34.65
C SER M 164 44.84 5.42 35.80
N ALA M 165 45.23 4.23 36.28
CA ALA M 165 44.53 3.60 37.38
C ALA M 165 44.72 4.35 38.70
N TYR M 166 45.77 5.16 38.81
CA TYR M 166 46.04 5.96 40.00
C TYR M 166 46.55 7.32 39.55
N PRO M 167 45.64 8.23 39.22
CA PRO M 167 46.07 9.54 38.69
C PRO M 167 46.94 10.30 39.68
N GLY M 168 48.12 10.71 39.23
CA GLY M 168 49.04 11.43 40.08
C GLY M 168 49.80 10.53 41.04
N THR M 169 50.41 9.46 40.51
CA THR M 169 51.14 8.50 41.31
C THR M 169 52.50 8.25 40.69
N GLY M 170 53.28 7.40 41.34
CA GLY M 170 54.54 6.93 40.78
C GLY M 170 54.53 5.43 40.58
N PRO M 171 55.25 4.95 39.56
CA PRO M 171 55.36 3.50 39.37
C PRO M 171 55.91 2.78 40.59
N LEU M 172 56.95 3.34 41.23
CA LEU M 172 57.47 2.74 42.45
C LEU M 172 56.55 2.99 43.64
N GLU M 173 55.76 4.06 43.59
CA GLU M 173 54.73 4.27 44.60
C GLU M 173 53.63 3.22 44.49
N ASN M 174 53.26 2.85 43.26
CA ASN M 174 52.35 1.73 43.05
C ASN M 174 52.98 0.42 43.51
N LEU M 175 54.29 0.28 43.32
CA LEU M 175 54.98 -0.91 43.81
C LEU M 175 54.94 -1.00 45.33
N ALA M 176 55.09 0.13 46.01
CA ALA M 176 55.00 0.13 47.47
C ALA M 176 53.58 -0.18 47.94
N THR M 177 52.58 0.31 47.23
CA THR M 177 51.20 -0.03 47.56
C THR M 177 50.95 -1.52 47.41
N HIS M 178 51.56 -2.15 46.40
CA HIS M 178 51.46 -3.60 46.25
C HIS M 178 52.26 -4.32 47.32
N LEU M 179 53.36 -3.73 47.78
CA LEU M 179 54.16 -4.37 48.82
C LEU M 179 53.50 -4.28 50.18
N ALA M 180 52.64 -3.28 50.40
CA ALA M 180 51.94 -3.17 51.67
C ALA M 180 50.97 -4.31 51.87
N ASP M 181 50.26 -4.71 50.80
CA ASP M 181 49.34 -5.83 50.86
C ASP M 181 49.14 -6.39 49.46
N PRO M 182 49.95 -7.38 49.05
CA PRO M 182 49.84 -7.89 47.68
C PRO M 182 48.52 -8.58 47.37
N TRP M 183 47.78 -9.02 48.40
CA TRP M 183 46.56 -9.78 48.19
C TRP M 183 45.30 -8.92 48.24
N HIS M 184 45.41 -7.66 48.68
CA HIS M 184 44.29 -6.75 48.69
C HIS M 184 44.52 -5.48 47.87
N ASN M 185 45.74 -5.25 47.40
CA ASN M 185 46.07 -4.08 46.60
C ASN M 185 46.66 -4.56 45.27
N THR M 186 45.83 -5.20 44.46
CA THR M 186 46.24 -5.71 43.16
C THR M 186 45.37 -5.07 42.08
N ILE M 187 45.73 -5.30 40.83
CA ILE M 187 44.96 -4.81 39.68
C ILE M 187 43.50 -5.24 39.76
N GLY M 188 43.21 -6.32 40.50
CA GLY M 188 41.82 -6.74 40.65
C GLY M 188 40.92 -5.66 41.21
N ASN M 189 41.49 -4.77 42.04
CA ASN M 189 40.69 -3.70 42.61
C ASN M 189 40.44 -2.58 41.62
N VAL M 190 41.32 -2.39 40.64
CA VAL M 190 41.03 -1.49 39.54
C VAL M 190 40.43 -2.23 38.34
N LEU M 191 40.61 -3.56 38.26
CA LEU M 191 39.84 -4.33 37.30
C LEU M 191 38.41 -4.54 37.77
N ILE M 192 38.22 -4.75 39.07
CA ILE M 192 36.87 -4.85 39.64
C ILE M 192 36.72 -3.77 40.71
N PRO M 193 36.39 -2.52 40.34
CA PRO M 193 36.20 -1.44 41.32
C PRO M 193 34.96 -1.64 42.18
N THR N 1 -6.61 -60.89 8.82
CA THR N 1 -5.82 -61.59 7.80
C THR N 1 -6.69 -62.53 6.97
N VAL N 2 -7.97 -62.62 7.33
CA VAL N 2 -8.93 -63.47 6.62
C VAL N 2 -10.06 -62.57 6.17
N ALA N 3 -10.09 -62.25 4.87
CA ALA N 3 -11.12 -61.38 4.33
C ALA N 3 -12.46 -62.11 4.26
N GLU N 4 -13.54 -61.38 4.50
CA GLU N 4 -14.88 -61.94 4.45
C GLU N 4 -15.77 -61.03 3.63
N PRO N 5 -16.12 -61.40 2.38
CA PRO N 5 -16.90 -60.48 1.54
C PRO N 5 -18.34 -60.33 1.99
N ASP N 6 -19.00 -61.44 2.34
CA ASP N 6 -20.42 -61.40 2.73
C ASP N 6 -20.61 -61.23 4.22
N ARG N 7 -19.78 -60.41 4.87
CA ARG N 7 -19.94 -60.17 6.29
C ARG N 7 -21.16 -59.29 6.54
N PRO N 8 -21.82 -59.43 7.70
CA PRO N 8 -22.94 -58.56 8.02
C PRO N 8 -22.47 -57.11 8.21
N LEU N 9 -22.98 -56.22 7.36
CA LEU N 9 -22.53 -54.84 7.35
C LEU N 9 -23.37 -53.98 8.29
N TRP N 10 -22.84 -52.78 8.57
CA TRP N 10 -23.58 -51.84 9.39
C TRP N 10 -24.88 -51.41 8.71
N PHE N 11 -24.81 -51.12 7.41
CA PHE N 11 -25.98 -50.70 6.63
C PHE N 11 -26.34 -51.82 5.67
N PRO N 12 -27.21 -52.75 6.06
CA PRO N 12 -27.59 -53.84 5.14
C PRO N 12 -28.17 -53.29 3.85
N GLY N 13 -27.65 -53.79 2.72
CA GLY N 13 -28.01 -53.31 1.41
C GLY N 13 -26.96 -52.43 0.75
N SER N 14 -26.04 -51.87 1.54
CA SER N 14 -25.03 -50.98 0.99
C SER N 14 -23.76 -51.76 0.64
N THR N 15 -22.80 -51.04 0.05
CA THR N 15 -21.53 -51.62 -0.36
C THR N 15 -20.43 -51.20 0.59
N PRO N 16 -19.61 -52.14 1.09
CA PRO N 16 -18.53 -51.77 2.00
C PRO N 16 -17.44 -51.00 1.27
N PRO N 17 -16.66 -50.18 1.98
CA PRO N 17 -15.56 -49.48 1.33
C PRO N 17 -14.51 -50.46 0.84
N PRO N 18 -13.74 -50.11 -0.19
CA PRO N 18 -12.71 -51.02 -0.68
C PRO N 18 -11.60 -51.30 0.32
N TRP N 19 -11.41 -50.44 1.31
CA TRP N 19 -10.34 -50.62 2.29
C TRP N 19 -10.80 -51.34 3.55
N LEU N 20 -12.09 -51.65 3.67
CA LEU N 20 -12.62 -52.46 4.77
C LEU N 20 -13.14 -53.76 4.17
N ASP N 21 -12.30 -54.79 4.21
CA ASP N 21 -12.62 -56.06 3.56
C ASP N 21 -13.09 -57.13 4.54
N GLY N 22 -13.08 -56.86 5.84
CA GLY N 22 -13.54 -57.80 6.83
C GLY N 22 -12.48 -58.59 7.54
N SER N 23 -11.20 -58.30 7.30
CA SER N 23 -10.13 -58.98 8.01
C SER N 23 -9.94 -58.47 9.43
N LEU N 24 -10.35 -57.24 9.71
CA LEU N 24 -10.26 -56.68 11.04
C LEU N 24 -11.42 -57.18 11.91
N PRO N 25 -11.21 -57.28 13.22
CA PRO N 25 -12.33 -57.63 14.10
C PRO N 25 -13.31 -56.49 14.23
N GLY N 26 -14.57 -56.84 14.49
CA GLY N 26 -15.62 -55.83 14.56
C GLY N 26 -15.83 -55.08 13.28
N ASP N 27 -15.51 -55.69 12.14
CA ASP N 27 -15.62 -55.02 10.85
C ASP N 27 -17.06 -55.08 10.36
N PHE N 28 -17.70 -53.92 10.25
CA PHE N 28 -19.05 -53.83 9.71
C PHE N 28 -19.12 -52.87 8.53
N GLY N 29 -17.97 -52.51 7.95
CA GLY N 29 -17.92 -51.63 6.81
C GLY N 29 -18.36 -50.21 7.08
N PHE N 30 -18.24 -49.75 8.32
CA PHE N 30 -18.73 -48.43 8.72
C PHE N 30 -17.57 -47.43 8.66
N ASP N 31 -17.55 -46.62 7.61
CA ASP N 31 -16.64 -45.50 7.47
C ASP N 31 -17.17 -44.57 6.39
N PRO N 32 -18.30 -43.90 6.63
CA PRO N 32 -18.89 -43.07 5.56
C PRO N 32 -18.03 -41.89 5.17
N LEU N 33 -17.26 -41.34 6.10
CA LEU N 33 -16.40 -40.21 5.82
C LEU N 33 -15.00 -40.62 5.37
N GLY N 34 -14.75 -41.91 5.23
CA GLY N 34 -13.45 -42.38 4.75
C GLY N 34 -12.28 -41.95 5.60
N LEU N 35 -12.46 -41.92 6.93
CA LEU N 35 -11.38 -41.48 7.80
C LEU N 35 -10.19 -42.44 7.78
N GLY N 36 -10.43 -43.71 7.50
CA GLY N 36 -9.36 -44.69 7.45
C GLY N 36 -9.16 -45.29 6.08
N SER N 37 -9.23 -44.44 5.04
CA SER N 37 -9.09 -44.94 3.67
C SER N 37 -7.69 -45.49 3.43
N ASP N 38 -6.66 -44.66 3.62
CA ASP N 38 -5.29 -45.12 3.42
C ASP N 38 -4.90 -46.12 4.50
N PRO N 39 -4.05 -47.09 4.16
CA PRO N 39 -3.68 -48.12 5.15
C PRO N 39 -2.97 -47.56 6.37
N GLU N 40 -2.22 -46.46 6.22
CA GLU N 40 -1.51 -45.88 7.34
C GLU N 40 -2.48 -45.37 8.40
N SER N 41 -3.50 -44.60 7.97
CA SER N 41 -4.48 -44.11 8.93
C SER N 41 -5.37 -45.24 9.45
N LEU N 42 -5.59 -46.28 8.65
CA LEU N 42 -6.42 -47.38 9.11
C LEU N 42 -5.80 -48.10 10.29
N ARG N 43 -4.51 -48.43 10.20
CA ARG N 43 -3.85 -49.14 11.29
C ARG N 43 -3.68 -48.26 12.52
N TRP N 44 -3.45 -46.95 12.33
CA TRP N 44 -3.35 -46.05 13.47
C TRP N 44 -4.68 -45.92 14.18
N ASN N 45 -5.77 -45.74 13.43
CA ASN N 45 -7.08 -45.63 14.04
C ASN N 45 -7.54 -46.97 14.63
N VAL N 46 -7.05 -48.08 14.08
CA VAL N 46 -7.34 -49.39 14.68
C VAL N 46 -6.75 -49.46 16.09
N GLN N 47 -5.51 -49.00 16.24
CA GLN N 47 -4.92 -48.92 17.57
C GLN N 47 -5.64 -47.89 18.43
N ALA N 48 -6.13 -46.81 17.82
CA ALA N 48 -6.86 -45.79 18.58
C ALA N 48 -8.20 -46.33 19.08
N GLU N 49 -8.92 -47.06 18.23
CA GLU N 49 -10.18 -47.65 18.66
C GLU N 49 -9.98 -48.68 19.76
N LEU N 50 -8.91 -49.47 19.65
CA LEU N 50 -8.66 -50.53 20.63
C LEU N 50 -8.35 -49.93 22.00
N VAL N 51 -7.49 -48.92 22.05
CA VAL N 51 -7.14 -48.29 23.33
C VAL N 51 -8.33 -47.49 23.87
N HIS N 52 -9.06 -46.81 22.99
CA HIS N 52 -10.31 -46.17 23.39
C HIS N 52 -11.26 -47.16 24.02
N SER N 53 -11.45 -48.30 23.36
CA SER N 53 -12.38 -49.32 23.86
C SER N 53 -11.96 -49.84 25.22
N ARG N 54 -10.67 -50.11 25.41
CA ARG N 54 -10.21 -50.65 26.69
C ARG N 54 -10.33 -49.64 27.81
N TRP N 55 -9.96 -48.38 27.57
CA TRP N 55 -10.10 -47.36 28.60
C TRP N 55 -11.56 -47.12 28.94
N ALA N 56 -12.44 -47.11 27.93
CA ALA N 56 -13.85 -46.86 28.19
C ALA N 56 -14.52 -48.03 28.89
N MET N 57 -14.02 -49.26 28.68
CA MET N 57 -14.56 -50.40 29.40
C MET N 57 -14.15 -50.35 30.87
N LEU N 58 -12.90 -49.94 31.15
CA LEU N 58 -12.51 -49.68 32.53
C LEU N 58 -13.34 -48.55 33.13
N GLY N 59 -13.60 -47.51 32.34
CA GLY N 59 -14.42 -46.40 32.82
C GLY N 59 -15.87 -46.79 33.02
N ALA N 60 -16.41 -47.58 32.09
CA ALA N 60 -17.80 -48.04 32.23
C ALA N 60 -17.99 -48.84 33.51
N ALA N 61 -17.02 -49.69 33.84
CA ALA N 61 -17.10 -50.42 35.10
C ALA N 61 -16.87 -49.50 36.29
N GLY N 62 -15.95 -48.54 36.16
CA GLY N 62 -15.68 -47.64 37.27
C GLY N 62 -16.83 -46.72 37.60
N ILE N 63 -17.74 -46.50 36.66
CA ILE N 63 -18.95 -45.74 36.93
C ILE N 63 -20.05 -46.69 37.37
N PHE N 64 -20.44 -47.60 36.46
CA PHE N 64 -21.71 -48.30 36.61
C PHE N 64 -21.71 -49.33 37.73
N ILE N 65 -20.54 -49.74 38.23
CA ILE N 65 -20.52 -50.71 39.31
C ILE N 65 -20.52 -50.00 40.66
N PRO N 66 -19.61 -49.03 40.93
CA PRO N 66 -19.70 -48.34 42.22
C PRO N 66 -20.98 -47.53 42.38
N GLU N 67 -21.44 -46.86 41.32
CA GLU N 67 -22.69 -46.12 41.40
C GLU N 67 -23.88 -47.04 41.66
N PHE N 68 -23.77 -48.31 41.24
CA PHE N 68 -24.85 -49.27 41.47
C PHE N 68 -24.87 -49.73 42.92
N LEU N 69 -23.73 -50.20 43.43
CA LEU N 69 -23.70 -50.76 44.77
C LEU N 69 -23.84 -49.67 45.84
N THR N 70 -23.42 -48.45 45.55
CA THR N 70 -23.60 -47.37 46.51
C THR N 70 -25.07 -46.96 46.63
N LYS N 71 -25.82 -47.04 45.53
CA LYS N 71 -27.27 -46.86 45.61
C LYS N 71 -27.89 -47.91 46.53
N LEU N 72 -27.40 -49.15 46.45
CA LEU N 72 -27.79 -50.17 47.41
C LEU N 72 -27.15 -49.89 48.77
N GLY N 73 -27.55 -50.68 49.76
CA GLY N 73 -26.99 -50.52 51.09
C GLY N 73 -25.65 -51.21 51.25
N ILE N 74 -24.74 -51.02 50.27
CA ILE N 74 -23.48 -51.75 50.23
C ILE N 74 -22.28 -50.81 50.40
N LEU N 75 -22.11 -49.87 49.48
CA LEU N 75 -20.89 -49.07 49.41
C LEU N 75 -21.15 -47.61 49.76
N ASN N 76 -20.07 -46.81 49.70
CA ASN N 76 -20.09 -45.41 50.06
C ASN N 76 -19.43 -44.54 49.00
N THR N 77 -19.26 -45.06 47.78
CA THR N 77 -18.52 -44.34 46.75
C THR N 77 -19.25 -43.07 46.35
N PRO N 78 -18.57 -41.92 46.31
CA PRO N 78 -19.22 -40.69 45.87
C PRO N 78 -19.51 -40.69 44.38
N SER N 79 -20.02 -39.57 43.87
CA SER N 79 -20.34 -39.49 42.45
C SER N 79 -19.06 -39.50 41.62
N TRP N 80 -19.12 -40.21 40.49
CA TRP N 80 -17.98 -40.21 39.57
C TRP N 80 -17.73 -38.83 38.99
N TYR N 81 -18.78 -38.02 38.87
CA TYR N 81 -18.64 -36.67 38.33
C TYR N 81 -17.87 -35.77 39.29
N THR N 82 -18.11 -35.91 40.60
CA THR N 82 -17.47 -35.09 41.61
C THR N 82 -16.29 -35.78 42.26
N ALA N 83 -15.87 -36.94 41.75
CA ALA N 83 -14.74 -37.65 42.33
C ALA N 83 -13.43 -36.90 42.19
N GLY N 84 -13.33 -35.98 41.22
CA GLY N 84 -12.12 -35.18 41.09
C GLY N 84 -11.99 -34.14 42.19
N GLU N 85 -13.10 -33.50 42.56
CA GLU N 85 -13.09 -32.48 43.60
C GLU N 85 -12.68 -33.03 44.97
N GLN N 86 -12.61 -34.34 45.12
CA GLN N 86 -12.26 -34.93 46.40
C GLN N 86 -10.79 -34.71 46.72
N GLU N 87 -10.48 -34.77 48.01
CA GLU N 87 -9.10 -34.68 48.50
C GLU N 87 -8.68 -36.04 49.02
N TYR N 88 -7.58 -36.56 48.49
CA TYR N 88 -7.05 -37.86 48.87
C TYR N 88 -5.79 -37.65 49.73
N PHE N 89 -4.97 -38.70 49.85
CA PHE N 89 -3.81 -38.63 50.74
C PHE N 89 -2.78 -37.59 50.29
N THR N 90 -2.88 -37.09 49.07
CA THR N 90 -2.05 -35.98 48.61
C THR N 90 -2.85 -35.17 47.61
N ASP N 91 -2.34 -33.99 47.27
CA ASP N 91 -3.07 -33.11 46.36
C ASP N 91 -3.19 -33.72 44.98
N THR N 92 -4.19 -33.26 44.22
CA THR N 92 -4.50 -33.85 42.93
C THR N 92 -3.33 -33.66 41.94
N THR N 93 -2.71 -32.49 41.96
CA THR N 93 -1.63 -32.21 41.01
C THR N 93 -0.46 -33.17 41.19
N THR N 94 -0.17 -33.58 42.43
CA THR N 94 0.90 -34.56 42.64
C THR N 94 0.51 -35.92 42.08
N LEU N 95 -0.73 -36.36 42.34
CA LEU N 95 -1.21 -37.62 41.76
C LEU N 95 -1.15 -37.58 40.24
N PHE N 96 -1.50 -36.44 39.64
CA PHE N 96 -1.51 -36.33 38.19
C PHE N 96 -0.10 -36.37 37.62
N ILE N 97 0.85 -35.69 38.27
CA ILE N 97 2.23 -35.69 37.76
C ILE N 97 2.85 -37.09 37.91
N VAL N 98 2.56 -37.77 39.01
CA VAL N 98 3.01 -39.15 39.15
C VAL N 98 2.38 -40.02 38.07
N GLU N 99 1.07 -39.86 37.86
CA GLU N 99 0.40 -40.60 36.80
C GLU N 99 1.01 -40.30 35.43
N LEU N 100 1.38 -39.04 35.18
CA LEU N 100 1.98 -38.68 33.90
C LEU N 100 3.31 -39.39 33.69
N VAL N 101 4.14 -39.46 34.73
CA VAL N 101 5.44 -40.11 34.62
C VAL N 101 5.27 -41.60 34.31
N PHE N 102 4.43 -42.27 35.11
CA PHE N 102 4.31 -43.72 35.01
C PHE N 102 3.53 -44.15 33.78
N ILE N 103 2.39 -43.51 33.52
CA ILE N 103 1.63 -43.82 32.31
C ILE N 103 2.40 -43.38 31.08
N GLY N 104 3.17 -42.29 31.18
CA GLY N 104 4.01 -41.88 30.06
C GLY N 104 5.03 -42.92 29.69
N TRP N 105 5.56 -43.63 30.69
CA TRP N 105 6.48 -44.73 30.42
C TRP N 105 5.77 -45.84 29.64
N ALA N 106 4.57 -46.21 30.07
CA ALA N 106 3.82 -47.27 29.40
C ALA N 106 3.43 -46.86 27.99
N GLU N 107 3.00 -45.61 27.81
CA GLU N 107 2.62 -45.15 26.49
C GLU N 107 3.82 -44.93 25.60
N GLY N 108 4.97 -44.58 26.18
CA GLY N 108 6.18 -44.42 25.39
C GLY N 108 6.64 -45.73 24.77
N ARG N 109 6.63 -46.81 25.55
CA ARG N 109 6.98 -48.11 24.99
C ARG N 109 5.88 -48.62 24.07
N ARG N 110 4.62 -48.27 24.34
CA ARG N 110 3.55 -48.62 23.42
C ARG N 110 3.69 -47.88 22.10
N TRP N 111 4.14 -46.62 22.15
CA TRP N 111 4.35 -45.86 20.92
C TRP N 111 5.52 -46.43 20.12
N ALA N 112 6.56 -46.90 20.80
CA ALA N 112 7.69 -47.51 20.10
C ALA N 112 7.28 -48.78 19.37
N ASP N 113 6.33 -49.53 19.93
CA ASP N 113 5.85 -50.74 19.28
C ASP N 113 4.98 -50.42 18.07
N ILE N 114 4.18 -49.35 18.15
CA ILE N 114 3.31 -48.99 17.04
C ILE N 114 4.14 -48.50 15.86
N LEU N 115 5.08 -47.59 16.11
CA LEU N 115 5.92 -47.06 15.04
C LEU N 115 6.97 -48.05 14.55
N ASN N 116 7.26 -49.10 15.33
CA ASN N 116 8.30 -50.06 14.99
C ASN N 116 8.00 -51.37 15.69
N PRO N 117 7.24 -52.26 15.07
CA PRO N 117 6.80 -53.47 15.74
C PRO N 117 7.97 -54.38 16.12
N GLY N 118 7.91 -54.92 17.34
CA GLY N 118 8.87 -55.89 17.81
C GLY N 118 10.10 -55.32 18.49
N CYS N 119 10.32 -54.00 18.41
CA CYS N 119 11.55 -53.39 18.90
C CYS N 119 11.48 -53.04 20.39
N VAL N 120 10.47 -53.50 21.12
CA VAL N 120 10.28 -53.08 22.49
C VAL N 120 9.80 -54.25 23.34
N ASN N 121 9.81 -55.45 22.76
CA ASN N 121 9.28 -56.64 23.42
C ASN N 121 10.24 -57.27 24.43
N THR N 122 11.27 -56.56 24.88
CA THR N 122 12.22 -57.11 25.84
C THR N 122 12.39 -56.19 27.03
N ASP N 123 12.55 -56.78 28.20
CA ASP N 123 12.79 -56.03 29.43
C ASP N 123 14.17 -55.40 29.39
N PRO N 124 14.30 -54.08 29.51
CA PRO N 124 15.63 -53.44 29.41
C PRO N 124 16.54 -53.68 30.60
N ILE N 125 16.12 -54.45 31.60
CA ILE N 125 16.96 -54.79 32.74
C ILE N 125 17.19 -56.30 32.85
N PHE N 126 16.13 -57.10 32.69
CA PHE N 126 16.20 -58.56 32.78
C PHE N 126 15.73 -59.12 31.44
N PRO N 127 16.65 -59.36 30.50
CA PRO N 127 16.23 -59.65 29.12
C PRO N 127 15.47 -60.95 28.93
N ASN N 128 15.50 -61.87 29.90
CA ASN N 128 14.91 -63.19 29.68
C ASN N 128 13.39 -63.20 29.71
N ASN N 129 12.74 -62.11 30.14
CA ASN N 129 11.30 -62.11 30.33
C ASN N 129 10.56 -62.05 29.00
N LYS N 130 10.58 -60.88 28.34
CA LYS N 130 10.05 -60.68 27.00
C LYS N 130 8.53 -60.80 26.90
N LEU N 131 7.96 -60.26 25.82
CA LEU N 131 6.54 -60.35 25.52
C LEU N 131 6.35 -61.22 24.28
N THR N 132 5.36 -62.11 24.33
CA THR N 132 5.20 -63.13 23.30
C THR N 132 4.36 -62.68 22.11
N GLY N 133 3.49 -61.69 22.29
CA GLY N 133 2.58 -61.32 21.22
C GLY N 133 3.30 -60.81 20.00
N THR N 134 2.70 -61.06 18.83
CA THR N 134 3.25 -60.62 17.55
C THR N 134 2.39 -59.59 16.84
N ASP N 135 1.18 -59.33 17.32
CA ASP N 135 0.28 -58.36 16.71
C ASP N 135 0.33 -57.05 17.49
N VAL N 136 0.26 -55.93 16.76
CA VAL N 136 0.23 -54.63 17.41
C VAL N 136 -1.13 -54.43 18.08
N GLY N 137 -1.11 -53.87 19.29
CA GLY N 137 -2.30 -53.77 20.10
C GLY N 137 -2.61 -55.01 20.91
N TYR N 138 -1.88 -56.10 20.69
CA TYR N 138 -2.07 -57.35 21.42
C TYR N 138 -0.68 -57.79 21.90
N PRO N 139 -0.16 -57.16 22.95
CA PRO N 139 1.25 -57.40 23.31
C PRO N 139 1.53 -58.80 23.82
N GLY N 140 0.56 -59.45 24.46
CA GLY N 140 0.81 -60.78 24.97
C GLY N 140 1.76 -60.75 26.15
N GLY N 141 2.66 -61.72 26.19
CA GLY N 141 3.60 -61.84 27.29
C GLY N 141 2.93 -62.32 28.56
N LEU N 142 3.74 -62.45 29.60
CA LEU N 142 3.22 -62.93 30.89
C LEU N 142 2.42 -61.86 31.60
N TRP N 143 2.79 -60.59 31.44
CA TRP N 143 2.10 -59.51 32.14
C TRP N 143 0.70 -59.29 31.58
N PHE N 144 0.59 -59.09 30.27
CA PHE N 144 -0.67 -58.66 29.67
C PHE N 144 -1.49 -59.82 29.10
N ASP N 145 -0.95 -61.03 29.10
CA ASP N 145 -1.71 -62.23 28.73
C ASP N 145 -1.23 -63.41 29.55
N PRO N 146 -1.50 -63.40 30.86
CA PRO N 146 -1.03 -64.51 31.70
C PRO N 146 -1.84 -65.78 31.51
N LEU N 147 -3.18 -65.67 31.41
CA LEU N 147 -4.01 -66.86 31.28
C LEU N 147 -3.83 -67.57 29.95
N GLY N 148 -3.35 -66.88 28.93
CA GLY N 148 -3.02 -67.50 27.67
C GLY N 148 -4.14 -67.60 26.66
N TRP N 149 -5.30 -66.98 26.92
CA TRP N 149 -6.37 -66.97 25.93
C TRP N 149 -6.03 -66.15 24.69
N GLY N 150 -4.88 -65.50 24.65
CA GLY N 150 -4.55 -64.59 23.57
C GLY N 150 -3.66 -65.17 22.48
N SER N 151 -3.08 -66.34 22.74
CA SER N 151 -2.27 -67.04 21.75
C SER N 151 -3.04 -68.28 21.32
N ALA N 152 -3.78 -68.15 20.22
CA ALA N 152 -4.61 -69.24 19.71
C ALA N 152 -4.68 -69.13 18.20
N SER N 153 -5.46 -70.03 17.60
CA SER N 153 -5.61 -70.06 16.16
C SER N 153 -6.38 -68.83 15.68
N PRO N 154 -6.24 -68.48 14.39
CA PRO N 154 -7.15 -67.49 13.80
C PRO N 154 -8.60 -67.94 13.89
N GLN N 155 -9.53 -67.10 13.41
CA GLN N 155 -10.96 -67.29 13.63
C GLN N 155 -11.29 -67.17 15.11
N LYS N 156 -10.69 -68.03 15.94
CA LYS N 156 -10.90 -67.95 17.38
C LYS N 156 -10.40 -66.63 17.95
N LEU N 157 -9.16 -66.25 17.60
CA LEU N 157 -8.66 -64.93 17.99
C LEU N 157 -9.52 -63.83 17.40
N LYS N 158 -10.02 -64.03 16.18
CA LYS N 158 -10.88 -63.03 15.55
C LYS N 158 -12.21 -62.92 16.28
N GLU N 159 -12.75 -64.05 16.75
CA GLU N 159 -13.99 -64.01 17.53
C GLU N 159 -13.80 -63.25 18.83
N LEU N 160 -12.71 -63.53 19.54
CA LEU N 160 -12.45 -62.85 20.81
C LEU N 160 -12.19 -61.37 20.61
N ARG N 161 -11.45 -61.00 19.56
CA ARG N 161 -11.18 -59.59 19.29
C ARG N 161 -12.44 -58.86 18.83
N THR N 162 -13.33 -59.56 18.13
CA THR N 162 -14.63 -58.96 17.80
C THR N 162 -15.44 -58.69 19.06
N LYS N 163 -15.41 -59.62 20.02
CA LYS N 163 -16.06 -59.39 21.30
C LYS N 163 -15.46 -58.18 22.01
N GLU N 164 -14.14 -58.01 21.93
CA GLU N 164 -13.46 -56.93 22.65
C GLU N 164 -13.87 -55.58 22.10
N ILE N 165 -13.80 -55.42 20.77
CA ILE N 165 -14.12 -54.13 20.17
C ILE N 165 -15.61 -53.80 20.33
N LYS N 166 -16.48 -54.81 20.29
CA LYS N 166 -17.90 -54.56 20.48
C LYS N 166 -18.20 -54.06 21.88
N ASN N 167 -17.69 -54.76 22.90
CA ASN N 167 -17.88 -54.31 24.28
C ASN N 167 -17.30 -52.91 24.47
N GLY N 168 -16.19 -52.62 23.80
CA GLY N 168 -15.57 -51.32 23.96
C GLY N 168 -16.36 -50.21 23.29
N ARG N 169 -16.92 -50.49 22.11
CA ARG N 169 -17.82 -49.52 21.48
C ARG N 169 -19.02 -49.24 22.36
N LEU N 170 -19.62 -50.29 22.93
CA LEU N 170 -20.72 -50.11 23.86
C LEU N 170 -20.28 -49.33 25.09
N ALA N 171 -19.04 -49.54 25.54
CA ALA N 171 -18.56 -48.83 26.72
C ALA N 171 -18.25 -47.37 26.41
N MET N 172 -17.74 -47.10 25.21
CA MET N 172 -17.50 -45.71 24.81
C MET N 172 -18.81 -44.92 24.77
N LEU N 173 -19.85 -45.52 24.20
CA LEU N 173 -21.17 -44.90 24.27
C LEU N 173 -21.68 -44.82 25.70
N ALA N 174 -21.32 -45.81 26.53
CA ALA N 174 -21.80 -45.83 27.91
C ALA N 174 -21.17 -44.70 28.73
N VAL N 175 -19.87 -44.48 28.56
CA VAL N 175 -19.18 -43.44 29.32
C VAL N 175 -19.69 -42.06 28.90
N MET N 176 -19.76 -41.81 27.60
CA MET N 176 -20.34 -40.56 27.12
C MET N 176 -21.81 -40.46 27.50
N GLY N 177 -22.50 -41.61 27.57
CA GLY N 177 -23.87 -41.59 28.05
C GLY N 177 -23.99 -41.05 29.46
N ALA N 178 -23.19 -41.59 30.38
CA ALA N 178 -23.21 -41.12 31.76
C ALA N 178 -22.81 -39.66 31.87
N TRP N 179 -21.90 -39.20 31.00
CA TRP N 179 -21.47 -37.81 31.02
C TRP N 179 -22.62 -36.87 30.72
N PHE N 180 -23.19 -36.98 29.51
CA PHE N 180 -24.26 -36.08 29.11
C PHE N 180 -25.54 -36.33 29.91
N GLN N 181 -25.67 -37.49 30.57
CA GLN N 181 -26.81 -37.70 31.45
C GLN N 181 -26.68 -36.85 32.71
N HIS N 182 -25.52 -36.92 33.38
CA HIS N 182 -25.29 -36.14 34.59
C HIS N 182 -25.21 -34.65 34.32
N ILE N 183 -25.06 -34.24 33.06
CA ILE N 183 -25.17 -32.82 32.73
C ILE N 183 -26.63 -32.45 32.51
N TYR N 184 -27.37 -33.27 31.77
CA TYR N 184 -28.79 -33.02 31.55
C TYR N 184 -29.58 -33.22 32.84
N THR N 185 -29.51 -34.40 33.42
CA THR N 185 -30.07 -34.66 34.73
C THR N 185 -29.13 -34.12 35.81
N GLY N 186 -29.59 -34.13 37.05
CA GLY N 186 -28.77 -33.65 38.15
C GLY N 186 -28.44 -34.72 39.16
N THR N 187 -28.63 -35.99 38.77
CA THR N 187 -28.42 -37.12 39.66
C THR N 187 -27.47 -38.12 39.01
N GLY N 188 -27.20 -39.21 39.72
CA GLY N 188 -26.37 -40.27 39.21
C GLY N 188 -27.06 -41.04 38.09
N PRO N 189 -26.29 -41.73 37.26
CA PRO N 189 -26.90 -42.47 36.15
C PRO N 189 -27.78 -43.62 36.58
N ILE N 190 -27.57 -44.18 37.77
CA ILE N 190 -28.46 -45.23 38.25
C ILE N 190 -29.83 -44.66 38.57
N ASP N 191 -29.90 -43.38 38.94
CA ASP N 191 -31.20 -42.73 39.11
C ASP N 191 -31.89 -42.54 37.77
N ASN N 192 -31.12 -42.30 36.70
CA ASN N 192 -31.71 -42.20 35.37
C ASN N 192 -32.31 -43.53 34.94
N LEU N 193 -31.64 -44.64 35.28
CA LEU N 193 -32.17 -45.96 34.96
C LEU N 193 -33.46 -46.22 35.71
N PHE N 194 -33.48 -45.90 37.02
CA PHE N 194 -34.68 -46.15 37.81
C PHE N 194 -35.80 -45.18 37.45
N ALA N 195 -35.47 -43.92 37.18
CA ALA N 195 -36.49 -42.96 36.76
C ALA N 195 -37.14 -43.40 35.45
N HIS N 196 -36.35 -43.93 34.53
CA HIS N 196 -36.90 -44.39 33.26
C HIS N 196 -37.71 -45.67 33.45
N LEU N 197 -37.23 -46.60 34.26
CA LEU N 197 -37.99 -47.82 34.50
C LEU N 197 -39.27 -47.54 35.27
N ALA N 198 -39.30 -46.46 36.06
CA ALA N 198 -40.52 -46.11 36.78
C ALA N 198 -41.58 -45.55 35.84
N ASP N 199 -41.17 -44.79 34.84
CA ASP N 199 -42.09 -44.20 33.86
C ASP N 199 -41.37 -44.11 32.52
N PRO N 200 -41.36 -45.20 31.74
CA PRO N 200 -40.64 -45.16 30.45
C PRO N 200 -41.29 -44.26 29.42
N GLY N 201 -42.58 -43.97 29.53
CA GLY N 201 -43.24 -43.12 28.55
C GLY N 201 -43.08 -41.63 28.81
N HIS N 202 -42.79 -41.23 30.04
CA HIS N 202 -42.71 -39.82 30.40
C HIS N 202 -41.34 -39.41 30.91
N ALA N 203 -40.69 -40.24 31.74
CA ALA N 203 -39.39 -39.90 32.32
C ALA N 203 -38.29 -40.17 31.29
N THR N 204 -38.24 -39.30 30.29
CA THR N 204 -37.28 -39.44 29.19
C THR N 204 -36.38 -38.21 29.11
N ILE N 205 -35.82 -37.95 27.93
CA ILE N 205 -35.10 -36.70 27.72
C ILE N 205 -36.05 -35.53 27.66
N PHE N 206 -37.31 -35.77 27.29
CA PHE N 206 -38.33 -34.72 27.23
C PHE N 206 -38.98 -34.50 28.57
N ALA N 207 -38.22 -34.64 29.66
CA ALA N 207 -38.74 -34.43 31.00
C ALA N 207 -38.50 -33.03 31.53
N ALA N 208 -37.54 -32.30 30.96
CA ALA N 208 -37.25 -30.94 31.40
C ALA N 208 -37.91 -29.93 30.47
N ARG O 1 -58.94 -45.50 -24.36
CA ARG O 1 -58.04 -44.95 -23.36
C ARG O 1 -58.42 -43.52 -23.00
N PRO O 2 -58.94 -43.32 -21.79
CA PRO O 2 -59.38 -41.98 -21.38
C PRO O 2 -58.20 -41.05 -21.18
N LEU O 3 -58.27 -39.87 -21.79
CA LEU O 3 -57.23 -38.86 -21.67
C LEU O 3 -57.83 -37.60 -21.05
N TRP O 4 -57.29 -37.19 -19.90
CA TRP O 4 -57.77 -36.02 -19.16
C TRP O 4 -56.72 -34.92 -19.27
N PHE O 5 -57.02 -33.90 -20.07
CA PHE O 5 -56.16 -32.72 -20.22
C PHE O 5 -54.74 -33.12 -20.63
N ALA O 6 -54.66 -34.00 -21.62
CA ALA O 6 -53.37 -34.46 -22.12
C ALA O 6 -52.70 -33.35 -22.93
N SER O 7 -51.48 -33.63 -23.38
CA SER O 7 -50.74 -32.70 -24.22
C SER O 7 -49.79 -33.50 -25.10
N LYS O 8 -49.25 -32.83 -26.13
CA LYS O 8 -48.26 -33.47 -26.98
C LYS O 8 -47.04 -33.91 -26.17
N GLN O 9 -46.75 -33.19 -25.08
CA GLN O 9 -45.66 -33.60 -24.20
C GLN O 9 -46.05 -34.82 -23.38
N SER O 10 -47.22 -34.78 -22.73
CA SER O 10 -47.64 -35.86 -21.84
C SER O 10 -47.81 -37.17 -22.60
N LEU O 11 -48.49 -37.14 -23.75
CA LEU O 11 -48.75 -38.36 -24.50
C LEU O 11 -47.50 -38.99 -25.08
N SER O 12 -46.37 -38.28 -25.09
CA SER O 12 -45.13 -38.85 -25.62
C SER O 12 -44.61 -39.96 -24.72
N TYR O 13 -44.71 -39.79 -23.40
CA TYR O 13 -44.20 -40.77 -22.46
C TYR O 13 -45.29 -41.49 -21.67
N LEU O 14 -46.40 -40.82 -21.35
CA LEU O 14 -47.50 -41.51 -20.67
C LEU O 14 -48.08 -42.55 -21.61
N ASP O 15 -47.57 -43.78 -21.51
CA ASP O 15 -47.77 -44.83 -22.51
C ASP O 15 -49.06 -45.61 -22.31
N GLY O 16 -49.59 -45.67 -21.09
CA GLY O 16 -50.70 -46.53 -20.76
C GLY O 16 -50.30 -47.80 -20.06
N SER O 17 -49.00 -48.09 -19.97
CA SER O 17 -48.52 -49.26 -19.24
C SER O 17 -48.49 -49.04 -17.73
N LEU O 18 -48.51 -47.79 -17.29
CA LEU O 18 -48.52 -47.48 -15.87
C LEU O 18 -49.94 -47.58 -15.32
N PRO O 19 -50.13 -48.14 -14.13
CA PRO O 19 -51.48 -48.28 -13.58
C PRO O 19 -52.14 -46.94 -13.34
N GLY O 20 -53.38 -46.80 -13.81
CA GLY O 20 -54.09 -45.55 -13.68
C GLY O 20 -53.67 -44.49 -14.68
N ASP O 21 -53.20 -44.89 -15.86
CA ASP O 21 -52.69 -43.95 -16.85
C ASP O 21 -53.86 -43.27 -17.52
N TYR O 22 -54.15 -42.03 -17.09
CA TYR O 22 -55.16 -41.19 -17.73
C TYR O 22 -54.53 -40.16 -18.66
N GLY O 23 -53.21 -40.18 -18.84
CA GLY O 23 -52.55 -39.22 -19.68
C GLY O 23 -52.70 -37.78 -19.23
N PHE O 24 -52.30 -37.50 -17.98
CA PHE O 24 -52.43 -36.17 -17.38
C PHE O 24 -51.07 -35.70 -16.91
N ASP O 25 -50.51 -34.71 -17.59
CA ASP O 25 -49.25 -34.11 -17.21
C ASP O 25 -49.05 -32.78 -17.92
N PRO O 26 -49.81 -31.73 -17.55
CA PRO O 26 -49.61 -30.43 -18.22
C PRO O 26 -48.29 -29.79 -17.88
N LEU O 27 -47.71 -30.10 -16.72
CA LEU O 27 -46.41 -29.57 -16.32
C LEU O 27 -45.25 -30.40 -16.85
N GLY O 28 -45.51 -31.59 -17.37
CA GLY O 28 -44.46 -32.44 -17.90
C GLY O 28 -43.44 -32.83 -16.86
N LEU O 29 -43.92 -33.33 -15.72
CA LEU O 29 -43.01 -33.69 -14.63
C LEU O 29 -42.43 -35.08 -14.80
N SER O 30 -43.20 -36.02 -15.35
CA SER O 30 -42.67 -37.33 -15.71
C SER O 30 -41.99 -37.35 -17.06
N ASP O 31 -41.53 -36.20 -17.54
CA ASP O 31 -40.83 -36.13 -18.81
C ASP O 31 -39.46 -36.80 -18.68
N PRO O 32 -39.17 -37.84 -19.46
CA PRO O 32 -37.92 -38.59 -19.28
C PRO O 32 -36.70 -37.94 -19.89
N GLU O 33 -36.78 -36.70 -20.36
CA GLU O 33 -35.65 -36.05 -21.02
C GLU O 33 -34.55 -35.72 -20.01
N GLY O 34 -34.82 -34.77 -19.12
CA GLY O 34 -33.85 -34.38 -18.11
C GLY O 34 -34.09 -35.02 -16.76
N THR O 35 -33.65 -36.27 -16.63
CA THR O 35 -33.89 -37.04 -15.40
C THR O 35 -32.74 -36.86 -14.43
N GLY O 36 -33.08 -36.59 -13.17
CA GLY O 36 -32.10 -36.50 -12.10
C GLY O 36 -32.65 -37.05 -10.80
N GLY O 37 -32.47 -36.32 -9.71
CA GLY O 37 -33.00 -36.76 -8.43
C GLY O 37 -34.50 -36.48 -8.32
N PHE O 38 -35.25 -37.50 -7.93
CA PHE O 38 -36.68 -37.39 -7.62
C PHE O 38 -37.55 -37.03 -8.81
N ILE O 39 -36.95 -36.54 -9.90
CA ILE O 39 -37.70 -36.29 -11.12
C ILE O 39 -37.44 -37.46 -12.06
N GLU O 40 -37.68 -38.67 -11.55
CA GLU O 40 -37.64 -39.91 -12.31
C GLU O 40 -39.05 -40.46 -12.41
N PRO O 41 -39.55 -40.74 -13.62
CA PRO O 41 -40.94 -41.19 -13.75
C PRO O 41 -41.27 -42.44 -12.94
N ARG O 42 -40.30 -43.34 -12.75
CA ARG O 42 -40.52 -44.48 -11.88
C ARG O 42 -40.69 -44.04 -10.43
N TRP O 43 -39.83 -43.13 -9.96
CA TRP O 43 -39.94 -42.64 -8.60
C TRP O 43 -41.21 -41.86 -8.37
N LEU O 44 -41.72 -41.20 -9.42
CA LEU O 44 -42.97 -40.45 -9.28
C LEU O 44 -44.17 -41.38 -9.17
N ALA O 45 -44.14 -42.50 -9.89
CA ALA O 45 -45.21 -43.50 -9.74
C ALA O 45 -45.15 -44.15 -8.37
N TYR O 46 -43.94 -44.42 -7.88
CA TYR O 46 -43.79 -44.93 -6.52
C TYR O 46 -44.27 -43.91 -5.50
N GLY O 47 -44.00 -42.63 -5.74
CA GLY O 47 -44.48 -41.60 -4.84
C GLY O 47 -45.99 -41.53 -4.76
N GLU O 48 -46.67 -41.64 -5.91
CA GLU O 48 -48.12 -41.67 -5.91
C GLU O 48 -48.65 -42.91 -5.20
N VAL O 49 -47.98 -44.04 -5.39
CA VAL O 49 -48.40 -45.28 -4.73
C VAL O 49 -48.31 -45.13 -3.22
N ILE O 50 -47.16 -44.67 -2.71
CA ILE O 50 -46.97 -44.58 -1.27
C ILE O 50 -47.82 -43.47 -0.67
N ASN O 51 -47.84 -42.30 -1.32
CA ASN O 51 -48.69 -41.22 -0.84
C ASN O 51 -50.16 -41.64 -0.83
N GLY O 52 -50.59 -42.34 -1.87
CA GLY O 52 -51.98 -42.78 -1.92
C GLY O 52 -52.30 -43.80 -0.84
N ARG O 53 -51.37 -44.71 -0.56
CA ARG O 53 -51.58 -45.71 0.49
C ARG O 53 -51.69 -45.05 1.86
N PHE O 54 -50.70 -44.23 2.21
CA PHE O 54 -50.72 -43.55 3.51
C PHE O 54 -51.92 -42.62 3.63
N ALA O 55 -52.35 -42.01 2.53
CA ALA O 55 -53.52 -41.15 2.58
C ALA O 55 -54.81 -41.96 2.69
N MET O 56 -54.81 -43.20 2.22
CA MET O 56 -55.96 -44.07 2.43
C MET O 56 -56.11 -44.40 3.92
N LEU O 57 -55.01 -44.72 4.58
CA LEU O 57 -55.04 -44.86 6.03
C LEU O 57 -55.40 -43.54 6.70
N GLY O 58 -54.90 -42.43 6.15
CA GLY O 58 -55.18 -41.13 6.75
C GLY O 58 -56.62 -40.70 6.57
N ALA O 59 -57.14 -40.79 5.34
CA ALA O 59 -58.52 -40.39 5.08
C ALA O 59 -59.49 -41.21 5.93
N VAL O 60 -59.17 -42.48 6.21
CA VAL O 60 -60.01 -43.28 7.08
C VAL O 60 -59.83 -42.86 8.53
N GLY O 61 -58.60 -42.96 9.03
CA GLY O 61 -58.32 -42.79 10.45
C GLY O 61 -58.45 -41.37 10.98
N ALA O 62 -58.54 -40.38 10.09
CA ALA O 62 -58.73 -39.01 10.57
C ALA O 62 -60.19 -38.75 10.89
N ILE O 63 -61.11 -39.21 10.03
CA ILE O 63 -62.53 -39.07 10.26
C ILE O 63 -63.12 -40.26 11.01
N ALA O 64 -62.30 -41.26 11.35
CA ALA O 64 -62.83 -42.46 11.99
C ALA O 64 -63.21 -42.23 13.45
N PRO O 65 -62.31 -41.76 14.32
CA PRO O 65 -62.69 -41.66 15.74
C PRO O 65 -63.77 -40.62 16.02
N GLU O 66 -63.84 -39.56 15.21
CA GLU O 66 -64.89 -38.57 15.41
C GLU O 66 -66.28 -39.16 15.16
N TYR O 67 -66.46 -39.81 14.01
CA TYR O 67 -67.73 -40.48 13.74
C TYR O 67 -67.99 -41.59 14.75
N LEU O 68 -66.94 -42.31 15.15
CA LEU O 68 -67.11 -43.42 16.08
C LEU O 68 -67.66 -42.94 17.41
N GLY O 69 -67.05 -41.90 17.99
CA GLY O 69 -67.53 -41.36 19.25
C GLY O 69 -68.87 -40.67 19.15
N LYS O 70 -69.24 -40.20 17.96
CA LYS O 70 -70.58 -39.63 17.76
C LYS O 70 -71.65 -40.67 18.07
N VAL O 71 -71.55 -41.85 17.45
CA VAL O 71 -72.44 -42.97 17.73
C VAL O 71 -71.60 -44.24 17.79
N GLY O 72 -71.15 -44.61 18.98
CA GLY O 72 -70.33 -45.80 19.12
C GLY O 72 -70.01 -46.08 20.57
N LEU O 73 -69.40 -47.26 20.78
CA LEU O 73 -69.10 -47.74 22.13
C LEU O 73 -67.78 -47.22 22.67
N ILE O 74 -66.79 -46.99 21.82
CA ILE O 74 -65.48 -46.48 22.29
C ILE O 74 -65.70 -45.16 23.02
N PRO O 75 -65.10 -44.96 24.19
CA PRO O 75 -65.47 -43.81 25.03
C PRO O 75 -65.19 -42.47 24.36
N GLN O 76 -65.88 -41.44 24.86
CA GLN O 76 -65.77 -40.10 24.32
C GLN O 76 -64.49 -39.39 24.72
N GLU O 77 -63.71 -39.95 25.65
CA GLU O 77 -62.41 -39.37 25.96
C GLU O 77 -61.49 -39.42 24.75
N THR O 78 -61.56 -40.49 23.99
CA THR O 78 -60.71 -40.70 22.82
C THR O 78 -61.37 -40.28 21.52
N ALA O 79 -62.57 -39.69 21.58
CA ALA O 79 -63.34 -39.36 20.39
C ALA O 79 -63.19 -37.87 20.11
N LEU O 80 -62.24 -37.51 19.23
CA LEU O 80 -62.00 -36.13 18.88
C LEU O 80 -61.72 -36.04 17.38
N ALA O 81 -61.55 -34.81 16.89
CA ALA O 81 -61.15 -34.60 15.52
C ALA O 81 -59.66 -34.92 15.36
N TRP O 82 -59.24 -35.05 14.11
CA TRP O 82 -57.86 -35.43 13.84
C TRP O 82 -56.87 -34.33 14.23
N PHE O 83 -57.30 -33.06 14.17
CA PHE O 83 -56.41 -31.97 14.55
C PHE O 83 -56.41 -31.67 16.04
N GLN O 84 -57.41 -32.17 16.78
CA GLN O 84 -57.45 -32.03 18.23
C GLN O 84 -56.96 -33.29 18.95
N THR O 85 -56.19 -34.12 18.26
CA THR O 85 -55.72 -35.38 18.81
C THR O 85 -54.41 -35.25 19.58
N GLY O 86 -53.77 -34.08 19.55
CA GLY O 86 -52.41 -33.93 20.00
C GLY O 86 -51.42 -33.80 18.86
N VAL O 87 -51.86 -34.04 17.62
CA VAL O 87 -51.04 -33.73 16.46
C VAL O 87 -50.60 -32.27 16.52
N ILE O 88 -51.56 -31.36 16.64
CA ILE O 88 -51.30 -29.95 16.83
C ILE O 88 -51.63 -29.60 18.27
N PRO O 89 -50.63 -29.48 19.14
CA PRO O 89 -50.90 -29.20 20.57
C PRO O 89 -51.73 -27.93 20.77
N PRO O 90 -51.45 -26.84 20.05
CA PRO O 90 -52.32 -25.65 20.24
C PRO O 90 -53.76 -25.89 19.85
N ALA O 91 -54.04 -26.83 18.94
CA ALA O 91 -55.40 -27.17 18.57
C ALA O 91 -56.06 -28.12 19.56
N GLY O 92 -55.34 -28.55 20.59
CA GLY O 92 -55.87 -29.52 21.53
C GLY O 92 -54.97 -30.73 21.66
N THR O 93 -54.47 -30.99 22.87
CA THR O 93 -53.53 -32.08 23.11
C THR O 93 -54.12 -33.03 24.14
N TYR O 94 -54.24 -34.30 23.77
CA TYR O 94 -54.63 -35.36 24.67
C TYR O 94 -53.40 -36.10 25.17
N ASN O 95 -53.45 -36.57 26.41
CA ASN O 95 -52.32 -37.19 27.08
C ASN O 95 -52.46 -38.70 27.00
N TYR O 96 -51.47 -39.36 26.38
CA TYR O 96 -51.48 -40.82 26.25
C TYR O 96 -50.57 -41.44 27.29
N TRP O 97 -49.99 -42.60 26.98
CA TRP O 97 -49.01 -43.22 27.86
C TRP O 97 -47.61 -42.65 27.67
N ALA O 98 -47.43 -41.72 26.74
CA ALA O 98 -46.17 -41.03 26.54
C ALA O 98 -46.45 -39.55 26.32
N ASP O 99 -45.37 -38.76 26.30
CA ASP O 99 -45.45 -37.30 26.29
C ASP O 99 -45.57 -36.72 24.88
N ASN O 100 -46.09 -37.49 23.92
CA ASN O 100 -46.17 -37.12 22.51
C ASN O 100 -44.80 -37.13 21.84
N TYR O 101 -43.81 -36.47 22.46
CA TYR O 101 -42.47 -36.43 21.87
C TYR O 101 -41.80 -37.80 21.90
N THR O 102 -41.99 -38.54 23.00
CA THR O 102 -41.45 -39.90 23.06
C THR O 102 -42.19 -40.82 22.09
N LEU O 103 -43.49 -40.59 21.89
CA LEU O 103 -44.21 -41.30 20.83
C LEU O 103 -43.58 -41.05 19.48
N PHE O 104 -43.08 -39.82 19.25
CA PHE O 104 -42.48 -39.49 17.97
C PHE O 104 -41.13 -40.17 17.80
N VAL O 105 -40.32 -40.21 18.86
CA VAL O 105 -39.03 -40.88 18.77
C VAL O 105 -39.22 -42.37 18.57
N LEU O 106 -40.16 -42.98 19.30
CA LEU O 106 -40.44 -44.40 19.12
C LEU O 106 -40.96 -44.69 17.72
N GLU O 107 -41.88 -43.85 17.21
CA GLU O 107 -42.41 -44.08 15.88
C GLU O 107 -41.36 -43.80 14.81
N MET O 108 -40.41 -42.90 15.08
CA MET O 108 -39.33 -42.67 14.12
C MET O 108 -38.38 -43.86 14.05
N ALA O 109 -38.17 -44.54 15.18
CA ALA O 109 -37.35 -45.76 15.16
C ALA O 109 -38.05 -46.88 14.40
N LEU O 110 -39.35 -47.06 14.64
CA LEU O 110 -40.10 -48.10 13.95
C LEU O 110 -40.21 -47.79 12.45
N MET O 111 -40.70 -46.59 12.12
CA MET O 111 -40.76 -46.19 10.72
C MET O 111 -39.37 -46.14 10.09
N GLY O 112 -38.34 -45.88 10.90
CA GLY O 112 -36.99 -45.92 10.38
C GLY O 112 -36.63 -47.28 9.81
N PHE O 113 -36.83 -48.33 10.61
CA PHE O 113 -36.54 -49.69 10.14
C PHE O 113 -37.38 -50.02 8.92
N ALA O 114 -38.69 -49.75 8.98
CA ALA O 114 -39.58 -50.15 7.90
C ALA O 114 -39.26 -49.41 6.60
N GLU O 115 -39.09 -48.09 6.67
CA GLU O 115 -38.89 -47.30 5.47
C GLU O 115 -37.48 -47.40 4.92
N HIS O 116 -36.48 -47.55 5.79
CA HIS O 116 -35.11 -47.75 5.31
C HIS O 116 -35.01 -49.05 4.50
N ARG O 117 -35.62 -50.12 5.01
CA ARG O 117 -35.60 -51.39 4.27
C ARG O 117 -36.48 -51.33 3.04
N ARG O 118 -37.54 -50.51 3.07
CA ARG O 118 -38.34 -50.31 1.87
C ARG O 118 -37.55 -49.55 0.80
N PHE O 119 -36.68 -48.63 1.23
CA PHE O 119 -35.83 -47.92 0.27
C PHE O 119 -34.75 -48.82 -0.30
N GLN O 120 -34.21 -49.73 0.51
CA GLN O 120 -33.20 -50.66 0.01
C GLN O 120 -33.76 -51.59 -1.06
N ASP O 121 -35.08 -51.74 -1.13
CA ASP O 121 -35.70 -52.45 -2.24
C ASP O 121 -35.83 -51.59 -3.49
N TRP O 122 -35.70 -50.27 -3.35
CA TRP O 122 -35.68 -49.36 -4.49
C TRP O 122 -34.26 -49.19 -5.04
N ALA O 123 -33.28 -48.99 -4.15
CA ALA O 123 -31.90 -48.81 -4.60
C ALA O 123 -31.33 -50.11 -5.17
N LYS O 124 -31.47 -51.21 -4.44
CA LYS O 124 -30.98 -52.51 -4.87
C LYS O 124 -32.06 -53.55 -4.57
N PRO O 125 -33.03 -53.72 -5.46
CA PRO O 125 -34.12 -54.68 -5.20
C PRO O 125 -33.60 -56.09 -5.07
N GLY O 126 -34.01 -56.77 -4.00
CA GLY O 126 -33.58 -58.11 -3.70
C GLY O 126 -32.54 -58.22 -2.61
N SER O 127 -31.84 -57.13 -2.30
CA SER O 127 -30.79 -57.16 -1.29
C SER O 127 -31.32 -57.19 0.13
N MET O 128 -32.61 -56.95 0.33
CA MET O 128 -33.19 -56.93 1.68
C MET O 128 -33.54 -58.31 2.20
N GLY O 129 -33.20 -59.36 1.47
CA GLY O 129 -33.42 -60.71 1.97
C GLY O 129 -32.13 -61.51 2.05
N LYS O 130 -31.01 -60.81 2.20
CA LYS O 130 -29.69 -61.43 2.18
C LYS O 130 -28.98 -61.37 3.52
N GLN O 131 -28.93 -60.20 4.16
CA GLN O 131 -28.29 -60.09 5.47
C GLN O 131 -29.20 -60.61 6.56
N TYR O 132 -28.60 -61.21 7.59
CA TYR O 132 -29.35 -61.75 8.70
C TYR O 132 -30.21 -60.69 9.37
N PHE O 133 -31.38 -61.10 9.83
CA PHE O 133 -32.34 -60.19 10.44
C PHE O 133 -33.35 -60.96 11.29
N LEU O 134 -32.86 -61.97 12.02
CA LEU O 134 -33.70 -62.84 12.84
C LEU O 134 -34.85 -63.43 12.03
N GLY O 135 -34.50 -64.00 10.87
CA GLY O 135 -35.50 -64.48 9.95
C GLY O 135 -36.11 -63.33 9.15
N LEU O 136 -37.33 -63.57 8.67
CA LEU O 136 -38.13 -62.56 7.96
C LEU O 136 -37.54 -62.19 6.60
N GLU O 137 -36.34 -62.69 6.29
CA GLU O 137 -35.64 -62.23 5.10
C GLU O 137 -36.31 -62.69 3.81
N LYS O 138 -37.03 -63.81 3.84
CA LYS O 138 -37.60 -64.36 2.62
C LYS O 138 -38.64 -63.42 2.03
N GLY O 139 -39.60 -62.98 2.84
CA GLY O 139 -40.61 -62.06 2.36
C GLY O 139 -40.10 -60.66 2.05
N PHE O 140 -38.87 -60.33 2.46
CA PHE O 140 -38.27 -59.04 2.18
C PHE O 140 -37.43 -59.06 0.90
N GLY O 141 -37.63 -60.06 0.05
CA GLY O 141 -36.93 -60.12 -1.21
C GLY O 141 -37.57 -59.24 -2.27
N GLY O 142 -38.90 -59.27 -2.32
CA GLY O 142 -39.65 -58.47 -3.27
C GLY O 142 -39.87 -59.18 -4.59
N SER O 143 -40.73 -58.58 -5.42
CA SER O 143 -41.04 -59.09 -6.74
C SER O 143 -40.33 -58.31 -7.84
N GLY O 144 -39.27 -57.60 -7.51
CA GLY O 144 -38.59 -56.72 -8.46
C GLY O 144 -39.22 -55.35 -8.56
N ASN O 145 -40.54 -55.29 -8.66
CA ASN O 145 -41.25 -54.03 -8.68
C ASN O 145 -41.23 -53.42 -7.28
N PRO O 146 -40.68 -52.21 -7.10
CA PRO O 146 -40.67 -51.63 -5.75
C PRO O 146 -42.06 -51.34 -5.22
N ALA O 147 -42.89 -50.61 -5.97
CA ALA O 147 -44.22 -50.27 -5.51
C ALA O 147 -45.12 -51.49 -5.34
N TYR O 148 -44.75 -52.62 -5.94
CA TYR O 148 -45.52 -53.85 -5.84
C TYR O 148 -44.56 -55.00 -5.51
N PRO O 149 -44.15 -55.11 -4.24
CA PRO O 149 -43.16 -56.14 -3.88
C PRO O 149 -43.76 -57.51 -3.65
N GLY O 150 -45.02 -57.55 -3.19
CA GLY O 150 -45.65 -58.81 -2.91
C GLY O 150 -44.93 -59.58 -1.81
N GLY O 151 -44.92 -60.90 -1.95
CA GLY O 151 -44.24 -61.75 -1.00
C GLY O 151 -45.17 -62.29 0.07
N PRO O 152 -44.65 -63.16 0.93
CA PRO O 152 -45.49 -63.72 2.01
C PRO O 152 -45.98 -62.69 3.02
N PHE O 153 -45.26 -61.59 3.20
CA PHE O 153 -45.67 -60.58 4.18
C PHE O 153 -46.72 -59.64 3.61
N PHE O 154 -46.42 -59.01 2.47
CA PHE O 154 -47.21 -57.92 1.95
C PHE O 154 -48.25 -58.35 0.93
N ASN O 155 -48.20 -59.61 0.47
CA ASN O 155 -49.25 -60.16 -0.38
C ASN O 155 -49.38 -61.66 -0.10
N PRO O 156 -49.79 -62.04 1.12
CA PRO O 156 -49.89 -63.48 1.41
C PRO O 156 -51.07 -64.16 0.75
N LEU O 157 -52.15 -63.43 0.49
CA LEU O 157 -53.37 -64.03 -0.05
C LEU O 157 -53.33 -64.20 -1.56
N GLY O 158 -52.35 -63.60 -2.24
CA GLY O 158 -52.19 -63.81 -3.67
C GLY O 158 -53.33 -63.27 -4.52
N PHE O 159 -53.72 -62.02 -4.29
CA PHE O 159 -54.76 -61.41 -5.10
C PHE O 159 -54.24 -61.10 -6.50
N GLY O 160 -55.01 -61.49 -7.51
CA GLY O 160 -54.57 -61.30 -8.88
C GLY O 160 -53.39 -62.17 -9.25
N LYS O 161 -53.59 -63.49 -9.20
CA LYS O 161 -52.53 -64.42 -9.55
C LYS O 161 -52.11 -64.31 -11.02
N ASP O 162 -52.97 -63.77 -11.87
CA ASP O 162 -52.64 -63.50 -13.26
C ASP O 162 -52.38 -62.01 -13.44
N GLU O 163 -51.83 -61.66 -14.61
CA GLU O 163 -51.49 -60.27 -14.88
C GLU O 163 -52.71 -59.42 -15.16
N LYS O 164 -53.85 -60.03 -15.52
CA LYS O 164 -55.05 -59.26 -15.81
C LYS O 164 -55.68 -58.72 -14.53
N SER O 165 -56.01 -59.61 -13.59
CA SER O 165 -56.63 -59.18 -12.34
C SER O 165 -55.67 -58.36 -11.50
N LEU O 166 -54.37 -58.62 -11.60
CA LEU O 166 -53.37 -57.79 -10.95
C LEU O 166 -53.43 -56.36 -11.48
N LYS O 167 -53.56 -56.21 -12.80
CA LYS O 167 -53.67 -54.88 -13.39
C LYS O 167 -54.92 -54.16 -12.94
N GLU O 168 -56.05 -54.87 -12.88
CA GLU O 168 -57.29 -54.25 -12.44
C GLU O 168 -57.19 -53.78 -10.99
N LEU O 169 -56.65 -54.62 -10.12
CA LEU O 169 -56.46 -54.21 -8.73
C LEU O 169 -55.47 -53.06 -8.60
N LYS O 170 -54.44 -53.03 -9.46
CA LYS O 170 -53.53 -51.89 -9.47
C LYS O 170 -54.25 -50.62 -9.90
N LEU O 171 -55.05 -50.70 -10.96
CA LEU O 171 -55.87 -49.58 -11.38
C LEU O 171 -56.77 -49.10 -10.24
N LYS O 172 -57.31 -50.04 -9.46
CA LYS O 172 -58.18 -49.68 -8.35
C LYS O 172 -57.40 -49.00 -7.24
N GLU O 173 -56.17 -49.46 -6.98
CA GLU O 173 -55.35 -48.85 -5.93
C GLU O 173 -54.93 -47.44 -6.30
N VAL O 174 -54.65 -47.19 -7.58
CA VAL O 174 -54.22 -45.88 -8.01
C VAL O 174 -55.34 -44.85 -7.81
N LYS O 175 -56.56 -45.21 -8.21
CA LYS O 175 -57.66 -44.27 -8.10
C LYS O 175 -58.13 -44.12 -6.66
N ASN O 176 -58.08 -45.20 -5.87
CA ASN O 176 -58.38 -45.07 -4.45
C ASN O 176 -57.36 -44.19 -3.76
N GLY O 177 -56.08 -44.31 -4.15
CA GLY O 177 -55.06 -43.44 -3.58
C GLY O 177 -55.27 -41.99 -3.93
N ARG O 178 -55.57 -41.70 -5.19
CA ARG O 178 -55.87 -40.33 -5.60
C ARG O 178 -57.09 -39.79 -4.87
N LEU O 179 -58.11 -40.63 -4.70
CA LEU O 179 -59.31 -40.21 -3.99
C LEU O 179 -59.02 -39.88 -2.54
N ALA O 180 -58.26 -40.73 -1.86
CA ALA O 180 -57.94 -40.49 -0.46
C ALA O 180 -56.93 -39.37 -0.27
N MET O 181 -56.08 -39.14 -1.27
CA MET O 181 -55.14 -38.03 -1.18
C MET O 181 -55.87 -36.69 -1.26
N LEU O 182 -56.83 -36.57 -2.19
CA LEU O 182 -57.68 -35.39 -2.20
C LEU O 182 -58.54 -35.32 -0.95
N ALA O 183 -58.84 -36.47 -0.35
CA ALA O 183 -59.67 -36.49 0.86
C ALA O 183 -58.93 -35.86 2.05
N ILE O 184 -57.69 -36.29 2.29
CA ILE O 184 -56.94 -35.75 3.41
C ILE O 184 -56.55 -34.29 3.13
N LEU O 185 -56.44 -33.91 1.86
CA LEU O 185 -56.26 -32.50 1.53
C LEU O 185 -57.51 -31.70 1.86
N GLY O 186 -58.68 -32.28 1.59
CA GLY O 186 -59.93 -31.65 2.00
C GLY O 186 -60.05 -31.55 3.51
N TYR O 187 -59.59 -32.59 4.22
CA TYR O 187 -59.58 -32.54 5.68
C TYR O 187 -58.71 -31.41 6.19
N PHE O 188 -57.54 -31.20 5.55
CA PHE O 188 -56.65 -30.11 5.96
C PHE O 188 -57.33 -28.76 5.81
N ILE O 189 -57.94 -28.51 4.65
CA ILE O 189 -58.54 -27.21 4.40
C ILE O 189 -59.83 -27.02 5.19
N GLN O 190 -60.58 -28.10 5.41
CA GLN O 190 -61.80 -27.99 6.21
C GLN O 190 -61.49 -27.75 7.68
N GLY O 191 -60.56 -28.54 8.25
CA GLY O 191 -60.08 -28.26 9.59
C GLY O 191 -59.43 -26.89 9.73
N LEU O 192 -58.95 -26.33 8.61
CA LEU O 192 -58.45 -24.97 8.62
C LEU O 192 -59.56 -23.94 8.58
N VAL O 193 -60.67 -24.25 7.90
CA VAL O 193 -61.77 -23.30 7.73
C VAL O 193 -62.84 -23.53 8.78
N THR O 194 -63.39 -24.74 8.81
CA THR O 194 -64.51 -25.00 9.72
C THR O 194 -64.03 -25.14 11.16
N GLY O 195 -62.94 -25.86 11.39
CA GLY O 195 -62.38 -25.99 12.72
C GLY O 195 -63.23 -26.75 13.70
N VAL O 196 -64.07 -27.67 13.23
CA VAL O 196 -64.92 -28.47 14.10
C VAL O 196 -64.72 -29.96 13.93
N GLY O 197 -64.13 -30.42 12.83
CA GLY O 197 -63.94 -31.83 12.59
C GLY O 197 -64.30 -32.21 11.17
N PRO O 198 -63.68 -33.26 10.66
CA PRO O 198 -64.01 -33.70 9.28
C PRO O 198 -65.44 -34.21 9.15
N TYR O 199 -65.96 -34.91 10.16
CA TYR O 199 -67.32 -35.44 10.10
C TYR O 199 -68.35 -34.45 10.64
N GLN O 200 -67.99 -33.64 11.63
CA GLN O 200 -68.91 -32.61 12.11
C GLN O 200 -69.20 -31.59 11.02
N ASN O 201 -68.23 -31.31 10.15
CA ASN O 201 -68.46 -30.40 9.05
C ASN O 201 -69.38 -31.02 8.00
N LEU O 202 -69.20 -32.32 7.73
CA LEU O 202 -70.09 -33.00 6.80
C LEU O 202 -71.52 -33.01 7.30
N LEU O 203 -71.72 -33.23 8.60
CA LEU O 203 -73.07 -33.20 9.16
C LEU O 203 -73.66 -31.80 9.10
N ASP O 204 -72.85 -30.76 9.26
CA ASP O 204 -73.35 -29.40 9.15
C ASP O 204 -73.86 -29.10 7.75
N HIS O 205 -73.32 -29.77 6.74
CA HIS O 205 -73.74 -29.54 5.36
C HIS O 205 -74.84 -30.51 4.90
N VAL O 206 -74.93 -31.69 5.52
CA VAL O 206 -75.96 -32.66 5.12
C VAL O 206 -77.35 -32.12 5.49
N ALA O 207 -77.56 -31.85 6.78
CA ALA O 207 -78.84 -31.31 7.21
C ALA O 207 -79.02 -29.84 6.85
N ASP O 208 -77.98 -29.19 6.30
CA ASP O 208 -78.07 -27.79 5.91
C ASP O 208 -77.08 -27.53 4.78
N PRO O 209 -77.44 -27.90 3.54
CA PRO O 209 -76.62 -27.52 2.40
C PRO O 209 -76.67 -26.03 2.10
N VAL O 210 -77.69 -25.33 2.59
CA VAL O 210 -77.76 -23.87 2.46
C VAL O 210 -76.71 -23.17 3.30
N ASN O 211 -76.06 -23.88 4.22
CA ASN O 211 -74.95 -23.33 5.00
C ASN O 211 -73.87 -22.83 4.06
N ASN O 212 -73.21 -23.76 3.36
CA ASN O 212 -72.22 -23.44 2.34
C ASN O 212 -71.11 -22.57 2.90
N ASN O 213 -70.10 -23.21 3.51
CA ASN O 213 -68.97 -22.51 4.10
C ASN O 213 -68.10 -21.78 3.07
N VAL O 214 -68.41 -21.91 1.78
CA VAL O 214 -67.65 -21.21 0.75
C VAL O 214 -67.88 -19.70 0.86
N LEU O 215 -69.15 -19.29 0.88
CA LEU O 215 -69.47 -17.87 1.04
C LEU O 215 -69.13 -17.38 2.45
N THR O 216 -69.11 -18.29 3.43
CA THR O 216 -68.83 -17.93 4.81
C THR O 216 -67.40 -17.41 4.98
N SER O 217 -66.42 -18.29 4.77
CA SER O 217 -65.00 -17.93 4.75
C SER O 217 -64.50 -17.32 6.06
N LEU O 218 -65.21 -17.54 7.17
CA LEU O 218 -64.74 -17.12 8.48
C LEU O 218 -64.17 -18.33 9.22
N LYS O 219 -63.09 -18.11 9.97
CA LYS O 219 -62.28 -19.20 10.51
C LYS O 219 -62.05 -19.00 12.00
N PHE O 220 -62.32 -20.04 12.79
CA PHE O 220 -62.05 -20.03 14.22
C PHE O 220 -61.61 -21.42 14.66
N HIS O 221 -60.96 -21.48 15.81
CA HIS O 221 -60.44 -22.74 16.34
C HIS O 221 -61.48 -23.44 17.20
N LYS P 1 23.86 -53.15 18.56
CA LYS P 1 23.36 -52.89 19.89
C LYS P 1 24.42 -52.22 20.77
N LYS P 2 24.40 -50.89 20.80
CA LYS P 2 25.33 -50.12 21.60
C LYS P 2 24.64 -49.39 22.74
N GLY P 3 23.35 -49.67 22.98
CA GLY P 3 22.57 -48.91 23.92
C GLY P 3 21.74 -47.86 23.22
N GLU P 4 20.43 -47.89 23.42
CA GLU P 4 19.50 -46.99 22.73
C GLU P 4 18.90 -46.04 23.74
N TRP P 5 19.14 -44.74 23.55
CA TRP P 5 18.51 -43.75 24.42
C TRP P 5 16.99 -43.78 24.25
N LEU P 6 16.51 -44.03 23.05
CA LEU P 6 15.10 -44.30 22.82
C LEU P 6 14.99 -45.65 22.14
N PRO P 7 14.42 -46.67 22.79
CA PRO P 7 14.39 -48.02 22.20
C PRO P 7 13.78 -48.07 20.81
N GLY P 8 12.84 -47.18 20.49
CA GLY P 8 12.24 -47.18 19.18
C GLY P 8 13.07 -46.47 18.13
N LEU P 9 13.56 -45.29 18.45
CA LEU P 9 14.31 -44.48 17.50
C LEU P 9 15.63 -45.16 17.10
N ALA P 10 16.01 -44.99 15.84
CA ALA P 10 17.27 -45.50 15.35
C ALA P 10 18.40 -44.54 15.67
N SER P 11 19.62 -45.07 15.65
CA SER P 11 20.78 -44.24 15.94
C SER P 11 21.21 -43.47 14.70
N PRO P 12 21.64 -42.22 14.84
CA PRO P 12 22.13 -41.46 13.68
C PRO P 12 23.38 -42.12 13.10
N GLY P 13 23.57 -41.90 11.79
CA GLY P 13 24.67 -42.55 11.10
C GLY P 13 26.03 -42.03 11.54
N TYR P 14 26.15 -40.72 11.79
CA TYR P 14 27.42 -40.15 12.15
C TYR P 14 27.88 -40.54 13.56
N LEU P 15 26.98 -41.09 14.38
CA LEU P 15 27.36 -41.62 15.69
C LEU P 15 27.64 -43.11 15.52
N THR P 16 28.90 -43.43 15.21
CA THR P 16 29.26 -44.80 14.87
C THR P 16 29.04 -45.73 16.05
N GLY P 17 29.51 -45.34 17.24
CA GLY P 17 29.58 -46.21 18.39
C GLY P 17 30.98 -46.41 18.93
N SER P 18 32.01 -45.90 18.23
CA SER P 18 33.39 -45.96 18.68
C SER P 18 33.67 -44.98 19.81
N LEU P 19 32.72 -44.14 20.17
CA LEU P 19 32.86 -43.16 21.24
C LEU P 19 32.25 -43.70 22.53
N PRO P 20 32.95 -43.52 23.67
CA PRO P 20 32.39 -43.96 24.95
C PRO P 20 31.12 -43.19 25.28
N GLY P 21 30.20 -43.87 25.96
CA GLY P 21 28.93 -43.27 26.29
C GLY P 21 27.99 -43.07 25.12
N ASP P 22 28.28 -43.66 23.97
CA ASP P 22 27.43 -43.51 22.80
C ASP P 22 26.13 -44.28 23.01
N ASN P 23 25.01 -43.57 22.92
CA ASN P 23 23.69 -44.20 22.99
C ASN P 23 22.79 -43.74 21.85
N GLY P 24 23.34 -43.10 20.82
CA GLY P 24 22.55 -42.67 19.69
C GLY P 24 21.69 -41.45 19.96
N PHE P 25 22.13 -40.56 20.84
CA PHE P 25 21.33 -39.42 21.30
C PHE P 25 21.88 -38.14 20.68
N ASP P 26 21.17 -37.63 19.68
CA ASP P 26 21.43 -36.31 19.10
C ASP P 26 20.22 -35.90 18.26
N PRO P 27 19.08 -35.59 18.88
CA PRO P 27 17.87 -35.27 18.09
C PRO P 27 18.02 -34.02 17.25
N LEU P 28 18.66 -32.98 17.78
CA LEU P 28 18.79 -31.73 17.05
C LEU P 28 19.91 -31.76 16.00
N GLY P 29 20.68 -32.84 15.96
CA GLY P 29 21.72 -32.96 14.95
C GLY P 29 22.82 -31.93 15.07
N LEU P 30 23.30 -31.67 16.29
CA LEU P 30 24.36 -30.69 16.50
C LEU P 30 25.74 -31.22 16.12
N ALA P 31 25.94 -32.53 16.15
CA ALA P 31 27.24 -33.14 15.86
C ALA P 31 27.23 -33.89 14.53
N GLU P 32 26.39 -33.45 13.58
CA GLU P 32 26.39 -34.08 12.26
C GLU P 32 27.74 -33.90 11.57
N ASP P 33 28.30 -32.70 11.65
CA ASP P 33 29.65 -32.46 11.14
C ASP P 33 30.65 -33.14 12.06
N PRO P 34 31.53 -34.00 11.53
CA PRO P 34 32.54 -34.64 12.40
C PRO P 34 33.42 -33.67 13.16
N GLU P 35 33.65 -32.47 12.63
CA GLU P 35 34.43 -31.48 13.38
C GLU P 35 33.62 -30.95 14.56
N ASN P 36 32.31 -30.74 14.38
CA ASN P 36 31.46 -30.39 15.50
C ASN P 36 31.41 -31.50 16.53
N LEU P 37 31.40 -32.75 16.06
CA LEU P 37 31.44 -33.88 16.99
C LEU P 37 32.76 -33.92 17.76
N LYS P 38 33.87 -33.62 17.07
CA LYS P 38 35.17 -33.65 17.74
C LYS P 38 35.27 -32.56 18.80
N TRP P 39 34.73 -31.36 18.51
CA TRP P 39 34.80 -30.27 19.48
C TRP P 39 33.85 -30.51 20.65
N PHE P 40 32.66 -31.04 20.37
CA PHE P 40 31.68 -31.26 21.44
C PHE P 40 32.09 -32.40 22.37
N VAL P 41 32.90 -33.35 21.90
CA VAL P 41 33.40 -34.41 22.78
C VAL P 41 34.26 -33.80 23.88
N GLN P 42 35.15 -32.89 23.52
CA GLN P 42 35.97 -32.20 24.52
C GLN P 42 35.11 -31.32 25.41
N ALA P 43 34.08 -30.69 24.83
CA ALA P 43 33.20 -29.82 25.62
C ALA P 43 32.41 -30.63 26.65
N GLU P 44 32.01 -31.85 26.28
CA GLU P 44 31.31 -32.70 27.24
C GLU P 44 32.25 -33.17 28.35
N LEU P 45 33.49 -33.52 27.99
CA LEU P 45 34.45 -33.98 28.99
C LEU P 45 34.73 -32.88 30.01
N VAL P 46 35.05 -31.67 29.54
CA VAL P 46 35.43 -30.61 30.46
C VAL P 46 34.22 -30.13 31.26
N ASN P 47 33.06 -30.00 30.63
CA ASN P 47 31.86 -29.63 31.37
C ASN P 47 31.48 -30.70 32.37
N GLY P 48 31.62 -31.97 32.00
CA GLY P 48 31.31 -33.04 32.94
C GLY P 48 32.28 -33.11 34.10
N ARG P 49 33.57 -32.87 33.83
CA ARG P 49 34.56 -32.91 34.90
C ARG P 49 34.37 -31.76 35.88
N TRP P 50 34.16 -30.54 35.36
CA TRP P 50 33.91 -29.41 36.24
C TRP P 50 32.62 -29.59 37.02
N ALA P 51 31.59 -30.19 36.40
CA ALA P 51 30.35 -30.43 37.10
C ALA P 51 30.53 -31.47 38.20
N MET P 52 31.37 -32.48 37.95
CA MET P 52 31.62 -33.50 38.98
C MET P 52 32.31 -32.89 40.20
N LEU P 53 33.36 -32.12 39.98
CA LEU P 53 34.03 -31.44 41.10
C LEU P 53 33.09 -30.45 41.77
N GLY P 54 32.30 -29.72 40.97
CA GLY P 54 31.41 -28.72 41.54
C GLY P 54 30.34 -29.35 42.42
N VAL P 55 29.67 -30.38 41.90
CA VAL P 55 28.61 -31.05 42.68
C VAL P 55 29.19 -31.62 43.96
N ALA P 56 30.40 -32.17 43.91
CA ALA P 56 31.03 -32.68 45.12
C ALA P 56 31.32 -31.56 46.11
N GLY P 57 31.95 -30.48 45.64
CA GLY P 57 32.25 -29.36 46.51
C GLY P 57 31.03 -28.61 47.01
N MET P 58 29.88 -28.81 46.39
CA MET P 58 28.63 -28.19 46.83
C MET P 58 27.87 -29.07 47.81
N LEU P 59 27.87 -30.38 47.58
CA LEU P 59 27.06 -31.30 48.37
C LEU P 59 27.80 -31.82 49.60
N LEU P 60 29.03 -32.29 49.43
CA LEU P 60 29.75 -32.98 50.49
C LEU P 60 30.11 -32.08 51.67
N PRO P 61 30.60 -30.85 51.45
CA PRO P 61 30.80 -29.96 52.61
C PRO P 61 29.52 -29.62 53.34
N GLU P 62 28.39 -29.59 52.65
CA GLU P 62 27.13 -29.19 53.28
C GLU P 62 26.54 -30.33 54.10
N VAL P 63 26.60 -31.56 53.61
CA VAL P 63 26.09 -32.69 54.38
C VAL P 63 26.95 -32.91 55.63
N PHE P 64 28.26 -32.76 55.49
CA PHE P 64 29.13 -32.85 56.66
C PHE P 64 28.87 -31.72 57.65
N THR P 65 28.40 -30.57 57.15
CA THR P 65 28.00 -29.49 58.04
C THR P 65 26.69 -29.79 58.73
N SER P 66 25.70 -30.31 57.98
CA SER P 66 24.40 -30.59 58.57
C SER P 66 24.45 -31.78 59.53
N ILE P 67 25.40 -32.70 59.33
CA ILE P 67 25.57 -33.79 60.28
C ILE P 67 26.15 -33.28 61.59
N GLY P 68 27.21 -32.48 61.51
CA GLY P 68 27.78 -31.87 62.70
C GLY P 68 29.29 -32.04 62.83
N ILE P 69 29.90 -32.69 61.84
CA ILE P 69 31.34 -32.95 61.93
C ILE P 69 32.13 -31.67 61.68
N ILE P 70 31.74 -30.89 60.67
CA ILE P 70 32.40 -29.64 60.33
C ILE P 70 31.33 -28.55 60.23
N ASN P 71 31.78 -27.30 60.15
CA ASN P 71 30.91 -26.14 59.94
C ASN P 71 31.49 -25.35 58.77
N VAL P 72 31.07 -25.73 57.56
CA VAL P 72 31.55 -25.10 56.33
C VAL P 72 30.40 -24.32 55.70
N PRO P 73 30.63 -23.10 55.22
CA PRO P 73 29.55 -22.33 54.60
C PRO P 73 28.96 -23.06 53.41
N LYS P 74 27.72 -22.68 53.07
CA LYS P 74 27.03 -23.29 51.95
C LYS P 74 27.63 -22.78 50.63
N TRP P 75 27.38 -23.55 49.57
CA TRP P 75 28.06 -23.27 48.29
C TRP P 75 27.67 -21.92 47.73
N TYR P 76 26.45 -21.46 47.97
CA TYR P 76 26.06 -20.14 47.49
C TYR P 76 26.51 -19.03 48.44
N ASP P 77 26.66 -19.33 49.72
CA ASP P 77 27.12 -18.35 50.71
C ASP P 77 28.62 -18.38 50.92
N ALA P 78 29.34 -19.30 50.28
CA ALA P 78 30.79 -19.37 50.46
C ALA P 78 31.52 -18.22 49.77
N GLY P 79 30.87 -17.50 48.86
CA GLY P 79 31.50 -16.37 48.21
C GLY P 79 31.49 -15.10 49.04
N LYS P 80 30.41 -14.88 49.80
CA LYS P 80 30.31 -13.71 50.65
C LYS P 80 31.25 -13.77 51.85
N GLU P 81 31.80 -14.93 52.16
CA GLU P 81 32.68 -15.08 53.30
C GLU P 81 33.98 -14.31 53.09
N GLU P 82 34.70 -14.09 54.17
CA GLU P 82 35.97 -13.37 54.15
C GLU P 82 37.13 -14.35 54.04
N TYR P 83 38.08 -14.03 53.18
CA TYR P 83 39.24 -14.89 52.93
C TYR P 83 40.51 -14.07 53.05
N PHE P 84 41.65 -14.77 52.99
CA PHE P 84 42.93 -14.13 53.21
C PHE P 84 43.29 -13.12 52.13
N ALA P 85 42.62 -13.16 50.98
CA ALA P 85 42.89 -12.26 49.88
C ALA P 85 41.60 -11.61 49.41
N SER P 86 41.75 -10.45 48.76
CA SER P 86 40.59 -9.82 48.15
C SER P 86 40.05 -10.69 47.04
N SER P 87 38.72 -10.79 46.97
CA SER P 87 38.08 -11.61 45.93
C SER P 87 38.54 -11.19 44.54
N SER P 88 38.84 -9.91 44.35
CA SER P 88 39.35 -9.45 43.06
C SER P 88 40.72 -10.04 42.77
N THR P 89 41.59 -10.13 43.79
CA THR P 89 42.89 -10.76 43.59
C THR P 89 42.74 -12.24 43.27
N LEU P 90 41.83 -12.92 43.98
CA LEU P 90 41.55 -14.33 43.67
C LEU P 90 41.10 -14.49 42.22
N PHE P 91 40.29 -13.55 41.73
CA PHE P 91 39.83 -13.60 40.34
C PHE P 91 40.99 -13.51 39.37
N VAL P 92 41.90 -12.56 39.60
CA VAL P 92 42.99 -12.35 38.67
C VAL P 92 43.94 -13.54 38.67
N ILE P 93 44.18 -14.14 39.84
CA ILE P 93 45.02 -15.34 39.91
C ILE P 93 44.39 -16.47 39.10
N GLU P 94 43.09 -16.71 39.30
CA GLU P 94 42.41 -17.77 38.58
C GLU P 94 42.38 -17.50 37.08
N PHE P 95 42.20 -16.23 36.70
CA PHE P 95 42.15 -15.89 35.28
C PHE P 95 43.49 -16.16 34.61
N ILE P 96 44.58 -15.68 35.20
CA ILE P 96 45.90 -15.84 34.60
C ILE P 96 46.25 -17.31 34.46
N LEU P 97 46.02 -18.08 35.53
CA LEU P 97 46.39 -19.50 35.51
C LEU P 97 45.58 -20.27 34.48
N PHE P 98 44.28 -20.01 34.39
CA PHE P 98 43.46 -20.69 33.40
C PHE P 98 43.71 -20.15 31.99
N HIS P 99 44.05 -18.87 31.87
CA HIS P 99 44.41 -18.33 30.56
C HIS P 99 45.68 -18.97 30.02
N TYR P 100 46.46 -19.63 30.88
CA TYR P 100 47.60 -20.40 30.43
C TYR P 100 47.24 -21.86 30.18
N VAL P 101 46.47 -22.46 31.10
CA VAL P 101 46.20 -23.90 31.03
C VAL P 101 45.21 -24.20 29.91
N GLU P 102 44.08 -23.49 29.89
CA GLU P 102 43.05 -23.79 28.90
C GLU P 102 43.54 -23.56 27.49
N ILE P 103 44.42 -22.58 27.29
CA ILE P 103 44.95 -22.35 25.94
C ILE P 103 45.97 -23.43 25.57
N ARG P 104 46.70 -23.97 26.56
CA ARG P 104 47.59 -25.09 26.27
C ARG P 104 46.78 -26.34 25.90
N ARG P 105 45.66 -26.57 26.58
CA ARG P 105 44.77 -27.65 26.19
C ARG P 105 44.13 -27.38 24.83
N TRP P 106 43.83 -26.11 24.54
CA TRP P 106 43.23 -25.75 23.26
C TRP P 106 44.17 -25.99 22.10
N GLN P 107 45.48 -25.78 22.30
CA GLN P 107 46.45 -26.07 21.25
C GLN P 107 46.47 -27.55 20.91
N ASP P 108 46.23 -28.41 21.90
CA ASP P 108 46.15 -29.84 21.63
C ASP P 108 44.86 -30.20 20.90
N ILE P 109 43.77 -29.48 21.19
CA ILE P 109 42.50 -29.77 20.53
C ILE P 109 42.61 -29.48 19.04
N LYS P 110 43.13 -28.31 18.67
CA LYS P 110 43.33 -27.99 17.27
C LYS P 110 44.39 -28.89 16.64
N ASN P 111 45.61 -28.86 17.19
CA ASN P 111 46.71 -29.66 16.68
C ASN P 111 47.11 -30.69 17.72
N PRO P 112 46.81 -31.98 17.51
CA PRO P 112 47.08 -32.97 18.56
C PRO P 112 48.57 -33.21 18.76
N GLY P 113 48.95 -33.40 20.02
CA GLY P 113 50.33 -33.72 20.36
C GLY P 113 51.31 -32.58 20.21
N SER P 114 50.84 -31.34 20.20
CA SER P 114 51.70 -30.18 19.99
C SER P 114 52.12 -29.49 21.28
N VAL P 115 51.63 -29.94 22.43
CA VAL P 115 51.94 -29.30 23.70
C VAL P 115 52.23 -30.37 24.75
N ASN P 116 52.86 -31.46 24.32
CA ASN P 116 53.12 -32.57 25.22
C ASN P 116 54.37 -32.38 26.09
N GLN P 117 55.25 -31.45 25.72
CA GLN P 117 56.51 -31.26 26.43
C GLN P 117 56.47 -29.97 27.26
N ASP P 118 57.27 -29.97 28.32
CA ASP P 118 57.41 -28.79 29.16
C ASP P 118 58.31 -27.78 28.46
N PRO P 119 57.86 -26.54 28.26
CA PRO P 119 58.75 -25.53 27.65
C PRO P 119 59.82 -25.02 28.58
N ILE P 120 59.64 -25.13 29.89
CA ILE P 120 60.68 -24.70 30.84
C ILE P 120 61.75 -25.77 30.96
N PHE P 121 61.36 -26.98 31.35
CA PHE P 121 62.25 -28.13 31.38
C PHE P 121 62.06 -28.92 30.09
N LYS P 122 63.11 -28.98 29.26
CA LYS P 122 62.99 -29.60 27.95
C LYS P 122 62.61 -31.07 28.05
N GLN P 123 63.13 -31.77 29.06
CA GLN P 123 62.75 -33.16 29.30
C GLN P 123 61.41 -33.18 30.03
N TYR P 124 61.04 -34.34 30.57
CA TYR P 124 59.78 -34.51 31.31
C TYR P 124 58.58 -34.13 30.45
N SER P 125 58.39 -34.89 29.38
CA SER P 125 57.31 -34.66 28.43
C SER P 125 56.18 -35.65 28.66
N LEU P 126 55.06 -35.40 27.97
CA LEU P 126 53.93 -36.31 28.07
C LEU P 126 54.01 -37.38 27.00
N PRO P 127 53.72 -38.63 27.34
CA PRO P 127 53.57 -39.66 26.30
C PRO P 127 52.34 -39.39 25.44
N ALA P 128 52.32 -40.04 24.28
CA ALA P 128 51.28 -39.80 23.29
C ALA P 128 49.98 -40.49 23.70
N GLY P 129 48.94 -39.69 23.94
CA GLY P 129 47.63 -40.22 24.26
C GLY P 129 46.58 -39.78 23.27
N GLU P 130 45.35 -39.57 23.74
CA GLU P 130 44.27 -39.07 22.92
C GLU P 130 43.80 -37.72 23.43
N VAL P 131 43.14 -36.96 22.56
CA VAL P 131 42.66 -35.64 22.94
C VAL P 131 41.61 -35.78 24.04
N GLY P 132 41.79 -35.04 25.13
CA GLY P 132 40.95 -35.16 26.29
C GLY P 132 41.45 -36.13 27.34
N TYR P 133 42.51 -36.89 27.04
CA TYR P 133 43.06 -37.89 27.94
C TYR P 133 44.58 -37.78 27.95
N PRO P 134 45.13 -36.72 28.56
CA PRO P 134 46.59 -36.54 28.56
C PRO P 134 47.27 -37.49 29.53
N GLY P 135 48.29 -38.20 29.04
CA GLY P 135 49.01 -39.16 29.86
C GLY P 135 50.10 -38.49 30.67
N GLY P 136 51.01 -39.31 31.17
CA GLY P 136 52.17 -38.79 31.89
C GLY P 136 51.82 -38.38 33.29
N ILE P 137 52.26 -37.18 33.68
CA ILE P 137 52.06 -36.68 35.04
C ILE P 137 50.58 -36.53 35.37
N PHE P 138 49.72 -36.39 34.36
CA PHE P 138 48.29 -36.28 34.61
C PHE P 138 47.65 -37.60 34.99
N ASN P 139 48.36 -38.72 34.83
CA ASN P 139 47.89 -40.03 35.29
C ASN P 139 48.99 -40.64 36.14
N PRO P 140 49.15 -40.18 37.39
CA PRO P 140 50.24 -40.69 38.23
C PRO P 140 50.02 -42.14 38.66
N LEU P 141 48.81 -42.49 39.06
CA LEU P 141 48.52 -43.85 39.50
C LEU P 141 48.57 -44.87 38.38
N ASN P 142 48.74 -44.42 37.13
CA ASN P 142 48.96 -45.31 35.98
C ASN P 142 47.77 -46.25 35.77
N PHE P 143 46.56 -45.73 35.94
CA PHE P 143 45.38 -46.51 35.64
C PHE P 143 45.27 -46.75 34.14
N ALA P 144 44.33 -47.60 33.75
CA ALA P 144 44.17 -47.98 32.36
C ALA P 144 43.04 -47.16 31.72
N PRO P 145 43.35 -46.18 30.86
CA PRO P 145 42.29 -45.44 30.17
C PRO P 145 41.67 -46.27 29.07
N THR P 146 40.55 -46.92 29.37
CA THR P 146 39.90 -47.86 28.45
C THR P 146 38.41 -47.57 28.40
N LEU P 147 37.69 -48.39 27.63
CA LEU P 147 36.24 -48.38 27.68
C LEU P 147 35.77 -48.77 29.08
N GLU P 148 34.46 -48.60 29.32
CA GLU P 148 33.88 -48.69 30.65
C GLU P 148 34.48 -47.61 31.55
N ALA P 149 35.80 -47.62 31.72
CA ALA P 149 36.46 -46.57 32.50
C ALA P 149 36.17 -45.20 31.93
N LYS P 150 36.37 -45.03 30.61
CA LYS P 150 35.98 -43.78 29.97
C LYS P 150 34.48 -43.62 29.90
N GLU P 151 33.74 -44.73 29.76
CA GLU P 151 32.29 -44.65 29.73
C GLU P 151 31.73 -44.27 31.10
N LYS P 152 32.38 -44.72 32.18
CA LYS P 152 31.96 -44.32 33.51
C LYS P 152 32.30 -42.85 33.79
N GLU P 153 33.41 -42.36 33.23
CA GLU P 153 33.75 -40.95 33.37
C GLU P 153 32.69 -40.06 32.73
N ILE P 154 32.27 -40.42 31.52
CA ILE P 154 31.25 -39.64 30.82
C ILE P 154 29.90 -39.79 31.51
N ALA P 155 29.59 -40.98 32.01
CA ALA P 155 28.31 -41.21 32.67
C ALA P 155 28.21 -40.41 33.96
N ASN P 156 29.27 -40.43 34.78
CA ASN P 156 29.28 -39.62 35.99
C ASN P 156 29.23 -38.13 35.65
N GLY P 157 29.90 -37.73 34.57
CA GLY P 157 29.84 -36.33 34.17
C GLY P 157 28.46 -35.90 33.75
N ARG P 158 27.74 -36.77 33.03
CA ARG P 158 26.37 -36.44 32.61
C ARG P 158 25.45 -36.30 33.81
N LEU P 159 25.54 -37.24 34.76
CA LEU P 159 24.70 -37.17 35.95
C LEU P 159 25.07 -35.97 36.82
N ALA P 160 26.37 -35.64 36.89
CA ALA P 160 26.79 -34.48 37.68
C ALA P 160 26.35 -33.18 37.01
N MET P 161 26.36 -33.13 35.68
CA MET P 161 25.87 -31.94 34.99
C MET P 161 24.37 -31.76 35.24
N LEU P 162 23.60 -32.84 35.17
CA LEU P 162 22.20 -32.78 35.60
C LEU P 162 22.08 -32.44 37.07
N ALA P 163 23.05 -32.89 37.89
CA ALA P 163 23.03 -32.57 39.30
C ALA P 163 23.27 -31.08 39.53
N PHE P 164 24.25 -30.50 38.83
CA PHE P 164 24.46 -29.06 38.93
C PHE P 164 23.23 -28.30 38.46
N LEU P 165 22.63 -28.73 37.35
CA LEU P 165 21.41 -28.09 36.87
C LEU P 165 20.30 -28.18 37.89
N GLY P 166 20.25 -29.27 38.66
CA GLY P 166 19.27 -29.36 39.73
C GLY P 166 19.60 -28.44 40.89
N PHE P 167 20.88 -28.37 41.27
CA PHE P 167 21.28 -27.60 42.44
C PHE P 167 20.95 -26.12 42.26
N ILE P 168 21.28 -25.56 41.10
CA ILE P 168 21.11 -24.12 40.89
C ILE P 168 19.63 -23.76 40.86
N ILE P 169 18.81 -24.58 40.19
CA ILE P 169 17.39 -24.25 40.05
C ILE P 169 16.66 -24.50 41.37
N GLN P 170 17.04 -25.55 42.09
CA GLN P 170 16.46 -25.79 43.41
C GLN P 170 16.74 -24.62 44.34
N HIS P 171 18.02 -24.30 44.54
CA HIS P 171 18.41 -23.21 45.43
C HIS P 171 17.71 -21.90 45.07
N ASN P 172 17.41 -21.69 43.79
CA ASN P 172 16.70 -20.48 43.39
C ASN P 172 15.29 -20.47 43.98
N VAL P 173 14.55 -21.57 43.82
CA VAL P 173 13.15 -21.57 44.22
C VAL P 173 12.95 -22.02 45.67
N THR P 174 13.82 -22.87 46.19
CA THR P 174 13.63 -23.40 47.54
C THR P 174 14.31 -22.57 48.61
N GLY P 175 15.33 -21.79 48.26
CA GLY P 175 16.01 -20.92 49.19
C GLY P 175 17.18 -21.55 49.93
N LYS P 176 17.17 -22.86 50.12
CA LYS P 176 18.19 -23.55 50.88
C LYS P 176 19.06 -24.40 49.94
N GLY P 177 19.88 -25.27 50.52
CA GLY P 177 20.83 -26.05 49.78
C GLY P 177 20.32 -27.41 49.36
N PRO P 178 21.15 -28.17 48.64
CA PRO P 178 20.69 -29.48 48.15
C PRO P 178 20.39 -30.49 49.25
N PHE P 179 21.28 -30.61 50.25
CA PHE P 179 21.05 -31.59 51.30
C PHE P 179 19.86 -31.20 52.17
N ASP P 180 19.62 -29.90 52.36
CA ASP P 180 18.42 -29.48 53.07
C ASP P 180 17.16 -29.80 52.27
N ASN P 181 17.23 -29.73 50.94
CA ASN P 181 16.10 -30.12 50.12
C ASN P 181 15.82 -31.61 50.24
N LEU P 182 16.87 -32.42 50.28
CA LEU P 182 16.69 -33.87 50.41
C LEU P 182 16.10 -34.23 51.76
N LEU P 183 16.55 -33.57 52.83
CA LEU P 183 15.99 -33.83 54.15
C LEU P 183 14.52 -33.40 54.22
N GLN P 184 14.19 -32.23 53.66
CA GLN P 184 12.81 -31.79 53.62
C GLN P 184 11.94 -32.77 52.82
N HIS P 185 12.49 -33.32 51.75
CA HIS P 185 11.73 -34.29 50.95
C HIS P 185 11.62 -35.63 51.66
N ILE P 186 12.70 -36.07 52.33
CA ILE P 186 12.69 -37.37 53.00
C ILE P 186 11.69 -37.39 54.14
N SER P 187 11.50 -36.25 54.81
CA SER P 187 10.56 -36.20 55.94
C SER P 187 9.14 -36.54 55.51
N ASP P 188 8.72 -36.02 54.35
CA ASP P 188 7.37 -36.26 53.84
C ASP P 188 7.36 -36.06 52.34
N PRO P 189 7.72 -37.09 51.55
CA PRO P 189 7.81 -36.90 50.10
C PRO P 189 6.48 -36.58 49.43
N TRP P 190 5.38 -37.14 49.93
CA TRP P 190 4.07 -36.88 49.30
C TRP P 190 3.57 -35.47 49.55
N HIS P 191 4.18 -34.71 50.47
CA HIS P 191 3.77 -33.35 50.74
C HIS P 191 4.95 -32.38 50.76
N ASN P 192 6.09 -32.78 50.19
CA ASN P 192 7.26 -31.92 50.07
C ASN P 192 7.90 -32.21 48.71
N THR P 193 7.20 -31.80 47.65
CA THR P 193 7.61 -32.01 46.27
C THR P 193 7.68 -30.66 45.58
N ILE P 194 8.30 -30.63 44.40
CA ILE P 194 8.27 -29.43 43.56
C ILE P 194 6.85 -28.93 43.35
N VAL P 195 5.88 -29.84 43.42
CA VAL P 195 4.47 -29.44 43.40
C VAL P 195 4.15 -28.55 44.60
N GLN P 196 4.64 -28.92 45.78
CA GLN P 196 4.37 -28.13 46.98
C GLN P 196 5.25 -26.89 47.08
N THR P 197 6.46 -26.94 46.51
CA THR P 197 7.39 -25.82 46.65
C THR P 197 6.89 -24.59 45.92
N LEU P 198 6.36 -24.76 44.71
CA LEU P 198 5.89 -23.64 43.91
C LEU P 198 4.64 -23.00 44.53
#